data_5V0T
#
_entry.id   5V0T
#
_cell.length_a   84.920
_cell.length_b   105.950
_cell.length_c   135.710
_cell.angle_alpha   91.360
_cell.angle_beta   90.370
_cell.angle_gamma   89.970
#
_symmetry.space_group_name_H-M   'P 1'
#
loop_
_entity.id
_entity.type
_entity.pdbx_description
1 polymer 'Alpha,alpha-trehalose-phosphate synthase (UDP-forming)'
2 non-polymer "URIDINE-5'-DIPHOSPHATE"
3 non-polymer 6-O-phosphono-alpha-D-glucopyranose
4 non-polymer 1,2-ETHANEDIOL
5 non-polymer 'ACETATE ION'
6 non-polymer 'OXALIC ACID'
7 non-polymer 'FORMIC ACID'
8 non-polymer 'D(-)-TARTARIC ACID'
9 water water
#
_entity_poly.entity_id   1
_entity_poly.type   'polypeptide(L)'
_entity_poly.pdbx_seq_one_letter_code
;MAHHHHHHMGRLIIVSNRVAPISEGGPAAGGLAVGVYDALKETGGMWFGWSGDVLSSGQPQIKVEERGPVTFATIALMRR
DYDQYYRGFSNATLWPAFHYRADLLQYDRHDFEGYWRVNAWLAQQLVPLLREDDVIWVHDYHLIPFAQALRAAGVKNRIG
FFLHIPFPASQVLLAVPPHRELVEALCSFDLLGFQTAPDLRAFCDYIVNEANGTADPSASGPLTIHAFGRTLRAAAYPIG
VYPDEIAELAKAGERGKPVRTMKATLHSRKLIMSVDRLDYSKGLVERFRAFERLLEHSTAQRNKVSFLQIAPPTRADMHA
YQDIRLQLEGESGRINGRFAELDWTPILYIHKQYERSVLAALFRTAHVGYVTPLRDGMNLVAKEYVSAQDPENPGVLVLS
RFAGAAQELDGALIVNPVDIDGMAEALARALDMPLAERQARHRDMMVQLRENNVSVWRDNFMRDLQGVAGAKGTRNGKAR
AVAGKKAARETQAG
;
_entity_poly.pdbx_strand_id   A,B,C,D,E,F,G,H
#
# COMPACT_ATOMS: atom_id res chain seq x y z
N GLY A 10 -28.24 36.30 14.09
CA GLY A 10 -27.05 36.76 13.40
C GLY A 10 -26.17 35.60 12.93
N ARG A 11 -25.56 35.77 11.77
CA ARG A 11 -24.73 34.73 11.18
C ARG A 11 -23.33 34.73 11.79
N LEU A 12 -22.88 33.56 12.23
CA LEU A 12 -21.56 33.44 12.83
C LEU A 12 -20.51 33.31 11.74
N ILE A 13 -19.55 34.23 11.71
CA ILE A 13 -18.41 34.17 10.81
C ILE A 13 -17.21 33.72 11.64
N ILE A 14 -16.71 32.52 11.37
CA ILE A 14 -15.45 32.05 11.94
C ILE A 14 -14.30 32.47 11.04
N VAL A 15 -13.24 33.02 11.64
CA VAL A 15 -12.02 33.40 10.93
C VAL A 15 -10.84 32.70 11.61
N SER A 16 -10.06 31.93 10.83
CA SER A 16 -8.85 31.30 11.35
C SER A 16 -7.88 31.17 10.20
N ASN A 17 -6.62 30.88 10.52
CA ASN A 17 -5.69 30.59 9.45
C ASN A 17 -5.98 29.22 8.86
N ARG A 18 -5.85 28.18 9.68
CA ARG A 18 -6.12 26.82 9.25
C ARG A 18 -7.62 26.57 9.20
N VAL A 19 -8.09 26.03 8.07
CA VAL A 19 -9.49 25.71 7.87
C VAL A 19 -9.61 24.20 7.68
N ALA A 20 -10.68 23.62 8.22
CA ALA A 20 -10.84 22.16 8.16
C ALA A 20 -10.84 21.69 6.71
N PRO A 21 -10.35 20.47 6.45
CA PRO A 21 -10.17 20.02 5.06
C PRO A 21 -11.52 19.78 4.39
N ILE A 22 -11.66 20.33 3.18
CA ILE A 22 -12.92 20.26 2.44
C ILE A 22 -12.71 19.67 1.05
N PRO A 27 -6.85 13.26 6.34
CA PRO A 27 -6.93 13.76 7.72
C PRO A 27 -5.85 14.78 8.04
N ALA A 28 -6.18 15.78 8.85
CA ALA A 28 -5.23 16.81 9.27
C ALA A 28 -5.10 16.81 10.78
N ALA A 29 -3.85 16.96 11.26
CA ALA A 29 -3.62 17.05 12.68
C ALA A 29 -3.67 18.51 13.12
N GLY A 30 -4.41 18.77 14.20
CA GLY A 30 -4.50 20.11 14.74
C GLY A 30 -5.84 20.28 15.42
N GLY A 31 -5.84 20.74 16.68
CA GLY A 31 -7.07 20.81 17.45
C GLY A 31 -7.95 22.01 17.15
N LEU A 32 -7.37 23.10 16.64
CA LEU A 32 -8.21 24.22 16.23
C LEU A 32 -9.23 23.78 15.19
N ALA A 33 -8.76 23.14 14.10
CA ALA A 33 -9.67 22.78 13.03
C ALA A 33 -10.73 21.81 13.52
N VAL A 34 -10.33 20.87 14.38
CA VAL A 34 -11.26 19.89 14.93
C VAL A 34 -12.32 20.57 15.79
N GLY A 35 -11.88 21.40 16.72
CA GLY A 35 -12.81 21.99 17.67
C GLY A 35 -13.71 23.01 17.04
N VAL A 36 -13.15 23.87 16.17
CA VAL A 36 -13.97 24.89 15.52
C VAL A 36 -15.03 24.25 14.65
N TYR A 37 -14.67 23.19 13.92
CA TYR A 37 -15.67 22.54 13.07
C TYR A 37 -16.78 21.88 13.89
N ASP A 38 -16.43 21.23 15.01
CA ASP A 38 -17.44 20.69 15.91
C ASP A 38 -18.42 21.78 16.34
N ALA A 39 -17.91 22.96 16.70
CA ALA A 39 -18.77 24.06 17.14
C ALA A 39 -19.63 24.60 16.01
N LEU A 40 -19.03 24.79 14.83
CA LEU A 40 -19.70 25.48 13.73
C LEU A 40 -20.77 24.64 13.06
N LYS A 41 -20.56 23.32 12.96
CA LYS A 41 -21.52 22.48 12.24
C LYS A 41 -22.88 22.49 12.90
N GLU A 42 -22.96 22.82 14.19
CA GLU A 42 -24.24 22.79 14.88
C GLU A 42 -25.06 24.05 14.57
N THR A 43 -24.42 25.22 14.63
CA THR A 43 -25.12 26.46 14.32
C THR A 43 -25.17 26.74 12.83
N GLY A 44 -24.18 26.29 12.07
CA GLY A 44 -24.00 26.76 10.71
C GLY A 44 -23.32 28.12 10.72
N GLY A 45 -22.97 28.60 9.53
CA GLY A 45 -22.30 29.88 9.43
C GLY A 45 -21.26 29.86 8.34
N MET A 46 -20.28 30.75 8.47
CA MET A 46 -19.20 30.88 7.50
C MET A 46 -17.88 30.61 8.18
N TRP A 47 -17.01 29.89 7.48
CA TRP A 47 -15.63 29.67 7.92
C TRP A 47 -14.71 30.27 6.86
N PHE A 48 -14.05 31.36 7.22
CA PHE A 48 -13.13 32.09 6.35
C PHE A 48 -11.70 31.85 6.79
N GLY A 49 -10.81 31.58 5.83
CA GLY A 49 -9.41 31.49 6.17
C GLY A 49 -8.55 31.02 5.01
N TRP A 50 -7.37 30.54 5.35
CA TRP A 50 -6.40 30.07 4.37
C TRP A 50 -6.83 28.72 3.80
N SER A 51 -6.71 28.57 2.48
CA SER A 51 -7.00 27.30 1.82
C SER A 51 -5.94 26.24 2.08
N GLY A 52 -4.77 26.62 2.57
CA GLY A 52 -3.68 25.67 2.72
C GLY A 52 -2.73 25.61 1.55
N ASP A 53 -3.01 26.30 0.46
CA ASP A 53 -2.19 26.31 -0.73
C ASP A 53 -1.32 27.57 -0.79
N VAL A 54 -0.17 27.43 -1.43
CA VAL A 54 0.79 28.52 -1.58
C VAL A 54 1.06 28.72 -3.06
N LEU A 55 1.03 29.98 -3.51
CA LEU A 55 1.19 30.30 -4.93
C LEU A 55 2.58 30.85 -5.21
N SER A 56 3.22 30.33 -6.27
CA SER A 56 4.49 30.86 -6.75
C SER A 56 4.28 32.11 -7.61
N SER A 57 3.12 32.25 -8.23
CA SER A 57 2.84 33.38 -9.11
C SER A 57 1.32 33.49 -9.25
N GLY A 58 0.89 34.54 -9.94
CA GLY A 58 -0.52 34.81 -10.07
C GLY A 58 -1.07 35.56 -8.86
N GLN A 59 -2.40 35.59 -8.80
CA GLN A 59 -3.12 36.29 -7.75
C GLN A 59 -4.06 35.34 -7.01
N PRO A 60 -4.08 35.35 -5.68
CA PRO A 60 -5.05 34.52 -4.96
C PRO A 60 -6.46 35.01 -5.22
N GLN A 61 -7.40 34.06 -5.26
CA GLN A 61 -8.81 34.36 -5.49
C GLN A 61 -9.63 33.60 -4.46
N ILE A 62 -10.57 34.29 -3.81
CA ILE A 62 -11.39 33.63 -2.81
C ILE A 62 -12.26 32.56 -3.48
N LYS A 63 -12.48 31.47 -2.76
CA LYS A 63 -13.36 30.38 -3.21
C LYS A 63 -14.45 30.20 -2.16
N VAL A 64 -15.70 30.39 -2.57
CA VAL A 64 -16.85 30.29 -1.67
C VAL A 64 -17.62 29.03 -2.04
N GLU A 65 -17.85 28.16 -1.06
CA GLU A 65 -18.51 26.89 -1.30
CA GLU A 65 -18.54 26.91 -1.31
C GLU A 65 -19.34 26.49 -0.08
N GLU A 66 -20.58 26.04 -0.34
CA GLU A 66 -21.48 25.56 0.71
C GLU A 66 -21.26 24.07 0.94
N ARG A 67 -21.02 23.69 2.19
CA ARG A 67 -20.95 22.29 2.62
C ARG A 67 -21.95 22.15 3.77
N GLY A 68 -23.17 21.73 3.45
CA GLY A 68 -24.24 21.71 4.43
C GLY A 68 -24.50 23.08 5.01
N PRO A 69 -24.56 23.17 6.34
CA PRO A 69 -24.83 24.46 6.99
C PRO A 69 -23.63 25.41 7.07
N VAL A 70 -22.46 25.01 6.57
CA VAL A 70 -21.27 25.82 6.65
C VAL A 70 -20.90 26.32 5.26
N THR A 71 -20.61 27.60 5.15
CA THR A 71 -20.07 28.20 3.94
C THR A 71 -18.56 28.38 4.15
N PHE A 72 -17.76 27.71 3.33
CA PHE A 72 -16.31 27.88 3.39
C PHE A 72 -15.87 28.97 2.42
N ALA A 73 -15.06 29.90 2.92
CA ALA A 73 -14.54 31.00 2.10
C ALA A 73 -13.04 31.00 2.30
N THR A 74 -12.30 30.44 1.34
CA THR A 74 -10.88 30.21 1.54
C THR A 74 -10.08 30.83 0.40
N ILE A 75 -8.81 31.10 0.69
CA ILE A 75 -7.93 31.79 -0.26
C ILE A 75 -6.51 31.30 -0.05
N ALA A 76 -5.75 31.21 -1.14
CA ALA A 76 -4.35 30.86 -1.05
C ALA A 76 -3.52 32.03 -0.53
N LEU A 77 -2.29 31.72 -0.15
CA LEU A 77 -1.30 32.73 0.23
C LEU A 77 -0.23 32.81 -0.85
N MET A 78 0.21 34.02 -1.17
CA MET A 78 1.41 34.16 -1.98
C MET A 78 2.61 33.61 -1.19
N ARG A 79 3.61 33.11 -1.92
CA ARG A 79 4.81 32.56 -1.27
C ARG A 79 5.43 33.55 -0.30
N ARG A 80 5.54 34.82 -0.72
CA ARG A 80 6.13 35.81 0.18
C ARG A 80 5.26 36.02 1.41
N ASP A 81 3.94 36.00 1.26
CA ASP A 81 3.05 36.13 2.41
C ASP A 81 3.14 34.91 3.32
N TYR A 82 3.17 33.71 2.72
CA TYR A 82 3.34 32.49 3.49
C TYR A 82 4.64 32.52 4.29
N ASP A 83 5.73 32.97 3.67
CA ASP A 83 7.02 32.97 4.36
C ASP A 83 7.06 33.99 5.50
N GLN A 84 6.47 35.18 5.30
CA GLN A 84 6.62 36.24 6.30
C GLN A 84 5.59 36.10 7.42
N TYR A 85 4.34 35.82 7.05
CA TYR A 85 3.24 35.84 8.00
C TYR A 85 3.11 34.52 8.75
N TYR A 86 3.22 33.41 8.03
CA TYR A 86 2.96 32.09 8.64
C TYR A 86 4.24 31.41 9.11
N ARG A 87 5.16 31.09 8.18
CA ARG A 87 6.43 30.51 8.60
C ARG A 87 7.24 31.49 9.44
N GLY A 88 7.10 32.79 9.18
CA GLY A 88 7.91 33.80 9.82
C GLY A 88 7.38 34.18 11.18
N PHE A 89 6.59 35.26 11.24
CA PHE A 89 6.21 35.79 12.55
C PHE A 89 5.34 34.82 13.33
N SER A 90 4.34 34.20 12.68
CA SER A 90 3.43 33.33 13.43
C SER A 90 4.19 32.14 14.05
N ASN A 91 4.92 31.40 13.24
CA ASN A 91 5.47 30.14 13.75
C ASN A 91 6.94 30.19 14.14
N ALA A 92 7.68 31.24 13.76
CA ALA A 92 9.05 31.37 14.23
C ALA A 92 9.19 32.36 15.38
N THR A 93 8.18 33.21 15.60
CA THR A 93 8.20 34.13 16.72
C THR A 93 7.12 33.77 17.74
N LEU A 94 5.85 33.83 17.34
CA LEU A 94 4.74 33.72 18.30
C LEU A 94 4.66 32.32 18.90
N TRP A 95 4.64 31.30 18.03
CA TRP A 95 4.49 29.93 18.54
C TRP A 95 5.56 29.58 19.57
N PRO A 96 6.87 29.75 19.30
CA PRO A 96 7.85 29.41 20.33
C PRO A 96 7.72 30.30 21.57
N ALA A 97 7.45 31.60 21.40
CA ALA A 97 7.42 32.50 22.54
C ALA A 97 6.28 32.17 23.49
N PHE A 98 5.08 31.93 22.92
CA PHE A 98 3.90 31.65 23.71
C PHE A 98 3.93 30.24 24.32
N HIS A 99 4.76 29.35 23.79
CA HIS A 99 5.00 28.06 24.40
C HIS A 99 6.27 28.04 25.27
N TYR A 100 6.71 29.22 25.74
CA TYR A 100 7.81 29.33 26.70
C TYR A 100 9.12 28.80 26.12
N ARG A 101 9.32 29.01 24.83
CA ARG A 101 10.57 28.62 24.19
C ARG A 101 11.26 29.84 23.58
N ALA A 102 11.64 30.80 24.42
CA ALA A 102 12.33 31.98 23.89
C ALA A 102 13.65 31.60 23.23
N ASP A 103 14.24 30.47 23.62
CA ASP A 103 15.46 30.00 22.99
C ASP A 103 15.27 29.69 21.52
N LEU A 104 14.07 29.28 21.11
CA LEU A 104 13.78 28.99 19.71
C LEU A 104 13.18 30.16 18.98
N LEU A 105 12.76 31.19 19.70
CA LEU A 105 12.24 32.40 19.07
C LEU A 105 13.25 32.99 18.09
N GLN A 106 12.79 33.25 16.88
CA GLN A 106 13.50 34.11 15.95
C GLN A 106 12.61 35.31 15.65
N TYR A 107 13.22 36.44 15.38
CA TYR A 107 12.46 37.65 15.10
C TYR A 107 13.07 38.33 13.89
N ASP A 108 12.22 38.73 12.94
CA ASP A 108 12.67 39.51 11.79
C ASP A 108 11.65 40.62 11.57
N ARG A 109 12.12 41.87 11.62
CA ARG A 109 11.25 43.03 11.44
C ARG A 109 10.43 42.93 10.16
N HIS A 110 11.09 42.52 9.07
CA HIS A 110 10.42 42.40 7.78
C HIS A 110 9.33 41.34 7.80
N ASP A 111 9.55 40.24 8.53
CA ASP A 111 8.48 39.26 8.66
C ASP A 111 7.34 39.80 9.50
N PHE A 112 7.64 40.54 10.56
CA PHE A 112 6.59 41.14 11.37
C PHE A 112 5.73 42.12 10.56
N GLU A 113 6.37 42.92 9.71
CA GLU A 113 5.61 43.81 8.83
C GLU A 113 4.72 43.04 7.87
N GLY A 114 5.23 41.94 7.31
CA GLY A 114 4.40 41.13 6.43
C GLY A 114 3.24 40.46 7.17
N TYR A 115 3.50 39.98 8.38
CA TYR A 115 2.44 39.50 9.27
C TYR A 115 1.32 40.52 9.39
N TRP A 116 1.69 41.77 9.68
CA TRP A 116 0.71 42.84 9.77
C TRP A 116 0.02 43.08 8.44
N ARG A 117 0.79 43.07 7.36
CA ARG A 117 0.23 43.31 6.02
C ARG A 117 -0.73 42.20 5.61
N VAL A 118 -0.39 40.95 5.88
CA VAL A 118 -1.27 39.84 5.49
C VAL A 118 -2.57 39.87 6.27
N ASN A 119 -2.51 40.22 7.55
CA ASN A 119 -3.75 40.41 8.32
C ASN A 119 -4.65 41.44 7.67
N ALA A 120 -4.08 42.56 7.21
CA ALA A 120 -4.90 43.58 6.58
C ALA A 120 -5.45 43.09 5.24
N TRP A 121 -4.64 42.35 4.48
CA TRP A 121 -5.09 41.83 3.19
C TRP A 121 -6.22 40.80 3.35
N LEU A 122 -6.07 39.92 4.35
CA LEU A 122 -7.12 38.95 4.63
C LEU A 122 -8.39 39.63 5.10
N ALA A 123 -8.26 40.65 5.96
CA ALA A 123 -9.46 41.39 6.36
C ALA A 123 -10.14 42.02 5.15
N GLN A 124 -9.37 42.55 4.20
CA GLN A 124 -9.95 43.12 2.98
C GLN A 124 -10.71 42.08 2.17
N GLN A 125 -10.22 40.84 2.16
CA GLN A 125 -10.93 39.79 1.45
C GLN A 125 -12.25 39.45 2.14
N LEU A 126 -12.29 39.56 3.47
CA LEU A 126 -13.49 39.22 4.21
C LEU A 126 -14.58 40.29 4.06
N VAL A 127 -14.18 41.57 4.05
CA VAL A 127 -15.17 42.67 4.10
C VAL A 127 -16.31 42.50 3.11
N PRO A 128 -16.08 42.23 1.82
CA PRO A 128 -17.21 42.14 0.88
C PRO A 128 -18.20 41.04 1.20
N LEU A 129 -17.81 40.05 2.01
CA LEU A 129 -18.71 38.96 2.32
C LEU A 129 -19.56 39.21 3.56
N LEU A 130 -19.30 40.29 4.28
CA LEU A 130 -19.95 40.54 5.55
C LEU A 130 -21.35 41.11 5.36
N ARG A 131 -22.19 40.89 6.37
CA ARG A 131 -23.49 41.51 6.49
C ARG A 131 -23.56 42.28 7.80
N GLU A 132 -24.52 43.21 7.86
CA GLU A 132 -24.58 44.15 8.98
C GLU A 132 -24.69 43.43 10.32
N ASP A 133 -25.44 42.34 10.39
CA ASP A 133 -25.65 41.65 11.66
C ASP A 133 -24.78 40.42 11.83
N ASP A 134 -23.80 40.19 10.96
CA ASP A 134 -22.85 39.11 11.20
C ASP A 134 -22.12 39.33 12.52
N VAL A 135 -21.78 38.22 13.18
CA VAL A 135 -20.93 38.22 14.37
C VAL A 135 -19.63 37.52 14.00
N ILE A 136 -18.51 38.21 14.21
CA ILE A 136 -17.20 37.76 13.72
C ILE A 136 -16.40 37.21 14.89
N TRP A 137 -15.92 35.97 14.74
CA TRP A 137 -15.15 35.30 15.78
C TRP A 137 -13.82 34.85 15.18
N VAL A 138 -12.75 35.53 15.54
CA VAL A 138 -11.40 35.27 15.04
C VAL A 138 -10.69 34.31 15.97
N HIS A 139 -9.96 33.33 15.41
CA HIS A 139 -9.28 32.29 16.18
C HIS A 139 -7.77 32.30 15.95
N ASP A 140 -7.02 32.51 17.04
CA ASP A 140 -5.63 32.09 17.26
C ASP A 140 -4.57 33.09 16.82
N TYR A 141 -3.31 32.76 17.13
CA TYR A 141 -2.24 33.75 17.20
C TYR A 141 -1.87 34.36 15.84
N HIS A 142 -2.19 33.69 14.72
CA HIS A 142 -1.90 34.26 13.41
C HIS A 142 -2.63 35.57 13.19
N LEU A 143 -3.75 35.77 13.88
CA LEU A 143 -4.73 36.77 13.50
C LEU A 143 -4.98 37.80 14.61
N ILE A 144 -3.98 37.99 15.48
CA ILE A 144 -4.05 39.01 16.54
C ILE A 144 -4.37 40.40 15.99
N PRO A 145 -3.82 40.86 14.85
CA PRO A 145 -4.15 42.19 14.35
C PRO A 145 -5.48 42.31 13.61
N PHE A 146 -6.31 41.25 13.58
CA PHE A 146 -7.42 41.20 12.63
C PHE A 146 -8.54 42.18 12.98
N ALA A 147 -8.89 42.32 14.26
CA ALA A 147 -9.94 43.27 14.61
C ALA A 147 -9.53 44.68 14.26
N GLN A 148 -8.27 45.03 14.56
CA GLN A 148 -7.75 46.36 14.25
C GLN A 148 -7.86 46.63 12.75
N ALA A 149 -7.50 45.65 11.92
CA ALA A 149 -7.62 45.82 10.48
C ALA A 149 -9.07 45.95 10.03
N LEU A 150 -9.97 45.14 10.62
CA LEU A 150 -11.38 45.22 10.23
C LEU A 150 -11.94 46.60 10.56
N ARG A 151 -11.68 47.07 11.77
CA ARG A 151 -12.18 48.39 12.19
C ARG A 151 -11.67 49.49 11.28
N ALA A 152 -10.40 49.42 10.91
CA ALA A 152 -9.84 50.40 9.99
C ALA A 152 -10.52 50.36 8.63
N ALA A 153 -11.06 49.19 8.25
CA ALA A 153 -11.79 49.03 7.00
C ALA A 153 -13.27 49.37 7.11
N GLY A 154 -13.71 49.96 8.22
CA GLY A 154 -15.08 50.39 8.35
C GLY A 154 -16.02 49.37 8.98
N VAL A 155 -15.51 48.22 9.39
CA VAL A 155 -16.37 47.16 9.92
C VAL A 155 -16.87 47.54 11.31
N LYS A 156 -18.18 47.42 11.51
CA LYS A 156 -18.82 47.76 12.77
C LYS A 156 -19.36 46.56 13.51
N ASN A 157 -19.31 45.36 12.92
CA ASN A 157 -19.84 44.16 13.56
C ASN A 157 -19.13 43.88 14.89
N ARG A 158 -19.78 43.12 15.76
CA ARG A 158 -19.11 42.58 16.93
C ARG A 158 -17.97 41.67 16.49
N ILE A 159 -16.81 41.76 17.17
CA ILE A 159 -15.65 40.95 16.81
C ILE A 159 -15.05 40.37 18.09
N GLY A 160 -15.00 39.05 18.17
CA GLY A 160 -14.35 38.40 19.29
C GLY A 160 -13.10 37.69 18.85
N PHE A 161 -12.23 37.38 19.81
CA PHE A 161 -11.00 36.63 19.56
C PHE A 161 -10.90 35.51 20.57
N PHE A 162 -10.47 34.33 20.10
CA PHE A 162 -10.12 33.24 21.01
C PHE A 162 -8.71 32.77 20.69
N LEU A 163 -7.84 32.76 21.71
CA LEU A 163 -6.49 32.23 21.61
C LEU A 163 -6.48 30.76 22.01
N HIS A 164 -6.07 29.89 21.08
CA HIS A 164 -6.08 28.45 21.35
C HIS A 164 -4.82 28.02 22.08
N ILE A 165 -3.72 28.76 21.93
CA ILE A 165 -2.43 28.43 22.54
C ILE A 165 -2.34 29.14 23.88
N PRO A 166 -1.36 28.84 24.73
CA PRO A 166 -1.29 29.53 26.02
C PRO A 166 -1.06 31.02 25.82
N PHE A 167 -1.53 31.84 26.76
CA PHE A 167 -1.01 33.21 26.83
C PHE A 167 0.14 33.25 27.82
N PRO A 168 1.35 33.58 27.40
CA PRO A 168 2.50 33.41 28.30
C PRO A 168 2.53 34.49 29.37
N ALA A 169 3.19 34.15 30.49
CA ALA A 169 3.50 35.11 31.53
C ALA A 169 4.03 36.40 30.91
N SER A 170 3.66 37.54 31.49
CA SER A 170 4.06 38.81 30.90
C SER A 170 5.58 38.90 30.71
N GLN A 171 6.36 38.36 31.67
CA GLN A 171 7.82 38.44 31.57
C GLN A 171 8.34 37.67 30.37
N VAL A 172 7.66 36.58 30.01
CA VAL A 172 8.02 35.78 28.85
C VAL A 172 7.58 36.48 27.56
N LEU A 173 6.41 37.12 27.57
CA LEU A 173 5.93 37.83 26.39
C LEU A 173 6.85 39.00 26.02
N LEU A 174 7.55 39.59 27.00
CA LEU A 174 8.47 40.69 26.72
C LEU A 174 9.58 40.31 25.76
N ALA A 175 9.86 39.02 25.60
CA ALA A 175 10.87 38.59 24.63
C ALA A 175 10.43 38.83 23.18
N VAL A 176 9.13 38.95 22.93
CA VAL A 176 8.63 39.27 21.59
C VAL A 176 8.79 40.77 21.40
N PRO A 177 9.69 41.24 20.55
CA PRO A 177 10.01 42.68 20.53
C PRO A 177 8.77 43.54 20.30
N PRO A 178 7.84 43.18 19.35
CA PRO A 178 6.62 44.00 19.22
C PRO A 178 5.49 43.61 20.16
N HIS A 179 5.80 43.18 21.39
CA HIS A 179 4.75 42.77 22.33
C HIS A 179 3.70 43.85 22.54
N ARG A 180 4.12 45.12 22.62
N ARG A 180 4.11 45.12 22.61
CA ARG A 180 3.17 46.19 22.89
CA ARG A 180 3.16 46.19 22.90
C ARG A 180 2.19 46.38 21.74
C ARG A 180 2.18 46.39 21.75
N GLU A 181 2.68 46.33 20.51
CA GLU A 181 1.79 46.45 19.35
C GLU A 181 0.81 45.29 19.27
N LEU A 182 1.29 44.08 19.62
CA LEU A 182 0.41 42.92 19.63
C LEU A 182 -0.70 43.08 20.66
N VAL A 183 -0.35 43.47 21.88
CA VAL A 183 -1.38 43.56 22.92
C VAL A 183 -2.33 44.71 22.63
N GLU A 184 -1.82 45.82 22.11
CA GLU A 184 -2.73 46.91 21.74
C GLU A 184 -3.71 46.45 20.67
N ALA A 185 -3.21 45.70 19.68
CA ALA A 185 -4.10 45.16 18.64
C ALA A 185 -5.17 44.24 19.25
N LEU A 186 -4.80 43.44 20.25
CA LEU A 186 -5.78 42.61 20.93
C LEU A 186 -6.91 43.43 21.53
N CYS A 187 -6.60 44.65 21.99
CA CYS A 187 -7.62 45.48 22.61
C CYS A 187 -8.57 46.12 21.62
N SER A 188 -8.41 45.89 20.31
CA SER A 188 -9.47 46.28 19.37
C SER A 188 -10.61 45.28 19.30
N PHE A 189 -10.44 44.08 19.85
CA PHE A 189 -11.54 43.14 19.89
C PHE A 189 -12.57 43.58 20.93
N ASP A 190 -13.83 43.19 20.70
CA ASP A 190 -14.86 43.43 21.71
C ASP A 190 -14.70 42.48 22.90
N LEU A 191 -14.27 41.25 22.65
CA LEU A 191 -14.16 40.22 23.67
C LEU A 191 -12.94 39.36 23.37
N LEU A 192 -12.11 39.11 24.38
CA LEU A 192 -10.98 38.21 24.27
C LEU A 192 -11.26 36.95 25.08
N GLY A 193 -11.01 35.80 24.48
CA GLY A 193 -11.19 34.52 25.14
C GLY A 193 -9.87 33.79 25.18
N PHE A 194 -9.51 33.26 26.35
CA PHE A 194 -8.33 32.45 26.54
C PHE A 194 -8.77 31.06 26.99
N GLN A 195 -7.84 30.09 26.95
CA GLN A 195 -8.21 28.72 27.29
C GLN A 195 -8.50 28.56 28.78
N THR A 196 -7.62 29.09 29.64
CA THR A 196 -7.66 28.77 31.06
C THR A 196 -7.48 30.03 31.92
N ALA A 197 -7.78 29.89 33.21
CA ALA A 197 -7.61 31.02 34.14
C ALA A 197 -6.17 31.53 34.18
N PRO A 198 -5.12 30.70 34.16
CA PRO A 198 -3.77 31.27 34.16
C PRO A 198 -3.44 32.03 32.88
N ASP A 199 -4.04 31.64 31.74
CA ASP A 199 -3.86 32.42 30.51
C ASP A 199 -4.44 33.82 30.68
N LEU A 200 -5.66 33.90 31.18
CA LEU A 200 -6.30 35.19 31.42
C LEU A 200 -5.51 36.01 32.43
N ARG A 201 -5.01 35.37 33.50
CA ARG A 201 -4.23 36.07 34.49
CA ARG A 201 -4.21 36.07 34.50
C ARG A 201 -2.95 36.66 33.87
N ALA A 202 -2.30 35.91 32.97
CA ALA A 202 -1.09 36.40 32.33
C ALA A 202 -1.39 37.61 31.47
N PHE A 203 -2.49 37.57 30.71
CA PHE A 203 -2.91 38.73 29.94
C PHE A 203 -3.12 39.93 30.84
N CYS A 204 -3.88 39.75 31.94
CA CYS A 204 -4.14 40.89 32.83
C CYS A 204 -2.86 41.39 33.49
N ASP A 205 -1.94 40.49 33.80
CA ASP A 205 -0.66 40.89 34.37
C ASP A 205 0.09 41.82 33.42
N TYR A 206 0.10 41.51 32.11
CA TYR A 206 0.72 42.41 31.14
C TYR A 206 -0.01 43.75 31.11
N ILE A 207 -1.34 43.72 31.01
CA ILE A 207 -2.13 44.95 30.95
C ILE A 207 -1.79 45.86 32.12
N VAL A 208 -1.75 45.30 33.34
CA VAL A 208 -1.56 46.14 34.53
C VAL A 208 -0.10 46.56 34.67
N ASN A 209 0.84 45.65 34.44
CA ASN A 209 2.23 45.89 34.79
C ASN A 209 3.11 46.31 33.61
N GLU A 210 2.68 46.08 32.38
CA GLU A 210 3.44 46.53 31.21
C GLU A 210 2.70 47.54 30.33
N ALA A 211 1.37 47.56 30.35
CA ALA A 211 0.61 48.50 29.51
C ALA A 211 -0.03 49.63 30.30
N ASN A 212 0.17 49.67 31.62
CA ASN A 212 -0.35 50.75 32.46
C ASN A 212 -1.88 50.82 32.41
N GLY A 213 -2.52 49.68 32.14
CA GLY A 213 -3.97 49.61 32.08
C GLY A 213 -4.57 49.01 33.34
N THR A 214 -5.85 48.65 33.24
CA THR A 214 -6.55 48.04 34.37
C THR A 214 -7.36 46.85 33.90
N ALA A 215 -7.63 45.96 34.86
CA ALA A 215 -8.46 44.79 34.65
C ALA A 215 -9.36 44.64 35.86
N ASP A 216 -10.68 44.69 35.64
CA ASP A 216 -11.63 44.72 36.74
C ASP A 216 -12.62 43.57 36.64
N PRO A 217 -12.95 42.91 37.75
CA PRO A 217 -13.99 41.89 37.71
C PRO A 217 -15.35 42.49 37.41
N SER A 218 -16.30 41.62 37.06
CA SER A 218 -17.67 42.02 36.78
C SER A 218 -18.63 40.96 37.30
N ALA A 219 -19.87 41.40 37.56
CA ALA A 219 -20.91 40.46 37.95
C ALA A 219 -21.37 39.61 36.78
N SER A 220 -21.22 40.11 35.56
CA SER A 220 -21.62 39.34 34.38
C SER A 220 -20.76 38.10 34.22
N GLY A 221 -19.48 38.20 34.55
CA GLY A 221 -18.55 37.10 34.36
C GLY A 221 -17.21 37.55 33.82
N PRO A 222 -17.19 38.06 32.58
CA PRO A 222 -15.91 38.51 32.01
C PRO A 222 -15.38 39.74 32.72
N LEU A 223 -14.05 39.85 32.76
CA LEU A 223 -13.41 41.06 33.25
C LEU A 223 -13.60 42.20 32.26
N THR A 224 -13.57 43.42 32.76
CA THR A 224 -13.50 44.60 31.91
C THR A 224 -12.06 45.08 31.86
N ILE A 225 -11.56 45.28 30.65
CA ILE A 225 -10.18 45.72 30.41
C ILE A 225 -10.22 47.18 29.96
N HIS A 226 -9.34 48.00 30.55
CA HIS A 226 -9.11 49.36 30.09
C HIS A 226 -7.63 49.49 29.78
N ALA A 227 -7.30 49.74 28.52
CA ALA A 227 -5.90 49.86 28.12
C ALA A 227 -5.82 50.48 26.73
N PHE A 228 -4.76 51.25 26.51
CA PHE A 228 -4.51 51.89 25.21
C PHE A 228 -5.69 52.74 24.77
N GLY A 229 -6.37 53.37 25.73
CA GLY A 229 -7.55 54.15 25.43
C GLY A 229 -8.80 53.35 25.10
N ARG A 230 -8.74 52.03 25.09
CA ARG A 230 -9.87 51.22 24.68
C ARG A 230 -10.48 50.51 25.89
N THR A 231 -11.74 50.11 25.73
CA THR A 231 -12.46 49.33 26.72
C THR A 231 -12.96 48.05 26.08
N LEU A 232 -12.74 46.91 26.73
CA LEU A 232 -13.16 45.63 26.18
C LEU A 232 -13.34 44.65 27.33
N ARG A 233 -13.65 43.40 26.98
CA ARG A 233 -13.93 42.35 27.94
CA ARG A 233 -13.89 42.37 27.98
C ARG A 233 -13.02 41.16 27.69
N ALA A 234 -12.74 40.39 28.74
CA ALA A 234 -11.86 39.24 28.61
C ALA A 234 -12.21 38.16 29.62
N ALA A 235 -12.16 36.90 29.19
CA ALA A 235 -12.53 35.79 30.06
C ALA A 235 -11.87 34.51 29.57
N ALA A 236 -12.03 33.44 30.34
CA ALA A 236 -11.51 32.12 29.99
C ALA A 236 -12.66 31.22 29.55
N TYR A 237 -12.43 30.48 28.45
CA TYR A 237 -13.43 29.56 27.89
C TYR A 237 -12.68 28.32 27.42
N PRO A 238 -12.58 27.27 28.26
CA PRO A 238 -11.80 26.09 27.88
C PRO A 238 -12.50 25.29 26.78
N ILE A 239 -11.82 25.09 25.67
CA ILE A 239 -12.44 24.35 24.57
C ILE A 239 -12.60 22.89 24.96
N GLY A 240 -13.74 22.31 24.57
CA GLY A 240 -14.02 20.93 24.90
C GLY A 240 -14.21 20.05 23.69
N VAL A 241 -14.85 18.90 23.89
CA VAL A 241 -15.10 17.92 22.85
C VAL A 241 -16.55 17.48 22.95
N TYR A 242 -16.95 16.54 22.10
CA TYR A 242 -18.22 15.83 22.26
C TYR A 242 -17.89 14.45 22.80
N PRO A 243 -17.85 14.28 24.12
CA PRO A 243 -17.28 13.03 24.67
C PRO A 243 -18.10 11.79 24.34
N ASP A 244 -19.43 11.87 24.35
CA ASP A 244 -20.22 10.67 24.05
C ASP A 244 -20.18 10.34 22.57
N GLU A 245 -19.96 11.36 21.72
CA GLU A 245 -19.74 11.13 20.29
C GLU A 245 -18.42 10.42 20.05
N ILE A 246 -17.36 10.79 20.79
CA ILE A 246 -16.08 10.12 20.63
C ILE A 246 -16.17 8.68 21.12
N ALA A 247 -16.92 8.46 22.21
CA ALA A 247 -17.08 7.11 22.74
C ALA A 247 -17.74 6.19 21.72
N GLU A 248 -18.84 6.64 21.12
CA GLU A 248 -19.52 5.83 20.11
C GLU A 248 -18.61 5.56 18.93
N LEU A 249 -17.84 6.57 18.49
CA LEU A 249 -16.89 6.37 17.41
C LEU A 249 -15.82 5.34 17.78
N ALA A 250 -15.29 5.43 18.99
CA ALA A 250 -14.28 4.47 19.43
C ALA A 250 -14.86 3.07 19.51
N LYS A 251 -16.09 2.96 20.01
CA LYS A 251 -16.73 1.64 20.09
C LYS A 251 -17.01 1.09 18.70
N ALA A 252 -17.46 1.94 17.77
CA ALA A 252 -17.79 1.48 16.43
C ALA A 252 -16.59 0.89 15.70
N GLY A 253 -15.38 1.22 16.11
CA GLY A 253 -14.19 0.65 15.50
C GLY A 253 -13.61 -0.56 16.21
N GLU A 254 -14.32 -1.11 17.20
CA GLU A 254 -13.70 -2.12 18.05
C GLU A 254 -13.42 -3.43 17.31
N ARG A 255 -14.10 -3.68 16.18
CA ARG A 255 -13.80 -4.84 15.35
C ARG A 255 -13.21 -4.45 14.00
N GLY A 256 -12.69 -3.22 13.88
CA GLY A 256 -12.07 -2.78 12.66
C GLY A 256 -10.64 -3.29 12.49
N LYS A 257 -10.11 -3.11 11.28
CA LYS A 257 -8.78 -3.63 10.96
C LYS A 257 -7.67 -3.00 11.80
N PRO A 258 -7.60 -1.67 11.99
CA PRO A 258 -6.52 -1.13 12.84
C PRO A 258 -6.51 -1.72 14.25
N VAL A 259 -7.68 -1.82 14.89
CA VAL A 259 -7.71 -2.39 16.24
C VAL A 259 -7.34 -3.87 16.20
N ARG A 260 -7.86 -4.60 15.22
CA ARG A 260 -7.57 -6.03 15.13
C ARG A 260 -6.09 -6.29 14.89
N THR A 261 -5.45 -5.50 14.00
CA THR A 261 -4.03 -5.75 13.75
C THR A 261 -3.18 -5.26 14.92
N MET A 262 -3.57 -4.16 15.57
CA MET A 262 -2.87 -3.71 16.78
C MET A 262 -2.89 -4.79 17.86
N LYS A 263 -4.07 -5.37 18.11
CA LYS A 263 -4.18 -6.42 19.11
C LYS A 263 -3.27 -7.61 18.77
N ALA A 264 -3.28 -8.03 17.51
CA ALA A 264 -2.46 -9.17 17.10
C ALA A 264 -0.97 -8.87 17.30
N THR A 265 -0.53 -7.67 16.89
CA THR A 265 0.87 -7.28 17.04
C THR A 265 1.31 -7.28 18.50
N LEU A 266 0.44 -6.81 19.41
CA LEU A 266 0.84 -6.72 20.81
C LEU A 266 0.86 -8.07 21.50
N HIS A 267 0.06 -9.01 21.01
CA HIS A 267 -0.29 -10.27 21.66
C HIS A 267 -0.16 -10.23 23.19
N SER A 268 -1.10 -9.51 23.80
CA SER A 268 -1.35 -9.40 25.24
CA SER A 268 -1.36 -9.39 25.23
C SER A 268 -0.42 -8.41 25.93
N ARG A 269 0.58 -7.85 25.25
CA ARG A 269 1.35 -6.78 25.88
C ARG A 269 0.45 -5.57 26.09
N LYS A 270 0.71 -4.82 27.16
CA LYS A 270 -0.08 -3.63 27.37
C LYS A 270 0.38 -2.53 26.41
N LEU A 271 -0.49 -1.56 26.19
CA LEU A 271 -0.23 -0.51 25.21
C LEU A 271 -0.25 0.85 25.87
N ILE A 272 0.87 1.56 25.77
CA ILE A 272 0.93 2.99 26.03
C ILE A 272 0.80 3.71 24.68
N MET A 273 -0.13 4.67 24.59
CA MET A 273 -0.38 5.33 23.32
C MET A 273 -0.26 6.85 23.44
N SER A 274 0.38 7.45 22.45
CA SER A 274 0.47 8.90 22.32
C SER A 274 0.16 9.29 20.89
N VAL A 275 -0.43 10.49 20.74
CA VAL A 275 -0.74 11.08 19.43
C VAL A 275 -0.44 12.56 19.53
N ASP A 276 0.55 13.03 18.75
CA ASP A 276 1.03 14.41 18.84
C ASP A 276 1.57 14.83 17.48
N ARG A 277 1.17 16.00 16.97
CA ARG A 277 2.02 16.64 15.95
C ARG A 277 3.46 16.63 16.48
N LEU A 278 4.42 16.37 15.60
CA LEU A 278 5.82 16.31 16.05
C LEU A 278 6.33 17.75 16.20
N ASP A 279 5.85 18.38 17.26
CA ASP A 279 6.14 19.75 17.63
C ASP A 279 7.05 19.76 18.86
N TYR A 280 7.99 20.70 18.94
CA TYR A 280 8.81 20.78 20.15
C TYR A 280 7.99 21.13 21.39
N SER A 281 6.79 21.68 21.23
CA SER A 281 5.94 21.95 22.40
C SER A 281 5.45 20.69 23.08
N LYS A 282 5.51 19.52 22.42
CA LYS A 282 4.82 18.33 22.92
C LYS A 282 5.67 17.47 23.87
N GLY A 283 6.88 17.91 24.17
CA GLY A 283 7.73 17.21 25.13
C GLY A 283 8.01 15.76 24.77
N LEU A 284 8.21 15.47 23.48
CA LEU A 284 8.33 14.09 23.03
C LEU A 284 9.66 13.45 23.44
N VAL A 285 10.75 14.23 23.49
CA VAL A 285 12.02 13.65 23.94
C VAL A 285 11.92 13.24 25.40
N GLU A 286 11.36 14.12 26.25
CA GLU A 286 11.22 13.78 27.67
C GLU A 286 10.30 12.58 27.83
N ARG A 287 9.24 12.53 27.03
CA ARG A 287 8.29 11.43 27.06
C ARG A 287 8.96 10.09 26.73
N PHE A 288 9.80 10.08 25.69
CA PHE A 288 10.53 8.87 25.34
C PHE A 288 11.52 8.50 26.45
N ARG A 289 12.21 9.48 27.01
CA ARG A 289 13.18 9.20 28.07
C ARG A 289 12.52 8.62 29.32
N ALA A 290 11.29 9.02 29.62
CA ALA A 290 10.64 8.44 30.80
C ALA A 290 10.15 7.01 30.54
N PHE A 291 9.76 6.69 29.29
CA PHE A 291 9.50 5.30 28.96
C PHE A 291 10.78 4.48 29.03
N GLU A 292 11.90 5.02 28.55
CA GLU A 292 13.18 4.34 28.73
C GLU A 292 13.51 4.14 30.20
N ARG A 293 13.30 5.17 31.03
CA ARG A 293 13.55 5.04 32.46
C ARG A 293 12.63 3.98 33.09
N LEU A 294 11.39 3.89 32.62
CA LEU A 294 10.50 2.81 33.08
C LEU A 294 11.14 1.44 32.83
N LEU A 295 11.65 1.22 31.61
CA LEU A 295 12.25 -0.05 31.26
C LEU A 295 13.53 -0.30 32.05
N GLU A 296 14.33 0.75 32.30
CA GLU A 296 15.57 0.58 33.06
C GLU A 296 15.29 0.05 34.46
N HIS A 297 14.24 0.55 35.11
CA HIS A 297 14.00 0.25 36.52
C HIS A 297 13.03 -0.89 36.74
N SER A 298 12.24 -1.28 35.75
CA SER A 298 11.24 -2.32 35.95
C SER A 298 11.51 -3.43 34.94
N THR A 299 12.28 -4.45 35.34
CA THR A 299 12.54 -5.54 34.41
CA THR A 299 12.56 -5.56 34.44
C THR A 299 11.26 -6.29 34.08
N ALA A 300 10.28 -6.31 34.99
CA ALA A 300 9.04 -6.99 34.70
C ALA A 300 8.25 -6.35 33.58
N GLN A 301 8.51 -5.07 33.27
CA GLN A 301 7.81 -4.42 32.17
C GLN A 301 8.39 -4.76 30.80
N ARG A 302 9.63 -5.25 30.75
CA ARG A 302 10.26 -5.53 29.47
C ARG A 302 9.53 -6.67 28.77
N ASN A 303 9.29 -6.50 27.47
CA ASN A 303 8.54 -7.42 26.62
C ASN A 303 7.09 -7.57 27.07
N LYS A 304 6.61 -6.74 28.01
CA LYS A 304 5.22 -6.79 28.46
C LYS A 304 4.45 -5.52 28.15
N VAL A 305 5.06 -4.53 27.51
CA VAL A 305 4.39 -3.29 27.16
C VAL A 305 5.09 -2.74 25.93
N SER A 306 4.34 -2.03 25.09
CA SER A 306 4.90 -1.28 23.98
C SER A 306 4.28 0.11 23.96
N PHE A 307 5.04 1.05 23.40
CA PHE A 307 4.69 2.47 23.39
C PHE A 307 4.48 2.86 21.92
N LEU A 308 3.23 3.09 21.56
CA LEU A 308 2.87 3.60 20.24
C LEU A 308 2.87 5.13 20.28
N GLN A 309 3.78 5.76 19.52
CA GLN A 309 3.80 7.21 19.35
C GLN A 309 3.46 7.51 17.90
N ILE A 310 2.25 7.99 17.67
CA ILE A 310 1.87 8.53 16.37
C ILE A 310 2.24 10.00 16.38
N ALA A 311 3.12 10.39 15.46
CA ALA A 311 3.71 11.74 15.49
C ALA A 311 3.71 12.32 14.09
N PRO A 312 2.56 12.83 13.62
CA PRO A 312 2.48 13.26 12.23
C PRO A 312 3.37 14.45 11.94
N PRO A 313 3.84 14.59 10.70
CA PRO A 313 4.57 15.80 10.30
C PRO A 313 3.75 17.04 10.59
N THR A 314 4.45 18.10 10.96
CA THR A 314 3.85 19.41 11.10
C THR A 314 4.88 20.45 10.71
N ARG A 315 4.49 21.46 9.93
CA ARG A 315 5.35 22.61 9.66
C ARG A 315 6.75 22.17 9.21
N ALA A 316 6.80 21.20 8.30
CA ALA A 316 8.05 20.48 8.04
C ALA A 316 9.07 21.30 7.27
N ASP A 317 8.67 22.44 6.70
CA ASP A 317 9.61 23.28 5.97
C ASP A 317 10.34 24.26 6.89
N MET A 318 10.27 24.05 8.19
CA MET A 318 10.91 24.90 9.18
C MET A 318 12.04 24.12 9.85
N HIS A 319 13.22 24.73 9.91
CA HIS A 319 14.40 24.09 10.48
C HIS A 319 14.14 23.60 11.90
N ALA A 320 13.44 24.40 12.71
CA ALA A 320 13.21 23.99 14.10
C ALA A 320 12.37 22.72 14.18
N TYR A 321 11.44 22.54 13.25
CA TYR A 321 10.66 21.31 13.25
C TYR A 321 11.47 20.15 12.71
N GLN A 322 12.33 20.39 11.72
CA GLN A 322 13.27 19.35 11.29
C GLN A 322 14.17 18.94 12.45
N ASP A 323 14.63 19.90 13.25
CA ASP A 323 15.54 19.60 14.36
C ASP A 323 14.88 18.69 15.39
N ILE A 324 13.68 19.06 15.85
CA ILE A 324 13.06 18.22 16.88
C ILE A 324 12.74 16.83 16.32
N ARG A 325 12.42 16.75 15.02
CA ARG A 325 12.20 15.42 14.45
C ARG A 325 13.46 14.58 14.53
N LEU A 326 14.61 15.16 14.14
CA LEU A 326 15.88 14.43 14.20
C LEU A 326 16.18 13.98 15.61
N GLN A 327 15.98 14.87 16.59
CA GLN A 327 16.28 14.51 17.96
C GLN A 327 15.43 13.32 18.41
N LEU A 328 14.14 13.37 18.10
CA LEU A 328 13.22 12.31 18.53
C LEU A 328 13.54 10.99 17.86
N GLU A 329 13.89 11.02 16.59
CA GLU A 329 14.20 9.79 15.88
C GLU A 329 15.44 9.12 16.46
N GLY A 330 16.44 9.90 16.86
CA GLY A 330 17.59 9.33 17.53
C GLY A 330 17.23 8.72 18.89
N GLU A 331 16.31 9.35 19.62
CA GLU A 331 15.80 8.77 20.87
C GLU A 331 15.17 7.41 20.64
N SER A 332 14.28 7.32 19.65
CA SER A 332 13.64 6.03 19.40
CA SER A 332 13.63 6.04 19.35
C SER A 332 14.68 4.97 19.04
N GLY A 333 15.70 5.33 18.25
CA GLY A 333 16.73 4.36 17.89
C GLY A 333 17.55 3.89 19.09
N ARG A 334 17.90 4.82 19.98
CA ARG A 334 18.67 4.43 21.15
C ARG A 334 17.86 3.50 22.05
N ILE A 335 16.63 3.88 22.35
CA ILE A 335 15.82 3.13 23.31
C ILE A 335 15.45 1.77 22.75
N ASN A 336 15.05 1.71 21.47
CA ASN A 336 14.79 0.42 20.87
C ASN A 336 16.03 -0.45 20.86
N GLY A 337 17.18 0.14 20.52
CA GLY A 337 18.41 -0.65 20.47
C GLY A 337 18.79 -1.23 21.81
N ARG A 338 18.53 -0.49 22.90
CA ARG A 338 18.93 -0.96 24.22
C ARG A 338 18.04 -2.08 24.73
N PHE A 339 16.75 -2.04 24.43
CA PHE A 339 15.80 -2.92 25.10
C PHE A 339 15.09 -3.91 24.19
N ALA A 340 15.17 -3.75 22.87
CA ALA A 340 14.47 -4.67 21.97
C ALA A 340 14.92 -6.12 22.12
N GLU A 341 14.02 -7.03 21.77
CA GLU A 341 14.31 -8.44 21.64
C GLU A 341 13.86 -8.85 20.24
N LEU A 342 14.21 -10.07 19.84
CA LEU A 342 13.83 -10.54 18.51
C LEU A 342 12.34 -10.43 18.25
N ASP A 343 11.51 -10.46 19.29
CA ASP A 343 10.07 -10.39 19.12
C ASP A 343 9.45 -9.15 19.77
N TRP A 344 10.24 -8.14 20.09
CA TRP A 344 9.72 -6.99 20.82
C TRP A 344 10.39 -5.71 20.34
N THR A 345 9.58 -4.79 19.83
CA THR A 345 10.03 -3.44 19.55
C THR A 345 9.41 -2.52 20.61
N PRO A 346 10.19 -1.97 21.54
CA PRO A 346 9.59 -1.18 22.63
C PRO A 346 8.80 0.04 22.18
N ILE A 347 9.34 0.86 21.28
CA ILE A 347 8.67 2.08 20.81
C ILE A 347 8.28 1.89 19.34
N LEU A 348 6.99 2.05 19.05
CA LEU A 348 6.46 2.00 17.69
C LEU A 348 6.22 3.45 17.28
N TYR A 349 7.18 4.00 16.54
CA TYR A 349 7.18 5.41 16.18
C TYR A 349 6.71 5.51 14.74
N ILE A 350 5.65 6.29 14.50
CA ILE A 350 5.05 6.38 13.17
C ILE A 350 4.88 7.86 12.84
N HIS A 351 5.56 8.32 11.80
CA HIS A 351 5.61 9.74 11.45
C HIS A 351 4.59 10.02 10.33
N LYS A 352 3.32 9.78 10.65
CA LYS A 352 2.22 9.88 9.68
C LYS A 352 0.93 10.30 10.39
N GLN A 353 0.01 10.90 9.63
CA GLN A 353 -1.29 11.28 10.15
C GLN A 353 -2.27 10.13 10.00
N TYR A 354 -3.22 10.06 10.93
CA TYR A 354 -4.28 9.06 10.91
C TYR A 354 -5.64 9.75 10.96
N GLU A 355 -6.65 9.04 10.46
CA GLU A 355 -8.01 9.50 10.62
C GLU A 355 -8.37 9.55 12.10
N ARG A 356 -9.12 10.60 12.48
CA ARG A 356 -9.50 10.77 13.86
C ARG A 356 -10.35 9.60 14.34
N SER A 357 -11.18 9.05 13.44
CA SER A 357 -12.00 7.89 13.79
C SER A 357 -11.14 6.67 14.10
N VAL A 358 -10.01 6.50 13.40
CA VAL A 358 -9.12 5.39 13.72
C VAL A 358 -8.42 5.64 15.06
N LEU A 359 -7.99 6.88 15.32
CA LEU A 359 -7.32 7.17 16.58
C LEU A 359 -8.25 6.90 17.76
N ALA A 360 -9.53 7.26 17.64
CA ALA A 360 -10.48 7.01 18.71
C ALA A 360 -10.61 5.52 18.98
N ALA A 361 -10.72 4.71 17.92
CA ALA A 361 -10.81 3.26 18.11
C ALA A 361 -9.58 2.70 18.81
N LEU A 362 -8.39 3.21 18.45
CA LEU A 362 -7.15 2.75 19.07
C LEU A 362 -7.01 3.24 20.51
N PHE A 363 -7.44 4.48 20.78
CA PHE A 363 -7.41 4.99 22.15
C PHE A 363 -8.11 4.01 23.10
N ARG A 364 -9.23 3.45 22.65
CA ARG A 364 -10.02 2.55 23.49
C ARG A 364 -9.29 1.26 23.82
N THR A 365 -8.27 0.88 23.05
CA THR A 365 -7.48 -0.31 23.35
C THR A 365 -6.23 -0.02 24.17
N ALA A 366 -5.91 1.25 24.44
CA ALA A 366 -4.66 1.62 25.09
C ALA A 366 -4.83 1.70 26.60
N HIS A 367 -4.03 0.90 27.32
CA HIS A 367 -4.08 0.90 28.79
C HIS A 367 -3.67 2.25 29.37
N VAL A 368 -2.84 2.99 28.64
CA VAL A 368 -2.35 4.28 29.11
C VAL A 368 -2.39 5.28 27.96
N GLY A 369 -3.03 6.41 28.20
CA GLY A 369 -2.94 7.57 27.31
C GLY A 369 -1.88 8.51 27.83
N TYR A 370 -0.87 8.75 27.02
CA TYR A 370 0.39 9.36 27.46
C TYR A 370 0.49 10.73 26.76
N VAL A 371 0.14 11.78 27.50
CA VAL A 371 -0.04 13.14 26.97
C VAL A 371 0.76 14.10 27.84
N THR A 372 2.00 14.42 27.45
CA THR A 372 2.91 15.17 28.34
C THR A 372 3.54 16.39 27.68
N PRO A 373 2.75 17.26 27.06
CA PRO A 373 3.34 18.45 26.41
C PRO A 373 4.05 19.34 27.42
N LEU A 374 5.13 19.96 26.97
CA LEU A 374 5.82 20.96 27.80
C LEU A 374 4.93 22.16 28.05
N ARG A 375 4.15 22.56 27.06
CA ARG A 375 3.14 23.62 27.15
C ARG A 375 2.09 23.32 26.11
N ASP A 376 0.83 23.52 26.46
CA ASP A 376 -0.25 23.21 25.53
C ASP A 376 -1.47 24.01 25.95
N GLY A 377 -2.05 24.75 25.00
CA GLY A 377 -3.20 25.57 25.35
C GLY A 377 -4.35 24.77 25.94
N MET A 378 -4.58 23.56 25.43
CA MET A 378 -5.62 22.70 25.99
C MET A 378 -5.19 21.25 25.93
N ASN A 379 -5.05 20.75 24.70
CA ASN A 379 -4.74 19.38 24.30
C ASN A 379 -6.03 18.57 24.17
N LEU A 380 -6.57 18.52 22.95
CA LEU A 380 -7.79 17.76 22.71
C LEU A 380 -7.54 16.26 22.78
N VAL A 381 -6.32 15.81 22.46
CA VAL A 381 -6.03 14.38 22.49
C VAL A 381 -6.27 13.82 23.88
N ALA A 382 -5.92 14.58 24.92
CA ALA A 382 -6.19 14.11 26.28
C ALA A 382 -7.69 13.89 26.50
N LYS A 383 -8.52 14.85 26.04
CA LYS A 383 -9.96 14.72 26.23
C LYS A 383 -10.53 13.60 25.37
N GLU A 384 -10.00 13.44 24.16
CA GLU A 384 -10.41 12.35 23.27
C GLU A 384 -10.01 10.98 23.83
N TYR A 385 -8.79 10.86 24.38
CA TYR A 385 -8.38 9.58 24.97
C TYR A 385 -9.36 9.16 26.06
N VAL A 386 -9.68 10.06 26.98
CA VAL A 386 -10.59 9.71 28.05
C VAL A 386 -11.96 9.34 27.49
N SER A 387 -12.46 10.13 26.54
CA SER A 387 -13.79 9.92 25.96
C SER A 387 -13.90 8.58 25.26
N ALA A 388 -12.80 8.08 24.68
CA ALA A 388 -12.85 6.84 23.90
C ALA A 388 -12.99 5.60 24.78
N GLN A 389 -12.68 5.71 26.08
CA GLN A 389 -12.52 4.52 26.91
C GLN A 389 -13.82 3.75 27.08
N ASP A 390 -13.68 2.45 27.19
CA ASP A 390 -14.81 1.59 27.60
C ASP A 390 -15.00 1.76 29.10
N PRO A 391 -16.15 2.29 29.55
CA PRO A 391 -16.32 2.49 30.99
C PRO A 391 -16.22 1.21 31.80
N GLU A 392 -16.50 0.05 31.19
CA GLU A 392 -16.33 -1.22 31.88
C GLU A 392 -14.86 -1.55 32.14
N ASN A 393 -13.93 -1.00 31.36
CA ASN A 393 -12.51 -1.30 31.52
C ASN A 393 -11.67 -0.15 30.98
N PRO A 394 -11.71 1.02 31.61
CA PRO A 394 -11.04 2.19 31.02
C PRO A 394 -9.55 2.25 31.33
N GLY A 395 -8.80 2.80 30.38
CA GLY A 395 -7.40 3.09 30.58
C GLY A 395 -7.19 4.32 31.46
N VAL A 396 -5.91 4.68 31.63
CA VAL A 396 -5.50 5.76 32.52
C VAL A 396 -4.82 6.85 31.70
N LEU A 397 -5.16 8.10 31.99
CA LEU A 397 -4.54 9.26 31.35
C LEU A 397 -3.38 9.75 32.21
N VAL A 398 -2.19 9.80 31.63
CA VAL A 398 -1.02 10.45 32.21
C VAL A 398 -0.88 11.80 31.52
N LEU A 399 -0.92 12.89 32.29
CA LEU A 399 -1.16 14.21 31.70
C LEU A 399 -0.23 15.26 32.28
N SER A 400 0.43 16.01 31.40
CA SER A 400 1.28 17.12 31.83
C SER A 400 0.47 18.19 32.55
N ARG A 401 0.99 18.65 33.70
CA ARG A 401 0.37 19.78 34.39
C ARG A 401 0.36 21.05 33.52
N PHE A 402 1.14 21.09 32.46
CA PHE A 402 1.18 22.29 31.61
C PHE A 402 0.26 22.20 30.41
N ALA A 403 -0.48 21.11 30.26
CA ALA A 403 -1.60 21.09 29.33
C ALA A 403 -2.78 21.81 29.95
N GLY A 404 -3.44 22.66 29.16
CA GLY A 404 -4.62 23.37 29.67
C GLY A 404 -5.69 22.42 30.19
N ALA A 405 -5.79 21.24 29.59
CA ALA A 405 -6.78 20.25 30.05
C ALA A 405 -6.53 19.81 31.50
N ALA A 406 -5.31 19.97 32.03
CA ALA A 406 -5.05 19.57 33.41
C ALA A 406 -5.82 20.42 34.41
N GLN A 407 -6.26 21.62 34.02
CA GLN A 407 -7.04 22.44 34.95
C GLN A 407 -8.41 21.83 35.25
N GLU A 408 -8.91 20.92 34.41
CA GLU A 408 -10.23 20.35 34.66
C GLU A 408 -10.24 18.84 34.80
N LEU A 409 -9.22 18.12 34.34
CA LEU A 409 -9.25 16.65 34.29
C LEU A 409 -8.64 16.08 35.56
N ASP A 410 -9.44 16.08 36.64
CA ASP A 410 -8.92 15.67 37.95
C ASP A 410 -8.53 14.19 38.01
N GLY A 411 -9.17 13.34 37.23
CA GLY A 411 -8.88 11.93 37.27
C GLY A 411 -7.62 11.50 36.56
N ALA A 412 -6.88 12.43 35.95
CA ALA A 412 -5.63 12.06 35.32
C ALA A 412 -4.52 11.94 36.37
N LEU A 413 -3.47 11.23 36.01
CA LEU A 413 -2.21 11.27 36.74
C LEU A 413 -1.41 12.44 36.20
N ILE A 414 -1.33 13.52 36.99
CA ILE A 414 -0.68 14.76 36.57
C ILE A 414 0.82 14.64 36.81
N VAL A 415 1.61 15.01 35.80
CA VAL A 415 3.06 14.89 35.89
C VAL A 415 3.69 16.20 35.42
N ASN A 416 4.91 16.41 35.88
CA ASN A 416 5.77 17.45 35.32
C ASN A 416 6.68 16.80 34.31
N PRO A 417 6.61 17.17 33.02
CA PRO A 417 7.41 16.45 32.00
C PRO A 417 8.91 16.57 32.19
N VAL A 418 9.41 17.61 32.85
CA VAL A 418 10.84 17.75 33.14
CA VAL A 418 10.86 17.65 33.03
C VAL A 418 11.34 16.65 34.07
N ASP A 419 10.43 16.07 34.87
CA ASP A 419 10.80 15.10 35.90
C ASP A 419 10.71 13.70 35.28
N ILE A 420 11.84 13.22 34.79
CA ILE A 420 11.84 11.95 34.06
C ILE A 420 11.41 10.81 34.97
N ASP A 421 11.91 10.79 36.21
CA ASP A 421 11.52 9.76 37.17
C ASP A 421 10.04 9.85 37.50
N GLY A 422 9.54 11.07 37.70
CA GLY A 422 8.11 11.25 37.98
C GLY A 422 7.23 10.73 36.87
N MET A 423 7.62 10.98 35.62
CA MET A 423 6.81 10.46 34.52
C MET A 423 6.88 8.95 34.44
N ALA A 424 8.07 8.36 34.67
CA ALA A 424 8.19 6.90 34.65
C ALA A 424 7.36 6.28 35.78
N GLU A 425 7.38 6.92 36.95
CA GLU A 425 6.57 6.40 38.07
C GLU A 425 5.09 6.48 37.74
N ALA A 426 4.67 7.54 37.03
CA ALA A 426 3.29 7.65 36.60
C ALA A 426 2.94 6.55 35.61
N LEU A 427 3.85 6.22 34.68
CA LEU A 427 3.59 5.12 33.75
C LEU A 427 3.38 3.81 34.51
N ALA A 428 4.22 3.54 35.50
CA ALA A 428 4.07 2.30 36.26
C ALA A 428 2.77 2.29 37.05
N ARG A 429 2.43 3.42 37.66
CA ARG A 429 1.17 3.54 38.40
C ARG A 429 -0.02 3.32 37.47
N ALA A 430 0.00 3.96 36.29
CA ALA A 430 -1.09 3.79 35.32
C ALA A 430 -1.24 2.34 34.90
N LEU A 431 -0.13 1.69 34.53
CA LEU A 431 -0.20 0.33 34.02
C LEU A 431 -0.77 -0.65 35.04
N ASP A 432 -0.51 -0.41 36.32
CA ASP A 432 -0.92 -1.35 37.37
C ASP A 432 -2.14 -0.88 38.14
N MET A 433 -2.75 0.24 37.76
CA MET A 433 -3.88 0.76 38.52
C MET A 433 -5.05 -0.23 38.52
N PRO A 434 -5.65 -0.51 39.67
CA PRO A 434 -6.78 -1.46 39.71
C PRO A 434 -8.03 -0.88 39.05
N LEU A 435 -8.90 -1.80 38.61
CA LEU A 435 -10.09 -1.44 37.84
C LEU A 435 -10.96 -0.39 38.55
N ALA A 436 -11.27 -0.62 39.83
CA ALA A 436 -12.18 0.27 40.53
C ALA A 436 -11.70 1.72 40.50
N GLU A 437 -10.39 1.92 40.66
CA GLU A 437 -9.88 3.29 40.63
C GLU A 437 -9.80 3.84 39.21
N ARG A 438 -9.45 2.99 38.23
CA ARG A 438 -9.51 3.44 36.84
C ARG A 438 -10.92 3.90 36.48
N GLN A 439 -11.94 3.17 36.95
CA GLN A 439 -13.32 3.51 36.64
C GLN A 439 -13.75 4.80 37.34
N ALA A 440 -13.41 4.95 38.62
CA ALA A 440 -13.74 6.18 39.34
C ALA A 440 -13.14 7.40 38.66
N ARG A 441 -11.89 7.32 38.23
CA ARG A 441 -11.25 8.46 37.57
C ARG A 441 -11.94 8.75 36.23
N HIS A 442 -12.19 7.71 35.44
CA HIS A 442 -12.86 7.89 34.16
C HIS A 442 -14.25 8.49 34.33
N ARG A 443 -15.00 7.99 35.32
CA ARG A 443 -16.34 8.51 35.57
C ARG A 443 -16.31 10.00 35.88
N ASP A 444 -15.44 10.42 36.79
CA ASP A 444 -15.36 11.83 37.13
C ASP A 444 -15.00 12.67 35.91
N MET A 445 -14.06 12.21 35.09
CA MET A 445 -13.66 13.02 33.94
C MET A 445 -14.77 13.10 32.91
N MET A 446 -15.52 12.01 32.71
CA MET A 446 -16.62 12.04 31.74
C MET A 446 -17.68 13.04 32.15
N VAL A 447 -17.98 13.13 33.44
CA VAL A 447 -18.91 14.16 33.93
C VAL A 447 -18.40 15.54 33.54
N GLN A 448 -17.11 15.81 33.81
CA GLN A 448 -16.53 17.11 33.48
C GLN A 448 -16.63 17.38 31.98
N LEU A 449 -16.19 16.42 31.17
CA LEU A 449 -16.21 16.60 29.72
C LEU A 449 -17.62 16.77 29.18
N ARG A 450 -18.61 16.10 29.77
CA ARG A 450 -19.99 16.23 29.30
C ARG A 450 -20.58 17.58 29.65
N GLU A 451 -20.35 18.06 30.87
CA GLU A 451 -20.92 19.33 31.28
C GLU A 451 -20.23 20.50 30.60
N ASN A 452 -19.02 20.31 30.12
CA ASN A 452 -18.23 21.39 29.53
C ASN A 452 -17.80 21.01 28.12
N ASN A 453 -18.79 20.63 27.31
CA ASN A 453 -18.53 20.14 25.96
C ASN A 453 -18.37 21.31 25.01
N VAL A 454 -18.06 20.99 23.74
CA VAL A 454 -17.72 22.05 22.79
C VAL A 454 -18.92 22.93 22.45
N SER A 455 -20.16 22.41 22.54
CA SER A 455 -21.32 23.25 22.29
CA SER A 455 -21.30 23.27 22.27
CA SER A 455 -21.34 23.24 22.29
C SER A 455 -21.50 24.29 23.39
N VAL A 456 -21.26 23.90 24.64
CA VAL A 456 -21.35 24.83 25.77
C VAL A 456 -20.32 25.93 25.62
N TRP A 457 -19.09 25.55 25.26
CA TRP A 457 -18.00 26.50 25.04
C TRP A 457 -18.40 27.54 24.01
N ARG A 458 -18.91 27.09 22.86
CA ARG A 458 -19.33 28.02 21.82
C ARG A 458 -20.44 28.93 22.33
N ASP A 459 -21.47 28.35 22.98
CA ASP A 459 -22.58 29.16 23.47
C ASP A 459 -22.12 30.19 24.49
N ASN A 460 -21.19 29.81 25.37
CA ASN A 460 -20.72 30.74 26.39
C ASN A 460 -20.00 31.92 25.77
N PHE A 461 -19.11 31.66 24.82
CA PHE A 461 -18.36 32.76 24.20
C PHE A 461 -19.30 33.66 23.42
N MET A 462 -20.20 33.06 22.64
CA MET A 462 -21.14 33.84 21.82
C MET A 462 -22.09 34.65 22.68
N ARG A 463 -22.53 34.09 23.81
CA ARG A 463 -23.38 34.84 24.73
C ARG A 463 -22.67 36.08 25.24
N ASP A 464 -21.40 35.95 25.61
CA ASP A 464 -20.65 37.10 26.11
C ASP A 464 -20.34 38.09 25.00
N LEU A 465 -20.09 37.60 23.78
CA LEU A 465 -19.75 38.48 22.68
C LEU A 465 -20.93 39.35 22.27
N GLN A 466 -22.14 38.77 22.28
CA GLN A 466 -23.32 39.52 21.90
C GLN A 466 -23.90 40.33 23.06
N GLY A 467 -23.45 40.10 24.28
CA GLY A 467 -23.94 40.86 25.42
C GLY A 467 -22.96 41.92 25.90
N GLY B 10 15.60 -32.32 -52.13
CA GLY B 10 14.19 -32.60 -52.34
C GLY B 10 13.29 -31.43 -51.97
N ARG B 11 12.12 -31.37 -52.58
CA ARG B 11 11.16 -30.29 -52.34
C ARG B 11 10.41 -30.54 -51.02
N LEU B 12 10.30 -29.50 -50.19
CA LEU B 12 9.62 -29.59 -48.92
C LEU B 12 8.13 -29.32 -49.09
N ILE B 13 7.31 -30.25 -48.62
CA ILE B 13 5.86 -30.14 -48.68
C ILE B 13 5.38 -29.91 -47.26
N ILE B 14 4.93 -28.70 -46.97
CA ILE B 14 4.26 -28.44 -45.70
C ILE B 14 2.79 -28.81 -45.84
N VAL B 15 2.26 -29.55 -44.87
CA VAL B 15 0.84 -29.83 -44.77
C VAL B 15 0.36 -29.33 -43.40
N SER B 16 -0.69 -28.51 -43.41
CA SER B 16 -1.29 -28.04 -42.16
C SER B 16 -2.75 -27.72 -42.45
N ASN B 17 -3.54 -27.59 -41.39
CA ASN B 17 -4.93 -27.17 -41.61
C ASN B 17 -4.96 -25.69 -41.96
N ARG B 18 -4.54 -24.83 -41.04
CA ARG B 18 -4.46 -23.40 -41.29
C ARG B 18 -3.28 -23.08 -42.20
N VAL B 19 -3.52 -22.29 -43.24
CA VAL B 19 -2.50 -21.86 -44.18
C VAL B 19 -2.43 -20.34 -44.13
N ALA B 20 -1.23 -19.78 -44.25
CA ALA B 20 -1.07 -18.34 -44.16
C ALA B 20 -1.93 -17.64 -45.21
N PRO B 21 -2.41 -16.41 -44.93
CA PRO B 21 -3.34 -15.72 -45.84
C PRO B 21 -2.71 -15.41 -47.19
N PRO B 27 -4.38 -9.81 -41.83
CA PRO B 27 -3.70 -10.31 -40.62
C PRO B 27 -4.47 -11.44 -39.96
N ALA B 28 -3.79 -12.52 -39.60
CA ALA B 28 -4.42 -13.65 -38.91
C ALA B 28 -3.67 -13.93 -37.62
N ALA B 29 -4.43 -14.27 -36.58
CA ALA B 29 -3.81 -14.62 -35.30
C ALA B 29 -3.57 -16.13 -35.27
N GLY B 30 -2.34 -16.51 -34.90
CA GLY B 30 -2.05 -17.93 -34.77
C GLY B 30 -0.60 -18.19 -35.10
N GLY B 31 0.11 -18.87 -34.19
CA GLY B 31 1.55 -19.01 -34.33
C GLY B 31 2.00 -20.02 -35.37
N LEU B 32 1.17 -21.04 -35.62
CA LEU B 32 1.53 -22.03 -36.65
C LEU B 32 1.73 -21.35 -38.00
N ALA B 33 0.77 -20.53 -38.43
CA ALA B 33 0.89 -19.92 -39.75
C ALA B 33 2.09 -18.99 -39.81
N VAL B 34 2.33 -18.26 -38.72
CA VAL B 34 3.47 -17.34 -38.67
C VAL B 34 4.78 -18.12 -38.74
N GLY B 35 4.90 -19.14 -37.90
CA GLY B 35 6.16 -19.85 -37.81
C GLY B 35 6.46 -20.66 -39.05
N VAL B 36 5.45 -21.38 -39.56
CA VAL B 36 5.65 -22.19 -40.76
C VAL B 36 6.03 -21.31 -41.95
N TYR B 37 5.37 -20.17 -42.10
CA TYR B 37 5.71 -19.31 -43.23
C TYR B 37 7.12 -18.73 -43.08
N ASP B 38 7.52 -18.34 -41.87
CA ASP B 38 8.89 -17.93 -41.63
C ASP B 38 9.87 -18.98 -42.12
N ALA B 39 9.60 -20.24 -41.78
CA ALA B 39 10.49 -21.35 -42.14
C ALA B 39 10.47 -21.63 -43.64
N LEU B 40 9.28 -21.62 -44.23
CA LEU B 40 9.13 -22.08 -45.61
C LEU B 40 9.66 -21.06 -46.61
N LYS B 41 9.59 -19.77 -46.29
CA LYS B 41 9.98 -18.76 -47.27
C LYS B 41 11.47 -18.78 -47.56
N GLU B 42 12.28 -19.30 -46.64
CA GLU B 42 13.72 -19.35 -46.88
C GLU B 42 14.08 -20.46 -47.86
N THR B 43 13.54 -21.66 -47.66
CA THR B 43 13.84 -22.78 -48.55
C THR B 43 12.96 -22.81 -49.79
N GLY B 44 11.75 -22.27 -49.72
CA GLY B 44 10.76 -22.52 -50.74
C GLY B 44 10.18 -23.90 -50.58
N GLY B 45 9.14 -24.18 -51.38
CA GLY B 45 8.47 -25.47 -51.34
C GLY B 45 6.98 -25.27 -51.56
N MET B 46 6.21 -26.25 -51.12
CA MET B 46 4.76 -26.22 -51.24
C MET B 46 4.13 -26.18 -49.86
N TRP B 47 3.07 -25.38 -49.72
CA TRP B 47 2.24 -25.37 -48.53
C TRP B 47 0.84 -25.83 -48.93
N PHE B 48 0.43 -27.00 -48.43
CA PHE B 48 -0.87 -27.59 -48.75
C PHE B 48 -1.77 -27.56 -47.52
N GLY B 49 -3.03 -27.18 -47.70
CA GLY B 49 -3.96 -27.23 -46.59
C GLY B 49 -5.31 -26.61 -46.92
N TRP B 50 -6.03 -26.27 -45.85
CA TRP B 50 -7.36 -25.68 -45.96
C TRP B 50 -7.29 -24.21 -46.36
N SER B 51 -8.14 -23.81 -47.31
CA SER B 51 -8.19 -22.41 -47.74
C SER B 51 -8.80 -21.49 -46.70
N GLY B 52 -9.47 -22.03 -45.69
CA GLY B 52 -10.22 -21.22 -44.76
C GLY B 52 -11.68 -21.05 -45.11
N ASP B 53 -12.12 -21.55 -46.25
CA ASP B 53 -13.49 -21.38 -46.70
C ASP B 53 -14.31 -22.64 -46.45
N VAL B 54 -15.60 -22.45 -46.20
CA VAL B 54 -16.53 -23.53 -45.93
C VAL B 54 -17.65 -23.47 -46.97
N LEU B 55 -17.94 -24.60 -47.61
CA LEU B 55 -18.92 -24.64 -48.68
C LEU B 55 -20.23 -25.26 -48.20
N SER B 56 -21.34 -24.57 -48.47
CA SER B 56 -22.67 -25.11 -48.22
CA SER B 56 -22.66 -25.13 -48.21
C SER B 56 -23.11 -26.12 -49.27
N SER B 57 -22.54 -26.05 -50.47
CA SER B 57 -22.89 -26.94 -51.56
C SER B 57 -21.75 -26.94 -52.58
N GLY B 58 -21.90 -27.77 -53.61
CA GLY B 58 -20.86 -27.94 -54.59
C GLY B 58 -19.79 -28.89 -54.10
N GLN B 59 -18.69 -28.96 -54.86
CA GLN B 59 -17.57 -29.81 -54.51
C GLN B 59 -16.29 -28.97 -54.41
N PRO B 60 -15.49 -29.14 -53.36
CA PRO B 60 -14.23 -28.40 -53.28
C PRO B 60 -13.31 -28.76 -54.44
N GLN B 61 -12.51 -27.78 -54.86
CA GLN B 61 -11.46 -28.01 -55.84
C GLN B 61 -10.18 -27.37 -55.34
N ILE B 62 -9.06 -28.09 -55.47
CA ILE B 62 -7.78 -27.53 -55.06
C ILE B 62 -7.44 -26.35 -55.96
N LYS B 63 -6.76 -25.37 -55.38
CA LYS B 63 -6.27 -24.20 -56.09
C LYS B 63 -4.77 -24.12 -55.87
N VAL B 64 -4.00 -24.10 -56.95
CA VAL B 64 -2.55 -24.05 -56.90
C VAL B 64 -2.11 -22.68 -57.37
N GLU B 65 -1.29 -22.00 -56.57
N GLU B 65 -1.31 -21.99 -56.56
CA GLU B 65 -0.81 -20.68 -56.90
CA GLU B 65 -0.80 -20.69 -56.96
C GLU B 65 0.62 -20.52 -56.42
C GLU B 65 0.61 -20.51 -56.43
N GLU B 66 1.48 -19.97 -57.28
CA GLU B 66 2.86 -19.70 -56.92
C GLU B 66 2.96 -18.28 -56.38
N ARG B 67 3.52 -18.14 -55.19
CA ARG B 67 3.80 -16.85 -54.57
C ARG B 67 5.28 -16.84 -54.24
N GLY B 68 6.10 -16.26 -55.10
CA GLY B 68 7.53 -16.31 -54.93
C GLY B 68 8.01 -17.75 -54.93
N PRO B 69 8.84 -18.11 -53.95
CA PRO B 69 9.35 -19.48 -53.88
C PRO B 69 8.38 -20.48 -53.28
N VAL B 70 7.18 -20.07 -52.86
CA VAL B 70 6.23 -20.97 -52.22
C VAL B 70 5.05 -21.22 -53.15
N THR B 71 4.70 -22.49 -53.30
CA THR B 71 3.49 -22.90 -54.00
C THR B 71 2.40 -23.23 -52.99
N PHE B 72 1.32 -22.46 -53.01
CA PHE B 72 0.19 -22.71 -52.14
C PHE B 72 -0.81 -23.61 -52.85
N ALA B 73 -1.21 -24.68 -52.18
CA ALA B 73 -2.20 -25.64 -52.71
C ALA B 73 -3.29 -25.76 -51.64
N THR B 74 -4.42 -25.09 -51.84
CA THR B 74 -5.40 -24.99 -50.78
C THR B 74 -6.78 -25.36 -51.31
N ILE B 75 -7.66 -25.74 -50.39
CA ILE B 75 -8.95 -26.30 -50.75
C ILE B 75 -9.95 -26.00 -49.64
N ALA B 76 -11.20 -25.77 -50.04
CA ALA B 76 -12.27 -25.54 -49.08
C ALA B 76 -12.70 -26.83 -48.40
N LEU B 77 -13.44 -26.68 -47.32
CA LEU B 77 -14.08 -27.79 -46.62
C LEU B 77 -15.58 -27.72 -46.81
N MET B 78 -16.20 -28.87 -47.11
CA MET B 78 -17.65 -28.96 -47.06
C MET B 78 -18.12 -28.65 -45.64
N ARG B 79 -19.33 -28.09 -45.53
CA ARG B 79 -19.88 -27.75 -44.22
C ARG B 79 -19.82 -28.94 -43.27
N ARG B 80 -20.20 -30.12 -43.76
CA ARG B 80 -20.22 -31.30 -42.88
C ARG B 80 -18.80 -31.67 -42.43
N ASP B 81 -17.83 -31.56 -43.34
CA ASP B 81 -16.46 -31.86 -42.97
C ASP B 81 -15.91 -30.84 -41.98
N TYR B 82 -16.24 -29.56 -42.21
CA TYR B 82 -15.85 -28.51 -41.27
C TYR B 82 -16.43 -28.77 -39.88
N ASP B 83 -17.71 -29.17 -39.80
CA ASP B 83 -18.32 -29.40 -38.50
C ASP B 83 -17.70 -30.60 -37.78
N GLN B 84 -17.44 -31.70 -38.50
CA GLN B 84 -17.00 -32.94 -37.85
C GLN B 84 -15.51 -32.91 -37.54
N TYR B 85 -14.71 -32.50 -38.52
CA TYR B 85 -13.26 -32.61 -38.43
C TYR B 85 -12.66 -31.42 -37.69
N TYR B 86 -13.10 -30.20 -38.01
CA TYR B 86 -12.46 -29.02 -37.44
C TYR B 86 -13.17 -28.53 -36.17
N ARG B 87 -14.43 -28.09 -36.28
CA ARG B 87 -15.15 -27.68 -35.08
C ARG B 87 -15.35 -28.85 -34.11
N GLY B 88 -15.50 -30.06 -34.64
CA GLY B 88 -15.83 -31.23 -33.84
C GLY B 88 -14.62 -31.86 -33.19
N PHE B 89 -14.03 -32.87 -33.83
CA PHE B 89 -13.00 -33.62 -33.13
C PHE B 89 -11.76 -32.76 -32.87
N SER B 90 -11.32 -31.95 -33.84
CA SER B 90 -10.10 -31.17 -33.61
C SER B 90 -10.26 -30.18 -32.47
N ASN B 91 -11.30 -29.34 -32.51
CA ASN B 91 -11.34 -28.24 -31.57
C ASN B 91 -12.28 -28.45 -30.41
N ALA B 92 -13.15 -29.46 -30.45
CA ALA B 92 -13.98 -29.74 -29.29
C ALA B 92 -13.49 -30.94 -28.49
N THR B 93 -12.61 -31.77 -29.07
CA THR B 93 -11.99 -32.87 -28.34
C THR B 93 -10.51 -32.64 -28.11
N LEU B 94 -9.72 -32.52 -29.19
CA LEU B 94 -8.26 -32.53 -29.07
C LEU B 94 -7.75 -31.25 -28.42
N TRP B 95 -8.18 -30.08 -28.92
CA TRP B 95 -7.69 -28.83 -28.34
C TRP B 95 -7.95 -28.75 -26.83
N PRO B 96 -9.18 -28.94 -26.32
CA PRO B 96 -9.34 -28.90 -24.86
C PRO B 96 -8.54 -29.97 -24.14
N ALA B 97 -8.52 -31.21 -24.66
CA ALA B 97 -7.84 -32.29 -23.95
C ALA B 97 -6.34 -32.05 -23.84
N PHE B 98 -5.70 -31.63 -24.92
CA PHE B 98 -4.26 -31.46 -24.94
C PHE B 98 -3.85 -30.20 -24.19
N HIS B 99 -4.77 -29.28 -23.95
CA HIS B 99 -4.53 -28.15 -23.09
C HIS B 99 -5.04 -28.38 -21.67
N TYR B 100 -5.16 -29.64 -21.26
CA TYR B 100 -5.47 -29.97 -19.86
C TYR B 100 -6.82 -29.42 -19.43
N ARG B 101 -7.79 -29.44 -20.34
CA ARG B 101 -9.14 -29.00 -20.02
C ARG B 101 -10.15 -30.11 -20.30
N ALA B 102 -10.04 -31.24 -19.59
CA ALA B 102 -10.97 -32.34 -19.85
C ALA B 102 -12.39 -31.94 -19.50
N ASP B 103 -12.57 -30.94 -18.64
CA ASP B 103 -13.90 -30.44 -18.34
C ASP B 103 -14.58 -29.83 -19.56
N LEU B 104 -13.81 -29.30 -20.50
CA LEU B 104 -14.39 -28.73 -21.71
C LEU B 104 -14.44 -29.72 -22.86
N LEU B 105 -13.76 -30.85 -22.73
CA LEU B 105 -13.77 -31.88 -23.76
C LEU B 105 -15.18 -32.36 -24.05
N GLN B 106 -15.53 -32.38 -25.33
CA GLN B 106 -16.72 -33.06 -25.82
C GLN B 106 -16.29 -34.11 -26.82
N TYR B 107 -17.01 -35.23 -26.87
CA TYR B 107 -16.65 -36.32 -27.75
C TYR B 107 -17.88 -36.85 -28.45
N ASP B 108 -17.77 -37.02 -29.77
CA ASP B 108 -18.86 -37.56 -30.56
C ASP B 108 -18.24 -38.52 -31.56
N ARG B 109 -18.67 -39.80 -31.51
CA ARG B 109 -18.14 -40.83 -32.37
C ARG B 109 -18.24 -40.45 -33.84
N HIS B 110 -19.38 -39.86 -34.21
CA HIS B 110 -19.61 -39.50 -35.60
C HIS B 110 -18.65 -38.39 -36.03
N ASP B 111 -18.32 -37.47 -35.13
CA ASP B 111 -17.34 -36.44 -35.46
C ASP B 111 -15.95 -37.05 -35.59
N PHE B 112 -15.61 -38.01 -34.73
CA PHE B 112 -14.32 -38.66 -34.82
C PHE B 112 -14.17 -39.42 -36.12
N GLU B 113 -15.23 -40.09 -36.57
CA GLU B 113 -15.16 -40.77 -37.86
C GLU B 113 -14.97 -39.77 -38.99
N GLY B 114 -15.65 -38.62 -38.92
CA GLY B 114 -15.47 -37.60 -39.95
C GLY B 114 -14.08 -36.98 -39.93
N TYR B 115 -13.51 -36.84 -38.73
CA TYR B 115 -12.12 -36.42 -38.61
C TYR B 115 -11.20 -37.38 -39.33
N TRP B 116 -11.40 -38.69 -39.13
CA TRP B 116 -10.61 -39.68 -39.86
C TRP B 116 -10.88 -39.60 -41.36
N ARG B 117 -12.16 -39.48 -41.75
CA ARG B 117 -12.52 -39.40 -43.16
C ARG B 117 -11.91 -38.19 -43.84
N VAL B 118 -11.93 -37.03 -43.18
CA VAL B 118 -11.40 -35.81 -43.81
C VAL B 118 -9.90 -35.89 -43.98
N ASN B 119 -9.20 -36.51 -43.03
CA ASN B 119 -7.76 -36.74 -43.17
C ASN B 119 -7.47 -37.58 -44.43
N ALA B 120 -8.22 -38.65 -44.64
CA ALA B 120 -7.99 -39.46 -45.84
C ALA B 120 -8.33 -38.68 -47.11
N TRP B 121 -9.39 -37.87 -47.06
CA TRP B 121 -9.78 -37.08 -48.24
C TRP B 121 -8.73 -36.03 -48.57
N LEU B 122 -8.22 -35.33 -47.55
CA LEU B 122 -7.15 -34.37 -47.77
C LEU B 122 -5.90 -35.05 -48.32
N ALA B 123 -5.53 -36.19 -47.75
CA ALA B 123 -4.38 -36.93 -48.27
C ALA B 123 -4.59 -37.28 -49.75
N GLN B 124 -5.80 -37.68 -50.12
CA GLN B 124 -6.09 -38.00 -51.52
C GLN B 124 -5.94 -36.76 -52.41
N GLN B 125 -6.26 -35.56 -51.91
CA GLN B 125 -6.04 -34.37 -52.72
C GLN B 125 -4.55 -34.07 -52.87
N LEU B 126 -3.74 -34.41 -51.87
CA LEU B 126 -2.31 -34.12 -51.95
C LEU B 126 -1.60 -35.08 -52.91
N VAL B 127 -2.02 -36.35 -52.92
CA VAL B 127 -1.26 -37.38 -53.64
C VAL B 127 -0.92 -37.00 -55.08
N PRO B 128 -1.85 -36.49 -55.91
CA PRO B 128 -1.49 -36.21 -57.31
C PRO B 128 -0.46 -35.11 -57.46
N LEU B 129 -0.23 -34.30 -56.43
CA LEU B 129 0.73 -33.20 -56.51
C LEU B 129 2.13 -33.61 -56.10
N LEU B 130 2.31 -34.81 -55.55
CA LEU B 130 3.57 -35.22 -54.99
C LEU B 130 4.55 -35.64 -56.06
N ARG B 131 5.83 -35.52 -55.72
CA ARG B 131 6.92 -36.08 -56.51
C ARG B 131 7.65 -37.11 -55.66
N GLU B 132 8.39 -37.99 -56.34
CA GLU B 132 8.94 -39.16 -55.68
C GLU B 132 10.00 -38.79 -54.65
N ASP B 133 10.69 -37.67 -54.82
CA ASP B 133 11.68 -37.22 -53.87
C ASP B 133 11.19 -36.09 -52.96
N ASP B 134 9.89 -35.77 -52.98
CA ASP B 134 9.37 -34.80 -52.02
C ASP B 134 9.55 -35.31 -50.59
N VAL B 135 9.67 -34.38 -49.65
CA VAL B 135 9.74 -34.66 -48.22
C VAL B 135 8.54 -33.96 -47.57
N ILE B 136 7.69 -34.73 -46.90
CA ILE B 136 6.41 -34.24 -46.42
C ILE B 136 6.51 -33.94 -44.94
N TRP B 137 6.12 -32.74 -44.53
CA TRP B 137 6.14 -32.33 -43.13
C TRP B 137 4.75 -31.88 -42.73
N VAL B 138 4.06 -32.69 -41.91
CA VAL B 138 2.67 -32.45 -41.49
C VAL B 138 2.69 -31.73 -40.16
N HIS B 139 1.80 -30.74 -39.98
CA HIS B 139 1.80 -29.89 -38.82
C HIS B 139 0.47 -29.92 -38.07
N ASP B 140 0.53 -30.36 -36.82
CA ASP B 140 -0.42 -30.10 -35.74
C ASP B 140 -1.60 -31.07 -35.66
N TYR B 141 -2.40 -30.88 -34.62
CA TYR B 141 -3.28 -31.92 -34.10
C TYR B 141 -4.41 -32.30 -35.03
N HIS B 142 -4.81 -31.41 -35.96
CA HIS B 142 -5.85 -31.77 -36.93
C HIS B 142 -5.47 -32.96 -37.78
N LEU B 143 -4.18 -33.22 -37.96
CA LEU B 143 -3.68 -34.10 -39.02
C LEU B 143 -2.88 -35.28 -38.46
N ILE B 144 -3.16 -35.67 -37.23
CA ILE B 144 -2.55 -36.87 -36.62
C ILE B 144 -2.71 -38.09 -37.52
N PRO B 145 -3.87 -38.36 -38.13
CA PRO B 145 -3.99 -39.55 -39.00
C PRO B 145 -3.35 -39.42 -40.37
N PHE B 146 -2.64 -38.33 -40.68
CA PHE B 146 -2.33 -38.02 -42.07
C PHE B 146 -1.31 -39.00 -42.66
N ALA B 147 -0.30 -39.38 -41.86
CA ALA B 147 0.71 -40.31 -42.40
C ALA B 147 0.08 -41.67 -42.69
N GLN B 148 -0.76 -42.15 -41.77
CA GLN B 148 -1.43 -43.42 -41.98
C GLN B 148 -2.28 -43.39 -43.26
N ALA B 149 -2.92 -42.25 -43.53
CA ALA B 149 -3.71 -42.14 -44.76
C ALA B 149 -2.83 -42.11 -46.01
N LEU B 150 -1.73 -41.35 -45.96
CA LEU B 150 -0.80 -41.29 -47.09
C LEU B 150 -0.24 -42.68 -47.41
N ARG B 151 0.22 -43.40 -46.38
CA ARG B 151 0.77 -44.74 -46.58
CA ARG B 151 0.78 -44.73 -46.62
C ARG B 151 -0.26 -45.66 -47.21
N ALA B 152 -1.50 -45.58 -46.74
CA ALA B 152 -2.55 -46.42 -47.32
C ALA B 152 -2.78 -46.07 -48.78
N ALA B 153 -2.50 -44.83 -49.18
CA ALA B 153 -2.60 -44.39 -50.56
C ALA B 153 -1.36 -44.68 -51.37
N GLY B 154 -0.41 -45.45 -50.84
CA GLY B 154 0.77 -45.84 -51.58
C GLY B 154 1.94 -44.88 -51.49
N VAL B 155 1.86 -43.87 -50.63
CA VAL B 155 2.90 -42.85 -50.58
C VAL B 155 4.14 -43.44 -49.89
N LYS B 156 5.29 -43.30 -50.55
CA LYS B 156 6.55 -43.81 -50.01
C LYS B 156 7.49 -42.73 -49.52
N ASN B 157 7.13 -41.46 -49.64
CA ASN B 157 8.02 -40.37 -49.24
C ASN B 157 8.26 -40.39 -47.74
N ARG B 158 9.39 -39.80 -47.32
CA ARG B 158 9.58 -39.49 -45.90
C ARG B 158 8.46 -38.58 -45.42
N ILE B 159 7.91 -38.87 -44.25
CA ILE B 159 6.81 -38.08 -43.69
C ILE B 159 7.13 -37.78 -42.23
N GLY B 160 7.18 -36.50 -41.89
CA GLY B 160 7.35 -36.12 -40.50
C GLY B 160 6.12 -35.40 -39.97
N PHE B 161 5.98 -35.36 -38.64
CA PHE B 161 4.91 -34.66 -37.94
C PHE B 161 5.50 -33.75 -36.88
N PHE B 162 4.97 -32.54 -36.77
CA PHE B 162 5.30 -31.66 -35.65
C PHE B 162 4.02 -31.22 -34.97
N LEU B 163 3.94 -31.45 -33.66
CA LEU B 163 2.81 -31.03 -32.85
C LEU B 163 3.09 -29.66 -32.24
N HIS B 164 2.27 -28.65 -32.58
CA HIS B 164 2.53 -27.30 -32.10
C HIS B 164 1.99 -27.08 -30.71
N ILE B 165 0.95 -27.82 -30.32
CA ILE B 165 0.31 -27.66 -29.03
C ILE B 165 0.98 -28.63 -28.06
N PRO B 166 0.71 -28.56 -26.75
CA PRO B 166 1.36 -29.49 -25.83
C PRO B 166 0.96 -30.93 -26.11
N PHE B 167 1.86 -31.87 -25.79
CA PHE B 167 1.42 -33.26 -25.70
C PHE B 167 1.10 -33.57 -24.24
N PRO B 168 -0.15 -33.86 -23.91
CA PRO B 168 -0.52 -33.99 -22.50
C PRO B 168 0.03 -35.26 -21.86
N ALA B 169 0.18 -35.17 -20.54
CA ALA B 169 0.47 -36.33 -19.70
C ALA B 169 -0.41 -37.50 -20.11
N SER B 170 0.16 -38.70 -20.08
CA SER B 170 -0.59 -39.87 -20.53
C SER B 170 -1.91 -40.04 -19.77
N GLN B 171 -1.92 -39.75 -18.46
CA GLN B 171 -3.17 -39.87 -17.69
C GLN B 171 -4.25 -38.92 -18.20
N VAL B 172 -3.84 -37.78 -18.72
CA VAL B 172 -4.77 -36.79 -19.25
C VAL B 172 -5.23 -37.18 -20.64
N LEU B 173 -4.32 -37.73 -21.46
CA LEU B 173 -4.68 -38.17 -22.80
C LEU B 173 -5.73 -39.28 -22.76
N LEU B 174 -5.71 -40.13 -21.73
CA LEU B 174 -6.69 -41.21 -21.60
C LEU B 174 -8.12 -40.70 -21.59
N ALA B 175 -8.35 -39.41 -21.29
CA ALA B 175 -9.70 -38.86 -21.34
C ALA B 175 -10.26 -38.86 -22.76
N VAL B 176 -9.40 -38.81 -23.77
CA VAL B 176 -9.80 -38.88 -25.18
C VAL B 176 -10.12 -40.33 -25.49
N PRO B 177 -11.37 -40.71 -25.73
CA PRO B 177 -11.71 -42.13 -25.85
C PRO B 177 -10.91 -42.85 -26.93
N PRO B 178 -10.70 -42.26 -28.15
CA PRO B 178 -9.86 -42.97 -29.13
C PRO B 178 -8.37 -42.67 -29.03
N HIS B 179 -7.87 -42.48 -27.80
CA HIS B 179 -6.45 -42.18 -27.62
C HIS B 179 -5.55 -43.23 -28.27
N ARG B 180 -5.93 -44.51 -28.18
CA ARG B 180 -5.06 -45.55 -28.73
CA ARG B 180 -5.07 -45.56 -28.73
C ARG B 180 -4.97 -45.45 -30.25
N GLU B 181 -6.07 -45.19 -30.93
CA GLU B 181 -6.01 -45.06 -32.38
C GLU B 181 -5.23 -43.81 -32.78
N LEU B 182 -5.31 -42.75 -31.99
CA LEU B 182 -4.53 -41.55 -32.29
C LEU B 182 -3.03 -41.83 -32.17
N VAL B 183 -2.61 -42.47 -31.08
CA VAL B 183 -1.16 -42.66 -30.91
C VAL B 183 -0.64 -43.66 -31.92
N GLU B 184 -1.41 -44.72 -32.21
CA GLU B 184 -1.00 -45.65 -33.26
C GLU B 184 -0.85 -44.92 -34.59
N ALA B 185 -1.75 -44.02 -34.90
CA ALA B 185 -1.64 -43.24 -36.14
C ALA B 185 -0.37 -42.39 -36.13
N LEU B 186 -0.04 -41.78 -34.97
CA LEU B 186 1.23 -41.05 -34.86
C LEU B 186 2.42 -41.92 -35.24
N CYS B 187 2.36 -43.21 -34.93
CA CYS B 187 3.48 -44.09 -35.19
C CYS B 187 3.63 -44.48 -36.65
N SER B 188 2.74 -44.01 -37.54
CA SER B 188 2.97 -44.18 -38.98
C SER B 188 3.92 -43.13 -39.54
N PHE B 189 4.20 -42.05 -38.81
CA PHE B 189 5.18 -41.07 -39.24
C PHE B 189 6.59 -41.63 -39.11
N ASP B 190 7.50 -41.13 -39.95
CA ASP B 190 8.90 -41.51 -39.80
C ASP B 190 9.53 -40.82 -38.61
N LEU B 191 9.14 -39.58 -38.34
CA LEU B 191 9.71 -38.76 -37.27
C LEU B 191 8.61 -37.94 -36.63
N LEU B 192 8.58 -37.92 -35.30
CA LEU B 192 7.64 -37.10 -34.53
C LEU B 192 8.41 -35.99 -33.83
N GLY B 193 7.88 -34.78 -33.91
CA GLY B 193 8.50 -33.65 -33.26
C GLY B 193 7.51 -32.99 -32.30
N PHE B 194 7.96 -32.70 -31.09
CA PHE B 194 7.20 -31.99 -30.09
C PHE B 194 7.93 -30.70 -29.73
N GLN B 195 7.21 -29.78 -29.09
CA GLN B 195 7.80 -28.48 -28.78
C GLN B 195 8.92 -28.58 -27.74
N THR B 196 8.69 -29.33 -26.66
CA THR B 196 9.57 -29.27 -25.49
C THR B 196 9.81 -30.67 -24.92
N ALA B 197 10.86 -30.78 -24.11
CA ALA B 197 11.19 -32.07 -23.48
C ALA B 197 10.03 -32.66 -22.68
N PRO B 198 9.25 -31.90 -21.88
CA PRO B 198 8.10 -32.53 -21.21
C PRO B 198 7.06 -33.09 -22.18
N ASP B 199 6.88 -32.47 -23.36
CA ASP B 199 5.96 -33.02 -24.33
C ASP B 199 6.44 -34.38 -24.81
N LEU B 200 7.72 -34.46 -25.16
CA LEU B 200 8.29 -35.72 -25.60
C LEU B 200 8.21 -36.77 -24.50
N ARG B 201 8.44 -36.35 -23.26
CA ARG B 201 8.37 -37.29 -22.14
CA ARG B 201 8.37 -37.29 -22.14
C ARG B 201 6.95 -37.83 -21.96
N ALA B 202 5.94 -36.96 -22.11
CA ALA B 202 4.56 -37.40 -21.97
C ALA B 202 4.21 -38.40 -23.06
N PHE B 203 4.67 -38.16 -24.30
CA PHE B 203 4.46 -39.12 -25.38
C PHE B 203 5.10 -40.46 -25.05
N CYS B 204 6.36 -40.44 -24.60
CA CYS B 204 7.03 -41.69 -24.27
C CYS B 204 6.35 -42.40 -23.12
N ASP B 205 5.88 -41.64 -22.13
CA ASP B 205 5.15 -42.22 -21.00
C ASP B 205 3.92 -42.99 -21.47
N TYR B 206 3.18 -42.44 -22.44
CA TYR B 206 2.05 -43.19 -23.01
C TYR B 206 2.54 -44.46 -23.71
N ILE B 207 3.54 -44.32 -24.58
CA ILE B 207 4.05 -45.49 -25.31
C ILE B 207 4.40 -46.62 -24.34
N VAL B 208 5.10 -46.28 -23.26
CA VAL B 208 5.61 -47.33 -22.37
C VAL B 208 4.49 -47.85 -21.46
N ASN B 209 3.67 -46.98 -20.90
CA ASN B 209 2.73 -47.38 -19.86
C ASN B 209 1.32 -47.66 -20.35
N GLU B 210 0.96 -47.20 -21.55
CA GLU B 210 -0.36 -47.43 -22.11
C GLU B 210 -0.37 -48.26 -23.40
N ALA B 211 0.65 -48.16 -24.23
CA ALA B 211 0.70 -48.91 -25.49
C ALA B 211 1.65 -50.09 -25.46
N ASN B 212 2.27 -50.37 -24.31
CA ASN B 212 3.14 -51.54 -24.14
C ASN B 212 4.35 -51.49 -25.10
N GLY B 213 4.82 -50.29 -25.44
CA GLY B 213 5.94 -50.13 -26.35
C GLY B 213 7.21 -49.72 -25.63
N THR B 214 8.18 -49.23 -26.41
CA THR B 214 9.46 -48.84 -25.84
C THR B 214 9.95 -47.54 -26.47
N ALA B 215 10.79 -46.83 -25.71
CA ALA B 215 11.40 -45.58 -26.14
C ALA B 215 12.86 -45.59 -25.67
N ASP B 216 13.80 -45.64 -26.62
CA ASP B 216 15.20 -45.75 -26.26
C ASP B 216 15.99 -44.54 -26.74
N PRO B 217 17.00 -44.12 -25.98
CA PRO B 217 17.88 -43.04 -26.46
C PRO B 217 18.68 -43.47 -27.67
N SER B 218 19.25 -42.47 -28.36
CA SER B 218 20.11 -42.73 -29.50
C SER B 218 21.24 -41.71 -29.53
N ALA B 219 22.40 -42.15 -30.01
CA ALA B 219 23.55 -41.25 -30.12
C ALA B 219 23.28 -40.13 -31.11
N SER B 220 22.51 -40.40 -32.17
CA SER B 220 22.19 -39.37 -33.15
C SER B 220 21.50 -38.18 -32.50
N GLY B 221 20.54 -38.44 -31.61
CA GLY B 221 19.76 -37.39 -31.01
C GLY B 221 18.35 -37.83 -30.68
N PRO B 222 17.55 -38.12 -31.71
CA PRO B 222 16.16 -38.52 -31.46
C PRO B 222 16.06 -39.89 -30.83
N LEU B 223 15.05 -40.05 -29.98
CA LEU B 223 14.72 -41.35 -29.43
C LEU B 223 14.26 -42.29 -30.54
N THR B 224 14.37 -43.58 -30.28
CA THR B 224 13.79 -44.59 -31.14
C THR B 224 12.57 -45.19 -30.46
N ILE B 225 11.45 -45.20 -31.18
CA ILE B 225 10.16 -45.67 -30.64
C ILE B 225 9.82 -47.01 -31.28
N HIS B 226 9.39 -47.96 -30.47
CA HIS B 226 8.80 -49.20 -30.94
C HIS B 226 7.43 -49.35 -30.31
N ALA B 227 6.39 -49.41 -31.14
CA ALA B 227 5.02 -49.51 -30.66
C ALA B 227 4.13 -49.90 -31.84
N PHE B 228 3.11 -50.72 -31.56
CA PHE B 228 2.12 -51.12 -32.57
C PHE B 228 2.81 -51.75 -33.78
N GLY B 229 3.87 -52.52 -33.52
CA GLY B 229 4.64 -53.16 -34.57
C GLY B 229 5.47 -52.23 -35.44
N ARG B 230 5.48 -50.94 -35.17
CA ARG B 230 6.20 -49.97 -35.98
CA ARG B 230 6.19 -49.95 -35.97
C ARG B 230 7.46 -49.48 -35.26
N THR B 231 8.40 -48.95 -36.05
CA THR B 231 9.58 -48.30 -35.53
CA THR B 231 9.60 -48.32 -35.56
C THR B 231 9.70 -46.91 -36.15
N LEU B 232 9.96 -45.92 -35.30
CA LEU B 232 10.06 -44.52 -35.73
C LEU B 232 10.94 -43.77 -34.73
N ARG B 233 11.06 -42.47 -34.95
N ARG B 233 11.09 -42.48 -34.99
CA ARG B 233 11.87 -41.64 -34.09
CA ARG B 233 11.91 -41.59 -34.16
C ARG B 233 11.07 -40.43 -33.62
C ARG B 233 11.05 -40.47 -33.61
N ALA B 234 11.47 -39.89 -32.48
CA ALA B 234 10.77 -38.78 -31.86
C ALA B 234 11.77 -37.90 -31.10
N ALA B 235 11.55 -36.59 -31.15
CA ALA B 235 12.41 -35.66 -30.44
C ALA B 235 11.65 -34.36 -30.22
N ALA B 236 12.28 -33.43 -29.49
CA ALA B 236 11.72 -32.11 -29.26
C ALA B 236 12.44 -31.08 -30.12
N TYR B 237 11.67 -30.17 -30.72
CA TYR B 237 12.23 -29.10 -31.55
C TYR B 237 11.45 -27.83 -31.24
N PRO B 238 11.95 -26.97 -30.35
CA PRO B 238 11.14 -25.80 -29.95
C PRO B 238 11.11 -24.76 -31.08
N ILE B 239 9.91 -24.42 -31.53
CA ILE B 239 9.79 -23.47 -32.64
C ILE B 239 10.26 -22.10 -32.19
N GLY B 240 10.93 -21.37 -33.08
CA GLY B 240 11.47 -20.09 -32.70
C GLY B 240 10.97 -18.95 -33.56
N VAL B 241 11.71 -17.83 -33.55
CA VAL B 241 11.35 -16.66 -34.32
C VAL B 241 12.60 -16.17 -35.07
N TYR B 242 12.45 -15.08 -35.79
CA TYR B 242 13.61 -14.33 -36.27
C TYR B 242 13.73 -13.11 -35.38
N PRO B 243 14.50 -13.17 -34.29
CA PRO B 243 14.46 -12.06 -33.32
C PRO B 243 14.97 -10.74 -33.86
N ASP B 244 16.03 -10.74 -34.68
CA ASP B 244 16.55 -9.46 -35.16
C ASP B 244 15.68 -8.86 -36.25
N GLU B 245 14.95 -9.70 -37.00
CA GLU B 245 13.94 -9.19 -37.92
C GLU B 245 12.79 -8.53 -37.18
N ILE B 246 12.37 -9.13 -36.07
CA ILE B 246 11.30 -8.52 -35.28
C ILE B 246 11.76 -7.21 -34.68
N ALA B 247 13.01 -7.16 -34.19
CA ALA B 247 13.52 -5.92 -33.60
C ALA B 247 13.52 -4.79 -34.63
N GLU B 248 13.98 -5.08 -35.85
CA GLU B 248 13.98 -4.08 -36.91
C GLU B 248 12.56 -3.64 -37.26
N LEU B 249 11.64 -4.61 -37.32
CA LEU B 249 10.23 -4.28 -37.57
C LEU B 249 9.68 -3.38 -36.48
N ALA B 250 9.94 -3.73 -35.20
CA ALA B 250 9.46 -2.91 -34.09
C ALA B 250 10.06 -1.51 -34.13
N LYS B 251 11.35 -1.42 -34.45
CA LYS B 251 12.00 -0.12 -34.54
C LYS B 251 11.41 0.71 -35.69
N ALA B 252 11.14 0.07 -36.83
CA ALA B 252 10.66 0.80 -37.99
C ALA B 252 9.29 1.44 -37.76
N GLY B 253 8.54 0.99 -36.74
CA GLY B 253 7.29 1.60 -36.39
C GLY B 253 7.33 2.61 -35.27
N GLU B 254 8.52 3.01 -34.79
CA GLU B 254 8.58 3.82 -33.58
C GLU B 254 8.01 5.22 -33.78
N ARG B 255 7.95 5.70 -35.03
CA ARG B 255 7.31 6.98 -35.32
C ARG B 255 5.98 6.80 -36.05
N GLY B 256 5.40 5.58 -36.01
CA GLY B 256 4.16 5.32 -36.69
C GLY B 256 2.95 5.76 -35.90
N LYS B 257 1.80 5.78 -36.59
CA LYS B 257 0.57 6.28 -35.95
C LYS B 257 0.12 5.43 -34.77
N PRO B 258 0.09 4.09 -34.84
CA PRO B 258 -0.29 3.33 -33.63
C PRO B 258 0.55 3.67 -32.41
N VAL B 259 1.88 3.69 -32.55
CA VAL B 259 2.75 4.02 -31.42
C VAL B 259 2.52 5.45 -30.97
N ARG B 260 2.40 6.39 -31.91
CA ARG B 260 2.21 7.78 -31.54
C ARG B 260 0.90 7.97 -30.76
N THR B 261 -0.19 7.38 -31.25
CA THR B 261 -1.46 7.61 -30.56
C THR B 261 -1.54 6.80 -29.26
N MET B 262 -0.84 5.67 -29.18
CA MET B 262 -0.76 4.94 -27.92
C MET B 262 -0.05 5.78 -26.86
N LYS B 263 1.05 6.41 -27.23
CA LYS B 263 1.76 7.24 -26.26
C LYS B 263 0.93 8.45 -25.86
N ALA B 264 0.23 9.06 -26.81
CA ALA B 264 -0.60 10.22 -26.48
C ALA B 264 -1.70 9.81 -25.50
N THR B 265 -2.33 8.66 -25.75
CA THR B 265 -3.39 8.18 -24.85
C THR B 265 -2.86 7.88 -23.45
N LEU B 266 -1.69 7.26 -23.37
CA LEU B 266 -1.15 6.90 -22.07
C LEU B 266 -0.66 8.11 -21.28
N HIS B 267 -0.23 9.16 -21.99
CA HIS B 267 0.57 10.28 -21.49
C HIS B 267 1.34 9.97 -20.21
N SER B 268 2.42 9.21 -20.37
CA SER B 268 3.44 8.86 -19.39
C SER B 268 3.02 7.75 -18.43
N ARG B 269 1.77 7.28 -18.46
CA ARG B 269 1.45 6.06 -17.70
C ARG B 269 2.18 4.87 -18.29
N LYS B 270 2.55 3.91 -17.45
CA LYS B 270 3.22 2.74 -17.97
C LYS B 270 2.20 1.80 -18.62
N LEU B 271 2.70 0.93 -19.48
CA LEU B 271 1.88 0.07 -20.32
C LEU B 271 2.21 -1.39 -20.04
N ILE B 272 1.20 -2.14 -19.62
CA ILE B 272 1.24 -3.60 -19.65
C ILE B 272 0.53 -4.05 -20.91
N MET B 273 1.16 -4.91 -21.70
CA MET B 273 0.57 -5.30 -22.97
C MET B 273 0.47 -6.81 -23.09
N SER B 274 -0.66 -7.29 -23.60
CA SER B 274 -0.94 -8.68 -23.90
C SER B 274 -1.54 -8.79 -25.29
N VAL B 275 -1.20 -9.86 -26.00
CA VAL B 275 -1.80 -10.20 -27.30
C VAL B 275 -2.11 -11.69 -27.29
N ASP B 276 -3.41 -12.05 -27.38
CA ASP B 276 -3.83 -13.45 -27.29
C ASP B 276 -5.10 -13.66 -28.10
N ARG B 277 -5.14 -14.67 -28.97
CA ARG B 277 -6.45 -15.18 -29.37
C ARG B 277 -7.30 -15.36 -28.12
N LEU B 278 -8.58 -14.99 -28.19
CA LEU B 278 -9.45 -15.10 -27.01
C LEU B 278 -9.84 -16.58 -26.87
N ASP B 279 -8.85 -17.37 -26.45
CA ASP B 279 -8.94 -18.81 -26.25
C ASP B 279 -8.94 -19.09 -24.75
N TYR B 280 -9.72 -20.09 -24.31
CA TYR B 280 -9.69 -20.43 -22.89
C TYR B 280 -8.33 -20.97 -22.45
N SER B 281 -7.49 -21.39 -23.39
CA SER B 281 -6.14 -21.84 -23.02
C SER B 281 -5.27 -20.70 -22.51
N LYS B 282 -5.64 -19.45 -22.78
CA LYS B 282 -4.72 -18.33 -22.59
C LYS B 282 -4.74 -17.72 -21.19
N GLY B 283 -5.54 -18.26 -20.27
CA GLY B 283 -5.56 -17.77 -18.90
C GLY B 283 -5.98 -16.32 -18.75
N LEU B 284 -6.89 -15.84 -19.58
CA LEU B 284 -7.15 -14.41 -19.65
C LEU B 284 -7.94 -13.93 -18.43
N VAL B 285 -8.83 -14.75 -17.88
CA VAL B 285 -9.54 -14.34 -16.68
C VAL B 285 -8.59 -14.22 -15.51
N GLU B 286 -7.70 -15.21 -15.33
CA GLU B 286 -6.74 -15.12 -14.23
C GLU B 286 -5.84 -13.91 -14.41
N ARG B 287 -5.44 -13.65 -15.65
CA ARG B 287 -4.59 -12.52 -15.98
C ARG B 287 -5.26 -11.20 -15.62
N PHE B 288 -6.54 -11.04 -15.95
CA PHE B 288 -7.24 -9.81 -15.57
C PHE B 288 -7.34 -9.71 -14.06
N ARG B 289 -7.61 -10.83 -13.39
CA ARG B 289 -7.77 -10.79 -11.95
C ARG B 289 -6.46 -10.42 -11.24
N ALA B 290 -5.32 -10.80 -11.79
CA ALA B 290 -4.05 -10.40 -11.15
C ALA B 290 -3.78 -8.92 -11.38
N PHE B 291 -4.17 -8.37 -12.53
CA PHE B 291 -4.07 -6.93 -12.70
C PHE B 291 -4.99 -6.22 -11.71
N GLU B 292 -6.20 -6.73 -11.51
CA GLU B 292 -7.09 -6.17 -10.52
C GLU B 292 -6.46 -6.22 -9.13
N ARG B 293 -5.79 -7.34 -8.81
CA ARG B 293 -5.18 -7.50 -7.49
C ARG B 293 -4.02 -6.52 -7.32
N LEU B 294 -3.25 -6.28 -8.38
CA LEU B 294 -2.23 -5.25 -8.34
C LEU B 294 -2.83 -3.90 -7.95
N LEU B 295 -3.96 -3.55 -8.57
CA LEU B 295 -4.58 -2.25 -8.28
C LEU B 295 -5.18 -2.21 -6.88
N GLU B 296 -5.71 -3.34 -6.40
CA GLU B 296 -6.22 -3.38 -5.03
C GLU B 296 -5.14 -3.08 -4.01
N HIS B 297 -3.94 -3.63 -4.22
CA HIS B 297 -2.91 -3.60 -3.20
C HIS B 297 -1.94 -2.44 -3.35
N SER B 298 -1.85 -1.84 -4.52
CA SER B 298 -0.90 -0.75 -4.77
CA SER B 298 -0.90 -0.76 -4.78
C SER B 298 -1.68 0.47 -5.22
N THR B 299 -2.00 1.37 -4.28
CA THR B 299 -2.64 2.61 -4.70
C THR B 299 -1.71 3.44 -5.57
N ALA B 300 -0.40 3.32 -5.35
CA ALA B 300 0.57 4.06 -6.15
C ALA B 300 0.49 3.74 -7.64
N GLN B 301 -0.04 2.57 -8.00
CA GLN B 301 -0.17 2.20 -9.40
C GLN B 301 -1.43 2.75 -10.05
N ARG B 302 -2.45 3.10 -9.28
CA ARG B 302 -3.70 3.57 -9.88
C ARG B 302 -3.45 4.86 -10.65
N ASN B 303 -4.02 4.94 -11.85
CA ASN B 303 -3.85 6.06 -12.77
C ASN B 303 -2.41 6.22 -13.23
N LYS B 304 -1.53 5.25 -12.93
CA LYS B 304 -0.14 5.31 -13.38
C LYS B 304 0.22 4.17 -14.33
N VAL B 305 -0.71 3.26 -14.61
CA VAL B 305 -0.47 2.14 -15.51
C VAL B 305 -1.79 1.82 -16.19
N SER B 306 -1.70 1.32 -17.41
CA SER B 306 -2.86 0.76 -18.10
C SER B 306 -2.47 -0.55 -18.74
N PHE B 307 -3.46 -1.42 -18.88
CA PHE B 307 -3.29 -2.77 -19.37
C PHE B 307 -4.02 -2.88 -20.72
N LEU B 308 -3.26 -3.00 -21.80
CA LEU B 308 -3.80 -3.24 -23.13
C LEU B 308 -3.87 -4.75 -23.38
N GLN B 309 -5.10 -5.28 -23.55
CA GLN B 309 -5.30 -6.67 -23.96
C GLN B 309 -5.90 -6.64 -25.35
N ILE B 310 -5.08 -6.96 -26.35
CA ILE B 310 -5.59 -7.23 -27.68
C ILE B 310 -5.96 -8.72 -27.72
N ALA B 311 -7.24 -9.00 -27.96
CA ALA B 311 -7.76 -10.37 -27.87
C ALA B 311 -8.63 -10.68 -29.08
N PRO B 312 -8.02 -11.04 -30.21
CA PRO B 312 -8.79 -11.21 -31.44
C PRO B 312 -9.75 -12.38 -31.35
N PRO B 313 -10.88 -12.32 -32.06
CA PRO B 313 -11.79 -13.47 -32.16
C PRO B 313 -11.05 -14.70 -32.66
N THR B 314 -11.47 -15.85 -32.15
CA THR B 314 -10.95 -17.12 -32.62
C THR B 314 -12.07 -18.15 -32.47
N ARG B 315 -12.24 -18.97 -33.49
CA ARG B 315 -13.19 -20.11 -33.45
C ARG B 315 -14.55 -19.69 -32.88
N ALA B 316 -15.05 -18.54 -33.37
CA ALA B 316 -16.16 -17.89 -32.68
C ALA B 316 -17.50 -18.57 -32.87
N ASP B 317 -17.61 -19.54 -33.78
CA ASP B 317 -18.85 -20.30 -33.93
C ASP B 317 -18.91 -21.50 -33.00
N MET B 318 -18.05 -21.53 -31.99
CA MET B 318 -18.06 -22.59 -30.99
C MET B 318 -18.54 -22.05 -29.66
N HIS B 319 -19.45 -22.79 -29.01
CA HIS B 319 -20.02 -22.36 -27.74
C HIS B 319 -18.94 -22.08 -26.69
N ALA B 320 -17.92 -22.94 -26.60
CA ALA B 320 -16.92 -22.75 -25.54
C ALA B 320 -16.11 -21.48 -25.75
N TYR B 321 -15.93 -21.06 -27.01
CA TYR B 321 -15.24 -19.80 -27.23
C TYR B 321 -16.15 -18.60 -26.94
N GLN B 322 -17.45 -18.70 -27.21
N GLN B 322 -17.43 -18.73 -27.26
CA GLN B 322 -18.29 -17.58 -26.84
CA GLN B 322 -18.42 -17.72 -26.89
C GLN B 322 -18.45 -17.49 -25.33
C GLN B 322 -18.43 -17.53 -25.37
N ASP B 323 -18.41 -18.63 -24.62
CA ASP B 323 -18.45 -18.59 -23.17
C ASP B 323 -17.24 -17.86 -22.60
N ILE B 324 -16.03 -18.23 -23.05
CA ILE B 324 -14.86 -17.55 -22.45
C ILE B 324 -14.86 -16.07 -22.83
N ARG B 325 -15.38 -15.71 -24.00
CA ARG B 325 -15.43 -14.29 -24.34
C ARG B 325 -16.36 -13.55 -23.37
N LEU B 326 -17.53 -14.13 -23.10
CA LEU B 326 -18.47 -13.52 -22.17
C LEU B 326 -17.86 -13.35 -20.78
N GLN B 327 -17.15 -14.38 -20.30
CA GLN B 327 -16.56 -14.27 -18.97
C GLN B 327 -15.54 -13.15 -18.92
N LEU B 328 -14.67 -13.08 -19.92
CA LEU B 328 -13.61 -12.07 -19.92
C LEU B 328 -14.18 -10.67 -20.02
N GLU B 329 -15.21 -10.49 -20.86
CA GLU B 329 -15.82 -9.18 -21.01
C GLU B 329 -16.45 -8.72 -19.71
N GLY B 330 -17.05 -9.66 -18.95
CA GLY B 330 -17.54 -9.33 -17.62
C GLY B 330 -16.44 -8.91 -16.67
N GLU B 331 -15.28 -9.59 -16.74
CA GLU B 331 -14.11 -9.21 -15.95
C GLU B 331 -13.67 -7.78 -16.27
N SER B 332 -13.52 -7.46 -17.56
CA SER B 332 -13.08 -6.12 -17.91
CA SER B 332 -13.11 -6.11 -17.95
C SER B 332 -14.04 -5.06 -17.36
N GLY B 333 -15.35 -5.30 -17.45
CA GLY B 333 -16.31 -4.32 -16.95
C GLY B 333 -16.25 -4.15 -15.44
N ARG B 334 -16.10 -5.25 -14.70
CA ARG B 334 -16.01 -5.13 -13.26
C ARG B 334 -14.78 -4.33 -12.86
N ILE B 335 -13.63 -4.70 -13.42
CA ILE B 335 -12.37 -4.10 -13.01
C ILE B 335 -12.31 -2.64 -13.41
N ASN B 336 -12.73 -2.32 -14.63
CA ASN B 336 -12.77 -0.91 -15.01
C ASN B 336 -13.74 -0.14 -14.12
N GLY B 337 -14.91 -0.72 -13.84
CA GLY B 337 -15.87 0.01 -13.02
C GLY B 337 -15.38 0.31 -11.62
N ARG B 338 -14.55 -0.57 -11.07
CA ARG B 338 -14.07 -0.43 -9.70
C ARG B 338 -12.98 0.62 -9.58
N PHE B 339 -12.12 0.73 -10.60
CA PHE B 339 -10.90 1.53 -10.49
C PHE B 339 -10.79 2.70 -11.46
N ALA B 340 -11.69 2.80 -12.45
CA ALA B 340 -11.59 3.89 -13.41
C ALA B 340 -11.78 5.26 -12.76
N GLU B 341 -11.19 6.27 -13.40
CA GLU B 341 -11.42 7.66 -13.08
C GLU B 341 -11.86 8.35 -14.35
N LEU B 342 -12.27 9.61 -14.23
CA LEU B 342 -12.71 10.34 -15.41
C LEU B 342 -11.68 10.33 -16.53
N ASP B 343 -10.40 10.23 -16.18
CA ASP B 343 -9.34 10.28 -17.18
C ASP B 343 -8.53 8.98 -17.24
N TRP B 344 -9.06 7.87 -16.73
CA TRP B 344 -8.26 6.65 -16.70
C TRP B 344 -9.17 5.45 -16.91
N THR B 345 -8.90 4.67 -17.95
CA THR B 345 -9.51 3.35 -18.13
C THR B 345 -8.45 2.31 -17.82
N PRO B 346 -8.56 1.56 -16.71
CA PRO B 346 -7.47 0.61 -16.36
C PRO B 346 -7.18 -0.44 -17.43
N ILE B 347 -8.21 -1.07 -17.99
CA ILE B 347 -8.01 -2.14 -18.97
C ILE B 347 -8.55 -1.67 -20.32
N LEU B 348 -7.69 -1.73 -21.34
CA LEU B 348 -8.05 -1.40 -22.73
C LEU B 348 -8.18 -2.73 -23.46
N TYR B 349 -9.42 -3.22 -23.56
CA TYR B 349 -9.74 -4.52 -24.14
C TYR B 349 -10.23 -4.30 -25.57
N ILE B 350 -9.59 -4.96 -26.52
CA ILE B 350 -9.88 -4.79 -27.94
C ILE B 350 -10.04 -6.18 -28.56
N HIS B 351 -11.25 -6.50 -29.01
CA HIS B 351 -11.59 -7.83 -29.55
C HIS B 351 -11.42 -7.83 -31.07
N LYS B 352 -10.19 -7.54 -31.52
CA LYS B 352 -9.89 -7.40 -32.94
C LYS B 352 -8.45 -7.85 -33.24
N GLN B 353 -8.23 -8.24 -34.50
CA GLN B 353 -6.92 -8.62 -35.02
C GLN B 353 -6.12 -7.40 -35.42
N TYR B 354 -4.80 -7.48 -35.24
CA TYR B 354 -3.87 -6.43 -35.69
C TYR B 354 -2.81 -7.04 -36.59
N GLU B 355 -2.22 -6.19 -37.44
CA GLU B 355 -1.07 -6.63 -38.22
CA GLU B 355 -1.07 -6.61 -38.21
C GLU B 355 0.09 -6.91 -37.27
N ARG B 356 0.82 -7.98 -37.57
CA ARG B 356 1.96 -8.35 -36.75
C ARG B 356 2.99 -7.23 -36.67
N SER B 357 3.16 -6.46 -37.75
CA SER B 357 4.12 -5.37 -37.71
C SER B 357 3.70 -4.25 -36.77
N VAL B 358 2.39 -4.03 -36.62
CA VAL B 358 1.91 -3.05 -35.64
C VAL B 358 2.11 -3.59 -34.23
N LEU B 359 1.81 -4.87 -34.01
CA LEU B 359 2.05 -5.47 -32.70
C LEU B 359 3.51 -5.36 -32.30
N ALA B 360 4.43 -5.60 -33.23
CA ALA B 360 5.85 -5.50 -32.91
C ALA B 360 6.20 -4.08 -32.47
N ALA B 361 5.69 -3.08 -33.19
CA ALA B 361 6.01 -1.70 -32.83
C ALA B 361 5.43 -1.36 -31.46
N LEU B 362 4.25 -1.90 -31.14
CA LEU B 362 3.62 -1.63 -29.85
C LEU B 362 4.35 -2.36 -28.71
N PHE B 363 4.73 -3.62 -28.94
CA PHE B 363 5.53 -4.36 -27.96
C PHE B 363 6.72 -3.53 -27.47
N ARG B 364 7.39 -2.84 -28.38
CA ARG B 364 8.58 -2.07 -28.03
C ARG B 364 8.28 -0.91 -27.09
N THR B 365 7.03 -0.42 -27.04
CA THR B 365 6.65 0.64 -26.12
C THR B 365 6.10 0.15 -24.78
N ALA B 366 5.93 -1.17 -24.60
CA ALA B 366 5.27 -1.70 -23.41
C ALA B 366 6.29 -2.07 -22.35
N HIS B 367 6.11 -1.51 -21.14
CA HIS B 367 7.01 -1.80 -20.03
C HIS B 367 6.93 -3.25 -19.59
N VAL B 368 5.77 -3.88 -19.76
CA VAL B 368 5.58 -5.26 -19.35
C VAL B 368 4.91 -6.02 -20.49
N GLY B 369 5.52 -7.16 -20.85
CA GLY B 369 4.88 -8.11 -21.73
C GLY B 369 4.26 -9.20 -20.87
N TYR B 370 2.95 -9.34 -20.97
CA TYR B 370 2.14 -10.09 -20.00
C TYR B 370 1.56 -11.31 -20.73
N VAL B 371 2.20 -12.46 -20.56
CA VAL B 371 1.93 -13.66 -21.34
C VAL B 371 1.75 -14.83 -20.37
N THR B 372 0.50 -15.16 -20.03
CA THR B 372 0.25 -16.09 -18.93
C THR B 372 -0.73 -17.20 -19.29
N PRO B 373 -0.50 -17.92 -20.39
CA PRO B 373 -1.43 -19.00 -20.74
C PRO B 373 -1.44 -20.09 -19.68
N LEU B 374 -2.61 -20.72 -19.51
CA LEU B 374 -2.71 -21.88 -18.63
C LEU B 374 -1.91 -23.05 -19.18
N ARG B 375 -1.90 -23.19 -20.51
CA ARG B 375 -1.13 -24.21 -21.21
C ARG B 375 -0.89 -23.65 -22.60
N ASP B 376 0.33 -23.81 -23.10
CA ASP B 376 0.67 -23.26 -24.40
C ASP B 376 1.84 -24.06 -24.94
N GLY B 377 1.69 -24.56 -26.18
CA GLY B 377 2.75 -25.37 -26.78
C GLY B 377 4.08 -24.63 -26.82
N MET B 378 4.05 -23.34 -27.13
CA MET B 378 5.28 -22.55 -27.15
C MET B 378 5.00 -21.14 -26.66
N ASN B 379 4.17 -20.43 -27.44
CA ASN B 379 3.75 -19.03 -27.33
C ASN B 379 4.74 -18.12 -28.05
N LEU B 380 4.47 -17.85 -29.33
CA LEU B 380 5.33 -16.96 -30.10
C LEU B 380 5.28 -15.53 -29.59
N VAL B 381 4.17 -15.11 -28.98
CA VAL B 381 4.06 -13.71 -28.56
C VAL B 381 5.11 -13.37 -27.52
N ALA B 382 5.43 -14.32 -26.63
CA ALA B 382 6.48 -14.11 -25.66
C ALA B 382 7.82 -13.82 -26.34
N LYS B 383 8.17 -14.62 -27.37
CA LYS B 383 9.43 -14.44 -28.07
C LYS B 383 9.43 -13.15 -28.89
N GLU B 384 8.28 -12.81 -29.48
CA GLU B 384 8.15 -11.55 -30.21
C GLU B 384 8.24 -10.35 -29.29
N TYR B 385 7.62 -10.40 -28.12
CA TYR B 385 7.70 -9.27 -27.18
C TYR B 385 9.15 -9.00 -26.82
N VAL B 386 9.89 -10.04 -26.46
CA VAL B 386 11.29 -9.85 -26.11
C VAL B 386 12.07 -9.30 -27.30
N SER B 387 11.87 -9.88 -28.48
CA SER B 387 12.62 -9.48 -29.67
C SER B 387 12.36 -8.03 -30.04
N ALA B 388 11.16 -7.53 -29.76
CA ALA B 388 10.80 -6.18 -30.17
C ALA B 388 11.50 -5.10 -29.34
N GLN B 389 12.03 -5.45 -28.16
CA GLN B 389 12.46 -4.45 -27.21
C GLN B 389 13.67 -3.67 -27.69
N ASP B 390 13.70 -2.40 -27.30
CA ASP B 390 14.90 -1.58 -27.47
C ASP B 390 15.93 -2.00 -26.42
N PRO B 391 17.10 -2.51 -26.83
CA PRO B 391 18.07 -2.99 -25.84
C PRO B 391 18.54 -1.90 -24.89
N GLU B 392 18.43 -0.63 -25.28
CA GLU B 392 18.83 0.45 -24.39
CA GLU B 392 18.81 0.47 -24.42
C GLU B 392 17.81 0.71 -23.29
N ASN B 393 16.58 0.24 -23.45
CA ASN B 393 15.53 0.43 -22.45
C ASN B 393 14.46 -0.65 -22.60
N PRO B 394 14.78 -1.92 -22.35
CA PRO B 394 13.83 -3.00 -22.63
C PRO B 394 12.85 -3.24 -21.50
N GLY B 395 11.63 -3.62 -21.89
CA GLY B 395 10.61 -4.01 -20.94
C GLY B 395 10.88 -5.40 -20.37
N VAL B 396 9.94 -5.86 -19.54
CA VAL B 396 10.08 -7.11 -18.81
C VAL B 396 8.98 -8.08 -19.25
N LEU B 397 9.36 -9.33 -19.49
CA LEU B 397 8.41 -10.38 -19.84
C LEU B 397 7.98 -11.11 -18.57
N VAL B 398 6.67 -11.10 -18.31
CA VAL B 398 6.04 -11.93 -17.29
C VAL B 398 5.43 -13.14 -18.02
N LEU B 399 5.85 -14.35 -17.64
CA LEU B 399 5.58 -15.53 -18.46
C LEU B 399 5.10 -16.71 -17.63
N SER B 400 4.01 -17.33 -18.07
CA SER B 400 3.52 -18.55 -17.44
C SER B 400 4.55 -19.68 -17.55
N ARG B 401 4.79 -20.38 -16.42
CA ARG B 401 5.63 -21.57 -16.46
C ARG B 401 5.05 -22.64 -17.39
N PHE B 402 3.79 -22.54 -17.80
CA PHE B 402 3.17 -23.55 -18.64
C PHE B 402 3.20 -23.20 -20.12
N ALA B 403 3.82 -22.08 -20.48
CA ALA B 403 4.12 -21.81 -21.88
C ALA B 403 5.40 -22.56 -22.23
N GLY B 404 5.41 -23.18 -23.42
CA GLY B 404 6.60 -23.91 -23.84
C GLY B 404 7.83 -23.03 -23.88
N ALA B 405 7.65 -21.73 -24.17
CA ALA B 405 8.77 -20.80 -24.19
C ALA B 405 9.46 -20.66 -22.84
N ALA B 406 8.77 -20.96 -21.73
CA ALA B 406 9.41 -20.86 -20.43
C ALA B 406 10.56 -21.84 -20.27
N GLN B 407 10.60 -22.92 -21.06
CA GLN B 407 11.73 -23.85 -20.97
C GLN B 407 13.05 -23.19 -21.41
N GLU B 408 13.00 -22.13 -22.24
CA GLU B 408 14.24 -21.53 -22.71
CA GLU B 408 14.16 -21.48 -22.85
C GLU B 408 14.45 -20.08 -22.31
N LEU B 409 13.39 -19.32 -21.97
CA LEU B 409 13.52 -17.89 -21.69
C LEU B 409 13.78 -17.65 -20.21
N ASP B 410 15.03 -17.77 -19.72
N ASP B 410 14.98 -18.10 -19.84
CA ASP B 410 15.24 -17.70 -18.26
CA ASP B 410 15.79 -17.51 -18.79
C ASP B 410 14.86 -16.35 -17.63
C ASP B 410 15.97 -16.04 -19.08
N GLY B 411 15.40 -15.28 -18.19
CA GLY B 411 15.23 -13.84 -18.20
C GLY B 411 13.80 -13.36 -17.99
N ALA B 412 12.80 -14.23 -18.19
CA ALA B 412 11.43 -13.84 -17.87
C ALA B 412 11.18 -13.95 -16.36
N LEU B 413 10.17 -13.22 -15.89
CA LEU B 413 9.58 -13.47 -14.57
C LEU B 413 8.55 -14.57 -14.74
N ILE B 414 8.89 -15.76 -14.28
CA ILE B 414 8.05 -16.95 -14.46
C ILE B 414 7.00 -16.99 -13.36
N VAL B 415 5.74 -17.22 -13.75
CA VAL B 415 4.63 -17.22 -12.81
C VAL B 415 3.77 -18.46 -13.02
N ASN B 416 3.03 -18.82 -11.98
CA ASN B 416 1.97 -19.80 -12.09
C ASN B 416 0.65 -19.04 -12.23
N PRO B 417 -0.07 -19.18 -13.35
CA PRO B 417 -1.25 -18.32 -13.56
C PRO B 417 -2.38 -18.56 -12.57
N VAL B 418 -2.45 -19.73 -11.93
CA VAL B 418 -3.46 -19.96 -10.89
CA VAL B 418 -3.52 -19.87 -10.94
C VAL B 418 -3.21 -19.10 -9.67
N ASP B 419 -1.97 -18.64 -9.48
CA ASP B 419 -1.58 -17.88 -8.29
C ASP B 419 -1.75 -16.39 -8.56
N ILE B 420 -2.94 -15.88 -8.24
CA ILE B 420 -3.29 -14.48 -8.52
C ILE B 420 -2.34 -13.52 -7.80
N ASP B 421 -2.05 -13.77 -6.51
CA ASP B 421 -1.09 -12.91 -5.82
C ASP B 421 0.28 -12.97 -6.49
N GLY B 422 0.72 -14.18 -6.85
CA GLY B 422 2.04 -14.29 -7.49
C GLY B 422 2.13 -13.55 -8.81
N MET B 423 1.08 -13.59 -9.62
CA MET B 423 1.12 -12.82 -10.85
C MET B 423 1.08 -11.32 -10.58
N ALA B 424 0.28 -10.88 -9.60
CA ALA B 424 0.25 -9.46 -9.25
C ALA B 424 1.62 -9.00 -8.76
N GLU B 425 2.29 -9.84 -7.97
CA GLU B 425 3.64 -9.51 -7.51
C GLU B 425 4.63 -9.43 -8.67
N ALA B 426 4.50 -10.35 -9.63
CA ALA B 426 5.35 -10.26 -10.82
C ALA B 426 5.10 -8.97 -11.59
N LEU B 427 3.84 -8.53 -11.71
CA LEU B 427 3.56 -7.28 -12.40
C LEU B 427 4.22 -6.10 -11.69
N ALA B 428 4.11 -6.06 -10.36
CA ALA B 428 4.77 -4.98 -9.63
C ALA B 428 6.30 -5.07 -9.78
N ARG B 429 6.86 -6.28 -9.68
CA ARG B 429 8.29 -6.45 -9.87
C ARG B 429 8.71 -5.99 -11.27
N ALA B 430 7.92 -6.35 -12.29
CA ALA B 430 8.26 -5.98 -13.66
C ALA B 430 8.25 -4.46 -13.85
N LEU B 431 7.20 -3.80 -13.35
CA LEU B 431 7.06 -2.37 -13.55
C LEU B 431 8.19 -1.59 -12.88
N ASP B 432 8.70 -2.09 -11.76
CA ASP B 432 9.71 -1.36 -11.01
C ASP B 432 11.14 -1.86 -11.27
N MET B 433 11.32 -2.81 -12.19
CA MET B 433 12.65 -3.43 -12.33
C MET B 433 13.67 -2.40 -12.82
N PRO B 434 14.85 -2.33 -12.19
CA PRO B 434 15.87 -1.36 -12.62
C PRO B 434 16.41 -1.68 -14.00
N LEU B 435 16.93 -0.64 -14.67
CA LEU B 435 17.38 -0.77 -16.05
C LEU B 435 18.46 -1.85 -16.20
N ALA B 436 19.45 -1.89 -15.30
CA ALA B 436 20.55 -2.84 -15.49
C ALA B 436 20.04 -4.27 -15.50
N GLU B 437 19.07 -4.60 -14.64
CA GLU B 437 18.54 -5.95 -14.61
C GLU B 437 17.61 -6.23 -15.80
N ARG B 438 16.80 -5.25 -16.20
CA ARG B 438 16.00 -5.41 -17.42
C ARG B 438 16.89 -5.70 -18.61
N GLN B 439 18.04 -5.04 -18.69
CA GLN B 439 18.95 -5.23 -19.82
C GLN B 439 19.64 -6.58 -19.76
N ALA B 440 20.08 -6.99 -18.57
CA ALA B 440 20.70 -8.31 -18.42
C ALA B 440 19.74 -9.42 -18.85
N ARG B 441 18.49 -9.34 -18.39
CA ARG B 441 17.51 -10.37 -18.78
C ARG B 441 17.26 -10.35 -20.29
N HIS B 442 17.09 -9.15 -20.86
CA HIS B 442 16.84 -9.06 -22.29
C HIS B 442 18.02 -9.60 -23.09
N ARG B 443 19.24 -9.23 -22.69
CA ARG B 443 20.44 -9.71 -23.36
C ARG B 443 20.50 -11.23 -23.37
N ASP B 444 20.31 -11.84 -22.20
CA ASP B 444 20.33 -13.31 -22.12
C ASP B 444 19.28 -13.93 -23.06
N MET B 445 18.05 -13.41 -23.03
CA MET B 445 17.03 -14.02 -23.88
C MET B 445 17.31 -13.81 -25.36
N MET B 446 17.91 -12.69 -25.74
CA MET B 446 18.16 -12.46 -27.17
C MET B 446 19.20 -13.45 -27.69
N VAL B 447 20.19 -13.78 -26.86
CA VAL B 447 21.18 -14.78 -27.25
C VAL B 447 20.51 -16.13 -27.48
N GLN B 448 19.63 -16.53 -26.55
CA GLN B 448 18.87 -17.77 -26.71
C GLN B 448 18.03 -17.73 -27.97
N LEU B 449 17.27 -16.64 -28.17
CA LEU B 449 16.38 -16.55 -29.33
C LEU B 449 17.17 -16.55 -30.63
N ARG B 450 18.35 -15.92 -30.65
CA ARG B 450 19.17 -15.88 -31.86
C ARG B 450 19.74 -17.24 -32.19
N GLU B 451 20.23 -17.97 -31.19
CA GLU B 451 20.86 -19.24 -31.47
C GLU B 451 19.82 -20.32 -31.79
N ASN B 452 18.59 -20.13 -31.35
CA ASN B 452 17.56 -21.13 -31.60
C ASN B 452 16.42 -20.50 -32.38
N ASN B 453 16.76 -19.94 -33.54
CA ASN B 453 15.81 -19.23 -34.38
C ASN B 453 15.05 -20.21 -35.27
N VAL B 454 14.09 -19.70 -36.02
CA VAL B 454 13.18 -20.58 -36.74
C VAL B 454 13.89 -21.29 -37.90
N SER B 455 14.97 -20.71 -38.44
CA SER B 455 15.73 -21.41 -39.46
CA SER B 455 15.75 -21.41 -39.45
C SER B 455 16.43 -22.64 -38.87
N VAL B 456 17.02 -22.50 -37.69
CA VAL B 456 17.69 -23.61 -37.02
C VAL B 456 16.70 -24.72 -36.70
N TRP B 457 15.51 -24.35 -36.24
CA TRP B 457 14.45 -25.31 -35.95
C TRP B 457 14.05 -26.09 -37.19
N ARG B 458 13.80 -25.40 -38.31
CA ARG B 458 13.48 -26.10 -39.54
C ARG B 458 14.61 -27.02 -39.97
N ASP B 459 15.85 -26.50 -39.96
CA ASP B 459 16.98 -27.31 -40.38
C ASP B 459 17.17 -28.52 -39.48
N ASN B 460 17.01 -28.35 -38.17
CA ASN B 460 17.17 -29.47 -37.25
C ASN B 460 16.14 -30.57 -37.52
N PHE B 461 14.89 -30.19 -37.74
CA PHE B 461 13.86 -31.19 -37.99
C PHE B 461 14.10 -31.89 -39.33
N MET B 462 14.41 -31.11 -40.37
CA MET B 462 14.61 -31.70 -41.70
C MET B 462 15.83 -32.61 -41.73
N ARG B 463 16.88 -32.27 -40.98
CA ARG B 463 18.05 -33.13 -40.94
C ARG B 463 17.71 -34.50 -40.35
N ASP B 464 16.91 -34.51 -39.29
CA ASP B 464 16.56 -35.78 -38.65
C ASP B 464 15.58 -36.57 -39.50
N LEU B 465 14.68 -35.88 -40.21
CA LEU B 465 13.70 -36.58 -41.03
C LEU B 465 14.37 -37.26 -42.22
N GLN B 466 15.37 -36.61 -42.80
CA GLN B 466 16.07 -37.17 -43.94
C GLN B 466 17.20 -38.11 -43.55
N GLY B 467 17.54 -38.20 -42.27
CA GLY B 467 18.59 -39.10 -41.83
C GLY B 467 18.09 -40.41 -41.24
N GLY C 10 -45.62 26.46 13.22
CA GLY C 10 -45.68 25.00 13.23
C GLY C 10 -44.51 24.33 12.56
N ARG C 11 -43.70 23.65 13.36
CA ARG C 11 -42.48 23.02 12.87
C ARG C 11 -42.76 21.90 11.86
N LEU C 12 -41.98 21.87 10.78
CA LEU C 12 -42.09 20.81 9.79
C LEU C 12 -41.25 19.60 10.22
N ILE C 13 -41.87 18.42 10.26
CA ILE C 13 -41.19 17.17 10.58
C ILE C 13 -41.18 16.31 9.32
N ILE C 14 -40.00 16.13 8.73
CA ILE C 14 -39.81 15.23 7.60
C ILE C 14 -39.52 13.83 8.15
N VAL C 15 -40.22 12.83 7.61
CA VAL C 15 -39.97 11.42 7.93
C VAL C 15 -39.62 10.69 6.64
N SER C 16 -38.47 10.03 6.61
CA SER C 16 -38.10 9.18 5.48
C SER C 16 -37.20 8.07 5.99
N ASN C 17 -37.01 7.03 5.15
CA ASN C 17 -36.04 6.01 5.52
C ASN C 17 -34.63 6.55 5.35
N ARG C 18 -34.26 6.96 4.14
CA ARG C 18 -32.94 7.50 3.89
C ARG C 18 -32.87 8.96 4.32
N VAL C 19 -31.85 9.32 5.09
CA VAL C 19 -31.65 10.69 5.55
C VAL C 19 -30.35 11.21 4.93
N ALA C 20 -30.33 12.48 4.53
CA ALA C 20 -29.12 13.05 3.93
C ALA C 20 -27.92 12.89 4.87
N PRO C 21 -26.72 12.67 4.34
CA PRO C 21 -25.56 12.40 5.21
C PRO C 21 -25.29 13.55 6.17
N ILE C 22 -25.01 13.18 7.43
CA ILE C 22 -24.82 14.15 8.49
C ILE C 22 -23.32 14.35 8.73
N PRO C 27 -20.40 11.47 -0.54
CA PRO C 27 -21.71 11.81 -1.11
C PRO C 27 -22.56 10.57 -1.32
N ALA C 28 -23.88 10.72 -1.38
CA ALA C 28 -24.79 9.60 -1.52
C ALA C 28 -25.66 9.81 -2.76
N ALA C 29 -25.97 8.72 -3.46
CA ALA C 29 -26.83 8.79 -4.63
C ALA C 29 -28.25 8.51 -4.22
N GLY C 30 -29.19 9.33 -4.71
CA GLY C 30 -30.59 9.13 -4.45
C GLY C 30 -31.30 10.47 -4.41
N GLY C 31 -32.39 10.60 -5.17
CA GLY C 31 -33.03 11.89 -5.33
C GLY C 31 -33.93 12.30 -4.19
N LEU C 32 -34.39 11.34 -3.39
CA LEU C 32 -35.20 11.73 -2.21
C LEU C 32 -34.36 12.59 -1.27
N ALA C 33 -33.18 12.10 -0.88
CA ALA C 33 -32.34 12.86 0.05
C ALA C 33 -31.95 14.21 -0.52
N VAL C 34 -31.62 14.26 -1.81
CA VAL C 34 -31.25 15.51 -2.46
C VAL C 34 -32.43 16.49 -2.44
N GLY C 35 -33.60 16.03 -2.88
CA GLY C 35 -34.72 16.94 -3.03
C GLY C 35 -35.30 17.37 -1.70
N VAL C 36 -35.41 16.43 -0.75
CA VAL C 36 -35.88 16.76 0.59
C VAL C 36 -34.93 17.76 1.25
N TYR C 37 -33.62 17.55 1.10
CA TYR C 37 -32.69 18.51 1.70
C TYR C 37 -32.81 19.88 1.04
N ASP C 38 -32.91 19.91 -0.29
CA ASP C 38 -33.19 21.17 -0.98
C ASP C 38 -34.43 21.85 -0.39
N ALA C 39 -35.50 21.08 -0.20
CA ALA C 39 -36.74 21.66 0.29
C ALA C 39 -36.60 22.20 1.71
N LEU C 40 -35.78 21.55 2.53
CA LEU C 40 -35.75 21.81 3.95
C LEU C 40 -34.66 22.82 4.35
N LYS C 41 -33.66 23.07 3.51
CA LYS C 41 -32.50 23.82 3.97
C LYS C 41 -32.81 25.29 4.21
N GLU C 42 -33.90 25.81 3.64
CA GLU C 42 -34.18 27.25 3.72
C GLU C 42 -34.65 27.64 5.13
N THR C 43 -35.80 27.09 5.54
CA THR C 43 -36.35 27.38 6.86
C THR C 43 -36.15 26.23 7.85
N GLY C 44 -35.83 25.05 7.38
CA GLY C 44 -35.48 24.01 8.31
C GLY C 44 -36.67 23.31 8.92
N GLY C 45 -36.39 22.60 10.00
CA GLY C 45 -37.30 21.69 10.65
C GLY C 45 -36.54 20.48 11.13
N MET C 46 -37.26 19.39 11.36
CA MET C 46 -36.67 18.14 11.83
C MET C 46 -36.75 17.10 10.72
N TRP C 47 -35.68 16.33 10.58
CA TRP C 47 -35.63 15.22 9.63
C TRP C 47 -35.36 13.95 10.43
N PHE C 48 -36.36 13.08 10.47
CA PHE C 48 -36.33 11.84 11.24
C PHE C 48 -36.23 10.65 10.30
N GLY C 49 -35.37 9.68 10.63
CA GLY C 49 -35.35 8.45 9.86
C GLY C 49 -34.18 7.56 10.26
N TRP C 50 -33.82 6.67 9.34
CA TRP C 50 -32.77 5.69 9.57
C TRP C 50 -31.39 6.34 9.46
N SER C 51 -30.51 5.99 10.39
CA SER C 51 -29.14 6.48 10.35
C SER C 51 -28.32 5.88 9.21
N GLY C 52 -28.79 4.81 8.58
CA GLY C 52 -27.98 4.10 7.62
C GLY C 52 -27.16 2.98 8.22
N ASP C 53 -27.21 2.81 9.54
CA ASP C 53 -26.42 1.82 10.24
C ASP C 53 -27.28 0.62 10.63
N VAL C 54 -26.65 -0.55 10.65
CA VAL C 54 -27.31 -1.80 11.04
C VAL C 54 -26.55 -2.40 12.21
N LEU C 55 -27.27 -2.70 13.30
CA LEU C 55 -26.66 -3.28 14.50
C LEU C 55 -26.71 -4.80 14.49
N SER C 56 -25.64 -5.41 14.99
CA SER C 56 -25.58 -6.86 15.20
C SER C 56 -25.98 -7.26 16.61
N SER C 57 -25.96 -6.32 17.55
CA SER C 57 -26.40 -6.57 18.92
C SER C 57 -26.67 -5.23 19.56
N GLY C 58 -27.13 -5.26 20.80
CA GLY C 58 -27.56 -4.05 21.45
C GLY C 58 -28.92 -3.63 20.96
N GLN C 59 -29.27 -2.38 21.27
CA GLN C 59 -30.54 -1.84 20.88
C GLN C 59 -30.34 -0.46 20.26
N PRO C 60 -31.09 -0.11 19.21
CA PRO C 60 -30.91 1.21 18.62
C PRO C 60 -31.31 2.30 19.60
N GLN C 61 -30.65 3.45 19.47
CA GLN C 61 -31.00 4.63 20.24
C GLN C 61 -31.09 5.83 19.32
N ILE C 62 -32.11 6.67 19.54
CA ILE C 62 -32.29 7.87 18.74
C ILE C 62 -31.14 8.83 19.02
N LYS C 63 -30.66 9.49 17.97
CA LYS C 63 -29.61 10.49 18.08
C LYS C 63 -30.12 11.77 17.44
N VAL C 64 -30.15 12.85 18.21
CA VAL C 64 -30.67 14.14 17.75
C VAL C 64 -29.48 15.06 17.53
N GLU C 65 -29.28 15.50 16.28
CA GLU C 65 -28.14 16.34 15.91
C GLU C 65 -28.64 17.60 15.22
N GLU C 66 -28.30 18.76 15.77
CA GLU C 66 -28.64 20.03 15.16
C GLU C 66 -27.57 20.39 14.13
N ARG C 67 -27.99 20.70 12.91
CA ARG C 67 -27.10 21.11 11.83
C ARG C 67 -27.69 22.36 11.18
N GLY C 68 -27.40 23.52 11.75
CA GLY C 68 -27.99 24.75 11.30
C GLY C 68 -29.50 24.68 11.41
N PRO C 69 -30.21 24.96 10.31
CA PRO C 69 -31.68 24.98 10.38
C PRO C 69 -32.33 23.61 10.48
N VAL C 70 -31.62 22.52 10.18
CA VAL C 70 -32.20 21.17 10.20
C VAL C 70 -31.76 20.45 11.46
N THR C 71 -32.72 19.91 12.20
CA THR C 71 -32.46 19.03 13.34
C THR C 71 -32.63 17.59 12.84
N PHE C 72 -31.53 16.84 12.77
CA PHE C 72 -31.60 15.44 12.38
C PHE C 72 -31.89 14.57 13.60
N ALA C 73 -32.76 13.58 13.42
CA ALA C 73 -33.10 12.63 14.48
C ALA C 73 -33.09 11.24 13.85
N THR C 74 -32.00 10.50 14.03
CA THR C 74 -31.80 9.26 13.30
C THR C 74 -31.53 8.10 14.25
N ILE C 75 -31.76 6.90 13.73
CA ILE C 75 -31.73 5.69 14.56
C ILE C 75 -31.32 4.52 13.68
N ALA C 76 -30.51 3.63 14.23
CA ALA C 76 -30.09 2.45 13.49
C ALA C 76 -31.22 1.45 13.44
N LEU C 77 -31.05 0.43 12.60
CA LEU C 77 -31.94 -0.71 12.52
C LEU C 77 -31.20 -1.96 13.01
N MET C 78 -31.88 -2.77 13.80
CA MET C 78 -31.39 -4.12 14.07
C MET C 78 -31.28 -4.90 12.77
N ARG C 79 -30.33 -5.83 12.73
CA ARG C 79 -30.11 -6.63 11.51
C ARG C 79 -31.41 -7.26 11.02
N ARG C 80 -32.14 -7.91 11.92
CA ARG C 80 -33.40 -8.55 11.56
C ARG C 80 -34.38 -7.56 10.95
N ASP C 81 -34.48 -6.36 11.53
CA ASP C 81 -35.39 -5.35 11.01
C ASP C 81 -34.93 -4.85 9.65
N TYR C 82 -33.62 -4.63 9.51
CA TYR C 82 -33.06 -4.25 8.22
C TYR C 82 -33.40 -5.29 7.15
N ASP C 83 -33.28 -6.57 7.50
CA ASP C 83 -33.54 -7.62 6.51
C ASP C 83 -35.02 -7.71 6.14
N GLN C 84 -35.90 -7.56 7.11
CA GLN C 84 -37.31 -7.77 6.83
C GLN C 84 -37.95 -6.54 6.20
N TYR C 85 -37.67 -5.37 6.78
CA TYR C 85 -38.36 -4.14 6.41
C TYR C 85 -37.73 -3.48 5.19
N TYR C 86 -36.40 -3.41 5.13
CA TYR C 86 -35.71 -2.65 4.08
C TYR C 86 -35.28 -3.52 2.91
N ARG C 87 -34.40 -4.50 3.15
CA ARG C 87 -34.01 -5.43 2.10
C ARG C 87 -35.18 -6.31 1.68
N GLY C 88 -36.10 -6.61 2.58
CA GLY C 88 -37.19 -7.50 2.25
C GLY C 88 -38.36 -6.81 1.58
N PHE C 89 -39.36 -6.42 2.37
CA PHE C 89 -40.60 -5.95 1.75
C PHE C 89 -40.40 -4.66 0.97
N SER C 90 -39.68 -3.68 1.54
CA SER C 90 -39.48 -2.43 0.81
C SER C 90 -38.80 -2.66 -0.54
N ASN C 91 -37.64 -3.32 -0.55
CA ASN C 91 -36.84 -3.33 -1.77
C ASN C 91 -36.90 -4.64 -2.56
N ALA C 92 -37.44 -5.71 -1.99
CA ALA C 92 -37.65 -6.91 -2.79
C ALA C 92 -39.10 -7.08 -3.22
N THR C 93 -40.03 -6.32 -2.63
CA THR C 93 -41.42 -6.38 -3.05
C THR C 93 -41.91 -5.05 -3.59
N LEU C 94 -41.87 -3.96 -2.82
CA LEU C 94 -42.50 -2.71 -3.27
C LEU C 94 -41.71 -2.06 -4.41
N TRP C 95 -40.38 -1.98 -4.30
CA TRP C 95 -39.60 -1.32 -5.35
C TRP C 95 -39.76 -2.00 -6.70
N PRO C 96 -39.54 -3.31 -6.86
CA PRO C 96 -39.80 -3.91 -8.18
C PRO C 96 -41.25 -3.82 -8.64
N ALA C 97 -42.22 -4.03 -7.75
CA ALA C 97 -43.62 -4.00 -8.18
C ALA C 97 -44.00 -2.62 -8.71
N PHE C 98 -43.66 -1.58 -7.95
CA PHE C 98 -44.05 -0.22 -8.33
C PHE C 98 -43.27 0.26 -9.55
N HIS C 99 -42.14 -0.37 -9.88
CA HIS C 99 -41.44 -0.06 -11.13
C HIS C 99 -41.74 -1.08 -12.23
N TYR C 100 -42.90 -1.73 -12.15
CA TYR C 100 -43.41 -2.57 -13.24
C TYR C 100 -42.47 -3.74 -13.54
N ARG C 101 -41.88 -4.29 -12.48
CA ARG C 101 -41.03 -5.47 -12.60
C ARG C 101 -41.58 -6.60 -11.74
N ALA C 102 -42.79 -7.06 -12.04
CA ALA C 102 -43.36 -8.19 -11.31
C ALA C 102 -42.44 -9.40 -11.36
N ASP C 103 -41.63 -9.52 -12.42
CA ASP C 103 -40.72 -10.67 -12.55
C ASP C 103 -39.65 -10.68 -11.46
N LEU C 104 -39.26 -9.51 -10.95
CA LEU C 104 -38.26 -9.44 -9.90
C LEU C 104 -38.88 -9.40 -8.50
N LEU C 105 -40.19 -9.22 -8.41
CA LEU C 105 -40.87 -9.18 -7.14
C LEU C 105 -40.67 -10.51 -6.40
N GLN C 106 -40.28 -10.41 -5.13
CA GLN C 106 -40.28 -11.54 -4.22
C GLN C 106 -41.11 -11.15 -3.01
N TYR C 107 -41.98 -12.05 -2.57
CA TYR C 107 -42.86 -11.77 -1.44
C TYR C 107 -42.65 -12.78 -0.34
N ASP C 108 -42.62 -12.31 0.91
CA ASP C 108 -42.53 -13.18 2.07
C ASP C 108 -43.35 -12.58 3.20
N ARG C 109 -44.35 -13.35 3.67
CA ARG C 109 -45.28 -12.86 4.68
C ARG C 109 -44.57 -12.42 5.95
N HIS C 110 -43.54 -13.16 6.35
CA HIS C 110 -42.78 -12.80 7.54
C HIS C 110 -42.05 -11.47 7.35
N ASP C 111 -41.58 -11.19 6.14
CA ASP C 111 -40.94 -9.91 5.89
C ASP C 111 -41.98 -8.79 5.88
N PHE C 112 -43.16 -9.06 5.32
CA PHE C 112 -44.21 -8.05 5.32
C PHE C 112 -44.62 -7.69 6.74
N GLU C 113 -44.77 -8.71 7.61
CA GLU C 113 -45.12 -8.45 9.00
C GLU C 113 -44.02 -7.66 9.70
N GLY C 114 -42.75 -7.96 9.41
CA GLY C 114 -41.67 -7.16 9.94
C GLY C 114 -41.67 -5.73 9.40
N TYR C 115 -41.96 -5.56 8.11
CA TYR C 115 -42.15 -4.23 7.54
C TYR C 115 -43.21 -3.44 8.33
N TRP C 116 -44.33 -4.08 8.65
CA TRP C 116 -45.36 -3.42 9.45
C TRP C 116 -44.85 -3.10 10.86
N ARG C 117 -44.20 -4.09 11.50
CA ARG C 117 -43.67 -3.91 12.86
C ARG C 117 -42.67 -2.76 12.93
N VAL C 118 -41.76 -2.68 11.95
CA VAL C 118 -40.74 -1.64 11.98
C VAL C 118 -41.36 -0.26 11.81
N ASN C 119 -42.41 -0.16 10.98
CA ASN C 119 -43.11 1.12 10.86
C ASN C 119 -43.68 1.56 12.20
N ALA C 120 -44.29 0.61 12.95
CA ALA C 120 -44.84 0.95 14.25
C ALA C 120 -43.73 1.30 15.25
N TRP C 121 -42.61 0.59 15.18
CA TRP C 121 -41.46 0.89 16.04
C TRP C 121 -40.90 2.28 15.72
N LEU C 122 -40.67 2.57 14.44
CA LEU C 122 -40.15 3.89 14.08
C LEU C 122 -41.12 4.98 14.54
N ALA C 123 -42.42 4.76 14.37
CA ALA C 123 -43.39 5.75 14.79
C ALA C 123 -43.35 5.97 16.29
N GLN C 124 -43.12 4.90 17.05
CA GLN C 124 -43.02 5.04 18.50
C GLN C 124 -41.76 5.80 18.92
N GLN C 125 -40.69 5.73 18.12
CA GLN C 125 -39.52 6.55 18.40
C GLN C 125 -39.78 8.03 18.11
N LEU C 126 -40.63 8.32 17.13
CA LEU C 126 -40.88 9.72 16.79
C LEU C 126 -41.78 10.39 17.81
N VAL C 127 -42.75 9.63 18.35
CA VAL C 127 -43.78 10.21 19.22
C VAL C 127 -43.20 11.11 20.32
N PRO C 128 -42.17 10.72 21.06
CA PRO C 128 -41.68 11.62 22.13
C PRO C 128 -41.06 12.92 21.62
N LEU C 129 -40.68 13.00 20.35
CA LEU C 129 -40.07 14.21 19.80
C LEU C 129 -41.10 15.21 19.28
N LEU C 130 -42.37 14.82 19.17
CA LEU C 130 -43.38 15.65 18.53
C LEU C 130 -43.85 16.77 19.45
N ARG C 131 -44.23 17.88 18.82
CA ARG C 131 -44.97 18.96 19.47
C ARG C 131 -46.38 19.01 18.90
N GLU C 132 -47.27 19.64 19.66
CA GLU C 132 -48.70 19.60 19.36
C GLU C 132 -49.01 20.14 17.98
N ASP C 133 -48.30 21.17 17.55
CA ASP C 133 -48.56 21.85 16.30
C ASP C 133 -47.58 21.49 15.18
N ASP C 134 -46.76 20.46 15.38
CA ASP C 134 -45.91 19.97 14.29
C ASP C 134 -46.74 19.49 13.12
N VAL C 135 -46.22 19.69 11.91
CA VAL C 135 -46.81 19.12 10.71
C VAL C 135 -45.89 18.01 10.22
N ILE C 136 -46.43 16.80 10.07
CA ILE C 136 -45.62 15.63 9.77
C ILE C 136 -45.76 15.29 8.29
N TRP C 137 -44.62 15.18 7.60
CA TRP C 137 -44.60 14.90 6.16
C TRP C 137 -43.74 13.66 5.95
N VAL C 138 -44.40 12.53 5.67
CA VAL C 138 -43.76 11.22 5.49
C VAL C 138 -43.45 11.03 4.02
N HIS C 139 -42.26 10.47 3.72
CA HIS C 139 -41.82 10.30 2.34
C HIS C 139 -41.48 8.85 2.01
N ASP C 140 -42.16 8.32 0.99
CA ASP C 140 -41.81 7.19 0.14
C ASP C 140 -42.23 5.83 0.67
N TYR C 141 -42.01 4.80 -0.18
CA TYR C 141 -42.71 3.53 -0.08
C TYR C 141 -42.37 2.74 1.19
N HIS C 142 -41.22 2.99 1.82
CA HIS C 142 -40.89 2.28 3.06
C HIS C 142 -41.88 2.55 4.17
N LEU C 143 -42.57 3.69 4.12
CA LEU C 143 -43.33 4.20 5.26
C LEU C 143 -44.82 4.37 4.96
N ILE C 144 -45.34 3.58 4.02
CA ILE C 144 -46.77 3.58 3.73
C ILE C 144 -47.61 3.37 5.00
N PRO C 145 -47.24 2.49 5.94
CA PRO C 145 -48.06 2.28 7.14
C PRO C 145 -47.89 3.32 8.24
N PHE C 146 -47.15 4.41 8.02
CA PHE C 146 -46.66 5.23 9.13
C PHE C 146 -47.77 6.08 9.74
N ALA C 147 -48.66 6.66 8.90
CA ALA C 147 -49.76 7.46 9.44
C ALA C 147 -50.68 6.61 10.30
N GLN C 148 -51.03 5.42 9.80
CA GLN C 148 -51.85 4.49 10.56
C GLN C 148 -51.20 4.18 11.90
N ALA C 149 -49.87 4.03 11.93
CA ALA C 149 -49.16 3.73 13.17
C ALA C 149 -49.19 4.93 14.11
N LEU C 150 -48.91 6.14 13.60
CA LEU C 150 -48.98 7.34 14.42
C LEU C 150 -50.36 7.51 15.04
N ARG C 151 -51.42 7.36 14.24
CA ARG C 151 -52.77 7.54 14.77
C ARG C 151 -53.08 6.56 15.89
N ALA C 152 -52.64 5.30 15.74
CA ALA C 152 -52.88 4.32 16.80
C ALA C 152 -52.13 4.69 18.07
N ALA C 153 -51.02 5.40 17.94
CA ALA C 153 -50.26 5.92 19.06
C ALA C 153 -50.79 7.25 19.57
N GLY C 154 -51.95 7.68 19.08
CA GLY C 154 -52.61 8.84 19.65
C GLY C 154 -52.18 10.16 19.06
N VAL C 155 -51.47 10.14 17.94
CA VAL C 155 -50.98 11.37 17.32
C VAL C 155 -52.12 12.03 16.56
N LYS C 156 -52.33 13.31 16.81
CA LYS C 156 -53.41 14.09 16.19
C LYS C 156 -52.92 15.08 15.15
N ASN C 157 -51.60 15.21 14.97
CA ASN C 157 -51.04 16.17 14.02
C ASN C 157 -51.50 15.88 12.60
N ARG C 158 -51.50 16.92 11.76
CA ARG C 158 -51.63 16.70 10.32
C ARG C 158 -50.49 15.82 9.83
N ILE C 159 -50.82 14.84 8.99
CA ILE C 159 -49.82 13.92 8.45
C ILE C 159 -50.05 13.83 6.95
N GLY C 160 -49.01 14.14 6.19
CA GLY C 160 -49.06 13.98 4.75
C GLY C 160 -48.09 12.90 4.30
N PHE C 161 -48.31 12.37 3.10
CA PHE C 161 -47.46 11.36 2.50
C PHE C 161 -47.14 11.77 1.08
N PHE C 162 -45.88 11.60 0.69
CA PHE C 162 -45.50 11.81 -0.70
C PHE C 162 -44.70 10.61 -1.19
N LEU C 163 -45.15 10.03 -2.30
CA LEU C 163 -44.54 8.86 -2.90
C LEU C 163 -43.58 9.32 -3.99
N HIS C 164 -42.29 8.98 -3.85
CA HIS C 164 -41.30 9.46 -4.81
C HIS C 164 -41.22 8.57 -6.04
N ILE C 165 -41.57 7.29 -5.89
CA ILE C 165 -41.52 6.35 -7.00
C ILE C 165 -42.88 6.35 -7.70
N PRO C 166 -43.03 5.66 -8.84
CA PRO C 166 -44.36 5.62 -9.48
C PRO C 166 -45.38 4.91 -8.62
N PHE C 167 -46.64 5.33 -8.75
CA PHE C 167 -47.73 4.46 -8.29
C PHE C 167 -48.19 3.60 -9.46
N PRO C 168 -48.04 2.28 -9.37
CA PRO C 168 -48.33 1.43 -10.53
C PRO C 168 -49.82 1.31 -10.81
N ALA C 169 -50.13 1.01 -12.09
CA ALA C 169 -51.48 0.67 -12.49
C ALA C 169 -52.08 -0.36 -11.52
N SER C 170 -53.39 -0.30 -11.35
CA SER C 170 -54.03 -1.11 -10.32
C SER C 170 -53.89 -2.60 -10.63
N GLN C 171 -53.95 -2.97 -11.91
CA GLN C 171 -53.72 -4.38 -12.29
C GLN C 171 -52.33 -4.84 -11.90
N VAL C 172 -51.35 -3.94 -11.91
CA VAL C 172 -50.00 -4.27 -11.50
C VAL C 172 -49.90 -4.30 -9.99
N LEU C 173 -50.57 -3.37 -9.31
CA LEU C 173 -50.53 -3.36 -7.84
C LEU C 173 -51.10 -4.65 -7.26
N LEU C 174 -52.08 -5.27 -7.93
CA LEU C 174 -52.64 -6.53 -7.46
C LEU C 174 -51.61 -7.66 -7.35
N ALA C 175 -50.42 -7.51 -7.94
CA ALA C 175 -49.37 -8.51 -7.78
C ALA C 175 -48.77 -8.54 -6.39
N VAL C 176 -48.84 -7.43 -5.66
CA VAL C 176 -48.42 -7.32 -4.26
C VAL C 176 -49.51 -7.91 -3.39
N PRO C 177 -49.32 -9.09 -2.77
CA PRO C 177 -50.44 -9.77 -2.10
C PRO C 177 -51.15 -8.89 -1.07
N PRO C 178 -50.43 -8.11 -0.22
CA PRO C 178 -51.17 -7.21 0.67
C PRO C 178 -51.49 -5.84 0.07
N HIS C 179 -51.81 -5.76 -1.22
CA HIS C 179 -52.19 -4.49 -1.84
C HIS C 179 -53.28 -3.77 -1.04
N ARG C 180 -54.28 -4.52 -0.56
CA ARG C 180 -55.40 -3.89 0.15
C ARG C 180 -54.96 -3.30 1.48
N GLU C 181 -54.14 -4.03 2.25
CA GLU C 181 -53.63 -3.49 3.50
C GLU C 181 -52.81 -2.22 3.28
N LEU C 182 -52.01 -2.20 2.21
CA LEU C 182 -51.21 -1.02 1.91
C LEU C 182 -52.08 0.18 1.57
N VAL C 183 -53.06 0.00 0.67
CA VAL C 183 -53.87 1.13 0.25
C VAL C 183 -54.75 1.62 1.39
N GLU C 184 -55.29 0.69 2.20
CA GLU C 184 -56.04 1.13 3.37
C GLU C 184 -55.16 1.98 4.29
N ALA C 185 -53.91 1.55 4.52
CA ALA C 185 -52.99 2.33 5.36
C ALA C 185 -52.74 3.72 4.78
N LEU C 186 -52.56 3.82 3.45
CA LEU C 186 -52.39 5.13 2.83
C LEU C 186 -53.56 6.04 3.15
N CYS C 187 -54.76 5.48 3.30
CA CYS C 187 -55.94 6.31 3.56
C CYS C 187 -56.00 6.81 5.00
N SER C 188 -54.99 6.51 5.83
CA SER C 188 -54.89 7.15 7.14
C SER C 188 -54.20 8.50 7.09
N PHE C 189 -53.49 8.82 6.00
CA PHE C 189 -52.93 10.14 5.86
C PHE C 189 -54.03 11.18 5.61
N ASP C 190 -53.72 12.44 5.91
CA ASP C 190 -54.65 13.53 5.57
C ASP C 190 -54.52 13.91 4.10
N LEU C 191 -53.30 13.88 3.57
CA LEU C 191 -53.05 14.22 2.18
C LEU C 191 -52.08 13.23 1.57
N LEU C 192 -52.37 12.77 0.35
CA LEU C 192 -51.45 11.94 -0.43
C LEU C 192 -50.92 12.75 -1.61
N GLY C 193 -49.62 12.72 -1.81
CA GLY C 193 -48.98 13.34 -2.96
C GLY C 193 -48.29 12.32 -3.85
N PHE C 194 -48.52 12.42 -5.15
CA PHE C 194 -47.84 11.59 -6.13
C PHE C 194 -47.05 12.49 -7.08
N GLN C 195 -46.14 11.89 -7.82
CA GLN C 195 -45.26 12.68 -8.69
C GLN C 195 -46.02 13.27 -9.86
N THR C 196 -46.82 12.46 -10.56
CA THR C 196 -47.41 12.88 -11.83
C THR C 196 -48.89 12.51 -11.88
N ALA C 197 -49.60 13.12 -12.83
CA ALA C 197 -51.01 12.81 -13.02
C ALA C 197 -51.26 11.33 -13.30
N PRO C 198 -50.44 10.61 -14.10
CA PRO C 198 -50.68 9.16 -14.25
C PRO C 198 -50.57 8.39 -12.95
N ASP C 199 -49.65 8.77 -12.06
CA ASP C 199 -49.57 8.10 -10.76
C ASP C 199 -50.87 8.30 -9.98
N LEU C 200 -51.36 9.55 -9.93
CA LEU C 200 -52.60 9.84 -9.23
C LEU C 200 -53.76 9.05 -9.84
N ARG C 201 -53.80 8.97 -11.18
CA ARG C 201 -54.85 8.22 -11.85
C ARG C 201 -54.82 6.74 -11.47
N ALA C 202 -53.62 6.14 -11.41
CA ALA C 202 -53.52 4.74 -11.03
C ALA C 202 -54.02 4.51 -9.61
N PHE C 203 -53.69 5.42 -8.70
CA PHE C 203 -54.21 5.31 -7.34
C PHE C 203 -55.74 5.41 -7.32
N CYS C 204 -56.31 6.37 -8.05
CA CYS C 204 -57.77 6.50 -8.10
C CYS C 204 -58.39 5.28 -8.76
N ASP C 205 -57.72 4.73 -9.77
CA ASP C 205 -58.11 3.47 -10.41
C ASP C 205 -58.30 2.36 -9.37
N TYR C 206 -57.33 2.20 -8.47
CA TYR C 206 -57.45 1.17 -7.45
C TYR C 206 -58.60 1.49 -6.51
N ILE C 207 -58.68 2.74 -6.04
CA ILE C 207 -59.75 3.15 -5.12
C ILE C 207 -61.12 2.80 -5.69
N VAL C 208 -61.35 3.12 -6.96
CA VAL C 208 -62.67 2.96 -7.54
C VAL C 208 -62.94 1.50 -7.90
N ASN C 209 -61.97 0.83 -8.54
CA ASN C 209 -62.21 -0.47 -9.13
C ASN C 209 -61.78 -1.65 -8.27
N GLU C 210 -61.06 -1.41 -7.17
CA GLU C 210 -60.62 -2.49 -6.30
C GLU C 210 -61.00 -2.32 -4.84
N ALA C 211 -61.25 -1.10 -4.37
CA ALA C 211 -61.60 -0.85 -2.96
C ALA C 211 -63.00 -0.31 -2.78
N ASN C 212 -63.81 -0.26 -3.85
CA ASN C 212 -65.19 0.20 -3.77
C ASN C 212 -65.30 1.61 -3.20
N GLY C 213 -64.29 2.44 -3.44
CA GLY C 213 -64.28 3.81 -2.97
C GLY C 213 -64.59 4.79 -4.09
N THR C 214 -64.45 6.08 -3.76
CA THR C 214 -64.74 7.13 -4.70
C THR C 214 -63.60 8.14 -4.72
N ALA C 215 -63.44 8.79 -5.87
CA ALA C 215 -62.45 9.84 -6.06
C ALA C 215 -63.12 10.97 -6.86
N ASP C 216 -63.32 12.11 -6.22
CA ASP C 216 -64.08 13.17 -6.85
C ASP C 216 -63.24 14.44 -6.95
N PRO C 217 -63.38 15.21 -8.03
CA PRO C 217 -62.61 16.45 -8.17
C PRO C 217 -63.13 17.51 -7.21
N SER C 218 -62.42 18.64 -7.18
CA SER C 218 -62.83 19.79 -6.38
C SER C 218 -62.20 21.08 -6.91
N GLY C 221 -58.51 22.12 -5.74
CA GLY C 221 -57.22 21.55 -6.12
C GLY C 221 -57.14 20.04 -6.02
N PRO C 222 -56.80 19.52 -4.84
CA PRO C 222 -56.62 18.07 -4.70
C PRO C 222 -57.97 17.37 -4.71
N LEU C 223 -57.96 16.12 -5.16
CA LEU C 223 -59.16 15.31 -5.14
C LEU C 223 -59.56 15.00 -3.69
N THR C 224 -60.81 14.58 -3.53
CA THR C 224 -61.30 14.04 -2.28
C THR C 224 -61.49 12.53 -2.45
N ILE C 225 -60.88 11.76 -1.56
CA ILE C 225 -60.90 10.30 -1.63
C ILE C 225 -61.85 9.79 -0.54
N HIS C 226 -62.75 8.88 -0.91
CA HIS C 226 -63.61 8.18 0.05
C HIS C 226 -63.35 6.69 -0.08
N ALA C 227 -62.72 6.11 0.94
CA ALA C 227 -62.39 4.69 0.88
C ALA C 227 -62.11 4.17 2.29
N PHE C 228 -62.48 2.91 2.52
CA PHE C 228 -62.22 2.24 3.80
C PHE C 228 -62.81 3.02 4.97
N GLY C 229 -63.94 3.68 4.74
CA GLY C 229 -64.58 4.46 5.79
C GLY C 229 -63.87 5.75 6.15
N ARG C 230 -62.87 6.17 5.39
CA ARG C 230 -62.14 7.39 5.66
C ARG C 230 -62.30 8.37 4.50
N THR C 231 -62.04 9.64 4.81
CA THR C 231 -62.01 10.71 3.81
C THR C 231 -60.66 11.42 3.89
N LEU C 232 -60.02 11.61 2.75
CA LEU C 232 -58.73 12.30 2.67
C LEU C 232 -58.60 12.98 1.31
N ARG C 233 -57.46 13.60 1.08
CA ARG C 233 -57.22 14.31 -0.17
C ARG C 233 -56.02 13.71 -0.88
N ALA C 234 -55.94 13.95 -2.19
CA ALA C 234 -54.85 13.40 -2.97
C ALA C 234 -54.63 14.26 -4.21
N ALA C 235 -53.37 14.42 -4.61
CA ALA C 235 -53.03 15.23 -5.77
C ALA C 235 -51.62 14.86 -6.24
N ALA C 236 -51.23 15.43 -7.37
CA ALA C 236 -49.89 15.28 -7.90
C ALA C 236 -49.07 16.53 -7.62
N TYR C 237 -47.82 16.31 -7.20
CA TYR C 237 -46.86 17.38 -6.93
C TYR C 237 -45.50 16.92 -7.44
N PRO C 238 -45.14 17.29 -8.68
CA PRO C 238 -43.85 16.83 -9.24
C PRO C 238 -42.67 17.50 -8.57
N ILE C 239 -41.76 16.70 -8.00
CA ILE C 239 -40.61 17.25 -7.30
C ILE C 239 -39.68 17.91 -8.32
N GLY C 240 -39.13 19.05 -7.94
CA GLY C 240 -38.33 19.84 -8.85
C GLY C 240 -36.91 20.03 -8.36
N VAL C 241 -36.18 21.01 -8.91
CA VAL C 241 -34.85 21.39 -8.45
C VAL C 241 -34.79 22.90 -8.29
N TYR C 242 -33.61 23.42 -7.92
CA TYR C 242 -33.35 24.84 -8.01
C TYR C 242 -32.50 25.05 -9.26
N PRO C 243 -33.10 25.30 -10.42
CA PRO C 243 -32.34 25.23 -11.67
C PRO C 243 -31.22 26.25 -11.77
N ASP C 244 -31.46 27.47 -11.29
CA ASP C 244 -30.45 28.50 -11.42
C ASP C 244 -29.32 28.29 -10.41
N GLU C 245 -29.62 27.64 -9.28
CA GLU C 245 -28.54 27.24 -8.37
C GLU C 245 -27.66 26.18 -9.02
N ILE C 246 -28.26 25.19 -9.67
CA ILE C 246 -27.48 24.16 -10.36
C ILE C 246 -26.66 24.77 -11.48
N ALA C 247 -27.24 25.71 -12.24
CA ALA C 247 -26.48 26.40 -13.27
C ALA C 247 -25.24 27.08 -12.69
N GLU C 248 -25.40 27.79 -11.57
CA GLU C 248 -24.27 28.48 -10.97
C GLU C 248 -23.23 27.48 -10.46
N LEU C 249 -23.70 26.40 -9.83
CA LEU C 249 -22.82 25.33 -9.37
C LEU C 249 -22.04 24.74 -10.53
N ALA C 250 -22.71 24.49 -11.66
CA ALA C 250 -22.04 23.92 -12.81
C ALA C 250 -21.00 24.88 -13.37
N LYS C 251 -21.37 26.14 -13.51
CA LYS C 251 -20.45 27.17 -13.98
C LYS C 251 -19.27 27.31 -13.02
N ALA C 252 -19.52 27.25 -11.71
CA ALA C 252 -18.45 27.36 -10.73
C ALA C 252 -17.44 26.22 -10.83
N GLY C 253 -17.81 25.11 -11.46
CA GLY C 253 -16.89 24.01 -11.63
C GLY C 253 -16.18 23.98 -12.96
N GLU C 254 -16.40 24.99 -13.81
CA GLU C 254 -15.92 24.90 -15.19
C GLU C 254 -14.39 24.98 -15.28
N ARG C 255 -13.71 25.47 -14.24
CA ARG C 255 -12.25 25.46 -14.22
C ARG C 255 -11.70 24.37 -13.30
N GLY C 256 -12.55 23.46 -12.83
CA GLY C 256 -12.12 22.45 -11.89
C GLY C 256 -11.39 21.31 -12.55
N LYS C 257 -10.72 20.52 -11.71
CA LYS C 257 -9.94 19.40 -12.24
C LYS C 257 -10.80 18.34 -12.91
N PRO C 258 -11.97 17.92 -12.37
CA PRO C 258 -12.80 16.97 -13.13
C PRO C 258 -13.09 17.41 -14.55
N VAL C 259 -13.55 18.65 -14.74
CA VAL C 259 -13.87 19.14 -16.07
C VAL C 259 -12.63 19.19 -16.95
N ARG C 260 -11.52 19.74 -16.41
CA ARG C 260 -10.31 19.88 -17.22
C ARG C 260 -9.72 18.52 -17.61
N THR C 261 -9.68 17.56 -16.68
CA THR C 261 -9.14 16.25 -17.06
C THR C 261 -10.10 15.55 -18.03
N MET C 262 -11.41 15.72 -17.84
CA MET C 262 -12.35 15.13 -18.77
C MET C 262 -12.18 15.70 -20.18
N LYS C 263 -11.94 17.01 -20.28
CA LYS C 263 -11.74 17.61 -21.59
C LYS C 263 -10.46 17.09 -22.25
N ALA C 264 -9.38 16.94 -21.48
CA ALA C 264 -8.13 16.45 -22.05
C ALA C 264 -8.29 15.02 -22.55
N THR C 265 -9.02 14.19 -21.80
CA THR C 265 -9.22 12.80 -22.22
C THR C 265 -10.02 12.71 -23.52
N LEU C 266 -11.07 13.53 -23.66
CA LEU C 266 -11.92 13.46 -24.84
C LEU C 266 -11.22 14.00 -26.08
N HIS C 267 -10.29 14.93 -25.89
CA HIS C 267 -9.69 15.79 -26.92
C HIS C 267 -10.58 15.92 -28.15
N SER C 268 -11.66 16.68 -28.00
CA SER C 268 -12.60 17.13 -29.01
C SER C 268 -13.66 16.09 -29.37
N ARG C 269 -13.62 14.87 -28.85
CA ARG C 269 -14.75 13.97 -29.07
C ARG C 269 -15.97 14.49 -28.31
N LYS C 270 -17.15 14.20 -28.85
CA LYS C 270 -18.36 14.55 -28.14
C LYS C 270 -18.57 13.63 -26.95
N LEU C 271 -19.31 14.12 -25.96
CA LEU C 271 -19.53 13.41 -24.70
C LEU C 271 -21.01 13.17 -24.50
N ILE C 272 -21.39 11.90 -24.45
CA ILE C 272 -22.69 11.47 -23.96
C ILE C 272 -22.52 11.11 -22.49
N MET C 273 -23.36 11.67 -21.61
CA MET C 273 -23.16 11.45 -20.19
C MET C 273 -24.44 10.94 -19.52
N SER C 274 -24.28 9.94 -18.67
CA SER C 274 -25.33 9.39 -17.84
C SER C 274 -24.85 9.29 -16.40
N VAL C 275 -25.79 9.48 -15.47
CA VAL C 275 -25.56 9.27 -14.03
C VAL C 275 -26.77 8.55 -13.46
N ASP C 276 -26.55 7.34 -12.93
CA ASP C 276 -27.64 6.51 -12.42
C ASP C 276 -27.11 5.61 -11.32
N ARG C 277 -27.77 5.57 -10.16
CA ARG C 277 -27.62 4.37 -9.30
C ARG C 277 -27.76 3.14 -10.19
N LEU C 278 -26.94 2.12 -9.95
CA LEU C 278 -26.96 0.93 -10.81
C LEU C 278 -28.13 0.05 -10.37
N ASP C 279 -29.32 0.52 -10.73
CA ASP C 279 -30.59 -0.08 -10.40
C ASP C 279 -31.22 -0.68 -11.65
N TYR C 280 -31.90 -1.82 -11.50
CA TYR C 280 -32.57 -2.37 -12.67
C TYR C 280 -33.67 -1.48 -13.22
N SER C 281 -34.15 -0.51 -12.44
CA SER C 281 -35.18 0.40 -12.96
C SER C 281 -34.63 1.35 -14.04
N LYS C 282 -33.31 1.51 -14.12
CA LYS C 282 -32.73 2.60 -14.91
C LYS C 282 -32.49 2.25 -16.36
N GLY C 283 -32.84 1.04 -16.80
CA GLY C 283 -32.72 0.68 -18.21
C GLY C 283 -31.31 0.75 -18.75
N LEU C 284 -30.32 0.37 -17.95
CA LEU C 284 -28.93 0.62 -18.32
C LEU C 284 -28.45 -0.33 -19.41
N VAL C 285 -28.96 -1.56 -19.45
CA VAL C 285 -28.59 -2.48 -20.53
C VAL C 285 -29.14 -2.01 -21.88
N GLU C 286 -30.42 -1.62 -21.91
CA GLU C 286 -30.98 -1.07 -23.14
C GLU C 286 -30.24 0.20 -23.57
N ARG C 287 -29.85 1.01 -22.59
CA ARG C 287 -29.14 2.25 -22.87
C ARG C 287 -27.79 1.97 -23.52
N PHE C 288 -27.05 1.00 -22.98
CA PHE C 288 -25.78 0.60 -23.58
C PHE C 288 -25.98 0.03 -24.98
N ARG C 289 -27.00 -0.83 -25.15
CA ARG C 289 -27.25 -1.45 -26.43
C ARG C 289 -27.60 -0.44 -27.51
N ALA C 290 -28.22 0.68 -27.14
CA ALA C 290 -28.54 1.69 -28.14
C ALA C 290 -27.31 2.50 -28.54
N PHE C 291 -26.38 2.71 -27.60
CA PHE C 291 -25.10 3.31 -27.99
C PHE C 291 -24.31 2.37 -28.89
N GLU C 292 -24.35 1.07 -28.61
CA GLU C 292 -23.75 0.10 -29.51
C GLU C 292 -24.39 0.18 -30.89
N ARG C 293 -25.73 0.29 -30.94
CA ARG C 293 -26.45 0.35 -32.21
C ARG C 293 -26.11 1.63 -32.98
N LEU C 294 -25.91 2.73 -32.25
CA LEU C 294 -25.43 3.96 -32.91
C LEU C 294 -24.09 3.73 -33.59
N LEU C 295 -23.15 3.10 -32.89
CA LEU C 295 -21.85 2.80 -33.46
C LEU C 295 -21.95 1.83 -34.63
N GLU C 296 -22.87 0.85 -34.56
CA GLU C 296 -23.07 -0.08 -35.67
C GLU C 296 -23.53 0.64 -36.92
N HIS C 297 -24.46 1.58 -36.77
CA HIS C 297 -25.14 2.17 -37.93
C HIS C 297 -24.44 3.41 -38.46
N SER C 298 -23.77 4.18 -37.61
CA SER C 298 -23.07 5.40 -38.01
C SER C 298 -21.60 5.17 -37.78
N THR C 299 -20.91 4.60 -38.77
CA THR C 299 -19.47 4.45 -38.65
C THR C 299 -18.80 5.80 -38.40
N ALA C 300 -19.45 6.89 -38.84
CA ALA C 300 -18.92 8.24 -38.64
C ALA C 300 -18.85 8.64 -37.17
N GLN C 301 -19.60 7.99 -36.30
CA GLN C 301 -19.47 8.34 -34.89
C GLN C 301 -18.28 7.67 -34.22
N ARG C 302 -17.70 6.64 -34.83
CA ARG C 302 -16.65 5.88 -34.16
C ARG C 302 -15.42 6.75 -33.98
N ASN C 303 -14.89 6.76 -32.76
CA ASN C 303 -13.77 7.62 -32.35
C ASN C 303 -14.11 9.11 -32.36
N LYS C 304 -15.39 9.47 -32.49
CA LYS C 304 -15.82 10.87 -32.44
C LYS C 304 -16.73 11.16 -31.25
N VAL C 305 -17.02 10.16 -30.42
CA VAL C 305 -17.93 10.32 -29.28
C VAL C 305 -17.55 9.27 -28.25
N SER C 306 -17.78 9.61 -26.98
CA SER C 306 -17.58 8.68 -25.89
C SER C 306 -18.75 8.79 -24.93
N PHE C 307 -19.12 7.66 -24.32
CA PHE C 307 -20.28 7.53 -23.45
C PHE C 307 -19.75 7.35 -22.03
N LEU C 308 -19.94 8.38 -21.20
CA LEU C 308 -19.60 8.29 -19.78
C LEU C 308 -20.83 7.84 -18.99
N GLN C 309 -20.72 6.68 -18.35
CA GLN C 309 -21.76 6.17 -17.46
C GLN C 309 -21.22 6.13 -16.05
N ILE C 310 -21.66 7.07 -15.23
CA ILE C 310 -21.37 7.01 -13.80
C ILE C 310 -22.52 6.24 -13.18
N ALA C 311 -22.21 5.13 -12.50
CA ALA C 311 -23.22 4.19 -12.02
C ALA C 311 -22.85 3.72 -10.61
N PRO C 312 -23.15 4.53 -9.59
CA PRO C 312 -22.73 4.17 -8.25
C PRO C 312 -23.41 2.91 -7.75
N PRO C 313 -22.76 2.17 -6.86
CA PRO C 313 -23.41 1.03 -6.20
C PRO C 313 -24.66 1.46 -5.45
N THR C 314 -25.64 0.56 -5.43
CA THR C 314 -26.85 0.80 -4.66
C THR C 314 -27.34 -0.57 -4.19
N ARG C 315 -27.73 -0.66 -2.91
CA ARG C 315 -28.40 -1.84 -2.39
C ARG C 315 -27.61 -3.11 -2.73
N ALA C 316 -26.29 -3.02 -2.60
CA ALA C 316 -25.40 -4.01 -3.19
C ALA C 316 -25.48 -5.37 -2.51
N ASP C 317 -26.06 -5.45 -1.30
CA ASP C 317 -26.22 -6.73 -0.61
C ASP C 317 -27.48 -7.47 -1.04
N MET C 318 -28.06 -7.09 -2.17
CA MET C 318 -29.24 -7.75 -2.71
C MET C 318 -28.88 -8.45 -4.01
N HIS C 319 -29.35 -9.70 -4.15
CA HIS C 319 -28.99 -10.50 -5.31
C HIS C 319 -29.43 -9.83 -6.62
N ALA C 320 -30.62 -9.21 -6.62
CA ALA C 320 -31.12 -8.58 -7.84
C ALA C 320 -30.22 -7.44 -8.28
N TYR C 321 -29.60 -6.74 -7.34
CA TYR C 321 -28.71 -5.64 -7.69
C TYR C 321 -27.34 -6.13 -8.12
N GLN C 322 -26.84 -7.21 -7.50
CA GLN C 322 -25.64 -7.87 -8.00
C GLN C 322 -25.85 -8.35 -9.45
N ASP C 323 -27.04 -8.92 -9.74
CA ASP C 323 -27.33 -9.45 -11.07
C ASP C 323 -27.25 -8.37 -12.15
N ILE C 324 -27.96 -7.25 -11.96
CA ILE C 324 -27.98 -6.23 -13.01
C ILE C 324 -26.60 -5.60 -13.19
N ARG C 325 -25.81 -5.50 -12.10
CA ARG C 325 -24.43 -5.03 -12.24
C ARG C 325 -23.62 -5.97 -13.16
N LEU C 326 -23.70 -7.27 -12.91
CA LEU C 326 -22.98 -8.23 -13.74
C LEU C 326 -23.41 -8.12 -15.21
N GLN C 327 -24.72 -7.98 -15.45
CA GLN C 327 -25.17 -7.90 -16.84
C GLN C 327 -24.62 -6.64 -17.50
N LEU C 328 -24.67 -5.50 -16.81
CA LEU C 328 -24.20 -4.24 -17.39
C LEU C 328 -22.69 -4.28 -17.62
N GLU C 329 -21.95 -4.87 -16.69
CA GLU C 329 -20.50 -4.95 -16.86
C GLU C 329 -20.13 -5.83 -18.06
N GLY C 330 -20.89 -6.92 -18.27
CA GLY C 330 -20.70 -7.70 -19.50
C GLY C 330 -21.02 -6.91 -20.76
N GLU C 331 -22.05 -6.06 -20.72
CA GLU C 331 -22.37 -5.19 -21.85
C GLU C 331 -21.21 -4.23 -22.15
N SER C 332 -20.68 -3.58 -21.11
CA SER C 332 -19.58 -2.64 -21.32
CA SER C 332 -19.57 -2.64 -21.28
C SER C 332 -18.38 -3.33 -21.97
N GLY C 333 -18.04 -4.53 -21.52
CA GLY C 333 -16.92 -5.25 -22.10
C GLY C 333 -17.14 -5.62 -23.55
N ARG C 334 -18.35 -6.11 -23.88
CA ARG C 334 -18.62 -6.48 -25.26
C ARG C 334 -18.48 -5.27 -26.19
N ILE C 335 -19.17 -4.17 -25.85
CA ILE C 335 -19.22 -3.00 -26.74
C ILE C 335 -17.86 -2.36 -26.86
N ASN C 336 -17.11 -2.25 -25.76
CA ASN C 336 -15.76 -1.71 -25.85
C ASN C 336 -14.88 -2.63 -26.68
N GLY C 337 -14.97 -3.94 -26.45
CA GLY C 337 -14.17 -4.88 -27.24
C GLY C 337 -14.45 -4.78 -28.73
N ARG C 338 -15.72 -4.54 -29.11
CA ARG C 338 -16.07 -4.53 -30.52
C ARG C 338 -15.59 -3.27 -31.24
N PHE C 339 -15.58 -2.13 -30.55
CA PHE C 339 -15.39 -0.86 -31.23
C PHE C 339 -14.17 -0.09 -30.79
N ALA C 340 -13.50 -0.50 -29.72
CA ALA C 340 -12.35 0.25 -29.22
C ALA C 340 -11.23 0.32 -30.24
N GLU C 341 -10.43 1.37 -30.12
CA GLU C 341 -9.19 1.52 -30.86
C GLU C 341 -8.11 1.76 -29.81
N LEU C 342 -6.85 1.73 -30.25
CA LEU C 342 -5.75 1.97 -29.31
C LEU C 342 -5.95 3.25 -28.52
N ASP C 343 -6.61 4.25 -29.10
CA ASP C 343 -6.75 5.56 -28.48
C ASP C 343 -8.21 5.90 -28.16
N TRP C 344 -9.10 4.92 -28.17
CA TRP C 344 -10.52 5.21 -27.96
C TRP C 344 -11.16 4.10 -27.15
N THR C 345 -11.69 4.47 -25.99
CA THR C 345 -12.54 3.59 -25.21
C THR C 345 -13.98 4.06 -25.36
N PRO C 346 -14.84 3.33 -26.09
CA PRO C 346 -16.20 3.86 -26.37
C PRO C 346 -17.04 4.16 -25.13
N ILE C 347 -17.05 3.25 -24.14
CA ILE C 347 -17.85 3.43 -22.93
C ILE C 347 -16.91 3.56 -21.73
N LEU C 348 -17.06 4.67 -21.01
CA LEU C 348 -16.35 4.93 -19.77
C LEU C 348 -17.30 4.64 -18.61
N TYR C 349 -17.18 3.43 -18.05
CA TYR C 349 -18.08 2.97 -17.00
C TYR C 349 -17.38 3.09 -15.65
N ILE C 350 -18.00 3.78 -14.71
CA ILE C 350 -17.39 4.05 -13.41
C ILE C 350 -18.39 3.70 -12.33
N HIS C 351 -18.07 2.71 -11.52
CA HIS C 351 -19.00 2.18 -10.51
C HIS C 351 -18.74 2.82 -9.15
N LYS C 352 -18.89 4.16 -9.10
CA LYS C 352 -18.51 4.93 -7.92
C LYS C 352 -19.39 6.17 -7.79
N GLN C 353 -19.54 6.67 -6.55
CA GLN C 353 -20.30 7.88 -6.27
C GLN C 353 -19.44 9.12 -6.52
N TYR C 354 -20.08 10.19 -6.96
CA TYR C 354 -19.46 11.49 -7.15
C TYR C 354 -20.24 12.54 -6.36
N GLU C 355 -19.59 13.64 -6.03
CA GLU C 355 -20.30 14.77 -5.42
CA GLU C 355 -20.31 14.74 -5.42
C GLU C 355 -21.24 15.38 -6.45
N ARG C 356 -22.41 15.82 -5.97
CA ARG C 356 -23.41 16.37 -6.89
C ARG C 356 -22.90 17.63 -7.58
N SER C 357 -22.07 18.42 -6.89
CA SER C 357 -21.48 19.61 -7.52
C SER C 357 -20.56 19.23 -8.68
N VAL C 358 -19.82 18.13 -8.54
CA VAL C 358 -18.96 17.66 -9.62
C VAL C 358 -19.81 17.17 -10.80
N LEU C 359 -20.86 16.38 -10.53
CA LEU C 359 -21.75 15.96 -11.61
C LEU C 359 -22.31 17.16 -12.37
N ALA C 360 -22.70 18.21 -11.64
CA ALA C 360 -23.25 19.39 -12.28
C ALA C 360 -22.21 20.04 -13.18
N ALA C 361 -20.95 20.11 -12.73
CA ALA C 361 -19.93 20.72 -13.58
C ALA C 361 -19.67 19.88 -14.83
N LEU C 362 -19.74 18.55 -14.70
CA LEU C 362 -19.54 17.66 -15.86
C LEU C 362 -20.74 17.69 -16.81
N PHE C 363 -21.95 17.73 -16.27
CA PHE C 363 -23.15 17.86 -17.10
C PHE C 363 -23.00 18.99 -18.11
N ARG C 364 -22.48 20.14 -17.66
CA ARG C 364 -22.31 21.32 -18.51
C ARG C 364 -21.38 21.07 -19.69
N THR C 365 -20.49 20.10 -19.59
CA THR C 365 -19.59 19.78 -20.71
C THR C 365 -20.15 18.69 -21.63
N ALA C 366 -21.29 18.09 -21.31
CA ALA C 366 -21.79 16.94 -22.04
C ALA C 366 -22.74 17.38 -23.17
N HIS C 367 -22.42 16.97 -24.39
CA HIS C 367 -23.26 17.28 -25.56
C HIS C 367 -24.63 16.62 -25.46
N VAL C 368 -24.72 15.47 -24.81
CA VAL C 368 -25.96 14.73 -24.69
C VAL C 368 -26.11 14.26 -23.24
N GLY C 369 -27.26 14.56 -22.64
CA GLY C 369 -27.64 13.98 -21.37
C GLY C 369 -28.55 12.80 -21.66
N TYR C 370 -28.15 11.62 -21.20
CA TYR C 370 -28.71 10.35 -21.65
C TYR C 370 -29.40 9.72 -20.45
N VAL C 371 -30.73 9.87 -20.38
CA VAL C 371 -31.51 9.54 -19.18
C VAL C 371 -32.68 8.68 -19.65
N THR C 372 -32.52 7.34 -19.60
CA THR C 372 -33.51 6.43 -20.19
C THR C 372 -34.03 5.35 -19.25
N PRO C 373 -34.48 5.71 -18.03
CA PRO C 373 -35.02 4.67 -17.13
C PRO C 373 -36.25 3.99 -17.71
N LEU C 374 -36.39 2.69 -17.37
CA LEU C 374 -37.60 1.96 -17.77
C LEU C 374 -38.82 2.47 -17.03
N ARG C 375 -38.65 2.83 -15.75
CA ARG C 375 -39.66 3.47 -14.92
C ARG C 375 -38.93 4.36 -13.93
N ASP C 376 -39.48 5.55 -13.67
CA ASP C 376 -38.83 6.46 -12.73
C ASP C 376 -39.89 7.43 -12.24
N GLY C 377 -39.97 7.57 -10.91
CA GLY C 377 -40.94 8.50 -10.35
C GLY C 377 -40.77 9.92 -10.87
N MET C 378 -39.53 10.37 -11.04
CA MET C 378 -39.32 11.70 -11.60
C MET C 378 -38.07 11.74 -12.45
N ASN C 379 -36.92 11.55 -11.78
CA ASN C 379 -35.54 11.58 -12.26
C ASN C 379 -34.99 12.99 -12.16
N LEU C 380 -34.33 13.27 -11.03
CA LEU C 380 -33.71 14.58 -10.85
C LEU C 380 -32.52 14.76 -11.77
N VAL C 381 -31.83 13.68 -12.15
CA VAL C 381 -30.66 13.83 -13.02
C VAL C 381 -31.06 14.49 -14.33
N ALA C 382 -32.22 14.16 -14.88
CA ALA C 382 -32.67 14.81 -16.10
C ALA C 382 -32.79 16.32 -15.90
N LYS C 383 -33.39 16.73 -14.78
CA LYS C 383 -33.56 18.17 -14.52
C LYS C 383 -32.23 18.84 -14.21
N GLU C 384 -31.32 18.12 -13.55
CA GLU C 384 -30.01 18.70 -13.22
C GLU C 384 -29.19 18.87 -14.48
N TYR C 385 -29.25 17.91 -15.40
CA TYR C 385 -28.51 18.01 -16.64
C TYR C 385 -28.94 19.26 -17.41
N VAL C 386 -30.26 19.44 -17.58
CA VAL C 386 -30.75 20.63 -18.28
C VAL C 386 -30.30 21.90 -17.55
N SER C 387 -30.49 21.93 -16.23
CA SER C 387 -30.15 23.13 -15.45
C SER C 387 -28.68 23.49 -15.58
N ALA C 388 -27.80 22.49 -15.72
CA ALA C 388 -26.37 22.76 -15.69
C ALA C 388 -25.87 23.41 -16.97
N GLN C 389 -26.67 23.42 -18.04
CA GLN C 389 -26.16 23.78 -19.34
C GLN C 389 -25.84 25.26 -19.44
N ASP C 390 -24.79 25.56 -20.19
CA ASP C 390 -24.53 26.93 -20.61
C ASP C 390 -25.59 27.31 -21.64
N PRO C 391 -26.43 28.31 -21.37
CA PRO C 391 -27.43 28.70 -22.38
C PRO C 391 -26.83 29.17 -23.70
N GLU C 392 -25.55 29.56 -23.71
CA GLU C 392 -24.89 29.94 -24.96
C GLU C 392 -24.45 28.74 -25.78
N ASN C 393 -24.47 27.52 -25.20
CA ASN C 393 -24.09 26.31 -25.92
C ASN C 393 -24.66 25.08 -25.20
N PRO C 394 -25.99 24.93 -25.13
CA PRO C 394 -26.55 23.85 -24.32
C PRO C 394 -26.57 22.52 -25.05
N GLY C 395 -26.38 21.44 -24.29
CA GLY C 395 -26.51 20.11 -24.82
C GLY C 395 -27.97 19.70 -24.95
N VAL C 396 -28.18 18.44 -25.31
CA VAL C 396 -29.50 17.91 -25.64
C VAL C 396 -29.84 16.83 -24.63
N LEU C 397 -31.07 16.87 -24.11
CA LEU C 397 -31.54 15.81 -23.21
C LEU C 397 -32.28 14.74 -23.99
N VAL C 398 -31.83 13.49 -23.87
CA VAL C 398 -32.53 12.33 -24.37
C VAL C 398 -33.20 11.67 -23.16
N LEU C 399 -34.53 11.59 -23.17
CA LEU C 399 -35.30 11.26 -21.98
C LEU C 399 -36.34 10.17 -22.26
N SER C 400 -36.35 9.15 -21.41
CA SER C 400 -37.37 8.11 -21.49
C SER C 400 -38.76 8.68 -21.21
N ARG C 401 -39.74 8.29 -22.02
CA ARG C 401 -41.12 8.69 -21.76
C ARG C 401 -41.62 8.16 -20.42
N PHE C 402 -40.93 7.22 -19.80
CA PHE C 402 -41.37 6.65 -18.54
C PHE C 402 -40.74 7.29 -17.31
N ALA C 403 -39.85 8.28 -17.48
CA ALA C 403 -39.48 9.12 -16.35
C ALA C 403 -40.58 10.13 -16.09
N GLY C 404 -40.93 10.30 -14.81
CA GLY C 404 -41.90 11.32 -14.45
C GLY C 404 -41.60 12.69 -15.03
N ALA C 405 -40.30 13.01 -15.22
CA ALA C 405 -39.90 14.32 -15.72
C ALA C 405 -40.33 14.57 -17.16
N ALA C 406 -40.62 13.50 -17.91
CA ALA C 406 -41.08 13.64 -19.29
C ALA C 406 -42.47 14.27 -19.37
N GLN C 407 -43.26 14.25 -18.29
CA GLN C 407 -44.54 14.95 -18.29
C GLN C 407 -44.37 16.45 -18.40
N GLU C 408 -43.21 17.00 -18.04
CA GLU C 408 -43.03 18.45 -18.09
C GLU C 408 -41.88 18.92 -18.98
N LEU C 409 -40.91 18.06 -19.34
CA LEU C 409 -39.74 18.52 -20.09
C LEU C 409 -39.96 18.32 -21.59
N ASP C 410 -40.72 19.25 -22.17
CA ASP C 410 -41.08 19.18 -23.59
C ASP C 410 -39.88 19.28 -24.52
N GLY C 411 -38.84 20.00 -24.13
CA GLY C 411 -37.68 20.17 -25.00
C GLY C 411 -36.76 18.97 -25.14
N ALA C 412 -37.03 17.88 -24.44
CA ALA C 412 -36.16 16.71 -24.56
C ALA C 412 -36.52 15.90 -25.80
N LEU C 413 -35.57 15.10 -26.26
CA LEU C 413 -35.89 14.03 -27.21
C LEU C 413 -36.42 12.84 -26.42
N ILE C 414 -37.71 12.57 -26.57
CA ILE C 414 -38.41 11.56 -25.78
C ILE C 414 -38.30 10.22 -26.49
N VAL C 415 -37.92 9.17 -25.74
CA VAL C 415 -37.70 7.86 -26.30
C VAL C 415 -38.41 6.81 -25.46
N ASN C 416 -38.70 5.68 -26.10
CA ASN C 416 -39.12 4.47 -25.40
C ASN C 416 -37.89 3.60 -25.23
N PRO C 417 -37.42 3.37 -24.01
CA PRO C 417 -36.14 2.67 -23.84
C PRO C 417 -36.17 1.21 -24.33
N VAL C 418 -37.35 0.62 -24.49
CA VAL C 418 -37.44 -0.70 -25.12
C VAL C 418 -37.05 -0.64 -26.60
N ASP C 419 -37.18 0.52 -27.25
CA ASP C 419 -36.93 0.64 -28.69
C ASP C 419 -35.46 1.03 -28.86
N ILE C 420 -34.61 0.03 -29.07
CA ILE C 420 -33.17 0.28 -29.17
C ILE C 420 -32.85 1.19 -30.35
N ASP C 421 -33.46 0.91 -31.50
CA ASP C 421 -33.22 1.79 -32.65
C ASP C 421 -33.73 3.19 -32.39
N GLY C 422 -34.91 3.30 -31.77
CA GLY C 422 -35.43 4.61 -31.44
C GLY C 422 -34.47 5.42 -30.58
N MET C 423 -33.82 4.77 -29.62
CA MET C 423 -32.86 5.50 -28.78
C MET C 423 -31.58 5.81 -29.53
N ALA C 424 -31.09 4.90 -30.36
CA ALA C 424 -29.91 5.21 -31.16
C ALA C 424 -30.18 6.38 -32.12
N GLU C 425 -31.40 6.45 -32.65
CA GLU C 425 -31.74 7.55 -33.54
C GLU C 425 -31.80 8.87 -32.80
N ALA C 426 -32.32 8.85 -31.58
CA ALA C 426 -32.31 10.05 -30.74
C ALA C 426 -30.90 10.52 -30.42
N LEU C 427 -29.97 9.57 -30.16
CA LEU C 427 -28.57 9.95 -29.96
C LEU C 427 -28.00 10.63 -31.20
N ALA C 428 -28.21 10.04 -32.38
CA ALA C 428 -27.72 10.65 -33.61
C ALA C 428 -28.28 12.06 -33.79
N ARG C 429 -29.60 12.22 -33.59
CA ARG C 429 -30.19 13.54 -33.74
C ARG C 429 -29.64 14.51 -32.70
N ALA C 430 -29.43 14.03 -31.47
CA ALA C 430 -28.96 14.88 -30.40
C ALA C 430 -27.54 15.36 -30.63
N LEU C 431 -26.67 14.47 -31.12
CA LEU C 431 -25.26 14.82 -31.28
C LEU C 431 -25.04 15.90 -32.34
N ASP C 432 -25.89 15.95 -33.37
CA ASP C 432 -25.72 16.84 -34.51
C ASP C 432 -26.69 18.02 -34.49
N MET C 433 -27.40 18.23 -33.39
CA MET C 433 -28.49 19.22 -33.41
C MET C 433 -27.94 20.63 -33.53
N PRO C 434 -28.46 21.45 -34.43
CA PRO C 434 -27.93 22.81 -34.58
C PRO C 434 -28.20 23.65 -33.33
N LEU C 435 -27.38 24.68 -33.16
CA LEU C 435 -27.38 25.49 -31.94
C LEU C 435 -28.76 26.10 -31.65
N ALA C 436 -29.39 26.72 -32.65
CA ALA C 436 -30.65 27.42 -32.40
C ALA C 436 -31.73 26.49 -31.85
N GLU C 437 -31.83 25.27 -32.37
CA GLU C 437 -32.80 24.32 -31.82
C GLU C 437 -32.39 23.85 -30.41
N ARG C 438 -31.09 23.63 -30.19
CA ARG C 438 -30.66 23.25 -28.85
C ARG C 438 -31.01 24.34 -27.84
N GLN C 439 -30.86 25.60 -28.23
CA GLN C 439 -31.20 26.73 -27.36
C GLN C 439 -32.71 26.85 -27.17
N ALA C 440 -33.49 26.72 -28.24
CA ALA C 440 -34.95 26.79 -28.08
C ALA C 440 -35.43 25.73 -27.08
N ARG C 441 -34.88 24.52 -27.16
CA ARG C 441 -35.32 23.45 -26.27
C ARG C 441 -34.87 23.70 -24.83
N HIS C 442 -33.63 24.16 -24.66
CA HIS C 442 -33.13 24.46 -23.33
C HIS C 442 -33.89 25.62 -22.69
N ARG C 443 -34.17 26.68 -23.45
CA ARG C 443 -34.94 27.81 -22.93
C ARG C 443 -36.31 27.37 -22.44
N ASP C 444 -37.05 26.63 -23.28
CA ASP C 444 -38.35 26.08 -22.91
C ASP C 444 -38.27 25.31 -21.60
N MET C 445 -37.28 24.42 -21.47
CA MET C 445 -37.22 23.58 -20.28
C MET C 445 -36.84 24.39 -19.03
N MET C 446 -35.97 25.40 -19.19
CA MET C 446 -35.59 26.20 -18.02
C MET C 446 -36.79 26.99 -17.49
N VAL C 447 -37.65 27.47 -18.38
CA VAL C 447 -38.90 28.11 -17.94
C VAL C 447 -39.70 27.16 -17.05
N GLN C 448 -39.87 25.92 -17.50
CA GLN C 448 -40.66 24.97 -16.72
C GLN C 448 -39.97 24.65 -15.40
N LEU C 449 -38.65 24.49 -15.40
CA LEU C 449 -37.95 24.12 -14.18
C LEU C 449 -37.97 25.25 -13.16
N ARG C 450 -37.87 26.50 -13.63
CA ARG C 450 -38.00 27.63 -12.71
C ARG C 450 -39.41 27.73 -12.15
N GLU C 451 -40.42 27.60 -13.02
CA GLU C 451 -41.80 27.77 -12.58
C GLU C 451 -42.20 26.69 -11.58
N ASN C 452 -41.60 25.50 -11.68
CA ASN C 452 -41.96 24.39 -10.81
C ASN C 452 -40.73 23.90 -10.05
N ASN C 453 -40.06 24.82 -9.36
CA ASN C 453 -38.87 24.51 -8.58
C ASN C 453 -39.28 23.83 -7.27
N VAL C 454 -38.27 23.38 -6.49
CA VAL C 454 -38.58 22.59 -5.32
CA VAL C 454 -38.47 22.64 -5.25
C VAL C 454 -39.28 23.45 -4.25
N SER C 455 -39.07 24.77 -4.23
CA SER C 455 -39.80 25.62 -3.30
C SER C 455 -41.30 25.58 -3.59
N VAL C 456 -41.67 25.68 -4.86
CA VAL C 456 -43.07 25.62 -5.25
C VAL C 456 -43.66 24.26 -4.87
N TRP C 457 -42.88 23.20 -5.07
CA TRP C 457 -43.33 21.85 -4.73
C TRP C 457 -43.58 21.71 -3.24
N ARG C 458 -42.59 22.09 -2.42
CA ARG C 458 -42.75 22.08 -0.98
C ARG C 458 -43.95 22.92 -0.56
N ASP C 459 -44.05 24.16 -1.04
CA ASP C 459 -45.09 25.05 -0.54
C ASP C 459 -46.46 24.59 -0.99
N ASN C 460 -46.59 24.05 -2.21
CA ASN C 460 -47.88 23.55 -2.67
C ASN C 460 -48.36 22.41 -1.77
N PHE C 461 -47.50 21.42 -1.53
CA PHE C 461 -47.89 20.29 -0.71
C PHE C 461 -48.26 20.74 0.70
N MET C 462 -47.40 21.55 1.32
CA MET C 462 -47.63 22.00 2.70
C MET C 462 -48.88 22.87 2.81
N ARG C 463 -49.15 23.69 1.80
CA ARG C 463 -50.38 24.48 1.81
C ARG C 463 -51.61 23.56 1.82
N ASP C 464 -51.61 22.55 0.94
CA ASP C 464 -52.74 21.62 0.91
C ASP C 464 -52.83 20.82 2.19
N LEU C 465 -51.69 20.45 2.78
CA LEU C 465 -51.73 19.63 3.98
C LEU C 465 -52.36 20.38 5.14
N GLN C 466 -52.00 21.65 5.30
CA GLN C 466 -52.51 22.47 6.39
C GLN C 466 -53.90 23.04 6.11
N GLY C 467 -54.46 22.81 4.93
CA GLY C 467 -55.77 23.35 4.60
C GLY C 467 -56.82 22.29 4.36
N GLY D 10 56.13 -29.67 18.59
CA GLY D 10 56.28 -28.24 18.86
C GLY D 10 54.99 -27.53 19.23
N ARG D 11 54.95 -26.96 20.42
CA ARG D 11 53.72 -26.36 20.93
C ARG D 11 53.39 -25.05 20.20
N LEU D 12 52.12 -24.90 19.84
CA LEU D 12 51.64 -23.67 19.18
C LEU D 12 51.28 -22.62 20.22
N ILE D 13 51.89 -21.43 20.11
CA ILE D 13 51.62 -20.30 20.98
C ILE D 13 50.90 -19.23 20.16
N ILE D 14 49.62 -19.03 20.41
CA ILE D 14 48.84 -17.96 19.81
C ILE D 14 49.02 -16.71 20.66
N VAL D 15 49.34 -15.59 20.01
CA VAL D 15 49.43 -14.30 20.67
C VAL D 15 48.45 -13.33 20.01
N SER D 16 47.59 -12.72 20.80
CA SER D 16 46.65 -11.72 20.28
C SER D 16 46.27 -10.79 21.41
N ASN D 17 45.72 -9.61 21.05
CA ASN D 17 45.20 -8.74 22.08
C ASN D 17 43.93 -9.33 22.69
N ARG D 18 42.89 -9.51 21.87
CA ARG D 18 41.64 -10.08 22.34
C ARG D 18 41.76 -11.60 22.45
N VAL D 19 41.31 -12.15 23.58
CA VAL D 19 41.35 -13.58 23.83
C VAL D 19 39.91 -14.08 24.03
N ALA D 20 39.60 -15.28 23.51
CA ALA D 20 38.25 -15.84 23.64
C ALA D 20 37.82 -15.85 25.10
N PRO D 21 36.54 -15.63 25.41
CA PRO D 21 36.13 -15.53 26.82
C PRO D 21 36.38 -16.84 27.57
N ILE D 22 36.98 -16.72 28.75
CA ILE D 22 37.34 -17.88 29.56
C ILE D 22 36.27 -18.13 30.62
N PRO D 27 28.79 -13.95 25.51
CA PRO D 27 29.35 -14.07 24.16
C PRO D 27 29.98 -12.76 23.71
N ALA D 28 31.07 -12.82 22.93
CA ALA D 28 31.77 -11.63 22.49
C ALA D 28 31.76 -11.58 20.96
N ALA D 29 31.62 -10.37 20.42
CA ALA D 29 31.64 -10.17 18.98
C ALA D 29 33.06 -9.89 18.52
N GLY D 30 33.45 -10.54 17.43
CA GLY D 30 34.78 -10.33 16.87
C GLY D 30 35.25 -11.61 16.23
N GLY D 31 35.67 -11.51 14.96
CA GLY D 31 36.01 -12.69 14.19
C GLY D 31 37.38 -13.24 14.50
N LEU D 32 38.29 -12.43 15.06
CA LEU D 32 39.59 -12.96 15.45
C LEU D 32 39.42 -14.03 16.52
N ALA D 33 38.73 -13.72 17.61
CA ALA D 33 38.60 -14.66 18.71
C ALA D 33 37.85 -15.91 18.27
N VAL D 34 36.86 -15.74 17.39
CA VAL D 34 36.08 -16.90 16.92
C VAL D 34 36.94 -17.80 16.05
N GLY D 35 37.63 -17.21 15.07
CA GLY D 35 38.38 -18.02 14.12
C GLY D 35 39.63 -18.62 14.73
N VAL D 36 40.32 -17.85 15.59
CA VAL D 36 41.48 -18.39 16.30
C VAL D 36 41.06 -19.53 17.20
N TYR D 37 39.93 -19.39 17.91
CA TYR D 37 39.51 -20.49 18.76
C TYR D 37 39.14 -21.71 17.92
N ASP D 38 38.46 -21.50 16.79
CA ASP D 38 38.17 -22.61 15.88
C ASP D 38 39.46 -23.31 15.45
N ALA D 39 40.51 -22.55 15.15
CA ALA D 39 41.76 -23.16 14.70
C ALA D 39 42.44 -23.94 15.82
N LEU D 40 42.28 -23.50 17.05
CA LEU D 40 43.06 -24.01 18.16
C LEU D 40 42.40 -25.15 18.90
N LYS D 41 41.09 -25.33 18.75
CA LYS D 41 40.35 -26.15 19.70
C LYS D 41 40.57 -27.65 19.52
N GLU D 42 40.97 -28.13 18.34
CA GLU D 42 41.10 -29.58 18.21
C GLU D 42 42.43 -30.08 18.75
N THR D 43 43.54 -29.42 18.40
CA THR D 43 44.86 -29.81 18.87
C THR D 43 45.36 -28.98 20.05
N GLY D 44 44.97 -27.74 20.15
CA GLY D 44 45.31 -26.98 21.33
C GLY D 44 46.67 -26.32 21.22
N GLY D 45 47.13 -25.84 22.35
CA GLY D 45 48.25 -24.94 22.45
C GLY D 45 48.00 -23.92 23.51
N MET D 46 48.79 -22.86 23.51
CA MET D 46 48.65 -21.77 24.47
C MET D 46 48.11 -20.56 23.74
N TRP D 47 47.19 -19.85 24.37
CA TRP D 47 46.67 -18.60 23.85
C TRP D 47 47.01 -17.51 24.87
N PHE D 48 47.92 -16.61 24.48
CA PHE D 48 48.41 -15.53 25.32
C PHE D 48 47.86 -14.19 24.85
N GLY D 49 47.46 -13.34 25.79
CA GLY D 49 47.07 -11.99 25.42
C GLY D 49 46.39 -11.26 26.57
N TRP D 50 45.63 -10.23 26.22
CA TRP D 50 45.01 -9.38 27.21
C TRP D 50 43.79 -10.05 27.82
N SER D 51 43.63 -9.90 29.13
CA SER D 51 42.48 -10.49 29.80
C SER D 51 41.19 -9.71 29.54
N GLY D 52 41.27 -8.52 28.96
CA GLY D 52 40.09 -7.69 28.83
C GLY D 52 39.83 -6.77 30.01
N ASP D 53 40.61 -6.87 31.08
CA ASP D 53 40.43 -6.03 32.26
C ASP D 53 41.43 -4.88 32.25
N VAL D 54 41.02 -3.77 32.84
CA VAL D 54 41.86 -2.57 32.99
C VAL D 54 42.00 -2.27 34.46
N LEU D 55 43.23 -2.05 34.93
CA LEU D 55 43.49 -1.79 36.34
C LEU D 55 43.68 -0.30 36.61
N SER D 56 43.08 0.16 37.72
CA SER D 56 43.26 1.50 38.23
C SER D 56 44.45 1.61 39.17
N SER D 57 44.97 0.49 39.66
CA SER D 57 46.05 0.48 40.63
C SER D 57 46.53 -0.96 40.77
N GLY D 58 47.69 -1.12 41.41
CA GLY D 58 48.33 -2.40 41.45
C GLY D 58 49.13 -2.64 40.17
N GLN D 59 49.66 -3.85 40.06
CA GLN D 59 50.33 -4.24 38.83
C GLN D 59 49.66 -5.47 38.22
N PRO D 60 49.59 -5.56 36.90
CA PRO D 60 49.02 -6.77 36.29
C PRO D 60 49.86 -7.98 36.62
N GLN D 61 49.21 -9.14 36.68
CA GLN D 61 49.90 -10.41 36.85
C GLN D 61 49.34 -11.42 35.86
N ILE D 62 50.23 -12.20 35.27
CA ILE D 62 49.82 -13.24 34.34
C ILE D 62 48.99 -14.28 35.08
N LYS D 63 47.95 -14.78 34.41
CA LYS D 63 47.11 -15.84 34.92
C LYS D 63 47.09 -16.96 33.89
N VAL D 64 47.52 -18.16 34.30
CA VAL D 64 47.57 -19.33 33.42
C VAL D 64 46.39 -20.23 33.76
N GLU D 65 45.51 -20.46 32.79
CA GLU D 65 44.30 -21.26 32.99
C GLU D 65 44.22 -22.36 31.92
N GLU D 66 44.19 -23.60 32.35
CA GLU D 66 44.02 -24.73 31.44
C GLU D 66 42.53 -24.99 31.22
N ARG D 67 42.12 -25.03 29.95
CA ARG D 67 40.72 -25.29 29.56
C ARG D 67 40.71 -26.36 28.47
N GLY D 68 40.79 -27.62 28.88
CA GLY D 68 40.95 -28.71 27.96
C GLY D 68 42.22 -28.55 27.14
N PRO D 69 42.11 -28.59 25.81
CA PRO D 69 43.32 -28.55 24.98
C PRO D 69 43.99 -27.17 24.93
N VAL D 70 43.31 -26.10 25.32
CA VAL D 70 43.87 -24.75 25.26
C VAL D 70 44.31 -24.32 26.65
N THR D 71 45.53 -23.80 26.74
CA THR D 71 46.04 -23.16 27.94
C THR D 71 45.98 -21.65 27.73
N PHE D 72 45.09 -20.96 28.44
CA PHE D 72 45.02 -19.51 28.36
C PHE D 72 46.01 -18.90 29.34
N ALA D 73 46.73 -17.87 28.86
CA ALA D 73 47.67 -17.12 29.68
C ALA D 73 47.38 -15.64 29.41
N THR D 74 46.66 -15.00 30.32
CA THR D 74 46.16 -13.66 30.06
C THR D 74 46.54 -12.71 31.18
N ILE D 75 46.51 -11.42 30.88
CA ILE D 75 47.00 -10.40 31.81
C ILE D 75 46.25 -9.10 31.58
N ALA D 76 46.04 -8.36 32.66
CA ALA D 76 45.33 -7.09 32.53
C ALA D 76 46.26 -6.00 31.99
N LEU D 77 45.66 -4.87 31.63
CA LEU D 77 46.38 -3.67 31.22
C LEU D 77 46.17 -2.58 32.27
N MET D 78 47.24 -1.87 32.61
CA MET D 78 47.08 -0.63 33.39
C MET D 78 46.30 0.38 32.55
N ARG D 79 45.57 1.26 33.24
CA ARG D 79 44.74 2.25 32.56
C ARG D 79 45.52 3.02 31.51
N ARG D 80 46.71 3.53 31.89
CA ARG D 80 47.53 4.28 30.96
C ARG D 80 47.92 3.46 29.74
N ASP D 81 48.28 2.18 29.95
CA ASP D 81 48.62 1.33 28.83
C ASP D 81 47.42 1.07 27.94
N TYR D 82 46.26 0.80 28.57
CA TYR D 82 45.02 0.64 27.82
C TYR D 82 44.73 1.88 26.99
N ASP D 83 44.88 3.07 27.58
CA ASP D 83 44.60 4.30 26.84
C ASP D 83 45.58 4.50 25.69
N GLN D 84 46.86 4.25 25.92
CA GLN D 84 47.84 4.60 24.89
C GLN D 84 47.89 3.54 23.79
N TYR D 85 47.91 2.27 24.18
CA TYR D 85 48.19 1.16 23.27
C TYR D 85 46.94 0.69 22.56
N TYR D 86 45.83 0.52 23.28
CA TYR D 86 44.63 -0.04 22.70
C TYR D 86 43.68 1.04 22.18
N ARG D 87 43.17 1.90 23.09
CA ARG D 87 42.28 2.98 22.67
C ARG D 87 43.00 3.98 21.77
N GLY D 88 44.30 4.20 21.98
CA GLY D 88 45.02 5.21 21.25
C GLY D 88 45.56 4.70 19.93
N PHE D 89 46.82 4.26 19.88
CA PHE D 89 47.41 3.97 18.58
C PHE D 89 46.68 2.85 17.84
N SER D 90 46.32 1.76 18.54
CA SER D 90 45.69 0.65 17.83
C SER D 90 44.37 1.07 17.20
N ASN D 91 43.46 1.64 17.98
CA ASN D 91 42.09 1.84 17.51
C ASN D 91 41.77 3.27 17.10
N ALA D 92 42.62 4.25 17.43
CA ALA D 92 42.42 5.59 16.90
C ALA D 92 43.36 5.93 15.75
N THR D 93 44.40 5.13 15.53
CA THR D 93 45.28 5.34 14.38
C THR D 93 45.24 4.16 13.41
N LEU D 94 45.60 2.95 13.83
CA LEU D 94 45.74 1.85 12.88
C LEU D 94 44.40 1.39 12.34
N TRP D 95 43.41 1.18 13.21
CA TRP D 95 42.12 0.68 12.74
C TRP D 95 41.49 1.61 11.71
N PRO D 96 41.33 2.93 11.96
CA PRO D 96 40.74 3.76 10.91
C PRO D 96 41.60 3.83 9.65
N ALA D 97 42.92 3.89 9.80
CA ALA D 97 43.79 4.07 8.65
C ALA D 97 43.78 2.85 7.74
N PHE D 98 43.87 1.65 8.34
CA PHE D 98 43.87 0.42 7.54
C PHE D 98 42.50 0.12 6.96
N HIS D 99 41.44 0.77 7.46
CA HIS D 99 40.11 0.65 6.86
C HIS D 99 39.77 1.87 6.00
N TYR D 100 40.79 2.55 5.49
CA TYR D 100 40.61 3.61 4.48
C TYR D 100 39.78 4.76 5.04
N ARG D 101 39.94 5.04 6.32
CA ARG D 101 39.25 6.18 6.93
C ARG D 101 40.25 7.19 7.47
N ALA D 102 41.04 7.80 6.58
CA ALA D 102 42.01 8.79 7.04
C ALA D 102 41.33 9.93 7.79
N ASP D 103 40.07 10.22 7.48
CA ASP D 103 39.37 11.30 8.15
C ASP D 103 39.19 11.05 9.64
N LEU D 104 39.00 9.79 10.05
CA LEU D 104 38.84 9.46 11.46
C LEU D 104 40.17 9.17 12.15
N LEU D 105 41.26 9.08 11.40
CA LEU D 105 42.56 8.81 11.99
C LEU D 105 42.95 9.93 12.93
N GLN D 106 43.43 9.56 14.11
CA GLN D 106 44.05 10.49 15.04
C GLN D 106 45.41 9.95 15.40
N TYR D 107 46.39 10.84 15.50
CA TYR D 107 47.76 10.45 15.78
C TYR D 107 48.29 11.24 16.97
N ASP D 108 48.98 10.53 17.87
CA ASP D 108 49.55 11.15 19.04
C ASP D 108 50.86 10.41 19.35
N ARG D 109 51.96 11.16 19.32
CA ARG D 109 53.29 10.57 19.48
C ARG D 109 53.41 9.82 20.80
N HIS D 110 52.88 10.39 21.88
CA HIS D 110 53.00 9.72 23.18
CA HIS D 110 52.96 9.75 23.19
C HIS D 110 52.23 8.41 23.20
N ASP D 111 51.09 8.34 22.50
CA ASP D 111 50.35 7.08 22.41
C ASP D 111 51.11 6.06 21.58
N PHE D 112 51.74 6.51 20.49
CA PHE D 112 52.51 5.57 19.68
C PHE D 112 53.69 5.01 20.47
N GLU D 113 54.37 5.86 21.24
CA GLU D 113 55.44 5.37 22.11
C GLU D 113 54.91 4.38 23.13
N GLY D 114 53.74 4.64 23.70
CA GLY D 114 53.13 3.70 24.61
C GLY D 114 52.72 2.40 23.93
N TYR D 115 52.18 2.50 22.71
CA TYR D 115 51.92 1.30 21.91
C TYR D 115 53.19 0.46 21.79
N TRP D 116 54.31 1.10 21.47
CA TRP D 116 55.58 0.36 21.38
C TRP D 116 55.97 -0.21 22.75
N ARG D 117 55.84 0.58 23.82
CA ARG D 117 56.22 0.13 25.15
C ARG D 117 55.41 -1.10 25.57
N VAL D 118 54.09 -1.06 25.36
CA VAL D 118 53.22 -2.15 25.80
C VAL D 118 53.54 -3.43 25.05
N ASN D 119 53.84 -3.31 23.75
CA ASN D 119 54.29 -4.48 23.00
C ASN D 119 55.49 -5.14 23.65
N ALA D 120 56.49 -4.33 24.04
CA ALA D 120 57.68 -4.87 24.69
C ALA D 120 57.37 -5.46 26.06
N TRP D 121 56.48 -4.80 26.82
CA TRP D 121 56.05 -5.32 28.11
C TRP D 121 55.33 -6.66 27.97
N LEU D 122 54.41 -6.76 27.00
CA LEU D 122 53.71 -8.03 26.78
C LEU D 122 54.69 -9.11 26.35
N ALA D 123 55.66 -8.75 25.51
CA ALA D 123 56.65 -9.73 25.08
C ALA D 123 57.47 -10.21 26.26
N GLN D 124 57.79 -9.31 27.20
CA GLN D 124 58.52 -9.72 28.40
C GLN D 124 57.67 -10.63 29.29
N GLN D 125 56.34 -10.48 29.29
CA GLN D 125 55.49 -11.42 30.04
C GLN D 125 55.46 -12.79 29.41
N LEU D 126 55.54 -12.88 28.09
CA LEU D 126 55.47 -14.18 27.42
C LEU D 126 56.77 -14.96 27.55
N VAL D 127 57.91 -14.26 27.54
CA VAL D 127 59.22 -14.94 27.53
C VAL D 127 59.34 -16.05 28.57
N PRO D 128 58.99 -15.85 29.85
CA PRO D 128 59.18 -16.95 30.81
C PRO D 128 58.29 -18.16 30.55
N LEU D 129 57.20 -18.02 29.79
CA LEU D 129 56.34 -19.16 29.51
C LEU D 129 56.81 -19.99 28.31
N LEU D 130 57.77 -19.48 27.54
CA LEU D 130 58.15 -20.12 26.29
C LEU D 130 58.99 -21.36 26.52
N ARG D 131 58.87 -22.31 25.61
CA ARG D 131 59.77 -23.44 25.47
C ARG D 131 60.57 -23.29 24.18
N GLU D 132 61.70 -23.99 24.13
CA GLU D 132 62.69 -23.79 23.07
C GLU D 132 62.11 -24.11 21.69
N ASP D 133 61.24 -25.10 21.59
CA ASP D 133 60.66 -25.49 20.31
C ASP D 133 59.22 -24.99 20.11
N ASP D 134 58.75 -24.05 20.93
CA ASP D 134 57.45 -23.43 20.67
C ASP D 134 57.47 -22.73 19.32
N VAL D 135 56.32 -22.71 18.66
CA VAL D 135 56.13 -21.93 17.44
C VAL D 135 55.15 -20.81 17.78
N ILE D 136 55.56 -19.56 17.58
CA ILE D 136 54.80 -18.40 18.01
C ILE D 136 54.09 -17.79 16.82
N TRP D 137 52.78 -17.58 16.96
CA TRP D 137 51.94 -17.04 15.89
C TRP D 137 51.18 -15.85 16.45
N VAL D 138 51.60 -14.64 16.08
CA VAL D 138 51.06 -13.37 16.57
C VAL D 138 49.94 -12.96 15.65
N HIS D 139 48.87 -12.37 16.20
CA HIS D 139 47.69 -12.03 15.43
C HIS D 139 47.32 -10.57 15.59
N ASP D 140 47.32 -9.86 14.47
CA ASP D 140 46.61 -8.60 14.22
C ASP D 140 47.35 -7.33 14.64
N TYR D 141 46.74 -6.20 14.28
CA TYR D 141 47.41 -4.91 14.18
C TYR D 141 47.91 -4.38 15.53
N HIS D 142 47.33 -4.82 16.66
CA HIS D 142 47.83 -4.38 17.96
C HIS D 142 49.29 -4.77 18.18
N LEU D 143 49.76 -5.83 17.52
CA LEU D 143 51.00 -6.49 17.91
C LEU D 143 52.04 -6.50 16.79
N ILE D 144 51.95 -5.55 15.86
CA ILE D 144 52.94 -5.39 14.80
C ILE D 144 54.38 -5.37 15.32
N PRO D 145 54.69 -4.71 16.44
CA PRO D 145 56.09 -4.69 16.92
C PRO D 145 56.52 -5.92 17.71
N PHE D 146 55.70 -6.98 17.79
CA PHE D 146 55.91 -8.02 18.79
C PHE D 146 57.13 -8.89 18.47
N ALA D 147 57.34 -9.22 17.19
CA ALA D 147 58.50 -10.05 16.85
C ALA D 147 59.80 -9.31 17.12
N GLN D 148 59.84 -8.02 16.75
CA GLN D 148 60.98 -7.18 17.05
C GLN D 148 61.27 -7.19 18.54
N ALA D 149 60.23 -7.11 19.37
CA ALA D 149 60.42 -7.12 20.82
C ALA D 149 60.89 -8.48 21.32
N LEU D 150 60.30 -9.57 20.81
CA LEU D 150 60.72 -10.91 21.19
C LEU D 150 62.19 -11.12 20.87
N ARG D 151 62.60 -10.77 19.65
CA ARG D 151 63.99 -10.99 19.24
C ARG D 151 64.95 -10.19 20.11
N ALA D 152 64.60 -8.94 20.45
CA ALA D 152 65.46 -8.15 21.32
C ALA D 152 65.58 -8.78 22.70
N ALA D 153 64.56 -9.51 23.13
CA ALA D 153 64.58 -10.23 24.41
C ALA D 153 65.29 -11.56 24.33
N GLY D 154 65.83 -11.93 23.16
CA GLY D 154 66.62 -13.13 23.03
C GLY D 154 65.87 -14.35 22.56
N VAL D 155 64.63 -14.19 22.08
CA VAL D 155 63.81 -15.31 21.64
C VAL D 155 64.25 -15.76 20.25
N LYS D 156 64.55 -17.05 20.12
CA LYS D 156 64.99 -17.61 18.85
C LYS D 156 63.90 -18.39 18.12
N ASN D 157 62.74 -18.59 18.75
CA ASN D 157 61.65 -19.36 18.16
C ASN D 157 61.22 -18.79 16.82
N ARG D 158 60.65 -19.65 15.98
CA ARG D 158 59.93 -19.17 14.80
C ARG D 158 58.77 -18.27 15.22
N ILE D 159 58.61 -17.16 14.52
CA ILE D 159 57.54 -16.21 14.83
C ILE D 159 56.84 -15.85 13.53
N GLY D 160 55.54 -16.10 13.48
CA GLY D 160 54.72 -15.66 12.37
C GLY D 160 53.73 -14.59 12.79
N PHE D 161 53.28 -13.80 11.82
CA PHE D 161 52.29 -12.74 12.02
C PHE D 161 51.18 -12.91 11.01
N PHE D 162 49.92 -12.79 11.46
CA PHE D 162 48.80 -12.75 10.56
C PHE D 162 47.96 -11.51 10.85
N LEU D 163 47.67 -10.74 9.79
CA LEU D 163 46.89 -9.51 9.87
C LEU D 163 45.45 -9.82 9.51
N HIS D 164 44.52 -9.59 10.44
CA HIS D 164 43.12 -9.91 10.16
C HIS D 164 42.41 -8.79 9.43
N ILE D 165 42.87 -7.55 9.59
CA ILE D 165 42.24 -6.41 8.93
C ILE D 165 42.90 -6.21 7.57
N PRO D 166 42.41 -5.32 6.71
CA PRO D 166 43.09 -5.11 5.42
C PRO D 166 44.47 -4.49 5.63
N PHE D 167 45.37 -4.77 4.69
CA PHE D 167 46.56 -3.96 4.57
C PHE D 167 46.34 -2.89 3.52
N PRO D 168 46.37 -1.61 3.90
CA PRO D 168 45.95 -0.55 2.97
C PRO D 168 46.98 -0.30 1.90
N ALA D 169 46.49 0.24 0.77
CA ALA D 169 47.37 0.73 -0.27
C ALA D 169 48.49 1.57 0.32
N SER D 170 49.66 1.54 -0.32
CA SER D 170 50.83 2.20 0.28
C SER D 170 50.62 3.70 0.37
N GLN D 171 49.95 4.30 -0.62
CA GLN D 171 49.62 5.72 -0.56
C GLN D 171 48.76 6.05 0.65
N VAL D 172 47.91 5.12 1.06
CA VAL D 172 47.08 5.31 2.25
C VAL D 172 47.90 5.08 3.51
N LEU D 173 48.79 4.09 3.49
CA LEU D 173 49.61 3.81 4.67
C LEU D 173 50.52 4.99 5.03
N LEU D 174 50.93 5.78 4.03
CA LEU D 174 51.78 6.94 4.30
C LEU D 174 51.10 7.97 5.20
N ALA D 175 49.78 7.92 5.34
CA ALA D 175 49.09 8.82 6.27
C ALA D 175 49.41 8.52 7.72
N VAL D 176 49.84 7.30 8.04
CA VAL D 176 50.25 6.92 9.39
C VAL D 176 51.69 7.37 9.59
N PRO D 177 51.96 8.40 10.39
CA PRO D 177 53.31 9.01 10.41
C PRO D 177 54.41 7.98 10.65
N PRO D 178 54.27 7.04 11.62
CA PRO D 178 55.33 6.02 11.76
C PRO D 178 55.16 4.81 10.84
N HIS D 179 54.74 5.01 9.59
CA HIS D 179 54.56 3.87 8.68
C HIS D 179 55.87 3.10 8.50
N ARG D 180 57.00 3.80 8.43
CA ARG D 180 58.27 3.12 8.22
CA ARG D 180 58.28 3.13 8.23
C ARG D 180 58.65 2.26 9.42
N GLU D 181 58.49 2.78 10.64
CA GLU D 181 58.78 2.00 11.84
C GLU D 181 57.88 0.78 11.94
N LEU D 182 56.63 0.90 11.48
CA LEU D 182 55.71 -0.24 11.50
C LEU D 182 56.12 -1.32 10.50
N VAL D 183 56.42 -0.93 9.27
CA VAL D 183 56.77 -1.93 8.27
C VAL D 183 58.11 -2.56 8.59
N GLU D 184 59.07 -1.77 9.07
CA GLU D 184 60.34 -2.34 9.52
C GLU D 184 60.11 -3.41 10.58
N ALA D 185 59.26 -3.11 11.57
CA ALA D 185 58.95 -4.09 12.61
C ALA D 185 58.31 -5.35 12.02
N LEU D 186 57.44 -5.21 11.02
CA LEU D 186 56.86 -6.40 10.40
C LEU D 186 57.93 -7.28 9.79
N CYS D 187 59.05 -6.69 9.34
CA CYS D 187 60.10 -7.50 8.74
C CYS D 187 60.92 -8.28 9.76
N SER D 188 60.63 -8.15 11.06
CA SER D 188 61.24 -9.02 12.06
C SER D 188 60.56 -10.39 12.16
N PHE D 189 59.35 -10.53 11.64
CA PHE D 189 58.70 -11.83 11.61
C PHE D 189 59.35 -12.74 10.58
N ASP D 190 59.20 -14.05 10.80
CA ASP D 190 59.70 -15.00 9.80
C ASP D 190 58.73 -15.15 8.64
N LEU D 191 57.44 -15.04 8.92
CA LEU D 191 56.40 -15.15 7.91
C LEU D 191 55.32 -14.12 8.19
N LEU D 192 54.92 -13.39 7.14
CA LEU D 192 53.77 -12.50 7.22
C LEU D 192 52.60 -13.10 6.46
N GLY D 193 51.44 -13.15 7.10
CA GLY D 193 50.22 -13.59 6.43
C GLY D 193 49.18 -12.48 6.33
N PHE D 194 48.61 -12.29 5.16
CA PHE D 194 47.52 -11.34 4.97
C PHE D 194 46.29 -12.10 4.50
N GLN D 195 45.13 -11.42 4.55
CA GLN D 195 43.87 -12.09 4.26
C GLN D 195 43.75 -12.42 2.77
N THR D 196 44.02 -11.45 1.90
CA THR D 196 43.73 -11.60 0.47
C THR D 196 44.93 -11.18 -0.36
N ALA D 197 44.90 -11.55 -1.64
CA ALA D 197 45.93 -11.12 -2.58
C ALA D 197 46.05 -9.61 -2.69
N PRO D 198 44.96 -8.82 -2.74
CA PRO D 198 45.15 -7.35 -2.73
C PRO D 198 45.87 -6.83 -1.50
N ASP D 199 45.65 -7.43 -0.32
CA ASP D 199 46.37 -7.03 0.88
C ASP D 199 47.87 -7.29 0.72
N LEU D 200 48.21 -8.49 0.22
CA LEU D 200 49.61 -8.83 -0.02
C LEU D 200 50.25 -7.88 -1.03
N ARG D 201 49.51 -7.55 -2.10
CA ARG D 201 50.06 -6.66 -3.11
CA ARG D 201 50.06 -6.66 -3.11
C ARG D 201 50.32 -5.27 -2.54
N ALA D 202 49.42 -4.79 -1.67
CA ALA D 202 49.61 -3.48 -1.07
C ALA D 202 50.85 -3.44 -0.18
N PHE D 203 51.10 -4.53 0.56
CA PHE D 203 52.32 -4.61 1.35
C PHE D 203 53.57 -4.61 0.47
N CYS D 204 53.58 -5.43 -0.59
CA CYS D 204 54.73 -5.46 -1.48
C CYS D 204 54.92 -4.12 -2.18
N ASP D 205 53.80 -3.47 -2.52
CA ASP D 205 53.80 -2.09 -3.04
C ASP D 205 54.63 -1.16 -2.16
N TYR D 206 54.38 -1.20 -0.85
CA TYR D 206 55.13 -0.35 0.07
C TYR D 206 56.60 -0.75 0.08
N ILE D 207 56.87 -2.05 0.22
CA ILE D 207 58.25 -2.55 0.27
C ILE D 207 59.04 -2.02 -0.92
N VAL D 208 58.47 -2.13 -2.12
CA VAL D 208 59.21 -1.75 -3.33
C VAL D 208 59.25 -0.25 -3.53
N ASN D 209 58.13 0.46 -3.33
CA ASN D 209 58.04 1.86 -3.69
C ASN D 209 58.26 2.82 -2.53
N GLU D 210 58.30 2.34 -1.29
CA GLU D 210 58.54 3.20 -0.15
C GLU D 210 59.69 2.76 0.75
N ALA D 211 60.16 1.52 0.65
CA ALA D 211 61.24 1.03 1.51
C ALA D 211 62.43 0.53 0.73
N ASN D 212 62.45 0.73 -0.60
CA ASN D 212 63.59 0.34 -1.43
C ASN D 212 63.94 -1.14 -1.24
N GLY D 213 62.91 -1.96 -1.06
CA GLY D 213 63.07 -3.38 -0.92
C GLY D 213 62.65 -4.13 -2.17
N THR D 214 62.65 -5.46 -2.05
CA THR D 214 62.25 -6.31 -3.15
C THR D 214 61.23 -7.33 -2.68
N ALA D 215 60.35 -7.73 -3.60
CA ALA D 215 59.38 -8.79 -3.37
C ALA D 215 59.43 -9.71 -4.58
N ASP D 216 59.92 -10.93 -4.39
CA ASP D 216 60.11 -11.82 -5.52
C ASP D 216 59.28 -13.10 -5.34
N PRO D 217 58.66 -13.60 -6.41
CA PRO D 217 57.89 -14.83 -6.30
C PRO D 217 58.79 -16.03 -6.04
N SER D 218 58.17 -17.11 -5.59
CA SER D 218 58.88 -18.36 -5.31
C SER D 218 58.02 -19.57 -5.66
N GLY D 221 55.86 -21.21 -2.89
CA GLY D 221 54.60 -20.70 -2.37
C GLY D 221 54.62 -19.23 -1.96
N PRO D 222 55.06 -18.96 -0.73
CA PRO D 222 55.07 -17.57 -0.26
C PRO D 222 56.18 -16.78 -0.95
N LEU D 223 55.94 -15.48 -1.10
CA LEU D 223 56.97 -14.59 -1.64
C LEU D 223 58.15 -14.51 -0.69
N THR D 224 59.27 -14.02 -1.21
CA THR D 224 60.44 -13.68 -0.39
C THR D 224 60.62 -12.17 -0.38
N ILE D 225 60.69 -11.59 0.81
CA ILE D 225 60.81 -10.14 1.00
C ILE D 225 62.23 -9.81 1.44
N HIS D 226 62.83 -8.81 0.80
CA HIS D 226 64.11 -8.25 1.23
C HIS D 226 63.90 -6.78 1.56
N ALA D 227 64.04 -6.41 2.83
CA ALA D 227 63.83 -5.03 3.24
C ALA D 227 64.45 -4.80 4.62
N PHE D 228 64.96 -3.58 4.82
CA PHE D 228 65.59 -3.16 6.07
C PHE D 228 66.65 -4.17 6.52
N GLY D 229 67.43 -4.68 5.56
CA GLY D 229 68.48 -5.62 5.86
C GLY D 229 68.02 -6.99 6.32
N ARG D 230 66.73 -7.29 6.20
CA ARG D 230 66.22 -8.58 6.60
C ARG D 230 65.61 -9.31 5.41
N THR D 231 65.46 -10.62 5.58
CA THR D 231 64.82 -11.49 4.59
C THR D 231 63.74 -12.30 5.30
N LEU D 232 62.54 -12.32 4.73
CA LEU D 232 61.41 -13.04 5.30
C LEU D 232 60.47 -13.46 4.18
N ARG D 233 59.39 -14.14 4.55
CA ARG D 233 58.42 -14.61 3.58
C ARG D 233 57.08 -13.93 3.84
N ALA D 234 56.24 -13.91 2.81
CA ALA D 234 54.91 -13.32 2.95
C ALA D 234 53.97 -13.97 1.95
N ALA D 235 52.70 -14.10 2.34
CA ALA D 235 51.68 -14.72 1.50
C ALA D 235 50.30 -14.36 2.03
N ALA D 236 49.28 -14.77 1.28
CA ALA D 236 47.89 -14.57 1.66
C ALA D 236 47.31 -15.89 2.15
N TYR D 237 46.57 -15.83 3.26
CA TYR D 237 45.89 -16.99 3.83
C TYR D 237 44.52 -16.52 4.30
N PRO D 238 43.47 -16.68 3.47
CA PRO D 238 42.13 -16.20 3.85
C PRO D 238 41.54 -17.06 4.97
N ILE D 239 41.22 -16.41 6.10
CA ILE D 239 40.63 -17.17 7.22
C ILE D 239 39.24 -17.66 6.83
N GLY D 240 38.92 -18.88 7.26
CA GLY D 240 37.63 -19.45 6.91
C GLY D 240 36.81 -19.88 8.12
N VAL D 241 35.85 -20.78 7.91
CA VAL D 241 35.00 -21.31 8.96
C VAL D 241 34.98 -22.84 8.83
N TYR D 242 34.23 -23.48 9.73
CA TYR D 242 33.84 -24.89 9.55
C TYR D 242 32.41 -24.91 9.02
N PRO D 243 32.20 -24.90 7.70
CA PRO D 243 30.84 -24.65 7.19
C PRO D 243 29.83 -25.73 7.57
N ASP D 244 30.24 -26.98 7.57
CA ASP D 244 29.28 -28.04 7.89
C ASP D 244 29.00 -28.08 9.39
N GLU D 245 29.96 -27.69 10.23
CA GLU D 245 29.66 -27.50 11.65
C GLU D 245 28.67 -26.36 11.84
N ILE D 246 28.82 -25.27 11.09
CA ILE D 246 27.88 -24.16 11.24
C ILE D 246 26.50 -24.57 10.76
N ALA D 247 26.44 -25.32 9.65
CA ALA D 247 25.16 -25.80 9.15
C ALA D 247 24.46 -26.68 10.17
N GLU D 248 25.20 -27.60 10.80
CA GLU D 248 24.61 -28.47 11.81
C GLU D 248 24.14 -27.66 13.01
N LEU D 249 24.94 -26.69 13.44
CA LEU D 249 24.55 -25.80 14.54
C LEU D 249 23.27 -25.05 14.21
N ALA D 250 23.17 -24.52 12.99
CA ALA D 250 21.98 -23.79 12.58
C ALA D 250 20.77 -24.69 12.55
N LYS D 251 20.94 -25.88 11.99
CA LYS D 251 19.87 -26.87 11.98
C LYS D 251 19.47 -27.24 13.41
N ALA D 252 20.44 -27.39 14.30
CA ALA D 252 20.14 -27.76 15.68
C ALA D 252 19.35 -26.68 16.41
N GLY D 253 19.37 -25.44 15.94
CA GLY D 253 18.54 -24.45 16.58
C GLY D 253 17.21 -24.19 15.92
N GLU D 254 16.84 -25.00 14.91
CA GLU D 254 15.64 -24.71 14.14
C GLU D 254 14.37 -24.83 14.98
N ARG D 255 14.43 -25.51 16.12
CA ARG D 255 13.30 -25.62 17.03
C ARG D 255 13.43 -24.75 18.26
N GLY D 256 14.46 -23.90 18.31
CA GLY D 256 14.69 -23.10 19.49
C GLY D 256 13.77 -21.90 19.59
N LYS D 257 13.72 -21.35 20.80
CA LYS D 257 12.89 -20.17 21.05
C LYS D 257 13.27 -18.96 20.19
N PRO D 258 14.56 -18.62 19.98
CA PRO D 258 14.83 -17.46 19.10
C PRO D 258 14.22 -17.60 17.72
N VAL D 259 14.40 -18.77 17.09
CA VAL D 259 13.83 -19.02 15.76
C VAL D 259 12.31 -19.00 15.81
N ARG D 260 11.71 -19.67 16.79
CA ARG D 260 10.25 -19.73 16.85
CA ARG D 260 10.25 -19.73 16.84
C ARG D 260 9.65 -18.36 17.11
N THR D 261 10.27 -17.55 18.00
CA THR D 261 9.70 -16.24 18.25
C THR D 261 9.91 -15.31 17.06
N MET D 262 11.03 -15.46 16.35
CA MET D 262 11.28 -14.64 15.16
C MET D 262 10.25 -14.95 14.08
N LYS D 263 9.91 -16.23 13.90
CA LYS D 263 8.94 -16.60 12.88
C LYS D 263 7.56 -16.05 13.21
N ALA D 264 7.14 -16.16 14.47
CA ALA D 264 5.84 -15.65 14.87
C ALA D 264 5.75 -14.15 14.65
N THR D 265 6.84 -13.43 14.97
CA THR D 265 6.85 -11.97 14.79
C THR D 265 6.77 -11.58 13.33
N LEU D 266 7.42 -12.33 12.44
CA LEU D 266 7.44 -11.94 11.03
C LEU D 266 6.10 -12.19 10.32
N HIS D 267 5.29 -13.15 10.77
CA HIS D 267 3.97 -13.39 10.15
C HIS D 267 4.07 -13.59 8.63
N SER D 268 5.03 -14.40 8.19
CA SER D 268 5.32 -14.72 6.78
C SER D 268 6.03 -13.61 6.00
N ARG D 269 6.35 -12.46 6.60
CA ARG D 269 7.20 -11.49 5.92
C ARG D 269 8.59 -12.05 5.70
N LYS D 270 9.26 -11.61 4.62
CA LYS D 270 10.62 -12.05 4.40
C LYS D 270 11.56 -11.36 5.38
N LEU D 271 12.71 -11.98 5.63
CA LEU D 271 13.68 -11.48 6.60
C LEU D 271 14.99 -11.16 5.91
N ILE D 272 15.41 -9.90 6.00
CA ILE D 272 16.77 -9.48 5.71
C ILE D 272 17.50 -9.42 7.04
N MET D 273 18.66 -10.08 7.13
CA MET D 273 19.37 -10.12 8.40
C MET D 273 20.82 -9.67 8.28
N SER D 274 21.25 -8.85 9.24
CA SER D 274 22.62 -8.38 9.35
C SER D 274 23.12 -8.59 10.78
N VAL D 275 24.39 -8.93 10.93
CA VAL D 275 25.07 -8.98 12.22
C VAL D 275 26.43 -8.29 12.09
N ASP D 276 26.64 -7.23 12.85
CA ASP D 276 27.87 -6.43 12.78
C ASP D 276 28.13 -5.78 14.13
N ARG D 277 29.34 -5.90 14.67
CA ARG D 277 29.78 -4.90 15.64
C ARG D 277 29.43 -3.51 15.08
N LEU D 278 28.94 -2.62 15.94
CA LEU D 278 28.55 -1.28 15.48
C LEU D 278 29.81 -0.42 15.32
N ASP D 279 30.53 -0.73 14.25
CA ASP D 279 31.79 -0.14 13.85
C ASP D 279 31.58 0.71 12.60
N TYR D 280 32.29 1.83 12.51
CA TYR D 280 32.18 2.64 11.29
C TYR D 280 32.72 1.93 10.06
N SER D 281 33.50 0.86 10.22
CA SER D 281 33.96 0.13 9.04
C SER D 281 32.83 -0.62 8.35
N LYS D 282 31.71 -0.85 9.04
CA LYS D 282 30.74 -1.83 8.58
C LYS D 282 29.71 -1.25 7.61
N GLY D 283 29.80 0.03 7.28
CA GLY D 283 28.88 0.60 6.29
C GLY D 283 27.41 0.54 6.68
N LEU D 284 27.11 0.72 7.96
CA LEU D 284 25.74 0.50 8.44
C LEU D 284 24.80 1.61 8.04
N VAL D 285 25.27 2.87 7.99
CA VAL D 285 24.39 3.95 7.53
C VAL D 285 24.01 3.74 6.07
N GLU D 286 24.99 3.43 5.21
CA GLU D 286 24.69 3.17 3.81
C GLU D 286 23.75 1.98 3.66
N ARG D 287 23.98 0.95 4.47
CA ARG D 287 23.13 -0.23 4.44
C ARG D 287 21.69 0.10 4.80
N PHE D 288 21.48 0.91 5.84
CA PHE D 288 20.12 1.33 6.20
C PHE D 288 19.50 2.19 5.09
N ARG D 289 20.29 3.10 4.53
CA ARG D 289 19.78 3.96 3.45
C ARG D 289 19.38 3.15 2.22
N ALA D 290 20.05 2.03 1.95
CA ALA D 290 19.65 1.22 0.80
C ALA D 290 18.35 0.47 1.08
N PHE D 291 18.15 0.00 2.31
CA PHE D 291 16.86 -0.59 2.66
C PHE D 291 15.75 0.43 2.54
N GLU D 292 15.99 1.66 2.99
CA GLU D 292 15.02 2.73 2.82
C GLU D 292 14.72 2.97 1.34
N ARG D 293 15.75 2.96 0.51
CA ARG D 293 15.56 3.17 -0.93
C ARG D 293 14.74 2.04 -1.56
N LEU D 294 14.96 0.80 -1.12
CA LEU D 294 14.11 -0.30 -1.56
C LEU D 294 12.65 -0.02 -1.25
N LEU D 295 12.35 0.43 -0.03
CA LEU D 295 10.97 0.73 0.34
C LEU D 295 10.41 1.91 -0.44
N GLU D 296 11.26 2.89 -0.80
CA GLU D 296 10.81 4.01 -1.62
C GLU D 296 10.39 3.57 -3.01
N HIS D 297 11.17 2.69 -3.64
CA HIS D 297 10.99 2.37 -5.05
C HIS D 297 10.08 1.17 -5.28
N SER D 298 10.10 0.19 -4.39
CA SER D 298 9.25 -1.00 -4.50
C SER D 298 8.21 -0.91 -3.39
N THR D 299 7.13 -0.16 -3.66
CA THR D 299 6.03 -0.13 -2.70
C THR D 299 5.51 -1.53 -2.39
N ALA D 300 5.73 -2.49 -3.29
CA ALA D 300 5.32 -3.88 -3.07
C ALA D 300 6.09 -4.54 -1.93
N GLN D 301 7.24 -4.00 -1.55
CA GLN D 301 7.96 -4.58 -0.41
C GLN D 301 7.42 -4.10 0.93
N ARG D 302 6.63 -3.03 0.95
CA ARG D 302 6.19 -2.48 2.24
C ARG D 302 5.27 -3.47 2.94
N ASN D 303 5.50 -3.67 4.23
CA ASN D 303 4.81 -4.67 5.06
C ASN D 303 5.03 -6.10 4.57
N LYS D 304 5.95 -6.34 3.64
CA LYS D 304 6.26 -7.68 3.16
C LYS D 304 7.66 -8.16 3.54
N VAL D 305 8.46 -7.32 4.19
CA VAL D 305 9.83 -7.64 4.54
C VAL D 305 10.19 -6.85 5.79
N SER D 306 11.06 -7.41 6.61
CA SER D 306 11.64 -6.70 7.74
C SER D 306 13.14 -6.93 7.76
N PHE D 307 13.85 -5.90 8.24
CA PHE D 307 15.32 -5.87 8.27
C PHE D 307 15.77 -5.96 9.74
N LEU D 308 16.32 -7.11 10.11
CA LEU D 308 16.91 -7.31 11.43
C LEU D 308 18.38 -6.93 11.39
N GLN D 309 18.76 -5.91 12.14
CA GLN D 309 20.17 -5.53 12.30
C GLN D 309 20.57 -5.76 13.76
N ILE D 310 21.32 -6.83 14.00
CA ILE D 310 21.94 -7.04 15.29
C ILE D 310 23.29 -6.33 15.26
N ALA D 311 23.50 -5.40 16.19
CA ALA D 311 24.65 -4.49 16.13
C ALA D 311 25.22 -4.29 17.53
N PRO D 312 26.03 -5.23 18.01
CA PRO D 312 26.46 -5.16 19.41
C PRO D 312 27.40 -4.01 19.65
N PRO D 313 27.45 -3.49 20.88
CA PRO D 313 28.43 -2.44 21.20
C PRO D 313 29.85 -2.91 20.97
N THR D 314 30.71 -1.99 20.57
CA THR D 314 32.12 -2.29 20.39
C THR D 314 32.89 -1.02 20.71
N ARG D 315 33.97 -1.14 21.48
CA ARG D 315 34.89 -0.03 21.72
C ARG D 315 34.12 1.23 22.14
N ALA D 316 33.15 1.01 23.02
CA ALA D 316 32.12 2.04 23.27
C ALA D 316 32.66 3.25 24.01
N ASP D 317 33.84 3.15 24.63
CA ASP D 317 34.44 4.28 25.33
C ASP D 317 35.24 5.18 24.39
N MET D 318 35.03 5.05 23.08
CA MET D 318 35.69 5.87 22.07
C MET D 318 34.67 6.77 21.39
N HIS D 319 35.04 8.05 21.26
CA HIS D 319 34.15 9.05 20.69
C HIS D 319 33.69 8.67 19.28
N ALA D 320 34.61 8.16 18.45
CA ALA D 320 34.26 7.79 17.09
C ALA D 320 33.20 6.70 17.05
N TYR D 321 33.20 5.81 18.05
CA TYR D 321 32.21 4.74 18.09
C TYR D 321 30.88 5.20 18.66
N GLN D 322 30.89 6.12 19.63
CA GLN D 322 29.67 6.77 20.07
C GLN D 322 29.04 7.54 18.92
N ASP D 323 29.87 8.16 18.07
CA ASP D 323 29.35 8.95 16.95
C ASP D 323 28.60 8.09 15.94
N ILE D 324 29.21 6.99 15.49
CA ILE D 324 28.53 6.19 14.45
C ILE D 324 27.28 5.52 15.03
N ARG D 325 27.28 5.17 16.31
CA ARG D 325 26.05 4.67 16.94
C ARG D 325 24.94 5.71 16.86
N LEU D 326 25.23 6.95 17.25
CA LEU D 326 24.23 8.01 17.18
C LEU D 326 23.69 8.19 15.75
N GLN D 327 24.58 8.19 14.75
CA GLN D 327 24.11 8.36 13.38
CA GLN D 327 24.15 8.33 13.35
C GLN D 327 23.21 7.20 12.96
N LEU D 328 23.60 5.96 13.29
CA LEU D 328 22.80 4.80 12.88
C LEU D 328 21.44 4.81 13.56
N GLU D 329 21.42 5.14 14.85
CA GLU D 329 20.16 5.16 15.59
C GLU D 329 19.21 6.20 15.02
N GLY D 330 19.72 7.38 14.64
CA GLY D 330 18.90 8.36 13.95
C GLY D 330 18.36 7.86 12.63
N GLU D 331 19.18 7.09 11.89
CA GLU D 331 18.70 6.47 10.65
C GLU D 331 17.54 5.51 10.92
N SER D 332 17.70 4.64 11.92
CA SER D 332 16.64 3.68 12.22
CA SER D 332 16.65 3.69 12.25
C SER D 332 15.34 4.40 12.57
N GLY D 333 15.42 5.49 13.34
CA GLY D 333 14.21 6.22 13.69
C GLY D 333 13.55 6.86 12.49
N ARG D 334 14.34 7.46 11.58
CA ARG D 334 13.77 8.09 10.40
C ARG D 334 13.03 7.06 9.55
N ILE D 335 13.71 5.96 9.22
CA ILE D 335 13.16 5.01 8.27
C ILE D 335 11.93 4.29 8.84
N ASN D 336 12.01 3.90 10.12
CA ASN D 336 10.82 3.33 10.77
C ASN D 336 9.69 4.33 10.80
N GLY D 337 9.99 5.59 11.12
CA GLY D 337 8.93 6.60 11.18
C GLY D 337 8.24 6.81 9.84
N ARG D 338 9.00 6.75 8.74
CA ARG D 338 8.44 7.02 7.42
C ARG D 338 7.59 5.87 6.90
N PHE D 339 7.93 4.63 7.23
CA PHE D 339 7.31 3.50 6.57
C PHE D 339 6.53 2.59 7.49
N ALA D 340 6.67 2.73 8.81
CA ALA D 340 5.98 1.84 9.74
C ALA D 340 4.47 1.89 9.58
N GLU D 341 3.83 0.78 9.96
CA GLU D 341 2.39 0.71 10.12
C GLU D 341 2.14 0.20 11.53
N LEU D 342 0.86 0.20 11.95
CA LEU D 342 0.53 -0.25 13.29
C LEU D 342 1.05 -1.67 13.56
N ASP D 343 1.16 -2.50 12.51
CA ASP D 343 1.62 -3.88 12.65
C ASP D 343 2.95 -4.16 11.96
N TRP D 344 3.70 -3.12 11.57
CA TRP D 344 4.95 -3.36 10.88
C TRP D 344 6.01 -2.39 11.37
N THR D 345 7.12 -2.94 11.89
CA THR D 345 8.33 -2.16 12.15
C THR D 345 9.36 -2.52 11.08
N PRO D 346 9.69 -1.60 10.17
CA PRO D 346 10.59 -1.97 9.05
C PRO D 346 11.97 -2.44 9.49
N ILE D 347 12.64 -1.73 10.39
CA ILE D 347 13.97 -2.09 10.85
C ILE D 347 13.89 -2.50 12.31
N LEU D 348 14.36 -3.72 12.60
CA LEU D 348 14.49 -4.24 13.97
C LEU D 348 15.95 -4.11 14.38
N TYR D 349 16.27 -3.05 15.11
CA TYR D 349 17.64 -2.73 15.49
C TYR D 349 17.86 -3.14 16.94
N ILE D 350 18.90 -3.95 17.19
CA ILE D 350 19.17 -4.48 18.52
C ILE D 350 20.65 -4.26 18.82
N HIS D 351 20.93 -3.44 19.82
CA HIS D 351 22.29 -3.05 20.17
C HIS D 351 22.82 -3.97 21.28
N LYS D 352 22.88 -5.28 20.99
CA LYS D 352 23.23 -6.28 21.99
C LYS D 352 23.93 -7.46 21.33
N GLN D 353 24.74 -8.15 22.13
CA GLN D 353 25.43 -9.36 21.68
C GLN D 353 24.53 -10.58 21.77
N TYR D 354 24.75 -11.54 20.87
CA TYR D 354 24.07 -12.83 20.90
C TYR D 354 25.10 -13.95 20.84
N GLU D 355 24.68 -15.14 21.26
CA GLU D 355 25.53 -16.31 21.10
CA GLU D 355 25.50 -16.33 21.11
C GLU D 355 25.65 -16.66 19.63
N ARG D 356 26.86 -17.08 19.23
CA ARG D 356 27.10 -17.40 17.83
C ARG D 356 26.18 -18.52 17.35
N SER D 357 25.89 -19.48 18.21
CA SER D 357 24.96 -20.56 17.84
C SER D 357 23.57 -20.03 17.55
N VAL D 358 23.12 -19.00 18.30
CA VAL D 358 21.81 -18.41 18.04
C VAL D 358 21.81 -17.65 16.73
N LEU D 359 22.87 -16.89 16.46
CA LEU D 359 23.00 -16.23 15.16
C LEU D 359 22.93 -17.23 14.01
N ALA D 360 23.62 -18.37 14.15
CA ALA D 360 23.61 -19.39 13.10
C ALA D 360 22.20 -19.90 12.85
N ALA D 361 21.46 -20.19 13.92
CA ALA D 361 20.07 -20.65 13.76
C ALA D 361 19.21 -19.59 13.08
N LEU D 362 19.43 -18.31 13.42
CA LEU D 362 18.64 -17.23 12.82
C LEU D 362 19.03 -17.00 11.35
N PHE D 363 20.32 -17.06 11.04
CA PHE D 363 20.76 -16.96 9.64
C PHE D 363 19.97 -17.90 8.75
N ARG D 364 19.74 -19.14 9.21
CA ARG D 364 19.06 -20.15 8.41
C ARG D 364 17.62 -19.76 8.09
N THR D 365 17.04 -18.83 8.84
CA THR D 365 15.67 -18.38 8.58
C THR D 365 15.62 -17.13 7.70
N ALA D 366 16.76 -16.52 7.40
CA ALA D 366 16.81 -15.22 6.71
C ALA D 366 16.89 -15.40 5.20
N HIS D 367 15.91 -14.84 4.49
CA HIS D 367 15.93 -14.87 3.02
C HIS D 367 17.14 -14.15 2.44
N VAL D 368 17.63 -13.12 3.13
CA VAL D 368 18.75 -12.33 2.63
C VAL D 368 19.76 -12.14 3.76
N GLY D 369 21.01 -12.51 3.50
CA GLY D 369 22.11 -12.13 4.35
C GLY D 369 22.72 -10.84 3.82
N TYR D 370 22.72 -9.80 4.64
CA TYR D 370 23.01 -8.42 4.21
C TYR D 370 24.33 -8.00 4.85
N VAL D 371 25.42 -8.07 4.10
CA VAL D 371 26.77 -7.89 4.65
C VAL D 371 27.50 -6.89 3.75
N THR D 372 27.51 -5.59 4.12
CA THR D 372 28.03 -4.57 3.22
C THR D 372 29.07 -3.63 3.86
N PRO D 373 30.13 -4.16 4.47
CA PRO D 373 31.14 -3.27 5.07
C PRO D 373 31.82 -2.40 4.03
N LEU D 374 32.19 -1.19 4.45
CA LEU D 374 33.01 -0.33 3.59
C LEU D 374 34.38 -0.93 3.36
N ARG D 375 34.97 -1.50 4.41
CA ARG D 375 36.24 -2.22 4.33
C ARG D 375 36.18 -3.33 5.38
N ASP D 376 36.71 -4.50 5.03
CA ASP D 376 36.70 -5.62 5.97
C ASP D 376 37.78 -6.60 5.56
N GLY D 377 38.58 -7.03 6.54
CA GLY D 377 39.64 -7.97 6.24
C GLY D 377 39.12 -9.28 5.68
N MET D 378 37.96 -9.72 6.15
CA MET D 378 37.40 -10.96 5.60
C MET D 378 35.89 -10.96 5.68
N ASN D 379 35.39 -10.94 6.93
CA ASN D 379 33.99 -10.97 7.35
C ASN D 379 33.50 -12.41 7.46
N LEU D 380 33.66 -12.97 8.66
CA LEU D 380 33.18 -14.30 8.95
C LEU D 380 31.66 -14.37 8.89
N VAL D 381 30.97 -13.27 9.21
CA VAL D 381 29.50 -13.31 9.20
C VAL D 381 29.00 -13.70 7.81
N ALA D 382 29.63 -13.21 6.75
CA ALA D 382 29.21 -13.60 5.41
C ALA D 382 29.32 -15.11 5.19
N LYS D 383 30.45 -15.69 5.61
CA LYS D 383 30.65 -17.13 5.47
C LYS D 383 29.72 -17.94 6.39
N GLU D 384 29.43 -17.41 7.58
CA GLU D 384 28.53 -18.10 8.50
C GLU D 384 27.11 -18.11 7.97
N TYR D 385 26.67 -16.98 7.42
CA TYR D 385 25.34 -16.88 6.84
C TYR D 385 25.15 -17.92 5.74
N VAL D 386 26.11 -18.00 4.81
CA VAL D 386 26.03 -19.01 3.75
C VAL D 386 26.02 -20.42 4.36
N SER D 387 26.94 -20.67 5.29
CA SER D 387 27.07 -22.01 5.86
C SER D 387 25.81 -22.47 6.56
N ALA D 388 25.07 -21.52 7.15
CA ALA D 388 23.90 -21.87 7.93
C ALA D 388 22.71 -22.28 7.07
N GLN D 389 22.76 -22.02 5.76
CA GLN D 389 21.57 -22.15 4.94
C GLN D 389 21.13 -23.60 4.79
N ASP D 390 19.83 -23.80 4.78
CA ASP D 390 19.26 -25.08 4.38
C ASP D 390 19.49 -25.22 2.89
N PRO D 391 20.26 -26.21 2.43
CA PRO D 391 20.46 -26.39 0.98
C PRO D 391 19.17 -26.62 0.21
N GLU D 392 18.11 -27.10 0.86
CA GLU D 392 16.83 -27.28 0.18
C GLU D 392 16.06 -25.98 0.00
N ASN D 393 16.49 -24.89 0.66
CA ASN D 393 15.83 -23.59 0.54
C ASN D 393 16.78 -22.48 1.01
N PRO D 394 17.90 -22.26 0.33
CA PRO D 394 18.91 -21.34 0.88
C PRO D 394 18.60 -19.89 0.53
N GLY D 395 18.93 -19.00 1.45
CA GLY D 395 18.81 -17.58 1.24
C GLY D 395 19.91 -17.07 0.34
N VAL D 396 19.93 -15.75 0.15
CA VAL D 396 20.85 -15.08 -0.77
C VAL D 396 21.77 -14.17 0.03
N LEU D 397 23.08 -14.24 -0.25
CA LEU D 397 24.05 -13.33 0.36
C LEU D 397 24.24 -12.09 -0.53
N VAL D 398 24.03 -10.90 0.05
CA VAL D 398 24.38 -9.63 -0.56
C VAL D 398 25.66 -9.14 0.12
N LEU D 399 26.73 -8.99 -0.66
CA LEU D 399 28.08 -8.85 -0.10
C LEU D 399 28.83 -7.68 -0.73
N SER D 400 29.39 -6.82 0.12
CA SER D 400 30.23 -5.72 -0.37
C SER D 400 31.48 -6.26 -1.05
N ARG D 401 31.82 -5.66 -2.20
CA ARG D 401 33.07 -6.02 -2.88
C ARG D 401 34.30 -5.76 -2.02
N PHE D 402 34.17 -4.97 -0.95
CA PHE D 402 35.32 -4.63 -0.15
C PHE D 402 35.50 -5.53 1.07
N ALA D 403 34.63 -6.52 1.27
CA ALA D 403 34.92 -7.55 2.26
C ALA D 403 35.89 -8.55 1.65
N GLY D 404 36.92 -8.93 2.42
CA GLY D 404 37.85 -9.96 1.96
C GLY D 404 37.16 -11.20 1.42
N ALA D 405 35.98 -11.54 1.97
CA ALA D 405 35.26 -12.75 1.55
C ALA D 405 34.79 -12.68 0.10
N ALA D 406 34.63 -11.47 -0.45
CA ALA D 406 34.19 -11.34 -1.84
C ALA D 406 35.21 -11.90 -2.82
N GLN D 407 36.48 -12.02 -2.43
CA GLN D 407 37.45 -12.67 -3.29
C GLN D 407 37.15 -14.16 -3.50
N GLU D 408 36.38 -14.77 -2.60
CA GLU D 408 36.07 -16.20 -2.63
C GLU D 408 34.62 -16.52 -2.98
N LEU D 409 33.67 -15.68 -2.56
CA LEU D 409 32.24 -16.05 -2.61
C LEU D 409 31.61 -15.54 -3.90
N ASP D 410 31.89 -16.26 -5.00
CA ASP D 410 31.32 -15.93 -6.30
C ASP D 410 29.80 -15.97 -6.31
N GLY D 411 29.20 -16.84 -5.51
CA GLY D 411 27.74 -16.95 -5.48
C GLY D 411 26.99 -15.81 -4.81
N ALA D 412 27.67 -14.80 -4.29
CA ALA D 412 26.98 -13.69 -3.66
C ALA D 412 26.60 -12.63 -4.69
N LEU D 413 25.61 -11.81 -4.34
CA LEU D 413 25.35 -10.59 -5.09
C LEU D 413 26.31 -9.53 -4.59
N ILE D 414 27.29 -9.17 -5.40
CA ILE D 414 28.37 -8.27 -4.99
C ILE D 414 27.91 -6.83 -5.23
N VAL D 415 28.12 -5.97 -4.23
CA VAL D 415 27.70 -4.57 -4.32
C VAL D 415 28.83 -3.66 -3.88
N ASN D 416 28.73 -2.42 -4.32
CA ASN D 416 29.54 -1.34 -3.78
C ASN D 416 28.71 -0.56 -2.78
N PRO D 417 29.08 -0.56 -1.50
CA PRO D 417 28.18 0.04 -0.48
C PRO D 417 27.97 1.53 -0.63
N VAL D 418 28.86 2.24 -1.35
CA VAL D 418 28.63 3.64 -1.65
C VAL D 418 27.41 3.82 -2.58
N ASP D 419 27.09 2.80 -3.37
CA ASP D 419 26.04 2.90 -4.39
C ASP D 419 24.74 2.47 -3.75
N ILE D 420 23.98 3.45 -3.24
CA ILE D 420 22.76 3.13 -2.50
C ILE D 420 21.74 2.43 -3.40
N ASP D 421 21.58 2.92 -4.64
CA ASP D 421 20.69 2.26 -5.59
C ASP D 421 21.15 0.86 -5.92
N GLY D 422 22.46 0.69 -6.14
CA GLY D 422 22.99 -0.64 -6.41
C GLY D 422 22.67 -1.63 -5.31
N MET D 423 22.79 -1.21 -4.04
CA MET D 423 22.48 -2.12 -2.94
C MET D 423 20.99 -2.37 -2.82
N ALA D 424 20.16 -1.33 -3.03
CA ALA D 424 18.71 -1.54 -3.03
C ALA D 424 18.29 -2.50 -4.15
N GLU D 425 18.93 -2.40 -5.31
CA GLU D 425 18.64 -3.30 -6.42
C GLU D 425 19.04 -4.73 -6.10
N ALA D 426 20.16 -4.91 -5.42
CA ALA D 426 20.57 -6.25 -5.02
C ALA D 426 19.59 -6.86 -4.02
N LEU D 427 19.06 -6.04 -3.10
CA LEU D 427 18.05 -6.55 -2.17
C LEU D 427 16.80 -7.01 -2.91
N ALA D 428 16.30 -6.21 -3.85
CA ALA D 428 15.16 -6.62 -4.66
C ALA D 428 15.43 -7.93 -5.38
N ARG D 429 16.62 -8.06 -5.99
CA ARG D 429 16.92 -9.29 -6.72
C ARG D 429 17.04 -10.47 -5.77
N ALA D 430 17.63 -10.24 -4.61
CA ALA D 430 17.81 -11.30 -3.63
C ALA D 430 16.47 -11.81 -3.10
N LEU D 431 15.55 -10.90 -2.80
CA LEU D 431 14.28 -11.30 -2.17
C LEU D 431 13.43 -12.15 -3.09
N ASP D 432 13.52 -11.95 -4.41
CA ASP D 432 12.67 -12.61 -5.38
C ASP D 432 13.37 -13.74 -6.13
N MET D 433 14.59 -14.10 -5.75
CA MET D 433 15.38 -15.00 -6.59
C MET D 433 14.79 -16.41 -6.60
N PRO D 434 14.64 -17.03 -7.75
CA PRO D 434 14.04 -18.36 -7.79
C PRO D 434 14.94 -19.40 -7.11
N LEU D 435 14.31 -20.51 -6.72
CA LEU D 435 15.00 -21.52 -5.92
C LEU D 435 16.23 -22.06 -6.62
N ALA D 436 16.11 -22.41 -7.91
CA ALA D 436 17.21 -23.07 -8.60
C ALA D 436 18.47 -22.20 -8.62
N GLU D 437 18.32 -20.89 -8.87
CA GLU D 437 19.50 -20.02 -8.82
C GLU D 437 20.02 -19.85 -7.38
N ARG D 438 19.11 -19.75 -6.39
CA ARG D 438 19.59 -19.65 -5.01
C ARG D 438 20.40 -20.88 -4.62
N GLN D 439 19.95 -22.05 -5.05
CA GLN D 439 20.67 -23.29 -4.75
C GLN D 439 21.99 -23.38 -5.49
N ALA D 440 22.01 -23.00 -6.77
CA ALA D 440 23.26 -23.02 -7.52
C ALA D 440 24.31 -22.12 -6.86
N ARG D 441 23.88 -20.94 -6.40
CA ARG D 441 24.82 -20.03 -5.75
C ARG D 441 25.29 -20.59 -4.41
N HIS D 442 24.35 -21.15 -3.62
CA HIS D 442 24.73 -21.71 -2.33
C HIS D 442 25.65 -22.91 -2.51
N ARG D 443 25.36 -23.79 -3.47
CA ARG D 443 26.23 -24.94 -3.70
C ARG D 443 27.65 -24.52 -4.04
N ASP D 444 27.78 -23.55 -4.96
CA ASP D 444 29.11 -23.06 -5.35
C ASP D 444 29.86 -22.50 -4.15
N MET D 445 29.19 -21.72 -3.30
CA MET D 445 29.91 -21.12 -2.19
C MET D 445 30.29 -22.17 -1.14
N MET D 446 29.44 -23.18 -0.94
CA MET D 446 29.76 -24.20 0.07
C MET D 446 30.98 -25.00 -0.35
N VAL D 447 31.13 -25.28 -1.64
CA VAL D 447 32.34 -25.93 -2.14
C VAL D 447 33.57 -25.10 -1.76
N GLN D 448 33.52 -23.80 -2.01
CA GLN D 448 34.64 -22.94 -1.67
C GLN D 448 34.90 -22.93 -0.17
N LEU D 449 33.85 -22.87 0.64
CA LEU D 449 34.03 -22.77 2.08
C LEU D 449 34.59 -24.06 2.66
N ARG D 450 34.18 -25.22 2.12
CA ARG D 450 34.72 -26.50 2.59
C ARG D 450 36.17 -26.65 2.17
N GLU D 451 36.50 -26.27 0.94
CA GLU D 451 37.86 -26.46 0.46
C GLU D 451 38.83 -25.54 1.17
N ASN D 452 38.35 -24.39 1.66
CA ASN D 452 39.20 -23.43 2.34
C ASN D 452 38.71 -23.18 3.76
N ASN D 453 38.53 -24.25 4.52
CA ASN D 453 38.04 -24.13 5.89
C ASN D 453 39.17 -23.69 6.82
N VAL D 454 38.85 -23.45 8.09
CA VAL D 454 39.84 -22.86 8.97
CA VAL D 454 39.81 -22.91 9.07
C VAL D 454 40.99 -23.85 9.27
N SER D 455 40.74 -25.16 9.14
CA SER D 455 41.82 -26.14 9.30
C SER D 455 42.86 -25.98 8.21
N VAL D 456 42.40 -25.81 6.96
CA VAL D 456 43.32 -25.59 5.86
C VAL D 456 44.11 -24.30 6.08
N TRP D 457 43.43 -23.27 6.56
CA TRP D 457 44.06 -21.98 6.82
C TRP D 457 45.15 -22.09 7.87
N ARG D 458 44.81 -22.68 9.03
CA ARG D 458 45.80 -22.90 10.08
C ARG D 458 46.96 -23.74 9.57
N ASP D 459 46.68 -24.84 8.88
CA ASP D 459 47.75 -25.76 8.48
C ASP D 459 48.62 -25.15 7.39
N ASN D 460 48.03 -24.41 6.44
CA ASN D 460 48.83 -23.73 5.43
C ASN D 460 49.82 -22.76 6.08
N PHE D 461 49.31 -21.89 6.97
CA PHE D 461 50.18 -20.91 7.61
C PHE D 461 51.29 -21.59 8.41
N MET D 462 50.92 -22.54 9.28
CA MET D 462 51.92 -23.21 10.12
C MET D 462 52.94 -24.00 9.29
N ARG D 463 52.50 -24.65 8.22
CA ARG D 463 53.44 -25.35 7.35
C ARG D 463 54.47 -24.38 6.78
N ASP D 464 54.00 -23.23 6.28
CA ASP D 464 54.91 -22.22 5.76
C ASP D 464 55.83 -21.67 6.85
N LEU D 465 55.27 -21.43 8.04
CA LEU D 465 56.06 -20.86 9.12
C LEU D 465 57.20 -21.79 9.51
N GLN D 466 56.91 -23.08 9.63
CA GLN D 466 57.92 -24.06 9.99
C GLN D 466 58.86 -24.40 8.83
N GLY D 467 58.53 -23.99 7.60
CA GLY D 467 59.34 -24.32 6.45
C GLY D 467 60.35 -23.26 6.07
N GLY E 10 25.96 43.43 66.82
CA GLY E 10 25.96 42.03 66.44
C GLY E 10 26.72 41.75 65.16
N ARG E 11 27.55 40.72 65.18
CA ARG E 11 28.45 40.43 64.06
C ARG E 11 27.67 40.00 62.82
N LEU E 12 28.07 40.54 61.66
CA LEU E 12 27.46 40.15 60.41
C LEU E 12 28.13 38.89 59.87
N ILE E 13 27.34 37.86 59.63
CA ILE E 13 27.82 36.59 59.07
C ILE E 13 27.32 36.52 57.63
N ILE E 14 28.23 36.62 56.67
CA ILE E 14 27.89 36.37 55.28
C ILE E 14 28.02 34.88 54.99
N VAL E 15 27.04 34.34 54.27
CA VAL E 15 27.05 32.96 53.79
C VAL E 15 26.81 32.98 52.29
N SER E 16 27.73 32.40 51.52
CA SER E 16 27.56 32.27 50.09
C SER E 16 28.36 31.08 49.61
N ASN E 17 28.00 30.56 48.44
CA ASN E 17 28.80 29.48 47.87
C ASN E 17 30.17 29.99 47.45
N ARG E 18 30.20 30.91 46.50
CA ARG E 18 31.45 31.54 46.08
C ARG E 18 31.93 32.53 47.13
N VAL E 19 33.20 32.43 47.53
CA VAL E 19 33.80 33.33 48.51
C VAL E 19 34.92 34.12 47.85
N ALA E 20 34.89 35.44 48.02
CA ALA E 20 35.94 36.40 47.63
C ALA E 20 35.98 36.67 46.13
N PRO E 21 36.14 37.92 45.71
CA PRO E 21 36.36 38.23 44.30
C PRO E 21 37.84 38.05 43.96
N ILE E 22 38.19 38.30 42.69
CA ILE E 22 39.57 38.14 42.22
C ILE E 22 40.53 39.07 42.96
N SER E 23 40.09 40.29 43.29
CA SER E 23 40.97 41.23 43.98
C SER E 23 41.36 40.71 45.36
N GLU E 24 40.49 39.93 45.99
CA GLU E 24 40.84 39.24 47.22
C GLU E 24 41.17 37.80 46.89
N GLY E 25 40.68 36.84 47.67
CA GLY E 25 41.08 35.45 47.46
C GLY E 25 40.60 34.87 46.14
N GLY E 26 39.51 35.39 45.59
CA GLY E 26 38.69 34.71 44.60
C GLY E 26 39.39 34.10 43.40
N PRO E 27 38.78 33.02 42.85
CA PRO E 27 39.34 32.38 41.66
C PRO E 27 38.62 32.74 40.36
N ALA E 28 37.45 33.37 40.45
CA ALA E 28 36.56 33.52 39.31
C ALA E 28 35.95 34.92 39.27
N ALA E 29 35.60 35.35 38.05
CA ALA E 29 34.71 36.48 37.84
C ALA E 29 33.35 36.21 38.48
N GLY E 30 32.58 37.28 38.67
CA GLY E 30 31.23 37.13 39.21
C GLY E 30 30.87 38.29 40.10
N GLY E 31 29.63 38.78 40.00
CA GLY E 31 29.27 40.00 40.71
C GLY E 31 28.91 39.77 42.16
N LEU E 32 28.46 38.56 42.51
CA LEU E 32 28.16 38.29 43.92
C LEU E 32 29.40 38.56 44.77
N ALA E 33 30.53 37.93 44.42
CA ALA E 33 31.74 38.09 45.21
C ALA E 33 32.21 39.54 45.22
N VAL E 34 32.08 40.23 44.08
CA VAL E 34 32.49 41.64 44.04
C VAL E 34 31.62 42.46 44.98
N GLY E 35 30.29 42.31 44.85
CA GLY E 35 29.39 43.17 45.60
C GLY E 35 29.41 42.87 47.09
N VAL E 36 29.41 41.59 47.44
CA VAL E 36 29.47 41.21 48.84
C VAL E 36 30.73 41.74 49.50
N TYR E 37 31.88 41.57 48.83
CA TYR E 37 33.10 42.10 49.42
C TYR E 37 33.05 43.61 49.54
N ASP E 38 32.48 44.30 48.53
CA ASP E 38 32.31 45.75 48.64
C ASP E 38 31.49 46.11 49.86
N ALA E 39 30.41 45.35 50.12
CA ALA E 39 29.55 45.61 51.25
C ALA E 39 30.27 45.36 52.58
N LEU E 40 31.15 44.36 52.61
CA LEU E 40 31.74 43.87 53.84
C LEU E 40 33.04 44.58 54.24
N LYS E 41 33.68 45.30 53.32
CA LYS E 41 35.08 45.67 53.56
C LYS E 41 35.25 46.78 54.59
N GLU E 42 34.24 47.61 54.84
CA GLU E 42 34.47 48.74 55.75
C GLU E 42 34.46 48.30 57.21
N THR E 43 33.42 47.56 57.61
CA THR E 43 33.22 47.13 58.98
C THR E 43 33.62 45.69 59.23
N GLY E 44 33.50 44.83 58.23
CA GLY E 44 33.92 43.47 58.39
C GLY E 44 32.82 42.58 58.93
N GLY E 45 33.24 41.45 59.50
CA GLY E 45 32.40 40.34 59.88
C GLY E 45 32.98 39.04 59.35
N MET E 46 32.13 38.03 59.25
CA MET E 46 32.53 36.70 58.79
C MET E 46 31.98 36.44 57.40
N TRP E 47 32.76 35.74 56.57
CA TRP E 47 32.32 35.29 55.26
C TRP E 47 32.56 33.79 55.22
N PHE E 48 31.47 33.04 55.22
CA PHE E 48 31.46 31.60 55.30
C PHE E 48 30.97 31.03 53.96
N GLY E 49 31.66 30.00 53.47
CA GLY E 49 31.20 29.35 52.26
C GLY E 49 32.21 28.34 51.73
N TRP E 50 32.09 28.09 50.43
CA TRP E 50 32.89 27.08 49.77
C TRP E 50 34.27 27.64 49.46
N SER E 51 35.30 26.83 49.71
CA SER E 51 36.67 27.26 49.43
C SER E 51 36.99 27.27 47.94
N GLY E 52 36.14 26.68 47.11
CA GLY E 52 36.48 26.52 45.71
C GLY E 52 37.20 25.22 45.38
N ASP E 53 37.62 24.45 46.39
CA ASP E 53 38.32 23.19 46.18
C ASP E 53 37.37 21.99 46.24
N VAL E 54 37.69 20.97 45.45
CA VAL E 54 36.94 19.71 45.43
C VAL E 54 37.86 18.58 45.85
N LEU E 55 37.44 17.82 46.87
CA LEU E 55 38.26 16.74 47.39
C LEU E 55 37.92 15.41 46.73
N SER E 56 38.95 14.64 46.40
CA SER E 56 38.80 13.27 45.92
C SER E 56 38.78 12.24 47.03
N SER E 57 39.32 12.57 48.20
CA SER E 57 39.36 11.65 49.32
C SER E 57 39.40 12.45 50.61
N GLY E 58 39.17 11.76 51.72
CA GLY E 58 39.18 12.44 53.01
C GLY E 58 37.85 13.08 53.34
N GLN E 59 37.89 13.96 54.34
CA GLN E 59 36.72 14.70 54.78
C GLN E 59 37.04 16.19 54.78
N PRO E 60 36.17 17.04 54.23
CA PRO E 60 36.42 18.48 54.31
C PRO E 60 36.44 18.92 55.77
N GLN E 61 37.26 19.93 56.04
CA GLN E 61 37.33 20.56 57.35
C GLN E 61 37.38 22.07 57.15
N ILE E 62 36.71 22.80 58.03
CA ILE E 62 36.64 24.25 57.84
C ILE E 62 37.98 24.90 58.19
N LYS E 63 38.19 26.08 57.61
CA LYS E 63 39.45 26.81 57.72
C LYS E 63 39.14 28.28 57.99
N VAL E 64 39.62 28.79 59.12
CA VAL E 64 39.30 30.13 59.59
C VAL E 64 40.50 31.03 59.33
N GLU E 65 40.31 32.09 58.56
CA GLU E 65 41.38 33.01 58.16
C GLU E 65 40.99 34.44 58.46
N GLU E 66 41.83 35.15 59.22
CA GLU E 66 41.65 36.57 59.44
C GLU E 66 42.33 37.34 58.30
N ARG E 67 41.57 38.26 57.69
CA ARG E 67 42.08 39.12 56.62
C ARG E 67 41.47 40.49 56.84
N GLY E 68 42.23 41.39 57.46
CA GLY E 68 41.70 42.67 57.89
C GLY E 68 40.54 42.45 58.83
N PRO E 69 39.45 43.21 58.63
CA PRO E 69 38.24 43.02 59.44
C PRO E 69 37.36 41.86 59.02
N VAL E 70 37.76 41.05 58.04
CA VAL E 70 36.95 39.96 57.52
C VAL E 70 37.52 38.64 58.00
N THR E 71 36.69 37.82 58.61
CA THR E 71 37.02 36.46 58.98
C THR E 71 36.47 35.53 57.90
N PHE E 72 37.34 34.89 57.14
CA PHE E 72 36.90 33.90 56.17
C PHE E 72 36.85 32.54 56.85
N ALA E 73 35.75 31.81 56.66
CA ALA E 73 35.61 30.44 57.12
C ALA E 73 35.15 29.63 55.91
N THR E 74 36.08 28.91 55.28
CA THR E 74 35.79 28.23 54.02
C THR E 74 36.08 26.74 54.14
N ILE E 75 35.39 25.96 53.31
CA ILE E 75 35.49 24.50 53.39
C ILE E 75 35.36 23.92 51.99
N ALA E 76 36.07 22.82 51.75
CA ALA E 76 36.03 22.16 50.44
C ALA E 76 34.74 21.34 50.31
N LEU E 77 34.47 20.89 49.09
CA LEU E 77 33.38 19.97 48.80
C LEU E 77 33.94 18.62 48.36
N MET E 78 33.35 17.54 48.86
CA MET E 78 33.63 16.22 48.29
C MET E 78 33.17 16.19 46.84
N ARG E 79 33.81 15.34 46.03
CA ARG E 79 33.48 15.30 44.61
C ARG E 79 31.99 15.06 44.39
N ARG E 80 31.41 14.12 45.14
CA ARG E 80 30.00 13.81 44.98
C ARG E 80 29.12 14.99 45.35
N ASP E 81 29.49 15.72 46.40
CA ASP E 81 28.74 16.90 46.80
C ASP E 81 28.87 18.02 45.77
N TYR E 82 30.08 18.20 45.23
CA TYR E 82 30.29 19.17 44.16
C TYR E 82 29.43 18.82 42.95
N ASP E 83 29.37 17.54 42.58
CA ASP E 83 28.61 17.17 41.38
C ASP E 83 27.12 17.34 41.59
N GLN E 84 26.60 17.00 42.77
CA GLN E 84 25.16 16.96 43.01
C GLN E 84 24.59 18.33 43.37
N TYR E 85 25.25 19.03 44.29
CA TYR E 85 24.76 20.31 44.79
C TYR E 85 25.15 21.48 43.89
N TYR E 86 26.39 21.53 43.41
CA TYR E 86 26.84 22.69 42.63
C TYR E 86 26.63 22.49 41.13
N ARG E 87 27.33 21.50 40.53
CA ARG E 87 27.17 21.28 39.10
C ARG E 87 25.78 20.77 38.76
N GLY E 88 25.14 20.07 39.68
CA GLY E 88 23.85 19.49 39.44
C GLY E 88 22.71 20.46 39.67
N PHE E 89 22.13 20.45 40.86
CA PHE E 89 20.88 21.17 41.04
C PHE E 89 21.06 22.68 40.95
N SER E 90 22.14 23.24 41.53
CA SER E 90 22.33 24.68 41.45
C SER E 90 22.50 25.13 40.00
N ASN E 91 23.43 24.54 39.27
CA ASN E 91 23.81 25.12 37.99
C ASN E 91 23.23 24.39 36.79
N ALA E 92 22.69 23.18 36.95
CA ALA E 92 21.96 22.53 35.86
C ALA E 92 20.44 22.63 36.00
N THR E 93 19.93 23.01 37.17
CA THR E 93 18.50 23.22 37.32
C THR E 93 18.16 24.68 37.61
N LEU E 94 18.66 25.25 38.72
CA LEU E 94 18.21 26.57 39.14
C LEU E 94 18.73 27.67 38.23
N TRP E 95 20.03 27.64 37.89
CA TRP E 95 20.56 28.72 37.06
C TRP E 95 19.82 28.83 35.72
N PRO E 96 19.67 27.76 34.91
CA PRO E 96 18.90 27.95 33.66
C PRO E 96 17.44 28.31 33.90
N ALA E 97 16.79 27.67 34.87
CA ALA E 97 15.37 27.92 35.10
C ALA E 97 15.12 29.37 35.48
N PHE E 98 15.91 29.90 36.42
CA PHE E 98 15.71 31.27 36.87
C PHE E 98 16.15 32.29 35.83
N HIS E 99 16.97 31.89 34.86
CA HIS E 99 17.29 32.74 33.72
C HIS E 99 16.42 32.46 32.51
N TYR E 100 15.24 31.86 32.72
CA TYR E 100 14.23 31.67 31.67
C TYR E 100 14.75 30.80 30.53
N ARG E 101 15.55 29.80 30.87
CA ARG E 101 16.05 28.82 29.90
C ARG E 101 15.56 27.43 30.31
N ALA E 102 14.26 27.21 30.24
CA ALA E 102 13.72 25.87 30.51
C ALA E 102 14.29 24.84 29.54
N ASP E 103 14.68 25.26 28.33
CA ASP E 103 15.25 24.34 27.36
C ASP E 103 16.57 23.74 27.83
N LEU E 104 17.32 24.48 28.65
CA LEU E 104 18.60 24.02 29.16
C LEU E 104 18.48 23.40 30.55
N LEU E 105 17.33 23.49 31.20
CA LEU E 105 17.12 22.91 32.52
C LEU E 105 17.27 21.39 32.45
N GLN E 106 18.17 20.85 33.26
CA GLN E 106 18.22 19.42 33.50
C GLN E 106 17.90 19.17 34.97
N TYR E 107 17.12 18.13 35.25
CA TYR E 107 16.69 17.86 36.61
C TYR E 107 17.01 16.41 36.94
N ASP E 108 17.61 16.19 38.11
CA ASP E 108 17.77 14.83 38.58
C ASP E 108 17.43 14.80 40.06
N ARG E 109 16.50 13.92 40.44
CA ARG E 109 16.03 13.86 41.81
C ARG E 109 17.19 13.57 42.78
N HIS E 110 18.12 12.72 42.36
CA HIS E 110 19.27 12.38 43.21
C HIS E 110 20.18 13.59 43.42
N ASP E 111 20.38 14.40 42.37
CA ASP E 111 21.15 15.64 42.55
C ASP E 111 20.43 16.60 43.47
N PHE E 112 19.09 16.65 43.37
CA PHE E 112 18.33 17.56 44.23
C PHE E 112 18.43 17.16 45.68
N GLU E 113 18.36 15.86 45.97
CA GLU E 113 18.56 15.38 47.33
C GLU E 113 19.94 15.76 47.87
N GLY E 114 20.97 15.68 47.01
CA GLY E 114 22.29 16.06 47.45
C GLY E 114 22.43 17.56 47.68
N TYR E 115 21.80 18.36 46.81
CA TYR E 115 21.67 19.79 47.06
C TYR E 115 21.08 20.05 48.46
N TRP E 116 20.00 19.34 48.80
CA TRP E 116 19.40 19.51 50.12
C TRP E 116 20.34 19.04 51.22
N ARG E 117 21.00 17.89 51.01
CA ARG E 117 21.94 17.34 51.99
C ARG E 117 23.13 18.27 52.22
N VAL E 118 23.69 18.82 51.14
CA VAL E 118 24.87 19.67 51.27
C VAL E 118 24.53 20.93 52.04
N ASN E 119 23.37 21.52 51.74
CA ASN E 119 22.90 22.69 52.48
C ASN E 119 22.86 22.40 53.98
N ALA E 120 22.30 21.24 54.36
CA ALA E 120 22.23 20.90 55.77
C ALA E 120 23.63 20.70 56.35
N TRP E 121 24.54 20.09 55.57
CA TRP E 121 25.89 19.84 56.08
C TRP E 121 26.67 21.15 56.22
N LEU E 122 26.53 22.06 55.25
CA LEU E 122 27.14 23.37 55.39
C LEU E 122 26.60 24.10 56.61
N ALA E 123 25.28 24.03 56.82
CA ALA E 123 24.70 24.71 57.97
C ALA E 123 25.27 24.16 59.26
N GLN E 124 25.48 22.84 59.32
CA GLN E 124 26.04 22.26 60.52
C GLN E 124 27.47 22.69 60.75
N GLN E 125 28.21 23.00 59.68
CA GLN E 125 29.57 23.52 59.87
C GLN E 125 29.55 24.94 60.43
N LEU E 126 28.55 25.73 60.07
CA LEU E 126 28.44 27.09 60.55
C LEU E 126 28.01 27.14 62.01
N VAL E 127 27.15 26.22 62.44
CA VAL E 127 26.54 26.30 63.77
C VAL E 127 27.55 26.52 64.90
N PRO E 128 28.65 25.75 65.01
CA PRO E 128 29.57 25.98 66.14
C PRO E 128 30.27 27.33 66.09
N LEU E 129 30.29 28.01 64.95
CA LEU E 129 30.97 29.29 64.84
C LEU E 129 30.08 30.46 65.23
N LEU E 130 28.79 30.21 65.43
CA LEU E 130 27.85 31.30 65.66
C LEU E 130 27.94 31.81 67.10
N ARG E 131 27.69 33.10 67.27
CA ARG E 131 27.45 33.72 68.56
C ARG E 131 25.99 34.13 68.65
N GLU E 132 25.55 34.44 69.87
CA GLU E 132 24.11 34.62 70.10
C GLU E 132 23.53 35.75 69.27
N ASP E 133 24.19 36.92 69.25
CA ASP E 133 23.66 38.10 68.57
C ASP E 133 24.23 38.29 67.18
N ASP E 134 24.87 37.27 66.62
CA ASP E 134 25.22 37.29 65.20
C ASP E 134 23.96 37.51 64.36
N VAL E 135 24.14 38.13 63.20
CA VAL E 135 23.08 38.30 62.23
C VAL E 135 23.54 37.62 60.93
N ILE E 136 22.76 36.66 60.46
CA ILE E 136 23.17 35.81 59.35
C ILE E 136 22.51 36.31 58.06
N TRP E 137 23.32 36.53 57.02
CA TRP E 137 22.83 37.01 55.73
C TRP E 137 23.29 36.04 54.65
N VAL E 138 22.37 35.26 54.15
CA VAL E 138 22.64 34.22 53.17
C VAL E 138 22.44 34.78 51.76
N HIS E 139 23.29 34.35 50.82
CA HIS E 139 23.31 34.91 49.47
C HIS E 139 23.19 33.81 48.42
N ASP E 140 22.13 33.89 47.63
CA ASP E 140 21.97 33.34 46.28
C ASP E 140 21.47 31.90 46.22
N TYR E 141 21.18 31.44 45.00
CA TYR E 141 20.31 30.30 44.74
C TYR E 141 20.86 28.97 45.26
N HIS E 142 22.19 28.86 45.42
CA HIS E 142 22.75 27.64 45.97
C HIS E 142 22.24 27.32 47.37
N LEU E 143 21.81 28.34 48.10
CA LEU E 143 21.59 28.25 49.53
C LEU E 143 20.15 28.54 49.93
N ILE E 144 19.20 28.34 49.02
CA ILE E 144 17.78 28.46 49.30
C ILE E 144 17.34 27.66 50.52
N PRO E 145 17.80 26.42 50.74
CA PRO E 145 17.37 25.68 51.95
C PRO E 145 18.12 26.03 53.23
N PHE E 146 18.96 27.07 53.26
CA PHE E 146 19.93 27.19 54.34
C PHE E 146 19.27 27.65 55.64
N ALA E 147 18.28 28.54 55.56
CA ALA E 147 17.61 28.96 56.78
C ALA E 147 16.85 27.80 57.41
N GLN E 148 16.14 27.03 56.57
CA GLN E 148 15.40 25.90 57.09
C GLN E 148 16.33 24.92 57.81
N ALA E 149 17.53 24.73 57.27
CA ALA E 149 18.50 23.84 57.92
C ALA E 149 19.04 24.44 59.21
N LEU E 150 19.31 25.75 59.24
CA LEU E 150 19.77 26.38 60.47
C LEU E 150 18.72 26.27 61.57
N ARG E 151 17.47 26.61 61.26
CA ARG E 151 16.37 26.46 62.23
C ARG E 151 16.29 25.04 62.74
N ALA E 152 16.35 24.04 61.83
CA ALA E 152 16.31 22.65 62.26
C ALA E 152 17.47 22.30 63.19
N ALA E 153 18.57 23.04 63.12
CA ALA E 153 19.74 22.81 63.96
C ALA E 153 19.69 23.60 65.26
N GLY E 154 18.58 24.26 65.55
CA GLY E 154 18.43 25.02 66.77
C GLY E 154 18.78 26.49 66.67
N VAL E 155 19.11 27.00 65.48
CA VAL E 155 19.58 28.37 65.37
C VAL E 155 18.41 29.34 65.51
N LYS E 156 18.59 30.32 66.38
CA LYS E 156 17.58 31.34 66.65
C LYS E 156 17.94 32.72 66.10
N ASN E 157 19.17 32.91 65.62
CA ASN E 157 19.61 34.20 65.08
C ASN E 157 18.70 34.69 63.95
N ARG E 158 18.67 36.00 63.74
CA ARG E 158 18.03 36.55 62.55
C ARG E 158 18.76 36.05 61.30
N ILE E 159 18.00 35.63 60.30
CA ILE E 159 18.58 35.12 59.06
C ILE E 159 17.89 35.79 57.89
N GLY E 160 18.68 36.44 57.03
CA GLY E 160 18.12 36.96 55.80
C GLY E 160 18.65 36.26 54.56
N PHE E 161 17.92 36.35 53.46
CA PHE E 161 18.32 35.81 52.17
C PHE E 161 18.29 36.91 51.13
N PHE E 162 19.31 36.95 50.26
CA PHE E 162 19.27 37.83 49.10
C PHE E 162 19.55 37.02 47.83
N LEU E 163 18.65 37.10 46.87
CA LEU E 163 18.79 36.39 45.60
C LEU E 163 19.42 37.33 44.58
N HIS E 164 20.62 36.98 44.10
CA HIS E 164 21.32 37.86 43.17
C HIS E 164 20.82 37.69 41.74
N ILE E 165 20.30 36.52 41.39
CA ILE E 165 19.84 36.23 40.04
C ILE E 165 18.35 36.57 39.97
N PRO E 166 17.71 36.60 38.80
CA PRO E 166 16.29 36.94 38.76
C PRO E 166 15.46 35.92 39.53
N PHE E 167 14.30 36.36 40.04
CA PHE E 167 13.30 35.40 40.46
C PHE E 167 12.29 35.24 39.34
N PRO E 168 12.19 34.07 38.72
CA PRO E 168 11.39 33.94 37.49
C PRO E 168 9.91 34.00 37.76
N ALA E 169 9.17 34.40 36.71
CA ALA E 169 7.70 34.35 36.73
C ALA E 169 7.24 33.00 37.29
N SER E 170 6.14 33.04 38.05
CA SER E 170 5.66 31.83 38.70
CA SER E 170 5.63 31.83 38.70
C SER E 170 5.42 30.72 37.68
N GLN E 171 4.87 31.06 36.51
CA GLN E 171 4.61 30.04 35.49
C GLN E 171 5.89 29.37 35.02
N VAL E 172 6.99 30.11 35.01
CA VAL E 172 8.31 29.61 34.66
C VAL E 172 8.91 28.77 35.80
N LEU E 173 8.75 29.24 37.04
CA LEU E 173 9.23 28.47 38.19
C LEU E 173 8.58 27.09 38.29
N LEU E 174 7.35 26.94 37.79
CA LEU E 174 6.70 25.63 37.81
C LEU E 174 7.48 24.56 37.05
N ALA E 175 8.37 24.92 36.13
CA ALA E 175 9.12 23.89 35.42
C ALA E 175 10.09 23.17 36.35
N VAL E 176 10.56 23.83 37.40
CA VAL E 176 11.42 23.21 38.42
C VAL E 176 10.55 22.27 39.25
N PRO E 177 10.74 20.96 39.16
CA PRO E 177 9.81 20.03 39.79
C PRO E 177 9.66 20.27 41.29
N PRO E 178 10.76 20.48 42.07
CA PRO E 178 10.56 20.77 43.50
C PRO E 178 10.32 22.25 43.81
N HIS E 179 9.57 22.94 42.94
CA HIS E 179 9.30 24.36 43.15
C HIS E 179 8.69 24.65 44.52
N ARG E 180 7.73 23.83 44.96
CA ARG E 180 7.06 24.10 46.22
CA ARG E 180 7.06 24.11 46.23
C ARG E 180 8.00 23.92 47.41
N GLU E 181 8.84 22.88 47.37
CA GLU E 181 9.82 22.69 48.45
C GLU E 181 10.80 23.86 48.54
N LEU E 182 11.25 24.37 47.40
CA LEU E 182 12.15 25.53 47.39
C LEU E 182 11.47 26.76 47.96
N VAL E 183 10.24 27.04 47.54
CA VAL E 183 9.59 28.24 48.04
C VAL E 183 9.22 28.09 49.50
N GLU E 184 8.78 26.90 49.92
CA GLU E 184 8.55 26.68 51.34
C GLU E 184 9.83 26.94 52.15
N ALA E 185 10.97 26.49 51.65
CA ALA E 185 12.21 26.70 52.38
C ALA E 185 12.58 28.19 52.43
N LEU E 186 12.33 28.94 51.35
CA LEU E 186 12.54 30.39 51.40
C LEU E 186 11.73 31.04 52.51
N CYS E 187 10.58 30.46 52.86
CA CYS E 187 9.77 31.06 53.91
C CYS E 187 10.29 30.77 55.31
N SER E 188 11.39 30.03 55.46
CA SER E 188 12.04 29.94 56.76
C SER E 188 12.88 31.17 57.08
N PHE E 189 13.24 31.97 56.09
CA PHE E 189 14.02 33.19 56.34
C PHE E 189 13.16 34.23 57.04
N ASP E 190 13.82 35.13 57.80
CA ASP E 190 13.10 36.26 58.37
C ASP E 190 12.82 37.33 57.32
N LEU E 191 13.72 37.51 56.37
CA LEU E 191 13.62 38.55 55.36
C LEU E 191 14.16 38.02 54.05
N LEU E 192 13.38 38.19 52.97
CA LEU E 192 13.81 37.84 51.63
C LEU E 192 14.08 39.12 50.86
N GLY E 193 15.21 39.18 50.19
CA GLY E 193 15.54 40.29 49.32
C GLY E 193 15.73 39.82 47.89
N PHE E 194 15.17 40.58 46.96
CA PHE E 194 15.30 40.34 45.53
C PHE E 194 15.92 41.59 44.89
N GLN E 195 16.41 41.43 43.65
CA GLN E 195 17.10 42.54 42.99
C GLN E 195 16.14 43.68 42.65
N THR E 196 15.01 43.37 42.02
CA THR E 196 14.15 44.39 41.43
C THR E 196 12.69 44.11 41.77
N ALA E 197 11.87 45.15 41.58
CA ALA E 197 10.43 44.98 41.78
C ALA E 197 9.83 43.84 40.97
N PRO E 198 10.16 43.62 39.68
CA PRO E 198 9.61 42.44 38.98
C PRO E 198 9.99 41.12 39.61
N ASP E 199 11.19 41.00 40.20
CA ASP E 199 11.52 39.77 40.91
C ASP E 199 10.62 39.58 42.12
N LEU E 200 10.47 40.64 42.90
CA LEU E 200 9.60 40.56 44.08
C LEU E 200 8.17 40.21 43.67
N ARG E 201 7.69 40.79 42.56
CA ARG E 201 6.33 40.53 42.12
CA ARG E 201 6.33 40.53 42.10
C ARG E 201 6.15 39.08 41.71
N ALA E 202 7.14 38.49 41.00
CA ALA E 202 7.04 37.10 40.61
C ALA E 202 6.98 36.19 41.84
N PHE E 203 7.75 36.51 42.88
CA PHE E 203 7.71 35.72 44.11
C PHE E 203 6.32 35.78 44.74
N CYS E 204 5.77 36.98 44.88
CA CYS E 204 4.41 37.12 45.43
C CYS E 204 3.38 36.44 44.54
N ASP E 205 3.60 36.48 43.22
CA ASP E 205 2.72 35.77 42.30
CA ASP E 205 2.75 35.77 42.28
C ASP E 205 2.66 34.28 42.63
N TYR E 206 3.82 33.67 42.87
CA TYR E 206 3.84 32.26 43.25
C TYR E 206 3.13 32.06 44.58
N ILE E 207 3.44 32.91 45.55
CA ILE E 207 2.86 32.79 46.88
C ILE E 207 1.34 32.80 46.80
N VAL E 208 0.77 33.75 46.05
CA VAL E 208 -0.67 33.91 46.04
C VAL E 208 -1.35 32.84 45.18
N ASN E 209 -0.82 32.58 43.99
CA ASN E 209 -1.53 31.74 43.04
C ASN E 209 -1.10 30.29 43.07
N GLU E 210 0.05 29.96 43.65
CA GLU E 210 0.47 28.58 43.72
C GLU E 210 0.62 28.04 45.13
N ALA E 211 0.80 28.91 46.14
CA ALA E 211 0.98 28.44 47.50
C ALA E 211 -0.21 28.74 48.41
N ASN E 212 -1.28 29.33 47.89
CA ASN E 212 -2.47 29.69 48.67
CA ASN E 212 -2.47 29.69 48.67
C ASN E 212 -2.10 30.56 49.87
N GLY E 213 -1.06 31.38 49.71
CA GLY E 213 -0.65 32.32 50.74
C GLY E 213 -1.10 33.73 50.42
N THR E 214 -0.60 34.68 51.22
CA THR E 214 -0.89 36.08 51.01
C THR E 214 0.41 36.87 51.00
N ALA E 215 0.40 37.97 50.24
CA ALA E 215 1.49 38.92 50.19
C ALA E 215 0.85 40.29 50.38
N ASP E 216 0.93 40.83 51.58
CA ASP E 216 0.23 42.08 51.87
C ASP E 216 1.19 43.25 51.71
N PRO E 217 1.03 44.06 50.68
CA PRO E 217 1.84 45.27 50.55
C PRO E 217 1.23 46.43 51.30
N SER E 218 1.73 47.61 50.97
CA SER E 218 1.19 48.91 51.35
C SER E 218 2.11 49.89 50.65
N ALA E 219 2.01 51.16 50.97
CA ALA E 219 2.96 52.12 50.41
C ALA E 219 4.28 51.99 51.16
N SER E 220 5.34 51.59 50.44
CA SER E 220 6.71 51.54 50.93
C SER E 220 6.95 50.49 52.02
N GLY E 221 8.20 50.05 52.16
CA GLY E 221 8.57 49.09 53.17
C GLY E 221 8.40 47.67 52.68
N PRO E 222 9.00 46.71 53.39
CA PRO E 222 8.89 45.31 52.99
C PRO E 222 7.45 44.80 53.09
N LEU E 223 7.10 43.90 52.19
CA LEU E 223 5.82 43.22 52.23
C LEU E 223 5.84 42.20 53.36
N THR E 224 4.65 41.89 53.87
CA THR E 224 4.48 40.78 54.80
C THR E 224 3.99 39.57 54.03
N ILE E 225 4.67 38.44 54.19
CA ILE E 225 4.31 37.20 53.51
C ILE E 225 3.72 36.24 54.53
N HIS E 226 2.55 35.68 54.22
CA HIS E 226 1.97 34.58 55.00
C HIS E 226 1.86 33.39 54.09
N ALA E 227 2.63 32.34 54.36
CA ALA E 227 2.58 31.14 53.52
C ALA E 227 3.21 29.97 54.27
N PHE E 228 2.69 28.76 54.02
CA PHE E 228 3.22 27.53 54.58
C PHE E 228 3.21 27.56 56.10
N GLY E 229 2.28 28.30 56.69
CA GLY E 229 2.21 28.42 58.13
C GLY E 229 3.21 29.38 58.74
N ARG E 230 3.99 30.08 57.93
CA ARG E 230 5.02 30.98 58.41
C ARG E 230 4.67 32.42 58.08
N THR E 231 5.35 33.34 58.75
CA THR E 231 5.24 34.76 58.48
C THR E 231 6.64 35.35 58.31
N LEU E 232 6.82 36.18 57.29
CA LEU E 232 8.12 36.74 57.00
C LEU E 232 7.93 38.02 56.19
N ARG E 233 9.05 38.66 55.87
CA ARG E 233 9.03 39.88 55.06
C ARG E 233 9.86 39.69 53.81
N ALA E 234 9.50 40.46 52.76
CA ALA E 234 10.16 40.40 51.46
C ALA E 234 10.15 41.77 50.83
N ALA E 235 11.23 42.11 50.12
CA ALA E 235 11.39 43.42 49.50
C ALA E 235 12.44 43.31 48.41
N ALA E 236 12.58 44.38 47.63
CA ALA E 236 13.61 44.47 46.61
C ALA E 236 14.73 45.40 47.07
N TYR E 237 15.97 45.00 46.81
CA TYR E 237 17.14 45.80 47.16
C TYR E 237 18.15 45.65 46.02
N PRO E 238 18.14 46.57 45.05
CA PRO E 238 19.04 46.42 43.89
C PRO E 238 20.49 46.67 44.29
N ILE E 239 21.32 45.65 44.09
CA ILE E 239 22.73 45.78 44.42
C ILE E 239 23.38 46.85 43.54
N GLY E 240 24.28 47.63 44.14
CA GLY E 240 24.95 48.69 43.41
C GLY E 240 26.46 48.58 43.44
N VAL E 241 27.14 49.70 43.18
CA VAL E 241 28.60 49.77 43.17
C VAL E 241 29.03 50.99 43.98
N TYR E 242 30.34 51.19 44.10
CA TYR E 242 30.90 52.44 44.59
C TYR E 242 31.34 53.21 43.36
N PRO E 243 30.48 54.05 42.79
CA PRO E 243 30.78 54.62 41.46
C PRO E 243 32.01 55.50 41.45
N ASP E 244 32.22 56.30 42.49
CA ASP E 244 33.39 57.17 42.47
C ASP E 244 34.68 56.42 42.78
N GLU E 245 34.60 55.28 43.47
CA GLU E 245 35.77 54.43 43.62
C GLU E 245 36.18 53.80 42.29
N ILE E 246 35.20 53.39 41.49
CA ILE E 246 35.47 52.87 40.15
C ILE E 246 36.04 53.96 39.25
N ALA E 247 35.46 55.17 39.31
CA ALA E 247 36.01 56.29 38.54
C ALA E 247 37.47 56.54 38.88
N GLU E 248 37.80 56.58 40.17
CA GLU E 248 39.20 56.82 40.56
C GLU E 248 40.10 55.70 40.04
N LEU E 249 39.65 54.46 40.16
CA LEU E 249 40.41 53.32 39.65
C LEU E 249 40.64 53.43 38.15
N ALA E 250 39.57 53.73 37.40
CA ALA E 250 39.67 53.89 35.95
C ALA E 250 40.65 55.00 35.58
N LYS E 251 40.55 56.14 36.25
CA LYS E 251 41.50 57.23 35.99
C LYS E 251 42.92 56.82 36.32
N ALA E 252 43.12 56.11 37.43
CA ALA E 252 44.48 55.76 37.85
C ALA E 252 45.17 54.84 36.85
N GLY E 253 44.41 54.12 36.02
CA GLY E 253 44.97 53.29 34.97
C GLY E 253 45.04 53.93 33.60
N GLU E 254 44.84 55.23 33.50
CA GLU E 254 44.66 55.84 32.18
C GLU E 254 45.94 55.83 31.36
N ARG E 255 47.10 55.58 31.97
CA ARG E 255 48.34 55.42 31.22
C ARG E 255 49.05 54.12 31.58
N GLY E 256 48.30 53.11 32.04
CA GLY E 256 48.86 51.81 32.26
C GLY E 256 49.06 51.08 30.95
N LYS E 257 49.81 49.98 31.03
CA LYS E 257 50.10 49.22 29.82
C LYS E 257 48.83 48.68 29.14
N PRO E 258 47.80 48.18 29.84
CA PRO E 258 46.61 47.70 29.10
C PRO E 258 45.95 48.80 28.28
N VAL E 259 45.74 49.97 28.85
CA VAL E 259 45.14 51.07 28.11
C VAL E 259 46.09 51.56 27.01
N ARG E 260 47.40 51.57 27.29
CA ARG E 260 48.35 52.06 26.29
C ARG E 260 48.40 51.13 25.08
N THR E 261 48.45 49.82 25.32
CA THR E 261 48.57 48.87 24.21
C THR E 261 47.25 48.73 23.47
N MET E 262 46.12 48.90 24.16
CA MET E 262 44.83 48.90 23.49
C MET E 262 44.69 50.10 22.56
N LYS E 263 45.05 51.28 23.04
CA LYS E 263 44.91 52.48 22.19
C LYS E 263 45.83 52.39 20.98
N ALA E 264 47.04 51.85 21.16
CA ALA E 264 47.95 51.70 20.02
C ALA E 264 47.41 50.70 19.01
N THR E 265 46.80 49.61 19.47
CA THR E 265 46.26 48.61 18.56
C THR E 265 45.07 49.15 17.77
N LEU E 266 44.22 49.95 18.43
CA LEU E 266 43.03 50.52 17.78
C LEU E 266 43.39 51.54 16.72
N HIS E 267 44.48 52.28 16.90
CA HIS E 267 44.94 53.25 15.91
C HIS E 267 43.83 54.24 15.54
N SER E 268 43.16 54.75 16.56
CA SER E 268 42.07 55.75 16.53
C SER E 268 40.71 55.16 16.10
N ARG E 269 40.63 53.87 15.78
CA ARG E 269 39.31 53.23 15.64
C ARG E 269 38.53 53.32 16.94
N LYS E 270 37.21 53.47 16.83
CA LYS E 270 36.37 53.46 18.02
C LYS E 270 36.31 52.05 18.62
N LEU E 271 36.00 52.01 19.92
CA LEU E 271 36.02 50.77 20.70
C LEU E 271 34.63 50.46 21.25
N ILE E 272 34.10 49.28 20.90
CA ILE E 272 32.96 48.70 21.59
C ILE E 272 33.51 47.65 22.53
N MET E 273 33.17 47.74 23.82
CA MET E 273 33.72 46.82 24.80
C MET E 273 32.61 46.08 25.54
N SER E 274 32.83 44.78 25.74
CA SER E 274 31.98 43.92 26.54
C SER E 274 32.85 43.10 27.49
N VAL E 275 32.29 42.80 28.68
CA VAL E 275 32.93 41.91 29.65
C VAL E 275 31.85 41.03 30.25
N ASP E 276 31.97 39.71 30.04
CA ASP E 276 30.93 38.78 30.50
C ASP E 276 31.59 37.43 30.75
N ARG E 277 31.33 36.82 31.91
CA ARG E 277 31.49 35.37 31.98
C ARG E 277 30.84 34.75 30.74
N LEU E 278 31.47 33.71 30.19
CA LEU E 278 30.95 33.09 28.97
C LEU E 278 29.81 32.14 29.36
N ASP E 279 28.69 32.77 29.73
CA ASP E 279 27.49 32.12 30.21
C ASP E 279 26.39 32.29 29.18
N TYR E 280 25.55 31.27 29.00
CA TYR E 280 24.46 31.39 28.05
C TYR E 280 23.42 32.44 28.46
N SER E 281 23.41 32.89 29.72
CA SER E 281 22.52 33.99 30.10
C SER E 281 22.93 35.31 29.48
N LYS E 282 24.15 35.43 28.96
CA LYS E 282 24.70 36.74 28.59
C LYS E 282 24.39 37.17 27.16
N GLY E 283 23.66 36.36 26.40
CA GLY E 283 23.22 36.79 25.06
C GLY E 283 24.36 37.10 24.11
N LEU E 284 25.47 36.37 24.21
CA LEU E 284 26.68 36.73 23.48
C LEU E 284 26.57 36.43 21.99
N VAL E 285 25.83 35.38 21.61
CA VAL E 285 25.63 35.10 20.19
C VAL E 285 24.83 36.21 19.54
N GLU E 286 23.72 36.61 20.16
CA GLU E 286 22.91 37.70 19.61
C GLU E 286 23.72 38.98 19.55
N ARG E 287 24.56 39.21 20.55
CA ARG E 287 25.41 40.40 20.61
C ARG E 287 26.37 40.45 19.45
N PHE E 288 27.05 39.32 19.18
CA PHE E 288 27.96 39.27 18.04
C PHE E 288 27.21 39.48 16.73
N ARG E 289 26.05 38.84 16.57
CA ARG E 289 25.28 38.97 15.34
C ARG E 289 24.83 40.41 15.12
N ALA E 290 24.54 41.16 16.20
CA ALA E 290 24.15 42.55 15.99
C ALA E 290 25.35 43.40 15.55
N PHE E 291 26.54 43.10 16.08
CA PHE E 291 27.73 43.79 15.58
C PHE E 291 27.98 43.44 14.11
N GLU E 292 27.83 42.16 13.75
CA GLU E 292 27.90 41.77 12.34
C GLU E 292 26.87 42.53 11.50
N ARG E 293 25.64 42.68 12.01
CA ARG E 293 24.60 43.40 11.28
C ARG E 293 24.98 44.86 11.07
N LEU E 294 25.59 45.48 12.10
CA LEU E 294 26.09 46.84 11.97
C LEU E 294 27.06 46.97 10.80
N LEU E 295 28.04 46.06 10.72
CA LEU E 295 29.01 46.06 9.64
C LEU E 295 28.34 45.80 8.28
N GLU E 296 27.31 44.95 8.24
CA GLU E 296 26.61 44.68 6.98
C GLU E 296 25.94 45.93 6.44
N HIS E 297 25.27 46.68 7.31
CA HIS E 297 24.44 47.80 6.86
C HIS E 297 25.17 49.14 6.83
N SER E 298 26.36 49.25 7.40
CA SER E 298 27.08 50.53 7.44
C SER E 298 28.51 50.28 6.98
N THR E 299 28.78 50.41 5.68
CA THR E 299 30.15 50.25 5.21
C THR E 299 31.08 51.26 5.86
N ALA E 300 30.56 52.44 6.23
CA ALA E 300 31.40 53.46 6.83
C ALA E 300 31.98 53.02 8.16
N GLN E 301 31.35 52.04 8.85
CA GLN E 301 31.90 51.54 10.10
C GLN E 301 33.06 50.58 9.90
N ARG E 302 33.19 49.99 8.72
CA ARG E 302 34.20 48.97 8.52
C ARG E 302 35.59 49.59 8.61
N ASN E 303 36.48 48.92 9.36
CA ASN E 303 37.83 49.39 9.65
C ASN E 303 37.85 50.68 10.48
N LYS E 304 36.71 51.10 11.04
CA LYS E 304 36.65 52.29 11.89
C LYS E 304 36.24 51.97 13.31
N VAL E 305 35.98 50.69 13.63
CA VAL E 305 35.50 50.30 14.94
C VAL E 305 35.96 48.86 15.16
N SER E 306 36.27 48.52 16.41
CA SER E 306 36.50 47.13 16.76
C SER E 306 35.75 46.82 18.05
N PHE E 307 35.43 45.54 18.21
CA PHE E 307 34.58 45.05 19.29
C PHE E 307 35.45 44.14 20.14
N LEU E 308 35.76 44.59 21.36
CA LEU E 308 36.52 43.80 22.31
C LEU E 308 35.54 43.05 23.21
N GLN E 309 35.59 41.72 23.18
CA GLN E 309 34.78 40.86 24.04
C GLN E 309 35.74 40.10 24.95
N ILE E 310 35.81 40.51 26.19
CA ILE E 310 36.49 39.73 27.22
C ILE E 310 35.43 38.79 27.80
N ALA E 311 35.68 37.49 27.67
CA ALA E 311 34.69 36.47 28.09
C ALA E 311 35.40 35.39 28.88
N PRO E 312 35.55 35.57 30.20
CA PRO E 312 36.35 34.61 30.97
C PRO E 312 35.64 33.26 31.07
N PRO E 313 36.42 32.17 31.20
CA PRO E 313 35.80 30.86 31.43
C PRO E 313 34.96 30.89 32.69
N THR E 314 33.90 30.09 32.69
CA THR E 314 33.02 29.94 33.84
C THR E 314 32.39 28.55 33.76
N ARG E 315 32.38 27.85 34.90
CA ARG E 315 31.69 26.56 35.02
C ARG E 315 32.06 25.64 33.85
N ALA E 316 33.36 25.60 33.58
CA ALA E 316 33.86 25.04 32.33
C ALA E 316 33.70 23.53 32.24
N ASP E 317 33.59 22.82 33.36
CA ASP E 317 33.37 21.38 33.36
C ASP E 317 31.88 21.01 33.14
N MET E 318 31.07 21.93 32.65
CA MET E 318 29.67 21.66 32.35
C MET E 318 29.44 21.68 30.85
N HIS E 319 28.72 20.67 30.36
CA HIS E 319 28.52 20.53 28.92
CA HIS E 319 28.54 20.53 28.91
C HIS E 319 27.82 21.75 28.32
N ALA E 320 26.86 22.31 29.04
CA ALA E 320 26.15 23.48 28.51
C ALA E 320 27.08 24.69 28.37
N TYR E 321 28.09 24.79 29.22
CA TYR E 321 29.00 25.91 29.11
C TYR E 321 30.01 25.70 28.00
N GLN E 322 30.44 24.46 27.78
CA GLN E 322 31.31 24.26 26.62
CA GLN E 322 31.28 24.12 26.62
C GLN E 322 30.52 24.41 25.32
N ASP E 323 29.21 24.14 25.32
CA ASP E 323 28.39 24.33 24.13
C ASP E 323 28.28 25.79 23.73
N ILE E 324 27.93 26.68 24.67
CA ILE E 324 27.81 28.09 24.29
C ILE E 324 29.17 28.69 23.94
N ARG E 325 30.25 28.21 24.58
CA ARG E 325 31.59 28.62 24.16
C ARG E 325 31.84 28.27 22.70
N LEU E 326 31.58 27.01 22.31
CA LEU E 326 31.79 26.60 20.92
C LEU E 326 30.97 27.44 19.96
N GLN E 327 29.70 27.67 20.28
CA GLN E 327 28.87 28.47 19.40
C GLN E 327 29.44 29.87 19.25
N LEU E 328 29.85 30.50 20.35
CA LEU E 328 30.36 31.87 20.26
C LEU E 328 31.66 31.92 19.47
N GLU E 329 32.55 30.95 19.66
CA GLU E 329 33.81 30.96 18.95
C GLU E 329 33.60 30.81 17.44
N GLY E 330 32.61 30.00 17.04
CA GLY E 330 32.24 29.93 15.64
C GLY E 330 31.70 31.25 15.10
N GLU E 331 30.89 31.95 15.91
CA GLU E 331 30.43 33.30 15.54
C GLU E 331 31.60 34.25 15.31
N SER E 332 32.58 34.25 16.22
CA SER E 332 33.70 35.15 16.07
CA SER E 332 33.71 35.15 16.07
C SER E 332 34.48 34.85 14.79
N GLY E 333 34.68 33.57 14.48
CA GLY E 333 35.39 33.22 13.27
C GLY E 333 34.66 33.61 11.99
N ARG E 334 33.33 33.43 11.97
CA ARG E 334 32.57 33.80 10.78
C ARG E 334 32.67 35.30 10.54
N ILE E 335 32.40 36.09 11.57
CA ILE E 335 32.29 37.54 11.41
C ILE E 335 33.65 38.13 11.06
N ASN E 336 34.70 37.69 11.75
CA ASN E 336 36.04 38.14 11.41
C ASN E 336 36.41 37.76 9.99
N GLY E 337 36.07 36.53 9.58
CA GLY E 337 36.43 36.10 8.23
C GLY E 337 35.73 36.92 7.15
N ARG E 338 34.47 37.29 7.40
CA ARG E 338 33.70 38.04 6.40
C ARG E 338 34.22 39.47 6.25
N PHE E 339 34.63 40.09 7.36
CA PHE E 339 34.89 41.53 7.35
C PHE E 339 36.34 41.93 7.59
N ALA E 340 37.21 41.01 8.01
CA ALA E 340 38.59 41.40 8.30
C ALA E 340 39.29 41.95 7.05
N GLU E 341 40.30 42.76 7.32
CA GLU E 341 41.27 43.19 6.33
C GLU E 341 42.65 42.86 6.88
N LEU E 342 43.67 43.05 6.06
CA LEU E 342 45.03 42.79 6.51
C LEU E 342 45.36 43.53 7.80
N ASP E 343 44.74 44.69 8.03
CA ASP E 343 45.06 45.51 9.18
C ASP E 343 43.90 45.65 10.16
N TRP E 344 42.91 44.75 10.10
CA TRP E 344 41.73 44.94 10.92
C TRP E 344 41.11 43.62 11.29
N THR E 345 41.06 43.35 12.60
CA THR E 345 40.27 42.25 13.13
C THR E 345 39.02 42.81 13.76
N PRO E 346 37.83 42.58 13.20
CA PRO E 346 36.61 43.21 13.74
C PRO E 346 36.32 42.88 15.20
N ILE E 347 36.44 41.62 15.60
CA ILE E 347 36.08 41.15 16.94
C ILE E 347 37.34 40.63 17.62
N LEU E 348 37.69 41.23 18.76
CA LEU E 348 38.82 40.81 19.59
C LEU E 348 38.24 40.00 20.74
N TYR E 349 38.24 38.69 20.59
CA TYR E 349 37.61 37.78 21.54
C TYR E 349 38.70 37.18 22.42
N ILE E 350 38.57 37.33 23.73
CA ILE E 350 39.60 36.92 24.67
C ILE E 350 38.92 36.10 25.75
N HIS E 351 39.25 34.80 25.81
CA HIS E 351 38.61 33.86 26.74
C HIS E 351 39.44 33.76 28.02
N LYS E 352 39.59 34.89 28.70
CA LYS E 352 40.47 34.95 29.88
C LYS E 352 39.92 35.95 30.89
N GLN E 353 40.31 35.74 32.14
CA GLN E 353 39.97 36.63 33.24
C GLN E 353 40.94 37.80 33.35
N TYR E 354 40.41 38.97 33.67
CA TYR E 354 41.20 40.16 33.94
C TYR E 354 40.92 40.69 35.35
N GLU E 355 41.90 41.40 35.91
CA GLU E 355 41.68 42.12 37.16
C GLU E 355 40.63 43.21 36.96
N ARG E 356 39.77 43.37 37.98
CA ARG E 356 38.69 44.34 37.87
C ARG E 356 39.23 45.76 37.65
N SER E 357 40.39 46.07 38.21
CA SER E 357 40.93 47.42 38.06
C SER E 357 41.42 47.68 36.64
N VAL E 358 41.91 46.66 35.95
CA VAL E 358 42.24 46.80 34.54
C VAL E 358 40.98 47.02 33.71
N LEU E 359 39.92 46.27 34.00
CA LEU E 359 38.67 46.44 33.26
C LEU E 359 38.13 47.85 33.41
N ALA E 360 38.22 48.40 34.62
CA ALA E 360 37.77 49.76 34.84
C ALA E 360 38.58 50.73 34.00
N ALA E 361 39.90 50.53 33.93
CA ALA E 361 40.73 51.42 33.12
C ALA E 361 40.34 51.32 31.65
N LEU E 362 40.04 50.10 31.16
CA LEU E 362 39.69 49.93 29.76
C LEU E 362 38.28 50.45 29.45
N PHE E 363 37.33 50.27 30.37
CA PHE E 363 35.98 50.82 30.17
C PHE E 363 36.03 52.30 29.82
N ARG E 364 36.89 53.04 30.53
CA ARG E 364 37.02 54.48 30.34
C ARG E 364 37.45 54.86 28.93
N THR E 365 38.08 53.94 28.21
CA THR E 365 38.52 54.20 26.84
C THR E 365 37.53 53.71 25.80
N ALA E 366 36.46 53.02 26.19
CA ALA E 366 35.50 52.43 25.25
C ALA E 366 34.37 53.40 24.94
N HIS E 367 34.24 53.76 23.66
CA HIS E 367 33.13 54.60 23.22
C HIS E 367 31.78 53.98 23.53
N VAL E 368 31.69 52.65 23.59
CA VAL E 368 30.41 51.99 23.79
C VAL E 368 30.61 50.87 24.79
N GLY E 369 29.78 50.86 25.83
CA GLY E 369 29.66 49.72 26.74
C GLY E 369 28.50 48.88 26.26
N TYR E 370 28.77 47.62 25.95
CA TYR E 370 27.84 46.77 25.22
C TYR E 370 27.44 45.61 26.14
N VAL E 371 26.28 45.76 26.79
CA VAL E 371 25.87 44.87 27.88
C VAL E 371 24.44 44.38 27.56
N THR E 372 24.33 43.22 26.90
CA THR E 372 23.03 42.78 26.40
C THR E 372 22.64 41.37 26.87
N PRO E 373 22.68 41.09 28.17
CA PRO E 373 22.28 39.75 28.65
C PRO E 373 20.83 39.43 28.33
N LEU E 374 20.57 38.14 28.06
CA LEU E 374 19.19 37.71 27.83
C LEU E 374 18.37 37.83 29.09
N ARG E 375 18.98 37.53 30.25
CA ARG E 375 18.41 37.73 31.58
C ARG E 375 19.58 37.92 32.53
N ASP E 376 19.42 38.82 33.49
CA ASP E 376 20.50 39.12 34.42
C ASP E 376 19.87 39.75 35.65
N GLY E 377 20.20 39.23 36.83
CA GLY E 377 19.62 39.79 38.05
C GLY E 377 19.94 41.27 38.23
N MET E 378 21.15 41.69 37.87
CA MET E 378 21.46 43.12 37.90
C MET E 378 22.38 43.51 36.76
N ASN E 379 23.60 42.96 36.78
CA ASN E 379 24.73 43.20 35.89
C ASN E 379 25.57 44.37 36.42
N LEU E 380 26.58 44.03 37.19
CA LEU E 380 27.49 45.05 37.72
C LEU E 380 28.35 45.67 36.63
N VAL E 381 28.66 44.92 35.57
CA VAL E 381 29.49 45.43 34.48
C VAL E 381 28.85 46.69 33.90
N ALA E 382 27.53 46.70 33.76
CA ALA E 382 26.87 47.91 33.25
C ALA E 382 27.13 49.11 34.15
N LYS E 383 27.02 48.92 35.46
CA LYS E 383 27.22 50.03 36.38
C LYS E 383 28.70 50.42 36.45
N GLU E 384 29.60 49.44 36.36
CA GLU E 384 31.03 49.73 36.34
C GLU E 384 31.42 50.49 35.08
N TYR E 385 30.87 50.11 33.93
CA TYR E 385 31.19 50.81 32.69
C TYR E 385 30.81 52.29 32.81
N VAL E 386 29.59 52.57 33.27
CA VAL E 386 29.16 53.96 33.44
C VAL E 386 30.07 54.67 34.44
N SER E 387 30.33 54.04 35.60
CA SER E 387 31.11 54.68 36.65
C SER E 387 32.51 55.01 36.21
N ALA E 388 33.07 54.24 35.27
CA ALA E 388 34.46 54.42 34.88
C ALA E 388 34.65 55.59 33.92
N GLN E 389 33.58 56.13 33.35
CA GLN E 389 33.69 57.09 32.26
C GLN E 389 34.27 58.43 32.74
N ASP E 390 35.05 59.04 31.86
CA ASP E 390 35.46 60.42 32.04
C ASP E 390 34.27 61.36 31.80
N PRO E 391 33.77 62.06 32.83
CA PRO E 391 32.63 62.97 32.60
C PRO E 391 32.87 64.00 31.48
N GLU E 392 34.11 64.35 31.18
CA GLU E 392 34.38 65.28 30.10
CA GLU E 392 34.38 65.28 30.10
C GLU E 392 34.25 64.65 28.72
N ASN E 393 34.21 63.32 28.64
CA ASN E 393 34.09 62.66 27.35
C ASN E 393 33.61 61.23 27.54
N PRO E 394 32.38 61.04 28.01
CA PRO E 394 31.93 59.70 28.39
C PRO E 394 31.34 58.93 27.22
N GLY E 395 31.56 57.62 27.25
CA GLY E 395 30.95 56.73 26.29
C GLY E 395 29.49 56.44 26.61
N VAL E 396 28.90 55.55 25.81
CA VAL E 396 27.46 55.28 25.85
C VAL E 396 27.24 53.82 26.24
N LEU E 397 26.34 53.60 27.18
CA LEU E 397 25.92 52.25 27.57
C LEU E 397 24.75 51.79 26.71
N VAL E 398 24.94 50.66 26.03
CA VAL E 398 23.88 49.89 25.37
C VAL E 398 23.54 48.72 26.29
N LEU E 399 22.27 48.64 26.72
CA LEU E 399 21.87 47.78 27.85
C LEU E 399 20.61 46.99 27.51
N SER E 400 20.66 45.69 27.76
CA SER E 400 19.47 44.87 27.66
C SER E 400 18.40 45.33 28.64
N ARG E 401 17.15 45.39 28.17
CA ARG E 401 16.03 45.62 29.06
C ARG E 401 15.87 44.51 30.08
N PHE E 402 16.50 43.36 29.87
CA PHE E 402 16.36 42.24 30.79
C PHE E 402 17.48 42.16 31.83
N ALA E 403 18.41 43.12 31.84
CA ALA E 403 19.32 43.27 32.97
C ALA E 403 18.59 44.03 34.08
N GLY E 404 18.75 43.58 35.32
CA GLY E 404 18.14 44.30 36.43
C GLY E 404 18.53 45.76 36.48
N ALA E 405 19.74 46.09 36.04
CA ALA E 405 20.21 47.46 36.06
C ALA E 405 19.37 48.39 35.19
N ALA E 406 18.67 47.83 34.18
CA ALA E 406 17.87 48.69 33.33
C ALA E 406 16.71 49.36 34.09
N GLN E 407 16.29 48.78 35.21
CA GLN E 407 15.25 49.42 36.02
C GLN E 407 15.71 50.76 36.58
N GLU E 408 17.02 50.99 36.67
CA GLU E 408 17.59 52.20 37.26
C GLU E 408 18.32 53.10 36.27
N LEU E 409 18.97 52.55 35.24
CA LEU E 409 19.88 53.33 34.39
C LEU E 409 19.12 53.92 33.21
N ASP E 410 18.48 55.07 33.47
CA ASP E 410 17.67 55.72 32.44
C ASP E 410 18.51 56.14 31.24
N GLY E 411 19.75 56.58 31.48
CA GLY E 411 20.61 57.10 30.44
C GLY E 411 21.18 56.08 29.48
N ALA E 412 20.88 54.81 29.65
CA ALA E 412 21.34 53.80 28.71
C ALA E 412 20.45 53.79 27.47
N LEU E 413 21.02 53.30 26.36
CA LEU E 413 20.23 52.93 25.19
C LEU E 413 19.71 51.52 25.44
N ILE E 414 18.43 51.41 25.75
CA ILE E 414 17.84 50.12 26.14
C ILE E 414 17.51 49.32 24.88
N VAL E 415 17.82 48.01 24.89
CA VAL E 415 17.57 47.17 23.74
C VAL E 415 16.92 45.86 24.19
N ASN E 416 16.22 45.23 23.25
CA ASN E 416 15.80 43.86 23.42
C ASN E 416 16.79 42.99 22.65
N PRO E 417 17.57 42.14 23.32
CA PRO E 417 18.64 41.42 22.61
C PRO E 417 18.15 40.47 21.53
N VAL E 418 16.89 40.04 21.56
CA VAL E 418 16.35 39.25 20.46
C VAL E 418 16.31 40.06 19.16
N ASP E 419 16.23 41.38 19.25
CA ASP E 419 16.03 42.26 18.10
C ASP E 419 17.41 42.64 17.55
N ILE E 420 17.87 41.85 16.58
CA ILE E 420 19.22 42.07 16.05
C ILE E 420 19.33 43.46 15.42
N ASP E 421 18.33 43.86 14.65
CA ASP E 421 18.36 45.20 14.06
C ASP E 421 18.31 46.28 15.13
N GLY E 422 17.51 46.08 16.18
CA GLY E 422 17.46 47.06 17.27
C GLY E 422 18.81 47.24 17.93
N MET E 423 19.53 46.15 18.17
CA MET E 423 20.82 46.28 18.81
C MET E 423 21.83 46.92 17.87
N ALA E 424 21.78 46.57 16.59
CA ALA E 424 22.69 47.19 15.62
C ALA E 424 22.41 48.69 15.50
N GLU E 425 21.14 49.08 15.51
CA GLU E 425 20.80 50.50 15.47
C GLU E 425 21.28 51.22 16.73
N ALA E 426 21.20 50.56 17.88
CA ALA E 426 21.70 51.17 19.11
C ALA E 426 23.22 51.34 19.07
N LEU E 427 23.93 50.34 18.53
CA LEU E 427 25.37 50.49 18.35
C LEU E 427 25.70 51.71 17.49
N ALA E 428 25.03 51.87 16.35
CA ALA E 428 25.32 53.02 15.48
C ALA E 428 25.00 54.32 16.21
N ARG E 429 23.88 54.38 16.92
CA ARG E 429 23.53 55.61 17.63
C ARG E 429 24.53 55.91 18.73
N ALA E 430 24.92 54.89 19.50
CA ALA E 430 25.92 55.07 20.55
C ALA E 430 27.23 55.59 19.97
N LEU E 431 27.67 55.05 18.83
CA LEU E 431 28.96 55.43 18.26
C LEU E 431 28.98 56.89 17.80
N ASP E 432 27.86 57.42 17.32
CA ASP E 432 27.81 58.77 16.76
C ASP E 432 27.18 59.78 17.70
N MET E 433 26.94 59.43 18.95
CA MET E 433 26.17 60.31 19.82
C MET E 433 26.96 61.58 20.13
N PRO E 434 26.35 62.76 20.00
CA PRO E 434 27.08 64.00 20.32
C PRO E 434 27.43 64.09 21.80
N LEU E 435 28.49 64.85 22.09
CA LEU E 435 29.01 64.97 23.45
C LEU E 435 27.95 65.42 24.46
N ALA E 436 27.13 66.41 24.10
CA ALA E 436 26.16 66.94 25.06
C ALA E 436 25.20 65.86 25.55
N GLU E 437 24.69 65.03 24.61
CA GLU E 437 23.78 63.97 25.00
C GLU E 437 24.51 62.86 25.76
N ARG E 438 25.71 62.49 25.30
CA ARG E 438 26.50 61.53 26.05
C ARG E 438 26.69 61.97 27.51
N GLN E 439 26.97 63.26 27.72
CA GLN E 439 27.20 63.79 29.05
C GLN E 439 25.92 63.85 29.87
N ALA E 440 24.81 64.23 29.24
CA ALA E 440 23.54 64.25 29.96
C ALA E 440 23.16 62.85 30.42
N ARG E 441 23.30 61.87 29.53
CA ARG E 441 23.02 60.48 29.91
C ARG E 441 23.93 60.04 31.05
N HIS E 442 25.23 60.33 30.94
CA HIS E 442 26.18 59.90 31.95
C HIS E 442 25.91 60.59 33.28
N ARG E 443 25.64 61.89 33.23
CA ARG E 443 25.32 62.68 34.42
C ARG E 443 24.13 62.07 35.17
N ASP E 444 23.02 61.83 34.46
CA ASP E 444 21.84 61.25 35.08
C ASP E 444 22.14 59.89 35.73
N MET E 445 22.90 59.04 35.04
CA MET E 445 23.16 57.71 35.60
C MET E 445 24.09 57.79 36.81
N MET E 446 25.05 58.73 36.83
CA MET E 446 25.94 58.84 37.98
C MET E 446 25.19 59.31 39.22
N VAL E 447 24.20 60.17 39.07
CA VAL E 447 23.36 60.54 40.22
C VAL E 447 22.71 59.29 40.81
N GLN E 448 22.11 58.47 39.95
CA GLN E 448 21.45 57.25 40.42
C GLN E 448 22.43 56.29 41.06
N LEU E 449 23.61 56.12 40.47
CA LEU E 449 24.59 55.18 41.01
C LEU E 449 25.12 55.66 42.34
N ARG E 450 25.30 56.98 42.51
CA ARG E 450 25.77 57.52 43.78
C ARG E 450 24.68 57.43 44.84
N GLU E 451 23.43 57.72 44.47
CA GLU E 451 22.35 57.69 45.44
C GLU E 451 22.04 56.28 45.91
N ASN E 452 22.25 55.27 45.06
CA ASN E 452 21.94 53.90 45.44
C ASN E 452 23.16 53.01 45.36
N ASN E 453 24.21 53.39 46.08
CA ASN E 453 25.48 52.67 46.07
C ASN E 453 25.37 51.42 46.95
N VAL E 454 26.45 50.62 46.99
CA VAL E 454 26.33 49.35 47.68
CA VAL E 454 26.39 49.33 47.70
C VAL E 454 26.19 49.53 49.19
N SER E 455 26.70 50.62 49.76
CA SER E 455 26.51 50.87 51.20
CA SER E 455 26.50 50.86 51.20
C SER E 455 25.03 51.06 51.51
N VAL E 456 24.32 51.79 50.65
CA VAL E 456 22.87 51.96 50.82
C VAL E 456 22.18 50.61 50.73
N TRP E 457 22.60 49.78 49.79
CA TRP E 457 22.02 48.45 49.62
C TRP E 457 22.21 47.60 50.87
N ARG E 458 23.45 47.53 51.38
CA ARG E 458 23.72 46.77 52.59
C ARG E 458 22.94 47.32 53.78
N ASP E 459 22.99 48.64 53.97
CA ASP E 459 22.36 49.25 55.14
C ASP E 459 20.85 49.05 55.13
N ASN E 460 20.22 49.18 53.97
CA ASN E 460 18.78 48.97 53.87
C ASN E 460 18.40 47.55 54.21
N PHE E 461 19.10 46.58 53.63
CA PHE E 461 18.79 45.18 53.90
C PHE E 461 19.00 44.85 55.38
N MET E 462 20.11 45.29 55.96
CA MET E 462 20.39 44.98 57.36
C MET E 462 19.40 45.66 58.28
N ARG E 463 19.06 46.92 58.01
CA ARG E 463 18.03 47.60 58.80
CA ARG E 463 18.04 47.60 58.80
C ARG E 463 16.74 46.80 58.82
N ASP E 464 16.27 46.37 57.65
CA ASP E 464 15.03 45.60 57.60
C ASP E 464 15.18 44.26 58.28
N LEU E 465 16.35 43.62 58.13
CA LEU E 465 16.54 42.30 58.73
C LEU E 465 16.50 42.38 60.25
N GLN E 466 17.13 43.39 60.82
CA GLN E 466 17.11 43.58 62.26
C GLN E 466 15.85 44.32 62.66
N GLY F 10 2.75 -52.38 20.19
CA GLY F 10 2.69 -50.99 19.81
C GLY F 10 1.33 -50.54 19.28
N ARG F 11 0.76 -49.53 19.94
CA ARG F 11 -0.60 -49.09 19.64
C ARG F 11 -0.68 -48.37 18.29
N LEU F 12 -1.73 -48.69 17.52
CA LEU F 12 -1.95 -48.02 16.25
C LEU F 12 -2.72 -46.72 16.47
N ILE F 13 -2.16 -45.62 15.95
CA ILE F 13 -2.79 -44.31 16.02
C ILE F 13 -3.24 -43.94 14.62
N ILE F 14 -4.55 -43.90 14.39
CA ILE F 14 -5.10 -43.39 13.14
C ILE F 14 -5.28 -41.87 13.27
N VAL F 15 -4.83 -41.15 12.25
CA VAL F 15 -5.05 -39.71 12.15
C VAL F 15 -5.74 -39.46 10.82
N SER F 16 -6.91 -38.80 10.87
CA SER F 16 -7.61 -38.40 9.66
C SER F 16 -8.45 -37.17 10.00
N ASN F 17 -8.81 -36.41 8.96
CA ASN F 17 -9.74 -35.31 9.18
C ASN F 17 -11.12 -35.85 9.57
N ARG F 18 -11.75 -36.62 8.69
CA ARG F 18 -13.05 -37.19 8.99
C ARG F 18 -12.91 -38.42 9.89
N VAL F 19 -13.71 -38.47 10.95
CA VAL F 19 -13.65 -39.56 11.92
C VAL F 19 -15.02 -40.24 12.00
N ALA F 20 -15.01 -41.58 11.90
CA ALA F 20 -16.16 -42.47 12.06
C ALA F 20 -17.08 -42.47 10.83
N PRO F 21 -17.56 -43.63 10.40
CA PRO F 21 -18.61 -43.67 9.36
C PRO F 21 -19.99 -43.52 10.01
N ILE F 22 -21.03 -43.57 9.16
CA ILE F 22 -22.40 -43.41 9.65
C ILE F 22 -22.77 -44.51 10.64
N SER F 23 -22.25 -45.73 10.45
CA SER F 23 -22.59 -46.81 11.36
C SER F 23 -22.04 -46.56 12.76
N GLU F 24 -20.99 -45.76 12.87
CA GLU F 24 -20.43 -45.32 14.15
C GLU F 24 -20.82 -43.87 14.37
N GLY F 25 -19.91 -42.99 14.79
CA GLY F 25 -20.31 -41.62 15.06
C GLY F 25 -20.59 -40.79 13.82
N GLY F 26 -20.02 -41.17 12.68
CA GLY F 26 -19.90 -40.30 11.52
C GLY F 26 -21.17 -39.63 11.05
N PRO F 27 -21.02 -38.40 10.51
CA PRO F 27 -22.18 -37.64 10.02
C PRO F 27 -22.39 -37.74 8.52
N ALA F 28 -21.39 -38.26 7.78
CA ALA F 28 -21.38 -38.18 6.34
C ALA F 28 -21.06 -39.54 5.71
N ALA F 29 -21.43 -39.66 4.43
CA ALA F 29 -20.93 -40.72 3.56
C ALA F 29 -19.45 -40.47 3.25
N GLY F 30 -18.78 -41.50 2.74
CA GLY F 30 -17.35 -41.37 2.46
C GLY F 30 -16.60 -42.67 2.71
N GLY F 31 -15.73 -43.05 1.77
CA GLY F 31 -15.08 -44.35 1.86
C GLY F 31 -13.93 -44.41 2.85
N LEU F 32 -13.28 -43.27 3.12
CA LEU F 32 -12.19 -43.26 4.10
C LEU F 32 -12.69 -43.73 5.45
N ALA F 33 -13.73 -43.09 5.97
CA ALA F 33 -14.24 -43.45 7.29
C ALA F 33 -14.72 -44.90 7.32
N VAL F 34 -15.30 -45.37 6.21
CA VAL F 34 -15.75 -46.76 6.17
C VAL F 34 -14.56 -47.71 6.18
N GLY F 35 -13.59 -47.47 5.29
CA GLY F 35 -12.45 -48.38 5.20
C GLY F 35 -11.59 -48.36 6.46
N VAL F 36 -11.31 -47.18 6.98
CA VAL F 36 -10.47 -47.07 8.17
C VAL F 36 -11.14 -47.78 9.34
N TYR F 37 -12.42 -47.53 9.56
CA TYR F 37 -13.09 -48.23 10.65
C TYR F 37 -13.06 -49.74 10.43
N ASP F 38 -13.22 -50.19 9.18
CA ASP F 38 -13.14 -51.62 8.91
C ASP F 38 -11.78 -52.17 9.29
N ALA F 39 -10.72 -51.43 8.99
CA ALA F 39 -9.36 -51.85 9.34
C ALA F 39 -9.14 -51.89 10.84
N LEU F 40 -9.77 -50.97 11.56
CA LEU F 40 -9.47 -50.72 12.97
C LEU F 40 -10.32 -51.53 13.94
N LYS F 41 -11.46 -52.07 13.50
CA LYS F 41 -12.44 -52.57 14.47
C LYS F 41 -12.01 -53.89 15.13
N GLU F 42 -11.19 -54.70 14.47
CA GLU F 42 -10.83 -56.00 15.05
C GLU F 42 -9.94 -55.84 16.27
N THR F 43 -8.80 -55.17 16.12
CA THR F 43 -7.82 -55.04 17.18
C THR F 43 -7.92 -53.72 17.93
N GLY F 44 -8.37 -52.66 17.28
CA GLY F 44 -8.50 -51.40 17.98
C GLY F 44 -7.27 -50.54 17.81
N GLY F 45 -7.20 -49.52 18.65
CA GLY F 45 -6.22 -48.46 18.57
C GLY F 45 -6.89 -47.13 18.86
N MET F 46 -6.20 -46.04 18.51
CA MET F 46 -6.74 -44.69 18.66
C MET F 46 -7.10 -44.13 17.29
N TRP F 47 -8.19 -43.35 17.23
CA TRP F 47 -8.57 -42.63 16.02
C TRP F 47 -8.70 -41.14 16.38
N PHE F 48 -7.74 -40.34 15.91
CA PHE F 48 -7.64 -38.93 16.21
C PHE F 48 -8.03 -38.12 14.98
N GLY F 49 -8.81 -37.06 15.18
CA GLY F 49 -9.15 -36.20 14.06
C GLY F 49 -10.19 -35.14 14.43
N TRP F 50 -10.84 -34.63 13.39
CA TRP F 50 -11.82 -33.56 13.53
C TRP F 50 -13.15 -34.15 13.97
N SER F 51 -13.78 -33.49 14.95
CA SER F 51 -15.07 -33.93 15.44
C SER F 51 -16.21 -33.67 14.46
N GLY F 52 -15.99 -32.87 13.42
CA GLY F 52 -17.07 -32.47 12.55
C GLY F 52 -17.76 -31.19 12.94
N ASP F 53 -17.45 -30.64 14.11
CA ASP F 53 -18.07 -29.42 14.59
C ASP F 53 -17.19 -28.20 14.34
N VAL F 54 -17.84 -27.05 14.11
CA VAL F 54 -17.18 -25.78 13.90
C VAL F 54 -17.61 -24.82 15.01
N LEU F 55 -16.63 -24.23 15.69
CA LEU F 55 -16.92 -23.31 16.79
C LEU F 55 -16.99 -21.87 16.28
N SER F 56 -18.03 -21.16 16.73
CA SER F 56 -18.13 -19.72 16.46
C SER F 56 -17.36 -18.88 17.47
N SER F 57 -17.06 -19.42 18.64
CA SER F 57 -16.31 -18.70 19.66
C SER F 57 -15.76 -19.72 20.64
N GLY F 58 -14.72 -19.32 21.37
CA GLY F 58 -14.08 -20.19 22.31
C GLY F 58 -12.82 -20.83 21.75
N GLN F 59 -12.38 -21.89 22.41
CA GLN F 59 -11.20 -22.63 22.00
C GLN F 59 -11.55 -24.12 21.91
N PRO F 60 -11.20 -24.79 20.82
CA PRO F 60 -11.45 -26.24 20.74
C PRO F 60 -10.68 -26.97 21.84
N GLN F 61 -11.21 -28.12 22.24
CA GLN F 61 -10.63 -28.93 23.30
C GLN F 61 -10.80 -30.40 22.93
N ILE F 62 -9.71 -31.17 23.04
CA ILE F 62 -9.76 -32.57 22.65
C ILE F 62 -10.75 -33.33 23.53
N LYS F 63 -11.35 -34.36 22.95
CA LYS F 63 -12.34 -35.18 23.64
C LYS F 63 -12.00 -36.65 23.44
N VAL F 64 -11.71 -37.35 24.54
CA VAL F 64 -11.36 -38.77 24.53
C VAL F 64 -12.59 -39.56 24.90
N GLU F 65 -12.86 -40.64 24.17
CA GLU F 65 -14.04 -41.46 24.41
C GLU F 65 -13.78 -42.87 23.91
N GLU F 66 -13.95 -43.86 24.79
CA GLU F 66 -13.70 -45.26 24.45
C GLU F 66 -14.96 -45.87 23.87
N ARG F 67 -14.85 -46.42 22.66
CA ARG F 67 -15.93 -47.17 22.02
C ARG F 67 -15.36 -48.53 21.63
N GLY F 68 -15.62 -49.55 22.45
CA GLY F 68 -15.00 -50.84 22.27
C GLY F 68 -13.49 -50.74 22.35
N PRO F 69 -12.79 -51.39 21.43
CA PRO F 69 -11.33 -51.32 21.40
C PRO F 69 -10.77 -50.08 20.72
N VAL F 70 -11.61 -49.14 20.31
CA VAL F 70 -11.16 -47.93 19.63
C VAL F 70 -11.29 -46.76 20.59
N THR F 71 -10.20 -45.99 20.72
CA THR F 71 -10.20 -44.74 21.45
C THR F 71 -10.35 -43.60 20.45
N PHE F 72 -11.46 -42.85 20.53
CA PHE F 72 -11.63 -41.67 19.69
C PHE F 72 -11.10 -40.45 20.42
N ALA F 73 -10.28 -39.67 19.73
CA ALA F 73 -9.78 -38.39 20.25
C ALA F 73 -10.09 -37.36 19.18
N THR F 74 -11.19 -36.63 19.35
CA THR F 74 -11.67 -35.70 18.34
C THR F 74 -11.72 -34.28 18.89
N ILE F 75 -11.68 -33.31 17.99
CA ILE F 75 -11.64 -31.90 18.37
C ILE F 75 -12.30 -31.08 17.26
N ALA F 76 -12.91 -29.98 17.65
CA ALA F 76 -13.58 -29.08 16.73
C ALA F 76 -12.58 -28.15 16.06
N LEU F 77 -13.02 -27.49 15.00
CA LEU F 77 -12.26 -26.46 14.33
C LEU F 77 -12.91 -25.11 14.60
N MET F 78 -12.08 -24.10 14.85
CA MET F 78 -12.53 -22.72 14.78
C MET F 78 -13.04 -22.41 13.37
N ARG F 79 -14.00 -21.49 13.29
CA ARG F 79 -14.57 -21.15 11.99
C ARG F 79 -13.48 -20.78 10.99
N ARG F 80 -12.53 -19.94 11.41
CA ARG F 80 -11.48 -19.49 10.50
CA ARG F 80 -11.49 -19.50 10.49
C ARG F 80 -10.64 -20.67 10.02
N ASP F 81 -10.34 -21.61 10.92
CA ASP F 81 -9.55 -22.78 10.55
C ASP F 81 -10.35 -23.71 9.63
N TYR F 82 -11.64 -23.88 9.90
CA TYR F 82 -12.50 -24.65 9.02
C TYR F 82 -12.50 -24.05 7.62
N ASP F 83 -12.63 -22.73 7.53
CA ASP F 83 -12.69 -22.07 6.23
C ASP F 83 -11.37 -22.19 5.47
N GLN F 84 -10.25 -22.00 6.16
CA GLN F 84 -8.95 -21.93 5.48
C GLN F 84 -8.39 -23.31 5.17
N TYR F 85 -8.42 -24.22 6.15
CA TYR F 85 -7.81 -25.53 6.03
C TYR F 85 -8.71 -26.55 5.34
N TYR F 86 -10.00 -26.58 5.70
CA TYR F 86 -10.90 -27.59 5.15
C TYR F 86 -11.62 -27.12 3.89
N ARG F 87 -12.47 -26.08 4.00
CA ARG F 87 -13.16 -25.60 2.81
C ARG F 87 -12.19 -24.96 1.83
N GLY F 88 -11.10 -24.38 2.32
CA GLY F 88 -10.16 -23.68 1.47
C GLY F 88 -9.15 -24.61 0.82
N PHE F 89 -7.98 -24.79 1.42
CA PHE F 89 -6.91 -25.43 0.66
C PHE F 89 -7.22 -26.91 0.40
N SER F 90 -7.78 -27.62 1.38
CA SER F 90 -8.10 -29.03 1.14
C SER F 90 -9.10 -29.20 0.02
N ASN F 91 -10.27 -28.57 0.13
CA ASN F 91 -11.36 -28.93 -0.78
C ASN F 91 -11.54 -27.97 -1.94
N ALA F 92 -10.94 -26.79 -1.90
CA ALA F 92 -10.97 -25.89 -3.04
C ALA F 92 -9.68 -25.94 -3.87
N THR F 93 -8.59 -26.47 -3.33
CA THR F 93 -7.36 -26.63 -4.10
C THR F 93 -7.01 -28.10 -4.33
N LEU F 94 -6.76 -28.87 -3.26
CA LEU F 94 -6.23 -30.22 -3.43
C LEU F 94 -7.26 -31.16 -4.04
N TRP F 95 -8.51 -31.11 -3.55
CA TRP F 95 -9.51 -32.07 -4.06
C TRP F 95 -9.72 -31.90 -5.57
N PRO F 96 -10.06 -30.73 -6.09
CA PRO F 96 -10.18 -30.62 -7.56
C PRO F 96 -8.87 -30.92 -8.29
N ALA F 97 -7.73 -30.43 -7.80
CA ALA F 97 -6.47 -30.64 -8.53
C ALA F 97 -6.13 -32.11 -8.64
N PHE F 98 -6.24 -32.86 -7.53
CA PHE F 98 -5.90 -34.27 -7.55
C PHE F 98 -6.91 -35.12 -8.29
N HIS F 99 -8.14 -34.62 -8.50
CA HIS F 99 -9.11 -35.27 -9.36
C HIS F 99 -9.12 -34.70 -10.77
N TYR F 100 -8.01 -34.08 -11.19
CA TYR F 100 -7.84 -33.66 -12.59
C TYR F 100 -8.88 -32.63 -12.99
N ARG F 101 -9.21 -31.72 -12.08
CA ARG F 101 -10.11 -30.61 -12.39
C ARG F 101 -9.39 -29.28 -12.08
N ALA F 102 -8.34 -29.00 -12.85
CA ALA F 102 -7.69 -27.70 -12.73
C ALA F 102 -8.66 -26.55 -12.96
N ASP F 103 -9.69 -26.75 -13.79
CA ASP F 103 -10.66 -25.70 -14.05
C ASP F 103 -11.42 -25.29 -12.79
N LEU F 104 -11.61 -26.22 -11.85
CA LEU F 104 -12.30 -25.94 -10.60
C LEU F 104 -11.34 -25.59 -9.47
N LEU F 105 -10.04 -25.75 -9.68
CA LEU F 105 -9.06 -25.39 -8.66
C LEU F 105 -9.16 -23.91 -8.34
N GLN F 106 -9.28 -23.59 -7.06
CA GLN F 106 -9.08 -22.23 -6.59
C GLN F 106 -7.94 -22.25 -5.58
N TYR F 107 -7.16 -21.16 -5.58
CA TYR F 107 -6.00 -21.10 -4.72
C TYR F 107 -5.94 -19.76 -4.02
N ASP F 108 -5.69 -19.78 -2.72
CA ASP F 108 -5.45 -18.55 -2.00
C ASP F 108 -4.32 -18.78 -1.01
N ARG F 109 -3.30 -17.93 -1.07
CA ARG F 109 -2.10 -18.14 -0.26
C ARG F 109 -2.42 -18.09 1.23
N HIS F 110 -3.37 -17.23 1.62
CA HIS F 110 -3.75 -17.16 3.03
CA HIS F 110 -3.78 -17.15 3.03
C HIS F 110 -4.46 -18.44 3.47
N ASP F 111 -5.25 -19.06 2.60
CA ASP F 111 -5.86 -20.34 2.95
C ASP F 111 -4.80 -21.42 3.06
N PHE F 112 -3.80 -21.39 2.17
CA PHE F 112 -2.74 -22.38 2.23
C PHE F 112 -1.92 -22.24 3.50
N GLU F 113 -1.64 -21.00 3.91
CA GLU F 113 -0.94 -20.78 5.17
C GLU F 113 -1.76 -21.32 6.35
N GLY F 114 -3.09 -21.15 6.29
CA GLY F 114 -3.93 -21.67 7.35
C GLY F 114 -3.98 -23.19 7.38
N TYR F 115 -4.04 -23.81 6.19
CA TYR F 115 -3.90 -25.26 6.07
C TYR F 115 -2.63 -25.76 6.75
N TRP F 116 -1.51 -25.07 6.53
CA TRP F 116 -0.26 -25.45 7.19
C TRP F 116 -0.35 -25.23 8.69
N ARG F 117 -0.89 -24.08 9.11
CA ARG F 117 -1.04 -23.76 10.52
C ARG F 117 -1.90 -24.79 11.24
N VAL F 118 -3.03 -25.16 10.62
CA VAL F 118 -3.97 -26.09 11.25
C VAL F 118 -3.36 -27.46 11.41
N ASN F 119 -2.57 -27.89 10.40
CA ASN F 119 -1.86 -29.16 10.52
C ASN F 119 -0.94 -29.15 11.73
N ALA F 120 -0.16 -28.06 11.92
CA ALA F 120 0.73 -27.98 13.07
C ALA F 120 -0.05 -27.96 14.39
N TRP F 121 -1.18 -27.24 14.43
CA TRP F 121 -1.99 -27.19 15.63
C TRP F 121 -2.56 -28.57 15.97
N LEU F 122 -3.07 -29.30 14.96
CA LEU F 122 -3.58 -30.64 15.19
C LEU F 122 -2.49 -31.58 15.68
N ALA F 123 -1.29 -31.48 15.08
CA ALA F 123 -0.18 -32.30 15.55
C ALA F 123 0.12 -32.01 17.00
N GLN F 124 0.08 -30.73 17.38
CA GLN F 124 0.34 -30.39 18.77
C GLN F 124 -0.73 -30.93 19.70
N GLN F 125 -1.98 -31.08 19.21
CA GLN F 125 -3.01 -31.70 20.03
C GLN F 125 -2.75 -33.18 20.22
N LEU F 126 -2.18 -33.84 19.21
CA LEU F 126 -1.89 -35.27 19.29
C LEU F 126 -0.70 -35.58 20.18
N VAL F 127 0.30 -34.69 20.23
CA VAL F 127 1.56 -34.99 20.92
C VAL F 127 1.38 -35.49 22.35
N PRO F 128 0.61 -34.82 23.23
CA PRO F 128 0.53 -35.31 24.62
C PRO F 128 -0.16 -36.67 24.75
N LEU F 129 -0.90 -37.12 23.74
CA LEU F 129 -1.57 -38.42 23.84
C LEU F 129 -0.69 -39.58 23.41
N LEU F 130 0.48 -39.31 22.83
CA LEU F 130 1.32 -40.35 22.25
C LEU F 130 2.11 -41.08 23.30
N ARG F 131 2.42 -42.35 23.01
CA ARG F 131 3.35 -43.16 23.77
C ARG F 131 4.57 -43.49 22.90
N GLU F 132 5.64 -43.98 23.53
CA GLU F 132 6.91 -44.14 22.84
C GLU F 132 6.78 -45.12 21.66
N ASP F 133 6.10 -46.25 21.86
CA ASP F 133 6.01 -47.28 20.82
C ASP F 133 4.70 -47.22 20.04
N ASP F 134 3.96 -46.12 20.12
CA ASP F 134 2.83 -45.93 19.21
C ASP F 134 3.34 -45.91 17.77
N VAL F 135 2.51 -46.35 16.85
CA VAL F 135 2.78 -46.28 15.42
C VAL F 135 1.68 -45.43 14.79
N ILE F 136 2.08 -44.39 14.07
CA ILE F 136 1.16 -43.36 13.59
C ILE F 136 0.90 -43.56 12.11
N TRP F 137 -0.38 -43.60 11.75
CA TRP F 137 -0.80 -43.79 10.37
C TRP F 137 -1.75 -42.66 10.00
N VAL F 138 -1.28 -41.73 9.20
CA VAL F 138 -2.00 -40.53 8.80
C VAL F 138 -2.72 -40.82 7.50
N HIS F 139 -3.96 -40.33 7.34
CA HIS F 139 -4.77 -40.63 6.17
C HIS F 139 -5.23 -39.37 5.47
N ASP F 140 -4.80 -39.22 4.21
CA ASP F 140 -5.45 -38.44 3.15
C ASP F 140 -5.01 -36.98 3.10
N TYR F 141 -5.49 -36.28 2.06
CA TYR F 141 -4.85 -35.07 1.55
C TYR F 141 -4.91 -33.89 2.52
N HIS F 142 -5.86 -33.89 3.46
CA HIS F 142 -5.92 -32.79 4.42
C HIS F 142 -4.65 -32.70 5.27
N LEU F 143 -3.92 -33.80 5.39
CA LEU F 143 -2.89 -33.96 6.40
C LEU F 143 -1.51 -34.25 5.80
N ILE F 144 -1.29 -33.83 4.56
CA ILE F 144 0.01 -33.94 3.91
C ILE F 144 1.14 -33.36 4.76
N PRO F 145 1.01 -32.19 5.40
CA PRO F 145 2.11 -31.67 6.24
C PRO F 145 2.22 -32.28 7.63
N PHE F 146 1.51 -33.37 7.95
CA PHE F 146 1.36 -33.76 9.34
C PHE F 146 2.63 -34.39 9.91
N ALA F 147 3.32 -35.22 9.12
CA ALA F 147 4.57 -35.81 9.60
C ALA F 147 5.62 -34.75 9.86
N GLN F 148 5.76 -33.81 8.93
CA GLN F 148 6.70 -32.72 9.09
C GLN F 148 6.41 -31.94 10.37
N ALA F 149 5.13 -31.71 10.68
CA ALA F 149 4.77 -31.04 11.92
C ALA F 149 5.13 -31.89 13.14
N LEU F 150 4.82 -33.19 13.10
CA LEU F 150 5.13 -34.05 14.23
C LEU F 150 6.63 -34.10 14.48
N ARG F 151 7.43 -34.28 13.42
CA ARG F 151 8.88 -34.28 13.60
C ARG F 151 9.36 -32.96 14.19
N ALA F 152 8.81 -31.84 13.73
CA ALA F 152 9.20 -30.54 14.27
C ALA F 152 8.86 -30.42 15.75
N ALA F 153 7.88 -31.18 16.24
CA ALA F 153 7.50 -31.18 17.64
C ALA F 153 8.24 -32.25 18.44
N GLY F 154 9.24 -32.90 17.85
CA GLY F 154 10.06 -33.85 18.59
C GLY F 154 9.62 -35.30 18.49
N VAL F 155 8.56 -35.59 17.75
CA VAL F 155 8.02 -36.94 17.69
C VAL F 155 9.01 -37.85 16.96
N LYS F 156 9.31 -39.00 17.57
CA LYS F 156 10.21 -39.97 16.99
C LYS F 156 9.50 -41.22 16.48
N ASN F 157 8.21 -41.38 16.77
CA ASN F 157 7.46 -42.55 16.35
C ASN F 157 7.52 -42.76 14.84
N ARG F 158 7.37 -44.01 14.41
CA ARG F 158 7.12 -44.27 13.00
C ARG F 158 5.83 -43.57 12.57
N ILE F 159 5.84 -43.01 11.36
CA ILE F 159 4.70 -42.29 10.81
C ILE F 159 4.54 -42.70 9.37
N GLY F 160 3.38 -43.26 9.02
CA GLY F 160 3.08 -43.52 7.63
C GLY F 160 1.95 -42.63 7.15
N PHE F 161 1.86 -42.47 5.83
CA PHE F 161 0.80 -41.72 5.19
C PHE F 161 0.14 -42.60 4.13
N PHE F 162 -1.20 -42.59 4.07
CA PHE F 162 -1.92 -43.21 2.96
C PHE F 162 -2.84 -42.17 2.32
N LEU F 163 -2.70 -41.99 1.00
CA LEU F 163 -3.53 -41.07 0.24
C LEU F 163 -4.70 -41.84 -0.37
N HIS F 164 -5.92 -41.47 0.01
CA HIS F 164 -7.07 -42.20 -0.49
C HIS F 164 -7.51 -41.73 -1.87
N ILE F 165 -7.19 -40.50 -2.23
CA ILE F 165 -7.61 -39.93 -3.52
C ILE F 165 -6.49 -40.22 -4.51
N PRO F 166 -6.68 -39.98 -5.81
CA PRO F 166 -5.57 -40.23 -6.75
C PRO F 166 -4.41 -39.30 -6.47
N PHE F 167 -3.20 -39.75 -6.85
CA PHE F 167 -2.08 -38.82 -6.95
C PHE F 167 -1.94 -38.39 -8.41
N PRO F 168 -2.15 -37.12 -8.72
CA PRO F 168 -2.22 -36.73 -10.14
C PRO F 168 -0.85 -36.74 -10.80
N ALA F 169 -0.87 -36.94 -12.12
CA ALA F 169 0.31 -36.77 -12.97
C ALA F 169 1.08 -35.52 -12.56
N SER F 170 2.43 -35.60 -12.63
CA SER F 170 3.25 -34.48 -12.19
C SER F 170 2.90 -33.19 -12.95
N GLN F 171 2.62 -33.30 -14.25
CA GLN F 171 2.28 -32.09 -15.01
C GLN F 171 1.04 -31.42 -14.45
N VAL F 172 0.10 -32.23 -13.95
CA VAL F 172 -1.14 -31.75 -13.34
C VAL F 172 -0.88 -31.20 -11.94
N LEU F 173 -0.06 -31.91 -11.15
CA LEU F 173 0.28 -31.40 -9.81
C LEU F 173 0.92 -30.02 -9.88
N LEU F 174 1.67 -29.73 -10.94
CA LEU F 174 2.28 -28.42 -11.09
C LEU F 174 1.27 -27.27 -11.04
N ALA F 175 -0.01 -27.51 -11.29
CA ALA F 175 -0.98 -26.43 -11.23
C ALA F 175 -1.22 -25.94 -9.81
N VAL F 176 -0.95 -26.77 -8.80
CA VAL F 176 -1.02 -26.37 -7.40
C VAL F 176 0.23 -25.54 -7.11
N PRO F 177 0.09 -24.23 -6.87
CA PRO F 177 1.27 -23.38 -6.75
C PRO F 177 2.26 -23.90 -5.73
N PRO F 178 1.84 -24.33 -4.50
CA PRO F 178 2.85 -24.88 -3.58
C PRO F 178 3.09 -26.38 -3.72
N HIS F 179 3.19 -26.87 -4.97
CA HIS F 179 3.42 -28.29 -5.19
C HIS F 179 4.71 -28.77 -4.51
N ARG F 180 5.79 -28.00 -4.61
N ARG F 180 5.79 -28.00 -4.61
CA ARG F 180 7.06 -28.45 -4.06
CA ARG F 180 7.07 -28.45 -4.06
C ARG F 180 7.00 -28.57 -2.54
C ARG F 180 7.01 -28.56 -2.54
N GLU F 181 6.42 -27.56 -1.87
CA GLU F 181 6.28 -27.62 -0.41
C GLU F 181 5.47 -28.84 0.01
N LEU F 182 4.44 -29.18 -0.76
CA LEU F 182 3.61 -30.33 -0.41
C LEU F 182 4.38 -31.63 -0.57
N VAL F 183 5.09 -31.79 -1.69
CA VAL F 183 5.82 -33.04 -1.90
C VAL F 183 6.96 -33.16 -0.90
N GLU F 184 7.66 -32.05 -0.63
CA GLU F 184 8.72 -32.08 0.38
C GLU F 184 8.16 -32.53 1.72
N ALA F 185 6.96 -32.07 2.08
CA ALA F 185 6.37 -32.46 3.36
C ALA F 185 5.98 -33.94 3.35
N LEU F 186 5.54 -34.46 2.21
CA LEU F 186 5.30 -35.90 2.10
C LEU F 186 6.58 -36.70 2.37
N CYS F 187 7.75 -36.14 2.03
CA CYS F 187 8.98 -36.89 2.29
C CYS F 187 9.39 -36.88 3.75
N SER F 188 8.63 -36.22 4.63
CA SER F 188 8.87 -36.39 6.07
C SER F 188 8.29 -37.70 6.61
N PHE F 189 7.43 -38.37 5.87
CA PHE F 189 6.91 -39.65 6.34
C PHE F 189 7.94 -40.76 6.16
N ASP F 190 7.87 -41.78 7.03
CA ASP F 190 8.68 -42.98 6.84
C ASP F 190 8.19 -43.81 5.65
N LEU F 191 6.86 -43.86 5.44
CA LEU F 191 6.26 -44.70 4.40
C LEU F 191 5.11 -43.96 3.78
N LEU F 192 5.09 -43.91 2.45
CA LEU F 192 3.98 -43.34 1.69
C LEU F 192 3.23 -44.46 1.00
N GLY F 193 1.90 -44.49 1.19
CA GLY F 193 1.04 -45.41 0.47
C GLY F 193 0.07 -44.71 -0.46
N PHE F 194 -0.03 -45.21 -1.68
CA PHE F 194 -0.98 -44.74 -2.68
C PHE F 194 -1.93 -45.88 -3.05
N GLN F 195 -3.06 -45.53 -3.67
CA GLN F 195 -4.08 -46.54 -3.97
C GLN F 195 -3.60 -47.53 -5.02
N THR F 196 -3.05 -47.05 -6.13
CA THR F 196 -2.77 -47.87 -7.30
C THR F 196 -1.37 -47.59 -7.85
N ALA F 197 -0.87 -48.52 -8.66
CA ALA F 197 0.41 -48.30 -9.33
C ALA F 197 0.48 -46.98 -10.11
N PRO F 198 -0.54 -46.57 -10.88
CA PRO F 198 -0.43 -45.26 -11.55
C PRO F 198 -0.26 -44.09 -10.60
N ASP F 199 -0.87 -44.15 -9.41
CA ASP F 199 -0.65 -43.09 -8.42
C ASP F 199 0.79 -43.08 -7.95
N LEU F 200 1.32 -44.27 -7.62
CA LEU F 200 2.71 -44.36 -7.22
C LEU F 200 3.63 -43.86 -8.32
N ARG F 201 3.31 -44.18 -9.58
CA ARG F 201 4.15 -43.76 -10.69
CA ARG F 201 4.16 -43.75 -10.70
C ARG F 201 4.13 -42.24 -10.86
N ALA F 202 2.97 -41.61 -10.68
CA ALA F 202 2.87 -40.16 -10.79
C ALA F 202 3.72 -39.47 -9.73
N PHE F 203 3.71 -40.02 -8.51
CA PHE F 203 4.52 -39.45 -7.44
C PHE F 203 6.00 -39.56 -7.78
N CYS F 204 6.45 -40.75 -8.21
CA CYS F 204 7.85 -40.91 -8.58
C CYS F 204 8.23 -40.01 -9.75
N ASP F 205 7.31 -39.88 -10.72
CA ASP F 205 7.46 -38.93 -11.81
C ASP F 205 7.84 -37.53 -11.30
N TYR F 206 7.06 -37.02 -10.34
CA TYR F 206 7.37 -35.70 -9.78
C TYR F 206 8.73 -35.71 -9.11
N ILE F 207 8.99 -36.75 -8.30
CA ILE F 207 10.25 -36.84 -7.57
C ILE F 207 11.43 -36.74 -8.53
N VAL F 208 11.39 -37.49 -9.63
CA VAL F 208 12.52 -37.59 -10.53
C VAL F 208 12.63 -36.37 -11.46
N ASN F 209 11.51 -35.89 -12.00
CA ASN F 209 11.58 -34.85 -13.01
C ASN F 209 11.36 -33.44 -12.49
N GLU F 210 10.73 -33.29 -11.31
CA GLU F 210 10.53 -31.96 -10.77
C GLU F 210 11.31 -31.71 -9.49
N ALA F 211 11.66 -32.75 -8.73
CA ALA F 211 12.35 -32.56 -7.45
C ALA F 211 13.83 -32.93 -7.50
N ASN F 212 14.34 -33.36 -8.66
CA ASN F 212 15.73 -33.78 -8.80
C ASN F 212 16.09 -34.91 -7.83
N GLY F 213 15.13 -35.77 -7.52
CA GLY F 213 15.34 -36.90 -6.63
C GLY F 213 15.47 -38.21 -7.38
N THR F 214 15.47 -39.31 -6.60
CA THR F 214 15.51 -40.64 -7.19
C THR F 214 14.43 -41.54 -6.60
N ALA F 215 14.03 -42.51 -7.40
CA ALA F 215 13.07 -43.54 -7.01
C ALA F 215 13.58 -44.87 -7.56
N ASP F 216 13.99 -45.78 -6.67
CA ASP F 216 14.52 -47.06 -7.11
C ASP F 216 13.79 -48.22 -6.44
N PRO F 217 13.58 -49.33 -7.16
CA PRO F 217 12.91 -50.50 -6.59
C PRO F 217 13.83 -51.33 -5.70
N GLY F 221 9.69 -54.80 -1.76
CA GLY F 221 8.41 -54.38 -2.30
C GLY F 221 8.32 -52.88 -2.51
N PRO F 222 8.36 -52.11 -1.42
CA PRO F 222 8.29 -50.66 -1.56
C PRO F 222 9.54 -50.09 -2.22
N LEU F 223 9.34 -49.01 -2.97
CA LEU F 223 10.44 -48.28 -3.57
C LEU F 223 11.13 -47.46 -2.50
N THR F 224 12.41 -47.19 -2.73
CA THR F 224 13.16 -46.24 -1.91
C THR F 224 13.21 -44.89 -2.61
N ILE F 225 12.80 -43.84 -1.90
CA ILE F 225 12.78 -42.47 -2.43
C ILE F 225 13.92 -41.68 -1.80
N HIS F 226 14.72 -41.00 -2.63
CA HIS F 226 15.72 -40.06 -2.15
C HIS F 226 15.35 -38.69 -2.71
N ALA F 227 14.96 -37.77 -1.84
CA ALA F 227 14.53 -36.45 -2.30
C ALA F 227 14.53 -35.49 -1.12
N PHE F 228 14.86 -34.23 -1.40
CA PHE F 228 14.83 -33.15 -0.41
C PHE F 228 15.73 -33.45 0.79
N GLY F 229 16.82 -34.19 0.57
CA GLY F 229 17.73 -34.55 1.64
C GLY F 229 17.24 -35.68 2.54
N ARG F 230 16.12 -36.29 2.23
CA ARG F 230 15.51 -37.33 3.04
C ARG F 230 15.46 -38.64 2.27
N THR F 231 15.34 -39.73 3.02
CA THR F 231 15.15 -41.06 2.45
C THR F 231 13.90 -41.68 3.05
N LEU F 232 13.05 -42.26 2.21
CA LEU F 232 11.83 -42.91 2.67
C LEU F 232 11.43 -43.99 1.69
N ARG F 233 10.27 -44.60 1.95
CA ARG F 233 9.75 -45.68 1.13
C ARG F 233 8.34 -45.35 0.67
N ALA F 234 7.97 -45.90 -0.47
CA ALA F 234 6.68 -45.62 -1.07
C ALA F 234 6.20 -46.85 -1.84
N ALA F 235 4.91 -47.11 -1.78
CA ALA F 235 4.32 -48.27 -2.44
C ALA F 235 2.83 -48.04 -2.61
N ALA F 236 2.19 -48.96 -3.33
CA ALA F 236 0.76 -48.92 -3.56
C ALA F 236 0.08 -49.99 -2.72
N TYR F 237 -1.05 -49.62 -2.14
CA TYR F 237 -1.85 -50.52 -1.29
C TYR F 237 -3.31 -50.23 -1.55
N PRO F 238 -3.93 -50.96 -2.49
CA PRO F 238 -5.33 -50.66 -2.84
C PRO F 238 -6.25 -51.02 -1.68
N ILE F 239 -7.04 -50.05 -1.21
CA ILE F 239 -7.94 -50.33 -0.10
C ILE F 239 -9.07 -51.26 -0.57
N GLY F 240 -9.46 -52.20 0.30
CA GLY F 240 -10.49 -53.15 -0.04
C GLY F 240 -11.70 -53.12 0.89
N VAL F 241 -12.52 -54.19 0.84
CA VAL F 241 -13.63 -54.35 1.76
C VAL F 241 -13.54 -55.72 2.44
N TYR F 242 -14.57 -56.06 3.22
CA TYR F 242 -14.78 -57.41 3.73
C TYR F 242 -15.93 -58.00 2.92
N PRO F 243 -15.65 -58.62 1.78
CA PRO F 243 -16.73 -58.92 0.81
C PRO F 243 -17.77 -59.89 1.34
N ASP F 244 -17.37 -60.87 2.15
CA ASP F 244 -18.34 -61.82 2.65
C ASP F 244 -19.17 -61.22 3.79
N GLU F 245 -18.61 -60.26 4.52
CA GLU F 245 -19.41 -59.51 5.49
C GLU F 245 -20.48 -58.67 4.79
N ILE F 246 -20.12 -58.04 3.67
CA ILE F 246 -21.10 -57.30 2.88
C ILE F 246 -22.15 -58.24 2.30
N ALA F 247 -21.73 -59.42 1.81
CA ALA F 247 -22.69 -60.39 1.31
C ALA F 247 -23.70 -60.80 2.37
N GLU F 248 -23.24 -61.08 3.60
CA GLU F 248 -24.16 -61.46 4.67
C GLU F 248 -25.12 -60.31 4.99
N LEU F 249 -24.60 -59.08 5.03
CA LEU F 249 -25.43 -57.92 5.28
C LEU F 249 -26.52 -57.77 4.23
N ALA F 250 -26.13 -57.84 2.95
CA ALA F 250 -27.09 -57.74 1.86
C ALA F 250 -28.18 -58.81 1.97
N LYS F 251 -27.76 -60.07 2.15
CA LYS F 251 -28.73 -61.16 2.30
C LYS F 251 -29.65 -60.92 3.49
N ALA F 252 -29.09 -60.45 4.61
CA ALA F 252 -29.90 -60.24 5.82
C ALA F 252 -30.99 -59.19 5.62
N GLY F 253 -30.81 -58.26 4.68
CA GLY F 253 -31.83 -57.28 4.38
C GLY F 253 -32.78 -57.68 3.26
N GLU F 254 -32.76 -58.93 2.81
CA GLU F 254 -33.47 -59.30 1.59
C GLU F 254 -34.99 -59.24 1.72
N ARG F 255 -35.51 -59.24 2.95
CA ARG F 255 -36.94 -59.02 3.16
C ARG F 255 -37.19 -57.85 4.12
N GLY F 256 -36.23 -56.93 4.25
CA GLY F 256 -36.46 -55.71 4.98
C GLY F 256 -37.35 -54.77 4.19
N LYS F 257 -37.85 -53.74 4.89
CA LYS F 257 -38.76 -52.81 4.25
C LYS F 257 -38.16 -52.05 3.07
N PRO F 258 -36.89 -51.59 3.10
CA PRO F 258 -36.35 -50.92 1.91
C PRO F 258 -36.41 -51.77 0.65
N VAL F 259 -35.90 -52.99 0.71
CA VAL F 259 -35.95 -53.91 -0.42
C VAL F 259 -37.41 -54.26 -0.76
N ARG F 260 -38.23 -54.50 0.26
CA ARG F 260 -39.64 -54.80 -0.01
C ARG F 260 -40.32 -53.66 -0.78
N THR F 261 -40.13 -52.42 -0.32
CA THR F 261 -40.81 -51.30 -0.97
C THR F 261 -40.21 -51.00 -2.34
N MET F 262 -38.90 -51.21 -2.51
CA MET F 262 -38.28 -50.97 -3.81
C MET F 262 -38.78 -51.96 -4.85
N LYS F 263 -38.93 -53.23 -4.46
CA LYS F 263 -39.43 -54.24 -5.38
C LYS F 263 -40.85 -53.95 -5.80
N ALA F 264 -41.70 -53.53 -4.86
CA ALA F 264 -43.08 -53.21 -5.21
C ALA F 264 -43.15 -52.00 -6.11
N THR F 265 -42.31 -51.00 -5.88
CA THR F 265 -42.34 -49.82 -6.74
C THR F 265 -41.88 -50.15 -8.15
N LEU F 266 -40.89 -51.04 -8.29
CA LEU F 266 -40.36 -51.37 -9.61
C LEU F 266 -41.33 -52.23 -10.40
N HIS F 267 -42.16 -53.00 -9.69
CA HIS F 267 -43.00 -54.07 -10.21
C HIS F 267 -42.46 -54.68 -11.51
N SER F 268 -41.35 -55.41 -11.38
CA SER F 268 -40.69 -56.27 -12.35
C SER F 268 -39.78 -55.50 -13.31
N ARG F 269 -39.81 -54.17 -13.33
CA ARG F 269 -38.79 -53.42 -14.08
C ARG F 269 -37.40 -53.70 -13.50
N LYS F 270 -36.41 -53.72 -14.39
CA LYS F 270 -35.02 -53.86 -13.96
C LYS F 270 -34.53 -52.59 -13.29
N LEU F 271 -33.55 -52.75 -12.41
CA LEU F 271 -33.01 -51.65 -11.60
C LEU F 271 -31.56 -51.39 -11.95
N ILE F 272 -31.26 -50.16 -12.36
CA ILE F 272 -29.90 -49.63 -12.41
C ILE F 272 -29.70 -48.81 -11.14
N MET F 273 -28.65 -49.12 -10.37
CA MET F 273 -28.47 -48.43 -9.11
C MET F 273 -27.08 -47.79 -9.03
N SER F 274 -27.07 -46.57 -8.51
CA SER F 274 -25.86 -45.80 -8.24
C SER F 274 -25.96 -45.19 -6.84
N VAL F 275 -24.80 -45.09 -6.18
CA VAL F 275 -24.67 -44.46 -4.86
C VAL F 275 -23.39 -43.63 -4.87
N ASP F 276 -23.53 -42.31 -4.73
CA ASP F 276 -22.39 -41.39 -4.81
C ASP F 276 -22.68 -40.15 -3.99
N ARG F 277 -21.75 -39.74 -3.12
CA ARG F 277 -21.70 -38.33 -2.72
C ARG F 277 -21.87 -37.48 -3.97
N LEU F 278 -22.65 -36.39 -3.86
CA LEU F 278 -22.93 -35.57 -5.04
C LEU F 278 -21.72 -34.64 -5.25
N ASP F 279 -20.65 -35.27 -5.71
CA ASP F 279 -19.35 -34.65 -5.94
C ASP F 279 -19.11 -34.55 -7.44
N TYR F 280 -18.43 -33.48 -7.87
CA TYR F 280 -18.14 -33.36 -9.30
C TYR F 280 -17.12 -34.41 -9.78
N SER F 281 -16.38 -35.05 -8.87
CA SER F 281 -15.53 -36.16 -9.30
C SER F 281 -16.32 -37.36 -9.80
N LYS F 282 -17.60 -37.47 -9.46
CA LYS F 282 -18.34 -38.72 -9.67
C LYS F 282 -18.96 -38.85 -11.04
N GLY F 283 -18.82 -37.84 -11.89
CA GLY F 283 -19.26 -37.96 -13.27
C GLY F 283 -20.75 -38.18 -13.43
N LEU F 284 -21.55 -37.53 -12.57
CA LEU F 284 -22.98 -37.83 -12.50
C LEU F 284 -23.75 -37.27 -13.67
N VAL F 285 -23.32 -36.14 -14.22
CA VAL F 285 -23.99 -35.60 -15.41
C VAL F 285 -23.79 -36.54 -16.60
N GLU F 286 -22.53 -36.93 -16.84
CA GLU F 286 -22.27 -37.90 -17.92
C GLU F 286 -23.05 -39.19 -17.70
N ARG F 287 -23.15 -39.62 -16.45
CA ARG F 287 -23.87 -40.85 -16.12
C ARG F 287 -25.35 -40.74 -16.48
N PHE F 288 -25.98 -39.60 -16.13
CA PHE F 288 -27.39 -39.43 -16.44
C PHE F 288 -27.60 -39.34 -17.94
N ARG F 289 -26.71 -38.63 -18.64
CA ARG F 289 -26.85 -38.49 -20.08
C ARG F 289 -26.70 -39.82 -20.79
N ALA F 290 -25.90 -40.74 -20.25
CA ALA F 290 -25.78 -42.04 -20.89
C ALA F 290 -27.02 -42.91 -20.64
N PHE F 291 -27.67 -42.74 -19.50
CA PHE F 291 -28.96 -43.39 -19.30
C PHE F 291 -30.00 -42.82 -20.25
N GLU F 292 -30.01 -41.50 -20.42
CA GLU F 292 -30.90 -40.89 -21.41
C GLU F 292 -30.62 -41.41 -22.80
N ARG F 293 -29.34 -41.55 -23.16
CA ARG F 293 -28.97 -42.07 -24.48
C ARG F 293 -29.48 -43.50 -24.67
N LEU F 294 -29.42 -44.32 -23.62
CA LEU F 294 -29.97 -45.67 -23.69
C LEU F 294 -31.46 -45.65 -24.04
N LEU F 295 -32.22 -44.79 -23.35
CA LEU F 295 -33.65 -44.64 -23.60
C LEU F 295 -33.92 -44.10 -25.00
N GLU F 296 -33.07 -43.19 -25.48
CA GLU F 296 -33.23 -42.66 -26.84
C GLU F 296 -33.15 -43.78 -27.88
N HIS F 297 -32.15 -44.63 -27.77
CA HIS F 297 -31.81 -45.55 -28.84
C HIS F 297 -32.49 -46.90 -28.72
N SER F 298 -32.98 -47.26 -27.54
CA SER F 298 -33.63 -48.55 -27.31
CA SER F 298 -33.63 -48.55 -27.31
C SER F 298 -35.03 -48.28 -26.77
N THR F 299 -36.02 -48.22 -27.67
CA THR F 299 -37.39 -48.03 -27.24
C THR F 299 -37.86 -49.17 -26.34
N ALA F 300 -37.27 -50.36 -26.49
CA ALA F 300 -37.66 -51.52 -25.70
C ALA F 300 -37.36 -51.36 -24.21
N GLN F 301 -36.40 -50.49 -23.85
CA GLN F 301 -36.07 -50.25 -22.45
C GLN F 301 -37.07 -49.34 -21.75
N ARG F 302 -37.83 -48.57 -22.51
CA ARG F 302 -38.71 -47.59 -21.89
C ARG F 302 -39.80 -48.29 -21.09
N ASN F 303 -40.00 -47.83 -19.85
CA ASN F 303 -40.93 -48.39 -18.89
C ASN F 303 -40.54 -49.80 -18.47
N LYS F 304 -39.33 -50.26 -18.81
CA LYS F 304 -38.87 -51.58 -18.43
C LYS F 304 -37.64 -51.54 -17.54
N VAL F 305 -37.16 -50.33 -17.19
CA VAL F 305 -35.99 -50.17 -16.34
C VAL F 305 -36.14 -48.81 -15.64
N SER F 306 -35.63 -48.73 -14.42
CA SER F 306 -35.51 -47.45 -13.73
C SER F 306 -34.11 -47.33 -13.13
N PHE F 307 -33.68 -46.09 -12.95
CA PHE F 307 -32.34 -45.74 -12.52
C PHE F 307 -32.48 -45.06 -11.17
N LEU F 308 -32.06 -45.75 -10.11
CA LEU F 308 -32.00 -45.18 -8.76
C LEU F 308 -30.64 -44.52 -8.56
N GLN F 309 -30.64 -43.21 -8.35
CA GLN F 309 -29.42 -42.47 -7.98
C GLN F 309 -29.60 -41.94 -6.56
N ILE F 310 -28.97 -42.60 -5.61
CA ILE F 310 -28.85 -42.06 -4.26
C ILE F 310 -27.60 -41.18 -4.24
N ALA F 311 -27.78 -39.89 -3.94
CA ALA F 311 -26.69 -38.93 -4.03
C ALA F 311 -26.70 -38.04 -2.80
N PRO F 312 -26.04 -38.46 -1.72
CA PRO F 312 -26.15 -37.72 -0.47
C PRO F 312 -25.46 -36.37 -0.55
N PRO F 313 -25.94 -35.39 0.20
CA PRO F 313 -25.24 -34.09 0.27
C PRO F 313 -23.81 -34.27 0.73
N THR F 314 -22.92 -33.45 0.19
CA THR F 314 -21.52 -33.46 0.59
C THR F 314 -20.97 -32.05 0.42
N ARG F 315 -20.21 -31.59 1.43
CA ARG F 315 -19.51 -30.30 1.35
C ARG F 315 -20.44 -29.19 0.84
N ALA F 316 -21.67 -29.19 1.37
CA ALA F 316 -22.76 -28.43 0.79
C ALA F 316 -22.61 -26.92 0.95
N ASP F 317 -21.73 -26.45 1.84
CA ASP F 317 -21.47 -25.02 1.97
C ASP F 317 -20.41 -24.52 0.99
N MET F 318 -20.07 -25.29 -0.03
CA MET F 318 -19.12 -24.88 -1.05
C MET F 318 -19.84 -24.62 -2.36
N HIS F 319 -19.49 -23.50 -3.00
CA HIS F 319 -20.16 -23.09 -4.23
C HIS F 319 -20.04 -24.14 -5.32
N ALA F 320 -18.87 -24.77 -5.46
CA ALA F 320 -18.71 -25.78 -6.50
C ALA F 320 -19.63 -26.97 -6.28
N TYR F 321 -19.96 -27.29 -5.02
CA TYR F 321 -20.82 -28.44 -4.75
C TYR F 321 -22.28 -28.08 -4.96
N GLN F 322 -22.67 -26.84 -4.63
CA GLN F 322 -24.02 -26.46 -5.00
CA GLN F 322 -23.98 -26.32 -4.99
C GLN F 322 -24.16 -26.32 -6.51
N ASP F 323 -23.08 -25.98 -7.24
CA ASP F 323 -23.18 -25.89 -8.70
C ASP F 323 -23.47 -27.24 -9.34
N ILE F 324 -22.70 -28.27 -8.99
CA ILE F 324 -22.90 -29.57 -9.62
C ILE F 324 -24.24 -30.19 -9.19
N ARG F 325 -24.68 -29.95 -7.96
CA ARG F 325 -26.03 -30.35 -7.56
C ARG F 325 -27.08 -29.73 -8.50
N LEU F 326 -27.02 -28.42 -8.70
CA LEU F 326 -27.93 -27.74 -9.63
C LEU F 326 -27.88 -28.36 -11.01
N GLN F 327 -26.67 -28.60 -11.53
CA GLN F 327 -26.57 -29.17 -12.87
C GLN F 327 -27.25 -30.54 -12.92
N LEU F 328 -26.97 -31.40 -11.94
CA LEU F 328 -27.54 -32.75 -11.96
C LEU F 328 -29.06 -32.72 -11.83
N GLU F 329 -29.57 -31.86 -10.95
CA GLU F 329 -31.01 -31.77 -10.74
C GLU F 329 -31.73 -31.35 -12.03
N GLY F 330 -31.12 -30.44 -12.80
CA GLY F 330 -31.69 -30.10 -14.10
C GLY F 330 -31.62 -31.25 -15.10
N GLU F 331 -30.55 -32.04 -15.05
CA GLU F 331 -30.47 -33.26 -15.86
C GLU F 331 -31.62 -34.22 -15.53
N SER F 332 -31.83 -34.49 -14.25
CA SER F 332 -32.89 -35.41 -13.85
CA SER F 332 -32.89 -35.40 -13.84
C SER F 332 -34.25 -34.91 -14.34
N GLY F 333 -34.51 -33.62 -14.18
CA GLY F 333 -35.77 -33.07 -14.63
C GLY F 333 -35.97 -33.18 -16.13
N ARG F 334 -34.91 -32.90 -16.91
CA ARG F 334 -35.06 -33.02 -18.36
C ARG F 334 -35.35 -34.46 -18.75
N ILE F 335 -34.55 -35.39 -18.26
CA ILE F 335 -34.65 -36.78 -18.74
C ILE F 335 -35.98 -37.38 -18.31
N ASN F 336 -36.39 -37.14 -17.06
CA ASN F 336 -37.71 -37.60 -16.62
C ASN F 336 -38.81 -36.97 -17.46
N GLY F 337 -38.73 -35.66 -17.73
CA GLY F 337 -39.78 -35.02 -18.51
C GLY F 337 -39.89 -35.56 -19.91
N ARG F 338 -38.76 -35.96 -20.51
CA ARG F 338 -38.78 -36.47 -21.87
C ARG F 338 -39.37 -37.87 -21.97
N PHE F 339 -39.15 -38.70 -20.95
CA PHE F 339 -39.44 -40.12 -21.09
C PHE F 339 -40.47 -40.64 -20.10
N ALA F 340 -40.86 -39.87 -19.09
CA ALA F 340 -41.83 -40.37 -18.13
C ALA F 340 -43.16 -40.72 -18.78
N GLU F 341 -43.88 -41.61 -18.11
CA GLU F 341 -45.27 -41.93 -18.40
C GLU F 341 -46.02 -41.81 -17.08
N LEU F 342 -47.35 -41.90 -17.15
CA LEU F 342 -48.15 -41.79 -15.94
C LEU F 342 -47.68 -42.76 -14.86
N ASP F 343 -47.13 -43.90 -15.25
CA ASP F 343 -46.76 -44.93 -14.29
C ASP F 343 -45.26 -45.20 -14.24
N TRP F 344 -44.43 -44.30 -14.77
CA TRP F 344 -43.01 -44.56 -14.85
C TRP F 344 -42.21 -43.28 -14.67
N THR F 345 -41.38 -43.23 -13.60
CA THR F 345 -40.36 -42.21 -13.46
C THR F 345 -39.01 -42.81 -13.82
N PRO F 346 -38.39 -42.41 -14.93
CA PRO F 346 -37.12 -43.07 -15.33
C PRO F 346 -35.99 -42.96 -14.31
N ILE F 347 -35.76 -41.77 -13.74
CA ILE F 347 -34.67 -41.55 -12.81
C ILE F 347 -35.25 -41.25 -11.43
N LEU F 348 -34.91 -42.09 -10.46
CA LEU F 348 -35.28 -41.89 -9.06
C LEU F 348 -34.07 -41.27 -8.36
N TYR F 349 -34.08 -39.93 -8.25
CA TYR F 349 -32.96 -39.18 -7.70
C TYR F 349 -33.29 -38.82 -6.25
N ILE F 350 -32.41 -39.20 -5.33
CA ILE F 350 -32.65 -39.02 -3.89
C ILE F 350 -31.41 -38.36 -3.30
N HIS F 351 -31.57 -37.12 -2.84
CA HIS F 351 -30.45 -36.33 -2.33
C HIS F 351 -30.35 -36.49 -0.82
N LYS F 352 -30.22 -37.75 -0.39
CA LYS F 352 -30.17 -38.06 1.03
C LYS F 352 -29.21 -39.21 1.31
N GLN F 353 -28.82 -39.30 2.58
CA GLN F 353 -27.90 -40.29 3.09
C GLN F 353 -28.65 -41.53 3.58
N TYR F 354 -28.08 -42.71 3.33
CA TYR F 354 -28.64 -43.98 3.78
C TYR F 354 -27.61 -44.76 4.59
N GLU F 355 -28.11 -45.63 5.47
CA GLU F 355 -27.23 -46.55 6.18
CA GLU F 355 -27.24 -46.55 6.19
C GLU F 355 -26.58 -47.52 5.20
N ARG F 356 -25.31 -47.83 5.44
CA ARG F 356 -24.57 -48.70 4.54
C ARG F 356 -25.21 -50.10 4.47
N SER F 357 -25.79 -50.57 5.56
CA SER F 357 -26.44 -51.87 5.56
C SER F 357 -27.65 -51.89 4.63
N VAL F 358 -28.40 -50.78 4.58
CA VAL F 358 -29.54 -50.68 3.68
C VAL F 358 -29.07 -50.67 2.23
N LEU F 359 -27.98 -49.95 1.95
CA LEU F 359 -27.44 -49.89 0.59
C LEU F 359 -27.00 -51.27 0.12
N ALA F 360 -26.33 -52.02 1.00
CA ALA F 360 -25.94 -53.38 0.66
C ALA F 360 -27.16 -54.22 0.29
N ALA F 361 -28.22 -54.12 1.11
CA ALA F 361 -29.43 -54.86 0.81
C ALA F 361 -30.00 -54.47 -0.54
N LEU F 362 -29.97 -53.17 -0.87
CA LEU F 362 -30.53 -52.71 -2.14
C LEU F 362 -29.63 -53.10 -3.32
N PHE F 363 -28.31 -53.05 -3.14
CA PHE F 363 -27.38 -53.46 -4.19
C PHE F 363 -27.72 -54.86 -4.71
N ARG F 364 -28.08 -55.77 -3.81
CA ARG F 364 -28.38 -57.15 -4.16
C ARG F 364 -29.57 -57.27 -5.10
N THR F 365 -30.46 -56.27 -5.13
CA THR F 365 -31.63 -56.31 -5.99
C THR F 365 -31.42 -55.56 -7.29
N ALA F 366 -30.26 -54.94 -7.49
CA ALA F 366 -30.03 -54.12 -8.67
C ALA F 366 -29.36 -54.95 -9.76
N HIS F 367 -30.03 -55.02 -10.93
CA HIS F 367 -29.46 -55.69 -12.09
C HIS F 367 -28.15 -55.07 -12.53
N VAL F 368 -27.96 -53.76 -12.33
CA VAL F 368 -26.77 -53.07 -12.79
C VAL F 368 -26.26 -52.19 -11.67
N GLY F 369 -24.98 -52.34 -11.36
CA GLY F 369 -24.27 -51.40 -10.51
C GLY F 369 -23.53 -50.39 -11.38
N TYR F 370 -23.93 -49.13 -11.29
CA TYR F 370 -23.56 -48.10 -12.26
C TYR F 370 -22.61 -47.11 -11.57
N VAL F 371 -21.29 -47.28 -11.76
CA VAL F 371 -20.28 -46.56 -10.99
C VAL F 371 -19.29 -45.95 -11.97
N THR F 372 -19.47 -44.67 -12.33
CA THR F 372 -18.71 -44.09 -13.45
C THR F 372 -18.04 -42.77 -13.10
N PRO F 373 -17.26 -42.72 -12.01
CA PRO F 373 -16.59 -41.46 -11.66
C PRO F 373 -15.59 -41.03 -12.72
N LEU F 374 -15.44 -39.70 -12.85
CA LEU F 374 -14.43 -39.15 -13.75
C LEU F 374 -13.02 -39.45 -13.24
N ARG F 375 -12.83 -39.38 -11.92
CA ARG F 375 -11.61 -39.79 -11.25
C ARG F 375 -12.00 -40.26 -9.86
N ASP F 376 -11.38 -41.34 -9.42
CA ASP F 376 -11.70 -41.87 -8.11
C ASP F 376 -10.50 -42.64 -7.62
N GLY F 377 -10.07 -42.36 -6.38
CA GLY F 377 -8.90 -43.06 -5.85
C GLY F 377 -9.10 -44.57 -5.81
N MET F 378 -10.29 -45.03 -5.41
CA MET F 378 -10.58 -46.46 -5.46
C MET F 378 -12.02 -46.71 -5.89
N ASN F 379 -12.96 -46.28 -5.03
CA ASN F 379 -14.42 -46.39 -5.11
C ASN F 379 -14.87 -47.67 -4.41
N LEU F 380 -15.20 -47.54 -3.12
CA LEU F 380 -15.69 -48.68 -2.36
C LEU F 380 -17.07 -49.13 -2.82
N VAL F 381 -17.91 -48.21 -3.32
CA VAL F 381 -19.24 -48.58 -3.76
C VAL F 381 -19.17 -49.68 -4.82
N ALA F 382 -18.22 -49.58 -5.75
CA ALA F 382 -18.07 -50.64 -6.75
C ALA F 382 -17.80 -51.98 -6.08
N LYS F 383 -16.88 -52.01 -5.11
CA LYS F 383 -16.58 -53.27 -4.43
C LYS F 383 -17.77 -53.75 -3.59
N GLU F 384 -18.51 -52.81 -2.98
CA GLU F 384 -19.68 -53.20 -2.20
C GLU F 384 -20.79 -53.75 -3.07
N TYR F 385 -21.00 -53.15 -4.24
CA TYR F 385 -22.04 -53.61 -5.15
C TYR F 385 -21.78 -55.07 -5.53
N VAL F 386 -20.55 -55.37 -5.95
CA VAL F 386 -20.20 -56.75 -6.31
C VAL F 386 -20.37 -57.68 -5.11
N SER F 387 -19.85 -57.27 -3.95
CA SER F 387 -19.86 -58.14 -2.78
C SER F 387 -21.27 -58.48 -2.34
N ALA F 388 -22.23 -57.59 -2.58
CA ALA F 388 -23.61 -57.77 -2.13
C ALA F 388 -24.38 -58.76 -2.99
N GLN F 389 -23.88 -59.11 -4.17
CA GLN F 389 -24.66 -59.88 -5.13
C GLN F 389 -24.93 -61.31 -4.65
N ASP F 390 -26.09 -61.81 -5.01
CA ASP F 390 -26.42 -63.22 -4.87
C ASP F 390 -25.66 -64.02 -5.92
N PRO F 391 -24.73 -64.91 -5.55
CA PRO F 391 -23.99 -65.68 -6.56
C PRO F 391 -24.89 -66.47 -7.49
N GLU F 392 -26.10 -66.80 -7.06
CA GLU F 392 -27.04 -67.51 -7.91
C GLU F 392 -27.66 -66.63 -8.98
N ASN F 393 -27.65 -65.32 -8.80
CA ASN F 393 -28.28 -64.44 -9.77
C ASN F 393 -27.68 -63.05 -9.64
N PRO F 394 -26.39 -62.87 -9.96
CA PRO F 394 -25.71 -61.62 -9.66
C PRO F 394 -25.86 -60.59 -10.77
N GLY F 395 -25.90 -59.33 -10.38
CA GLY F 395 -25.98 -58.26 -11.34
C GLY F 395 -24.63 -57.94 -11.94
N VAL F 396 -24.59 -56.89 -12.76
CA VAL F 396 -23.41 -56.55 -13.54
C VAL F 396 -22.91 -55.16 -13.10
N LEU F 397 -21.59 -55.05 -12.91
CA LEU F 397 -20.97 -53.78 -12.56
C LEU F 397 -20.48 -53.09 -13.83
N VAL F 398 -20.96 -51.87 -14.05
CA VAL F 398 -20.44 -50.96 -15.06
C VAL F 398 -19.54 -49.96 -14.35
N LEU F 399 -18.26 -49.90 -14.74
CA LEU F 399 -17.23 -49.22 -13.94
C LEU F 399 -16.34 -48.33 -14.80
N SER F 400 -16.13 -47.10 -14.33
CA SER F 400 -15.21 -46.19 -15.01
C SER F 400 -13.80 -46.71 -14.92
N ARG F 401 -13.07 -46.63 -16.04
CA ARG F 401 -11.66 -46.97 -16.05
C ARG F 401 -10.84 -46.05 -15.13
N PHE F 402 -11.38 -44.92 -14.72
CA PHE F 402 -10.67 -43.97 -13.87
C PHE F 402 -10.98 -44.14 -12.39
N ALA F 403 -11.78 -45.14 -12.02
CA ALA F 403 -11.86 -45.56 -10.63
C ALA F 403 -10.67 -46.48 -10.34
N GLY F 404 -10.01 -46.27 -9.20
CA GLY F 404 -8.87 -47.13 -8.87
C GLY F 404 -9.25 -48.61 -8.85
N ALA F 405 -10.50 -48.92 -8.53
CA ALA F 405 -10.93 -50.31 -8.46
C ALA F 405 -10.88 -50.99 -9.81
N ALA F 406 -10.91 -50.21 -10.90
CA ALA F 406 -10.82 -50.83 -12.22
C ALA F 406 -9.49 -51.55 -12.44
N GLN F 407 -8.45 -51.22 -11.66
CA GLN F 407 -7.19 -51.93 -11.78
C GLN F 407 -7.29 -53.37 -11.35
N GLU F 408 -8.31 -53.70 -10.54
CA GLU F 408 -8.48 -55.01 -9.92
C GLU F 408 -9.70 -55.78 -10.42
N LEU F 409 -10.77 -55.09 -10.77
CA LEU F 409 -12.07 -55.73 -11.01
C LEU F 409 -12.19 -56.05 -12.49
N ASP F 410 -11.66 -57.20 -12.88
CA ASP F 410 -11.65 -57.55 -14.30
C ASP F 410 -13.05 -57.88 -14.82
N GLY F 411 -13.93 -58.41 -13.98
CA GLY F 411 -15.27 -58.78 -14.39
C GLY F 411 -16.24 -57.64 -14.60
N ALA F 412 -15.83 -56.40 -14.38
CA ALA F 412 -16.71 -55.27 -14.66
C ALA F 412 -16.74 -54.99 -16.15
N LEU F 413 -17.80 -54.31 -16.59
CA LEU F 413 -17.84 -53.68 -17.90
C LEU F 413 -17.21 -52.30 -17.75
N ILE F 414 -15.99 -52.15 -18.28
CA ILE F 414 -15.18 -50.95 -18.08
C ILE F 414 -15.54 -49.90 -19.12
N VAL F 415 -15.73 -48.64 -18.69
CA VAL F 415 -16.18 -47.59 -19.60
C VAL F 415 -15.33 -46.33 -19.40
N ASN F 416 -15.27 -45.52 -20.45
CA ASN F 416 -14.75 -44.17 -20.36
C ASN F 416 -15.94 -43.24 -20.20
N PRO F 417 -16.11 -42.58 -19.04
CA PRO F 417 -17.35 -41.81 -18.82
C PRO F 417 -17.50 -40.63 -19.76
N VAL F 418 -16.43 -40.19 -20.43
CA VAL F 418 -16.57 -39.18 -21.47
C VAL F 418 -17.39 -39.71 -22.65
N ASP F 419 -17.40 -41.02 -22.85
CA ASP F 419 -17.97 -41.65 -24.04
C ASP F 419 -19.42 -42.02 -23.74
N ILE F 420 -20.34 -41.11 -24.06
CA ILE F 420 -21.74 -41.32 -23.69
C ILE F 420 -22.29 -42.57 -24.38
N ASP F 421 -21.97 -42.75 -25.66
CA ASP F 421 -22.40 -43.95 -26.37
C ASP F 421 -21.82 -45.20 -25.74
N GLY F 422 -20.54 -45.16 -25.36
CA GLY F 422 -19.92 -46.32 -24.73
C GLY F 422 -20.61 -46.71 -23.44
N MET F 423 -21.01 -45.72 -22.65
CA MET F 423 -21.69 -46.02 -21.39
C MET F 423 -23.11 -46.53 -21.65
N ALA F 424 -23.82 -45.93 -22.61
CA ALA F 424 -25.16 -46.44 -22.95
C ALA F 424 -25.11 -47.88 -23.43
N GLU F 425 -24.11 -48.21 -24.26
CA GLU F 425 -23.95 -49.58 -24.74
C GLU F 425 -23.58 -50.53 -23.60
N ALA F 426 -22.77 -50.08 -22.65
CA ALA F 426 -22.47 -50.95 -21.50
C ALA F 426 -23.71 -51.19 -20.66
N LEU F 427 -24.54 -50.16 -20.46
CA LEU F 427 -25.82 -50.36 -19.77
C LEU F 427 -26.66 -51.42 -20.48
N ALA F 428 -26.79 -51.31 -21.80
CA ALA F 428 -27.57 -52.30 -22.55
C ALA F 428 -26.98 -53.69 -22.39
N ARG F 429 -25.67 -53.82 -22.54
CA ARG F 429 -25.06 -55.14 -22.38
C ARG F 429 -25.27 -55.66 -20.97
N ALA F 430 -25.08 -54.82 -19.96
CA ALA F 430 -25.26 -55.27 -18.58
C ALA F 430 -26.69 -55.73 -18.35
N LEU F 431 -27.68 -55.00 -18.88
CA LEU F 431 -29.08 -55.34 -18.62
C LEU F 431 -29.46 -56.68 -19.25
N ASP F 432 -28.84 -57.06 -20.37
CA ASP F 432 -29.22 -58.26 -21.11
C ASP F 432 -28.25 -59.41 -20.93
N MET F 433 -27.29 -59.30 -20.01
CA MET F 433 -26.21 -60.28 -19.95
C MET F 433 -26.75 -61.63 -19.47
N PRO F 434 -26.38 -62.73 -20.12
CA PRO F 434 -26.85 -64.05 -19.67
C PRO F 434 -26.30 -64.41 -18.31
N LEU F 435 -27.04 -65.26 -17.60
CA LEU F 435 -26.67 -65.65 -16.24
C LEU F 435 -25.25 -66.20 -16.16
N ALA F 436 -24.87 -67.09 -17.09
CA ALA F 436 -23.56 -67.73 -16.99
C ALA F 436 -22.44 -66.70 -17.03
N GLU F 437 -22.54 -65.71 -17.93
CA GLU F 437 -21.52 -64.66 -17.98
C GLU F 437 -21.58 -63.78 -16.75
N ARG F 438 -22.79 -63.46 -16.27
CA ARG F 438 -22.90 -62.67 -15.04
C ARG F 438 -22.18 -63.37 -13.88
N GLN F 439 -22.36 -64.69 -13.78
CA GLN F 439 -21.79 -65.47 -12.69
C GLN F 439 -20.28 -65.60 -12.83
N ALA F 440 -19.78 -65.78 -14.06
CA ALA F 440 -18.33 -65.85 -14.25
C ALA F 440 -17.67 -64.54 -13.87
N ARG F 441 -18.26 -63.41 -14.28
CA ARG F 441 -17.71 -62.12 -13.90
C ARG F 441 -17.74 -61.92 -12.39
N HIS F 442 -18.86 -62.25 -11.76
CA HIS F 442 -18.99 -62.08 -10.31
C HIS F 442 -18.04 -62.99 -9.57
N ARG F 443 -17.95 -64.25 -10.00
CA ARG F 443 -17.06 -65.22 -9.39
C ARG F 443 -15.61 -64.71 -9.41
N ASP F 444 -15.16 -64.24 -10.58
CA ASP F 444 -13.80 -63.73 -10.71
C ASP F 444 -13.55 -62.56 -9.77
N MET F 445 -14.48 -61.60 -9.72
CA MET F 445 -14.24 -60.43 -8.89
C MET F 445 -14.30 -60.79 -7.41
N MET F 446 -15.13 -61.76 -7.02
CA MET F 446 -15.18 -62.13 -5.62
C MET F 446 -13.87 -62.77 -5.16
N VAL F 447 -13.22 -63.54 -6.04
CA VAL F 447 -11.90 -64.06 -5.69
C VAL F 447 -10.92 -62.92 -5.43
N GLN F 448 -10.95 -61.89 -6.27
CA GLN F 448 -10.04 -60.76 -6.09
C GLN F 448 -10.35 -59.98 -4.82
N LEU F 449 -11.64 -59.77 -4.52
CA LEU F 449 -12.02 -59.00 -3.35
C LEU F 449 -11.67 -59.75 -2.07
N ARG F 450 -11.82 -61.07 -2.08
CA ARG F 450 -11.47 -61.87 -0.91
C ARG F 450 -9.97 -61.91 -0.69
N GLU F 451 -9.19 -62.03 -1.78
CA GLU F 451 -7.75 -62.16 -1.64
C GLU F 451 -7.12 -60.83 -1.23
N ASN F 452 -7.74 -59.71 -1.60
CA ASN F 452 -7.17 -58.42 -1.26
C ASN F 452 -8.15 -57.61 -0.43
N ASN F 453 -8.57 -58.19 0.68
CA ASN F 453 -9.56 -57.56 1.54
C ASN F 453 -8.88 -56.51 2.42
N VAL F 454 -9.68 -55.81 3.21
CA VAL F 454 -9.16 -54.66 3.94
C VAL F 454 -8.19 -55.08 5.06
N SER F 455 -8.29 -56.32 5.58
CA SER F 455 -7.31 -56.81 6.55
CA SER F 455 -7.30 -56.75 6.56
C SER F 455 -5.93 -56.94 5.91
N VAL F 456 -5.89 -57.47 4.68
CA VAL F 456 -4.64 -57.59 3.94
C VAL F 456 -4.03 -56.22 3.69
N TRP F 457 -4.85 -55.27 3.24
CA TRP F 457 -4.42 -53.89 3.04
C TRP F 457 -3.77 -53.32 4.31
N ARG F 458 -4.49 -53.40 5.42
CA ARG F 458 -3.98 -52.90 6.69
C ARG F 458 -2.68 -53.59 7.07
N ASP F 459 -2.65 -54.92 6.98
CA ASP F 459 -1.46 -55.66 7.43
C ASP F 459 -0.25 -55.37 6.55
N ASN F 460 -0.47 -55.26 5.24
CA ASN F 460 0.62 -54.94 4.33
C ASN F 460 1.23 -53.58 4.65
N PHE F 461 0.38 -52.56 4.81
CA PHE F 461 0.89 -51.22 5.11
C PHE F 461 1.62 -51.21 6.43
N MET F 462 1.00 -51.80 7.47
CA MET F 462 1.62 -51.78 8.79
C MET F 462 2.94 -52.55 8.78
N ARG F 463 3.00 -53.67 8.05
CA ARG F 463 4.24 -54.43 7.99
C ARG F 463 5.37 -53.61 7.37
N ASP F 464 5.08 -52.94 6.25
CA ASP F 464 6.11 -52.11 5.64
C ASP F 464 6.43 -50.90 6.50
N LEU F 465 5.43 -50.36 7.21
CA LEU F 465 5.68 -49.19 8.06
C LEU F 465 6.62 -49.54 9.21
N GLN F 466 6.40 -50.67 9.86
CA GLN F 466 7.23 -51.06 10.99
C GLN F 466 8.53 -51.76 10.58
N GLY F 467 8.83 -51.83 9.28
CA GLY F 467 10.05 -52.46 8.81
C GLY F 467 10.84 -51.58 7.86
N GLY G 10 -75.86 -16.27 -43.55
CA GLY G 10 -74.55 -15.66 -43.47
C GLY G 10 -73.47 -16.60 -42.97
N ARG G 11 -72.59 -17.01 -43.87
CA ARG G 11 -71.53 -17.96 -43.53
C ARG G 11 -70.50 -17.33 -42.60
N LEU G 12 -70.05 -18.11 -41.60
CA LEU G 12 -69.10 -17.65 -40.60
C LEU G 12 -67.68 -18.04 -41.02
N ILE G 13 -66.79 -17.05 -41.10
CA ILE G 13 -65.40 -17.26 -41.46
C ILE G 13 -64.57 -16.99 -40.21
N ILE G 14 -64.00 -18.04 -39.62
CA ILE G 14 -63.08 -17.88 -38.48
C ILE G 14 -61.67 -17.72 -39.01
N VAL G 15 -60.97 -16.70 -38.54
CA VAL G 15 -59.57 -16.45 -38.88
C VAL G 15 -58.73 -16.49 -37.61
N SER G 16 -57.74 -17.38 -37.59
CA SER G 16 -56.82 -17.47 -36.46
C SER G 16 -55.49 -17.97 -36.97
N ASN G 17 -54.43 -17.75 -36.19
CA ASN G 17 -53.12 -18.26 -36.58
C ASN G 17 -53.06 -19.77 -36.42
N ARG G 18 -53.31 -20.27 -35.22
CA ARG G 18 -53.34 -21.70 -34.98
C ARG G 18 -54.67 -22.29 -35.44
N VAL G 19 -54.60 -23.39 -36.18
CA VAL G 19 -55.76 -24.10 -36.72
C VAL G 19 -55.68 -25.53 -36.21
N ALA G 20 -56.81 -26.07 -35.74
CA ALA G 20 -56.79 -27.40 -35.12
C ALA G 20 -56.37 -28.45 -36.14
N PRO G 21 -55.55 -29.44 -35.76
CA PRO G 21 -55.14 -30.45 -36.75
C PRO G 21 -56.29 -31.36 -37.13
N ILE G 22 -57.06 -31.80 -36.15
CA ILE G 22 -58.28 -32.55 -36.39
C ILE G 22 -59.19 -32.36 -35.17
N PRO G 27 -51.44 -29.39 -34.88
CA PRO G 27 -50.72 -29.90 -33.71
C PRO G 27 -50.92 -29.01 -32.46
N ALA G 28 -50.17 -29.32 -31.40
CA ALA G 28 -50.03 -28.46 -30.22
C ALA G 28 -51.26 -28.42 -29.32
N ALA G 29 -51.03 -28.26 -28.01
CA ALA G 29 -52.04 -27.91 -27.03
C ALA G 29 -52.35 -26.42 -27.11
N GLY G 30 -53.39 -25.99 -26.40
CA GLY G 30 -53.78 -24.60 -26.43
C GLY G 30 -55.29 -24.40 -26.52
N GLY G 31 -55.82 -23.40 -25.79
CA GLY G 31 -57.25 -23.25 -25.63
C GLY G 31 -57.97 -22.62 -26.80
N LEU G 32 -57.28 -21.82 -27.61
CA LEU G 32 -57.92 -21.18 -28.76
C LEU G 32 -58.46 -22.23 -29.73
N ALA G 33 -57.61 -23.18 -30.13
CA ALA G 33 -58.04 -24.19 -31.09
C ALA G 33 -59.17 -25.06 -30.51
N VAL G 34 -59.06 -25.42 -29.23
CA VAL G 34 -60.10 -26.20 -28.58
C VAL G 34 -61.42 -25.43 -28.59
N GLY G 35 -61.40 -24.20 -28.10
CA GLY G 35 -62.63 -23.43 -27.99
C GLY G 35 -63.24 -23.09 -29.34
N VAL G 36 -62.41 -22.64 -30.28
CA VAL G 36 -62.91 -22.27 -31.60
C VAL G 36 -63.54 -23.47 -32.29
N TYR G 37 -62.87 -24.63 -32.23
CA TYR G 37 -63.44 -25.84 -32.82
C TYR G 37 -64.77 -26.19 -32.15
N ASP G 38 -64.80 -26.16 -30.82
CA ASP G 38 -66.05 -26.41 -30.09
C ASP G 38 -67.15 -25.46 -30.55
N ALA G 39 -66.79 -24.22 -30.89
CA ALA G 39 -67.78 -23.27 -31.38
C ALA G 39 -68.18 -23.56 -32.83
N LEU G 40 -67.27 -24.13 -33.61
CA LEU G 40 -67.50 -24.36 -35.03
C LEU G 40 -68.08 -25.74 -35.33
N LYS G 41 -68.06 -26.67 -34.36
CA LYS G 41 -68.33 -28.07 -34.66
C LYS G 41 -69.74 -28.29 -35.19
N GLU G 42 -70.74 -27.71 -34.51
CA GLU G 42 -72.12 -28.11 -34.78
C GLU G 42 -72.65 -27.52 -36.09
N THR G 43 -72.52 -26.21 -36.28
CA THR G 43 -73.12 -25.54 -37.43
C THR G 43 -72.13 -25.27 -38.56
N GLY G 44 -70.84 -25.35 -38.30
CA GLY G 44 -69.86 -25.21 -39.36
C GLY G 44 -69.54 -23.76 -39.69
N GLY G 45 -68.95 -23.61 -40.87
CA GLY G 45 -68.35 -22.39 -41.36
C GLY G 45 -67.01 -22.69 -41.98
N MET G 46 -66.16 -21.67 -42.05
CA MET G 46 -64.82 -21.81 -42.59
C MET G 46 -63.81 -21.41 -41.53
N TRP G 47 -62.70 -22.15 -41.45
CA TRP G 47 -61.61 -21.85 -40.53
C TRP G 47 -60.34 -21.65 -41.35
N PHE G 48 -59.89 -20.42 -41.46
CA PHE G 48 -58.74 -20.03 -42.27
C PHE G 48 -57.59 -19.66 -41.34
N GLY G 49 -56.37 -20.07 -41.71
CA GLY G 49 -55.22 -19.71 -40.92
C GLY G 49 -53.97 -20.45 -41.36
N TRP G 50 -53.02 -20.53 -40.42
CA TRP G 50 -51.70 -21.10 -40.67
C TRP G 50 -51.74 -22.61 -40.49
N SER G 51 -51.15 -23.33 -41.43
CA SER G 51 -51.14 -24.79 -41.40
C SER G 51 -50.22 -25.34 -40.31
N GLY G 52 -49.32 -24.52 -39.78
CA GLY G 52 -48.34 -25.00 -38.83
C GLY G 52 -47.01 -25.38 -39.44
N ASP G 53 -46.91 -25.34 -40.78
CA ASP G 53 -45.70 -25.72 -41.51
C ASP G 53 -44.91 -24.48 -41.89
N VAL G 54 -43.59 -24.62 -41.86
CA VAL G 54 -42.66 -23.54 -42.19
C VAL G 54 -41.79 -24.01 -43.34
N LEU G 55 -41.92 -23.34 -44.48
CA LEU G 55 -41.21 -23.74 -45.70
C LEU G 55 -39.86 -23.03 -45.78
N SER G 56 -38.80 -23.80 -45.95
CA SER G 56 -37.48 -23.27 -46.23
C SER G 56 -37.22 -23.07 -47.72
N SER G 57 -38.25 -23.22 -48.57
CA SER G 57 -38.08 -23.09 -50.00
C SER G 57 -39.45 -23.05 -50.67
N GLY G 58 -39.52 -22.42 -51.84
CA GLY G 58 -40.73 -22.40 -52.63
C GLY G 58 -41.74 -21.39 -52.11
N GLN G 59 -42.95 -21.48 -52.68
CA GLN G 59 -44.05 -20.62 -52.28
C GLN G 59 -45.15 -21.41 -51.59
N PRO G 60 -45.86 -20.81 -50.65
CA PRO G 60 -47.02 -21.49 -50.06
C PRO G 60 -48.24 -21.34 -50.93
N GLN G 61 -49.09 -22.38 -50.90
CA GLN G 61 -50.39 -22.37 -51.56
C GLN G 61 -51.45 -22.82 -50.57
N ILE G 62 -52.66 -22.28 -50.71
CA ILE G 62 -53.75 -22.59 -49.80
C ILE G 62 -54.23 -24.02 -50.03
N LYS G 63 -54.54 -24.71 -48.95
CA LYS G 63 -55.13 -26.05 -49.00
C LYS G 63 -56.55 -25.96 -48.46
N VAL G 64 -57.52 -26.21 -49.33
CA VAL G 64 -58.93 -26.23 -48.97
C VAL G 64 -59.35 -27.69 -48.81
N GLU G 65 -59.76 -28.05 -47.60
CA GLU G 65 -60.17 -29.43 -47.30
C GLU G 65 -61.42 -29.39 -46.42
N GLU G 66 -62.49 -30.05 -46.88
CA GLU G 66 -63.74 -30.08 -46.14
C GLU G 66 -63.75 -31.26 -45.17
N ARG G 67 -63.98 -30.96 -43.89
CA ARG G 67 -64.12 -31.98 -42.84
C ARG G 67 -65.45 -31.72 -42.14
N GLY G 68 -66.50 -32.44 -42.55
CA GLY G 68 -67.82 -32.22 -42.04
C GLY G 68 -68.36 -30.88 -42.48
N PRO G 69 -68.99 -30.14 -41.56
CA PRO G 69 -69.50 -28.80 -41.91
C PRO G 69 -68.43 -27.72 -41.88
N VAL G 70 -67.21 -28.05 -41.51
CA VAL G 70 -66.13 -27.08 -41.35
C VAL G 70 -65.21 -27.16 -42.57
N THR G 71 -64.99 -26.01 -43.22
CA THR G 71 -64.04 -25.89 -44.31
C THR G 71 -62.73 -25.33 -43.76
N PHE G 72 -61.71 -26.18 -43.65
CA PHE G 72 -60.37 -25.73 -43.30
C PHE G 72 -59.67 -25.20 -44.55
N ALA G 73 -59.11 -24.00 -44.45
CA ALA G 73 -58.31 -23.40 -45.52
C ALA G 73 -57.02 -22.89 -44.89
N THR G 74 -55.97 -23.70 -44.96
CA THR G 74 -54.72 -23.41 -44.31
C THR G 74 -53.63 -23.13 -45.33
N ILE G 75 -52.57 -22.46 -44.87
CA ILE G 75 -51.42 -22.18 -45.71
C ILE G 75 -50.19 -22.13 -44.82
N ALA G 76 -49.04 -22.49 -45.39
CA ALA G 76 -47.79 -22.49 -44.66
C ALA G 76 -47.21 -21.08 -44.61
N LEU G 77 -46.13 -20.93 -43.85
CA LEU G 77 -45.39 -19.67 -43.76
C LEU G 77 -43.97 -19.87 -44.27
N MET G 78 -43.46 -18.88 -45.00
CA MET G 78 -42.04 -18.80 -45.30
C MET G 78 -41.25 -18.64 -44.01
N ARG G 79 -40.00 -19.13 -44.05
CA ARG G 79 -39.14 -19.08 -42.87
C ARG G 79 -38.99 -17.66 -42.36
N ARG G 80 -38.70 -16.71 -43.25
CA ARG G 80 -38.57 -15.31 -42.83
C ARG G 80 -39.88 -14.79 -42.25
N ASP G 81 -41.02 -15.21 -42.81
CA ASP G 81 -42.30 -14.74 -42.30
C ASP G 81 -42.61 -15.35 -40.94
N TYR G 82 -42.35 -16.66 -40.79
CA TYR G 82 -42.44 -17.30 -39.49
C TYR G 82 -41.57 -16.62 -38.45
N ASP G 83 -40.35 -16.22 -38.84
CA ASP G 83 -39.43 -15.65 -37.85
C ASP G 83 -39.87 -14.26 -37.42
N GLN G 84 -40.30 -13.42 -38.35
CA GLN G 84 -40.62 -12.04 -38.02
C GLN G 84 -42.00 -11.90 -37.38
N TYR G 85 -42.99 -12.59 -37.93
CA TYR G 85 -44.38 -12.42 -37.54
C TYR G 85 -44.76 -13.32 -36.37
N TYR G 86 -44.33 -14.57 -36.35
CA TYR G 86 -44.74 -15.51 -35.29
C TYR G 86 -43.72 -15.55 -34.15
N ARG G 87 -42.48 -15.96 -34.41
CA ARG G 87 -41.48 -15.96 -33.33
C ARG G 87 -41.12 -14.55 -32.89
N GLY G 88 -41.18 -13.59 -33.80
CA GLY G 88 -40.78 -12.23 -33.47
C GLY G 88 -41.87 -11.43 -32.78
N PHE G 89 -42.63 -10.65 -33.55
CA PHE G 89 -43.49 -9.68 -32.90
C PHE G 89 -44.60 -10.34 -32.09
N SER G 90 -45.23 -11.39 -32.61
CA SER G 90 -46.32 -12.00 -31.87
C SER G 90 -45.83 -12.58 -30.56
N ASN G 91 -44.85 -13.47 -30.63
CA ASN G 91 -44.49 -14.22 -29.43
C ASN G 91 -43.31 -13.66 -28.65
N ALA G 92 -42.51 -12.75 -29.22
CA ALA G 92 -41.45 -12.11 -28.45
C ALA G 92 -41.81 -10.71 -27.99
N THR G 93 -42.86 -10.10 -28.52
CA THR G 93 -43.29 -8.79 -28.05
C THR G 93 -44.69 -8.85 -27.43
N LEU G 94 -45.71 -9.22 -28.21
CA LEU G 94 -47.08 -9.12 -27.72
C LEU G 94 -47.36 -10.11 -26.58
N TRP G 95 -46.99 -11.38 -26.76
CA TRP G 95 -47.28 -12.37 -25.71
C TRP G 95 -46.69 -11.97 -24.37
N PRO G 96 -45.38 -11.71 -24.23
CA PRO G 96 -44.88 -11.28 -22.91
C PRO G 96 -45.48 -9.97 -22.43
N ALA G 97 -45.64 -8.98 -23.32
CA ALA G 97 -46.15 -7.68 -22.89
C ALA G 97 -47.58 -7.79 -22.36
N PHE G 98 -48.44 -8.50 -23.08
CA PHE G 98 -49.83 -8.64 -22.67
C PHE G 98 -50.01 -9.54 -21.46
N HIS G 99 -49.00 -10.37 -21.13
CA HIS G 99 -48.98 -11.15 -19.91
C HIS G 99 -48.13 -10.51 -18.82
N TYR G 100 -47.95 -9.19 -18.87
CA TYR G 100 -47.29 -8.41 -17.82
C TYR G 100 -45.85 -8.86 -17.58
N ARG G 101 -45.12 -9.18 -18.65
CA ARG G 101 -43.71 -9.57 -18.56
C ARG G 101 -42.89 -8.64 -19.45
N ALA G 102 -42.80 -7.36 -19.08
CA ALA G 102 -42.00 -6.45 -19.90
C ALA G 102 -40.52 -6.82 -19.86
N ASP G 103 -40.07 -7.53 -18.83
CA ASP G 103 -38.69 -8.02 -18.77
C ASP G 103 -38.37 -9.01 -19.88
N LEU G 104 -39.35 -9.82 -20.30
CA LEU G 104 -39.14 -10.75 -21.39
C LEU G 104 -39.47 -10.15 -22.74
N LEU G 105 -40.07 -8.96 -22.77
CA LEU G 105 -40.40 -8.33 -24.03
C LEU G 105 -39.12 -8.03 -24.80
N GLN G 106 -39.07 -8.49 -26.03
CA GLN G 106 -38.06 -8.04 -26.99
C GLN G 106 -38.78 -7.36 -28.13
N TYR G 107 -38.16 -6.33 -28.69
CA TYR G 107 -38.77 -5.59 -29.78
C TYR G 107 -37.75 -5.38 -30.87
N ASP G 108 -38.18 -5.63 -32.11
CA ASP G 108 -37.34 -5.42 -33.29
CA ASP G 108 -37.34 -5.40 -33.27
C ASP G 108 -38.22 -4.82 -34.37
N ARG G 109 -37.87 -3.61 -34.81
CA ARG G 109 -38.69 -2.88 -35.77
C ARG G 109 -38.85 -3.68 -37.06
N HIS G 110 -37.79 -4.37 -37.49
CA HIS G 110 -37.88 -5.21 -38.69
C HIS G 110 -38.91 -6.32 -38.50
N ASP G 111 -38.98 -6.88 -37.30
CA ASP G 111 -39.95 -7.94 -37.04
C ASP G 111 -41.36 -7.39 -36.98
N PHE G 112 -41.53 -6.19 -36.41
CA PHE G 112 -42.84 -5.56 -36.40
C PHE G 112 -43.32 -5.28 -37.81
N GLU G 113 -42.44 -4.76 -38.66
CA GLU G 113 -42.83 -4.51 -40.04
C GLU G 113 -43.17 -5.80 -40.76
N GLY G 114 -42.46 -6.89 -40.46
CA GLY G 114 -42.81 -8.18 -41.04
C GLY G 114 -44.15 -8.70 -40.54
N TYR G 115 -44.42 -8.50 -39.25
CA TYR G 115 -45.73 -8.82 -38.69
C TYR G 115 -46.84 -8.09 -39.43
N TRP G 116 -46.63 -6.80 -39.76
CA TRP G 116 -47.63 -6.07 -40.53
C TRP G 116 -47.72 -6.60 -41.95
N ARG G 117 -46.58 -6.90 -42.58
CA ARG G 117 -46.59 -7.43 -43.93
C ARG G 117 -47.28 -8.79 -43.98
N VAL G 118 -47.01 -9.67 -43.01
CA VAL G 118 -47.59 -11.01 -43.04
C VAL G 118 -49.11 -10.94 -42.87
N ASN G 119 -49.59 -10.02 -42.02
CA ASN G 119 -51.03 -9.85 -41.88
C ASN G 119 -51.68 -9.48 -43.21
N ALA G 120 -51.05 -8.59 -43.97
CA ALA G 120 -51.62 -8.20 -45.27
C ALA G 120 -51.54 -9.34 -46.26
N TRP G 121 -50.42 -10.06 -46.29
CA TRP G 121 -50.30 -11.22 -47.17
C TRP G 121 -51.38 -12.25 -46.86
N LEU G 122 -51.58 -12.56 -45.57
CA LEU G 122 -52.62 -13.50 -45.18
C LEU G 122 -53.99 -13.01 -45.63
N ALA G 123 -54.29 -11.72 -45.40
CA ALA G 123 -55.58 -11.20 -45.80
C ALA G 123 -55.80 -11.37 -47.29
N GLN G 124 -54.76 -11.09 -48.09
CA GLN G 124 -54.88 -11.24 -49.54
C GLN G 124 -55.25 -12.67 -49.91
N GLN G 125 -54.73 -13.66 -49.18
CA GLN G 125 -55.07 -15.04 -49.48
C GLN G 125 -56.55 -15.34 -49.20
N LEU G 126 -57.15 -14.60 -48.28
CA LEU G 126 -58.53 -14.87 -47.89
C LEU G 126 -59.56 -14.20 -48.79
N VAL G 127 -59.27 -13.03 -49.33
CA VAL G 127 -60.30 -12.26 -50.06
C VAL G 127 -60.83 -13.03 -51.28
N PRO G 128 -60.02 -13.83 -51.99
CA PRO G 128 -60.59 -14.65 -53.07
C PRO G 128 -61.71 -15.60 -52.62
N LEU G 129 -61.66 -16.14 -51.40
CA LEU G 129 -62.61 -17.15 -50.97
C LEU G 129 -63.82 -16.57 -50.24
N LEU G 130 -63.88 -15.25 -50.07
CA LEU G 130 -64.98 -14.61 -49.37
C LEU G 130 -66.19 -14.45 -50.30
N ARG G 131 -67.37 -14.42 -49.68
CA ARG G 131 -68.60 -14.03 -50.33
C ARG G 131 -69.11 -12.73 -49.69
N GLU G 132 -70.03 -12.06 -50.39
CA GLU G 132 -70.54 -10.78 -49.91
C GLU G 132 -71.25 -10.90 -48.57
N ASP G 133 -71.93 -12.04 -48.34
CA ASP G 133 -72.72 -12.23 -47.12
C ASP G 133 -71.92 -12.87 -45.98
N ASP G 134 -70.63 -13.10 -46.16
CA ASP G 134 -69.83 -13.71 -45.11
C ASP G 134 -69.65 -12.76 -43.92
N VAL G 135 -69.49 -13.36 -42.75
CA VAL G 135 -69.18 -12.64 -41.52
C VAL G 135 -67.84 -13.17 -41.03
N ILE G 136 -66.85 -12.27 -40.91
CA ILE G 136 -65.48 -12.66 -40.60
C ILE G 136 -65.22 -12.45 -39.12
N TRP G 137 -64.77 -13.51 -38.45
CA TRP G 137 -64.42 -13.45 -37.03
C TRP G 137 -62.95 -13.78 -36.87
N VAL G 138 -62.16 -12.77 -36.50
CA VAL G 138 -60.71 -12.86 -36.36
C VAL G 138 -60.37 -13.10 -34.90
N HIS G 139 -59.38 -13.97 -34.64
CA HIS G 139 -59.05 -14.39 -33.29
C HIS G 139 -57.59 -14.15 -32.97
N ASP G 140 -57.34 -13.35 -31.92
CA ASP G 140 -56.14 -13.28 -31.11
C ASP G 140 -55.01 -12.41 -31.65
N TYR G 141 -53.92 -12.34 -30.89
CA TYR G 141 -52.99 -11.21 -30.95
C TYR G 141 -52.13 -11.20 -32.20
N HIS G 142 -51.97 -12.34 -32.87
CA HIS G 142 -51.21 -12.40 -34.12
C HIS G 142 -51.84 -11.52 -35.20
N LEU G 143 -53.14 -11.28 -35.12
CA LEU G 143 -53.93 -10.79 -36.25
C LEU G 143 -54.59 -9.45 -35.95
N ILE G 144 -54.00 -8.69 -35.03
CA ILE G 144 -54.47 -7.36 -34.71
C ILE G 144 -54.61 -6.47 -35.95
N PRO G 145 -53.68 -6.48 -36.91
CA PRO G 145 -53.85 -5.64 -38.11
C PRO G 145 -54.78 -6.20 -39.17
N PHE G 146 -55.49 -7.30 -38.93
CA PHE G 146 -56.12 -8.04 -40.02
C PHE G 146 -57.33 -7.32 -40.61
N ALA G 147 -58.15 -6.69 -39.76
CA ALA G 147 -59.30 -5.97 -40.31
C ALA G 147 -58.84 -4.78 -41.14
N GLN G 148 -57.83 -4.08 -40.64
CA GLN G 148 -57.27 -2.95 -41.38
C GLN G 148 -56.72 -3.38 -42.73
N ALA G 149 -56.08 -4.54 -42.78
CA ALA G 149 -55.61 -5.07 -44.06
C ALA G 149 -56.78 -5.42 -44.98
N LEU G 150 -57.83 -6.05 -44.43
CA LEU G 150 -58.98 -6.43 -45.25
C LEU G 150 -59.63 -5.20 -45.88
N ARG G 151 -59.84 -4.14 -45.10
CA ARG G 151 -60.46 -2.92 -45.62
C ARG G 151 -59.68 -2.37 -46.81
N ALA G 152 -58.36 -2.20 -46.65
CA ALA G 152 -57.55 -1.71 -47.76
C ALA G 152 -57.63 -2.61 -48.98
N ALA G 153 -57.99 -3.89 -48.79
CA ALA G 153 -58.16 -4.83 -49.88
C ALA G 153 -59.58 -4.81 -50.46
N GLY G 154 -60.44 -3.91 -49.99
CA GLY G 154 -61.78 -3.76 -50.51
C GLY G 154 -62.86 -4.58 -49.83
N VAL G 155 -62.54 -5.23 -48.70
CA VAL G 155 -63.52 -6.08 -48.04
C VAL G 155 -64.56 -5.22 -47.34
N LYS G 156 -65.84 -5.55 -47.55
CA LYS G 156 -66.96 -4.82 -46.96
C LYS G 156 -67.69 -5.61 -45.89
N ASN G 157 -67.44 -6.91 -45.77
CA ASN G 157 -68.05 -7.76 -44.75
C ASN G 157 -67.91 -7.20 -43.34
N ARG G 158 -68.82 -7.60 -42.46
CA ARG G 158 -68.66 -7.31 -41.05
C ARG G 158 -67.48 -8.10 -40.49
N ILE G 159 -66.64 -7.43 -39.69
CA ILE G 159 -65.42 -8.04 -39.16
C ILE G 159 -65.39 -7.84 -37.66
N GLY G 160 -65.30 -8.94 -36.92
CA GLY G 160 -65.11 -8.89 -35.49
C GLY G 160 -63.75 -9.43 -35.10
N PHE G 161 -63.29 -9.05 -33.91
CA PHE G 161 -62.03 -9.52 -33.35
C PHE G 161 -62.26 -9.94 -31.90
N PHE G 162 -61.71 -11.08 -31.52
CA PHE G 162 -61.76 -11.51 -30.13
C PHE G 162 -60.33 -11.80 -29.66
N LEU G 163 -59.94 -11.16 -28.55
CA LEU G 163 -58.62 -11.35 -27.97
C LEU G 163 -58.71 -12.42 -26.89
N HIS G 164 -57.92 -13.47 -27.05
CA HIS G 164 -57.95 -14.59 -26.11
C HIS G 164 -57.03 -14.36 -24.92
N ILE G 165 -55.98 -13.59 -25.09
CA ILE G 165 -55.05 -13.31 -24.00
C ILE G 165 -55.51 -12.03 -23.30
N PRO G 166 -54.96 -11.70 -22.12
CA PRO G 166 -55.40 -10.47 -21.46
C PRO G 166 -55.08 -9.24 -22.31
N PHE G 167 -55.88 -8.21 -22.13
CA PHE G 167 -55.50 -6.90 -22.64
C PHE G 167 -54.83 -6.15 -21.50
N PRO G 168 -53.55 -5.82 -21.59
CA PRO G 168 -52.85 -5.29 -20.43
C PRO G 168 -53.30 -3.88 -20.11
N ALA G 169 -53.15 -3.51 -18.83
CA ALA G 169 -53.29 -2.12 -18.42
C ALA G 169 -52.59 -1.18 -19.39
N SER G 170 -53.20 -0.01 -19.64
CA SER G 170 -52.66 0.91 -20.63
C SER G 170 -51.23 1.34 -20.31
N GLN G 171 -50.90 1.57 -19.03
CA GLN G 171 -49.53 1.90 -18.67
C GLN G 171 -48.56 0.81 -19.10
N VAL G 172 -49.03 -0.43 -19.10
CA VAL G 172 -48.20 -1.58 -19.44
C VAL G 172 -48.12 -1.75 -20.95
N LEU G 173 -49.20 -1.43 -21.66
CA LEU G 173 -49.19 -1.48 -23.12
C LEU G 173 -48.20 -0.50 -23.70
N LEU G 174 -47.96 0.61 -23.01
CA LEU G 174 -47.05 1.65 -23.53
C LEU G 174 -45.62 1.16 -23.70
N ALA G 175 -45.25 0.03 -23.08
CA ALA G 175 -43.90 -0.50 -23.27
C ALA G 175 -43.74 -1.14 -24.64
N VAL G 176 -44.84 -1.50 -25.30
CA VAL G 176 -44.83 -1.93 -26.70
C VAL G 176 -44.68 -0.68 -27.56
N PRO G 177 -43.56 -0.47 -28.23
CA PRO G 177 -43.31 0.83 -28.89
C PRO G 177 -44.40 1.19 -29.91
N PRO G 178 -44.85 0.25 -30.77
CA PRO G 178 -45.93 0.65 -31.71
C PRO G 178 -47.33 0.45 -31.16
N HIS G 179 -47.53 0.77 -29.87
CA HIS G 179 -48.85 0.58 -29.25
C HIS G 179 -49.93 1.37 -29.97
N ARG G 180 -49.63 2.60 -30.40
CA ARG G 180 -50.68 3.41 -31.01
CA ARG G 180 -50.69 3.41 -31.01
C ARG G 180 -51.11 2.82 -32.35
N GLU G 181 -50.17 2.31 -33.15
CA GLU G 181 -50.53 1.70 -34.41
C GLU G 181 -51.34 0.43 -34.20
N LEU G 182 -51.04 -0.31 -33.13
CA LEU G 182 -51.81 -1.51 -32.81
C LEU G 182 -53.25 -1.17 -32.43
N VAL G 183 -53.42 -0.26 -31.48
CA VAL G 183 -54.76 0.12 -31.04
C VAL G 183 -55.53 0.75 -32.19
N GLU G 184 -54.85 1.54 -33.03
CA GLU G 184 -55.51 2.07 -34.22
C GLU G 184 -56.01 0.96 -35.12
N ALA G 185 -55.20 -0.09 -35.32
CA ALA G 185 -55.64 -1.20 -36.16
C ALA G 185 -56.86 -1.90 -35.56
N LEU G 186 -56.89 -2.05 -34.23
CA LEU G 186 -58.05 -2.65 -33.59
C LEU G 186 -59.33 -1.87 -33.90
N CYS G 187 -59.24 -0.56 -34.06
CA CYS G 187 -60.44 0.21 -34.31
C CYS G 187 -60.97 0.02 -35.74
N SER G 188 -60.26 -0.71 -36.59
CA SER G 188 -60.81 -1.08 -37.89
C SER G 188 -61.86 -2.18 -37.79
N PHE G 189 -61.86 -2.95 -36.71
CA PHE G 189 -62.90 -3.96 -36.53
C PHE G 189 -64.24 -3.27 -36.21
N ASP G 190 -65.33 -3.95 -36.57
CA ASP G 190 -66.66 -3.47 -36.21
C ASP G 190 -66.98 -3.77 -34.74
N LEU G 191 -66.48 -4.89 -34.22
CA LEU G 191 -66.69 -5.29 -32.85
C LEU G 191 -65.40 -5.87 -32.30
N LEU G 192 -65.02 -5.43 -31.10
CA LEU G 192 -63.90 -5.97 -30.36
C LEU G 192 -64.44 -6.74 -29.16
N GLY G 193 -63.94 -7.96 -28.97
CA GLY G 193 -64.29 -8.77 -27.80
C GLY G 193 -63.07 -9.07 -26.97
N PHE G 194 -63.23 -8.98 -25.66
CA PHE G 194 -62.18 -9.35 -24.71
C PHE G 194 -62.72 -10.40 -23.76
N GLN G 195 -61.82 -11.04 -23.00
CA GLN G 195 -62.21 -12.15 -22.15
C GLN G 195 -63.04 -11.67 -20.96
N THR G 196 -62.58 -10.63 -20.27
CA THR G 196 -63.18 -10.22 -19.00
C THR G 196 -63.37 -8.71 -18.95
N ALA G 197 -64.18 -8.27 -17.99
CA ALA G 197 -64.39 -6.83 -17.81
C ALA G 197 -63.10 -6.06 -17.52
N PRO G 198 -62.14 -6.56 -16.73
CA PRO G 198 -60.87 -5.81 -16.60
C PRO G 198 -60.13 -5.65 -17.91
N ASP G 199 -60.22 -6.63 -18.81
CA ASP G 199 -59.61 -6.48 -20.13
C ASP G 199 -60.25 -5.34 -20.91
N LEU G 200 -61.58 -5.37 -21.00
CA LEU G 200 -62.32 -4.27 -21.63
C LEU G 200 -61.97 -2.93 -20.99
N ARG G 201 -61.94 -2.88 -19.65
CA ARG G 201 -61.64 -1.63 -18.96
CA ARG G 201 -61.64 -1.63 -18.97
C ARG G 201 -60.26 -1.12 -19.35
N ALA G 202 -59.28 -2.02 -19.44
CA ALA G 202 -57.92 -1.62 -19.79
C ALA G 202 -57.87 -1.04 -21.20
N PHE G 203 -58.57 -1.67 -22.15
CA PHE G 203 -58.65 -1.12 -23.50
C PHE G 203 -59.26 0.27 -23.49
N CYS G 204 -60.40 0.44 -22.79
CA CYS G 204 -61.03 1.76 -22.74
C CYS G 204 -60.11 2.78 -22.09
N ASP G 205 -59.36 2.36 -21.07
CA ASP G 205 -58.41 3.24 -20.40
C ASP G 205 -57.38 3.77 -21.39
N TYR G 206 -56.91 2.91 -22.30
CA TYR G 206 -55.98 3.39 -23.33
C TYR G 206 -56.68 4.37 -24.26
N ILE G 207 -57.88 4.02 -24.73
CA ILE G 207 -58.61 4.88 -25.66
C ILE G 207 -58.78 6.28 -25.09
N VAL G 208 -59.14 6.37 -23.81
CA VAL G 208 -59.47 7.67 -23.22
C VAL G 208 -58.22 8.45 -22.85
N ASN G 209 -57.25 7.80 -22.22
CA ASN G 209 -56.11 8.52 -21.67
C ASN G 209 -54.88 8.49 -22.56
N GLU G 210 -54.81 7.61 -23.55
CA GLU G 210 -53.67 7.58 -24.45
C GLU G 210 -54.01 7.87 -25.91
N ALA G 211 -55.26 7.70 -26.32
CA ALA G 211 -55.61 7.91 -27.72
C ALA G 211 -56.59 9.05 -27.95
N ASN G 212 -57.01 9.74 -26.89
CA ASN G 212 -57.92 10.88 -27.00
C ASN G 212 -59.27 10.49 -27.57
N GLY G 213 -59.65 9.23 -27.43
CA GLY G 213 -60.96 8.78 -27.82
C GLY G 213 -61.93 8.81 -26.65
N THR G 214 -63.10 8.22 -26.88
CA THR G 214 -64.11 8.09 -25.83
C THR G 214 -64.68 6.69 -25.86
N ALA G 215 -65.26 6.29 -24.73
CA ALA G 215 -65.97 5.02 -24.61
C ALA G 215 -67.28 5.29 -23.88
N ASP G 216 -68.39 5.01 -24.55
CA ASP G 216 -69.68 5.27 -23.93
C ASP G 216 -70.45 3.98 -23.72
N PRO G 217 -71.16 3.85 -22.59
CA PRO G 217 -72.00 2.67 -22.38
C PRO G 217 -73.15 2.61 -23.37
N SER G 218 -73.92 1.53 -23.34
CA SER G 218 -75.10 1.40 -24.19
C SER G 218 -76.13 0.54 -23.49
N ALA G 219 -77.40 0.82 -23.78
CA ALA G 219 -78.47 -0.05 -23.29
C ALA G 219 -78.38 -1.43 -23.92
N SER G 220 -77.85 -1.53 -25.14
CA SER G 220 -77.70 -2.82 -25.80
C SER G 220 -76.82 -3.75 -24.98
N GLY G 221 -75.61 -3.28 -24.63
CA GLY G 221 -74.63 -4.12 -23.98
C GLY G 221 -73.21 -3.66 -24.26
N PRO G 222 -72.79 -3.74 -25.53
CA PRO G 222 -71.43 -3.32 -25.87
C PRO G 222 -71.27 -1.82 -25.77
N LEU G 223 -70.06 -1.39 -25.43
CA LEU G 223 -69.73 0.02 -25.43
C LEU G 223 -69.57 0.53 -26.85
N THR G 224 -69.74 1.84 -27.01
CA THR G 224 -69.45 2.52 -28.25
C THR G 224 -68.09 3.21 -28.11
N ILE G 225 -67.18 2.91 -29.03
CA ILE G 225 -65.82 3.46 -29.02
C ILE G 225 -65.71 4.47 -30.16
N HIS G 226 -65.20 5.66 -29.85
CA HIS G 226 -64.84 6.66 -30.84
C HIS G 226 -63.35 6.95 -30.68
N ALA G 227 -62.57 6.66 -31.71
CA ALA G 227 -61.13 6.92 -31.67
C ALA G 227 -60.55 6.75 -33.06
N PHE G 228 -59.48 7.50 -33.32
CA PHE G 228 -58.78 7.45 -34.60
C PHE G 228 -59.73 7.73 -35.76
N GLY G 229 -60.70 8.60 -35.53
CA GLY G 229 -61.70 8.92 -36.53
C GLY G 229 -62.67 7.80 -36.85
N ARG G 230 -62.65 6.70 -36.10
CA ARG G 230 -63.56 5.60 -36.37
C ARG G 230 -64.54 5.42 -35.23
N THR G 231 -65.61 4.66 -35.51
CA THR G 231 -66.62 4.28 -34.55
C THR G 231 -66.78 2.76 -34.60
N LEU G 232 -66.85 2.14 -33.42
CA LEU G 232 -66.99 0.70 -33.31
C LEU G 232 -67.53 0.37 -31.93
N ARG G 233 -67.67 -0.92 -31.65
CA ARG G 233 -68.22 -1.36 -30.38
C ARG G 233 -67.26 -2.36 -29.75
N ALA G 234 -67.31 -2.46 -28.42
CA ALA G 234 -66.44 -3.39 -27.70
C ALA G 234 -67.17 -3.92 -26.47
N ALA G 235 -66.87 -5.16 -26.11
CA ALA G 235 -67.49 -5.81 -24.95
C ALA G 235 -66.65 -6.99 -24.52
N ALA G 236 -67.01 -7.57 -23.38
CA ALA G 236 -66.35 -8.75 -22.83
C ALA G 236 -67.22 -9.98 -23.05
N TYR G 237 -66.62 -11.05 -23.56
CA TYR G 237 -67.29 -12.33 -23.79
C TYR G 237 -66.38 -13.44 -23.27
N PRO G 238 -66.59 -13.92 -22.04
CA PRO G 238 -65.68 -14.92 -21.48
C PRO G 238 -65.90 -16.27 -22.14
N ILE G 239 -64.82 -16.84 -22.70
CA ILE G 239 -64.95 -18.10 -23.41
C ILE G 239 -65.13 -19.24 -22.40
N GLY G 240 -66.01 -20.18 -22.73
CA GLY G 240 -66.29 -21.26 -21.82
C GLY G 240 -65.99 -22.61 -22.41
N VAL G 241 -66.66 -23.63 -21.88
CA VAL G 241 -66.48 -25.00 -22.35
C VAL G 241 -67.86 -25.63 -22.46
N TYR G 242 -67.91 -26.93 -22.73
CA TYR G 242 -69.16 -27.69 -22.69
C TYR G 242 -69.09 -28.59 -21.48
N PRO G 243 -69.56 -28.13 -20.31
CA PRO G 243 -69.18 -28.79 -19.06
C PRO G 243 -69.76 -30.19 -18.90
N ASP G 244 -71.00 -30.43 -19.33
CA ASP G 244 -71.56 -31.76 -19.18
C ASP G 244 -70.97 -32.72 -20.20
N GLU G 245 -70.57 -32.23 -21.38
CA GLU G 245 -69.85 -33.09 -22.32
C GLU G 245 -68.52 -33.54 -21.74
N ILE G 246 -67.79 -32.62 -21.10
CA ILE G 246 -66.53 -32.99 -20.44
C ILE G 246 -66.79 -33.99 -19.32
N ALA G 247 -67.82 -33.74 -18.51
CA ALA G 247 -68.19 -34.68 -17.45
C ALA G 247 -68.39 -36.08 -18.02
N GLU G 248 -69.16 -36.19 -19.10
CA GLU G 248 -69.43 -37.50 -19.69
C GLU G 248 -68.15 -38.15 -20.21
N LEU G 249 -67.28 -37.34 -20.82
CA LEU G 249 -66.01 -37.85 -21.33
C LEU G 249 -65.11 -38.34 -20.21
N ALA G 250 -65.02 -37.57 -19.12
CA ALA G 250 -64.24 -37.98 -17.96
C ALA G 250 -64.74 -39.29 -17.39
N LYS G 251 -66.06 -39.42 -17.27
CA LYS G 251 -66.65 -40.66 -16.75
C LYS G 251 -66.40 -41.82 -17.69
N ALA G 252 -66.46 -41.58 -19.00
CA ALA G 252 -66.22 -42.65 -19.98
C ALA G 252 -64.81 -43.24 -19.87
N GLY G 253 -63.86 -42.50 -19.30
CA GLY G 253 -62.52 -42.99 -19.11
C GLY G 253 -62.21 -43.56 -17.75
N GLU G 254 -63.23 -43.77 -16.89
CA GLU G 254 -62.93 -44.11 -15.51
C GLU G 254 -62.33 -45.51 -15.37
N ARG G 255 -62.47 -46.39 -16.37
CA ARG G 255 -61.85 -47.71 -16.36
C ARG G 255 -60.81 -47.87 -17.46
N GLY G 256 -60.37 -46.77 -18.08
CA GLY G 256 -59.35 -46.84 -19.11
C GLY G 256 -57.97 -47.02 -18.53
N LYS G 257 -57.03 -47.38 -19.41
CA LYS G 257 -55.66 -47.65 -18.97
C LYS G 257 -54.98 -46.44 -18.34
N PRO G 258 -55.10 -45.21 -18.85
CA PRO G 258 -54.47 -44.08 -18.14
C PRO G 258 -54.93 -43.98 -16.69
N VAL G 259 -56.24 -44.00 -16.45
CA VAL G 259 -56.74 -43.89 -15.08
C VAL G 259 -56.32 -45.10 -14.26
N ARG G 260 -56.45 -46.31 -14.82
CA ARG G 260 -56.05 -47.52 -14.12
C ARG G 260 -54.58 -47.48 -13.72
N THR G 261 -53.69 -47.11 -14.65
CA THR G 261 -52.28 -47.09 -14.30
C THR G 261 -51.95 -45.95 -13.34
N MET G 262 -52.67 -44.83 -13.42
CA MET G 262 -52.45 -43.74 -12.48
C MET G 262 -52.83 -44.15 -11.06
N LYS G 263 -53.96 -44.82 -10.91
CA LYS G 263 -54.39 -45.28 -9.59
C LYS G 263 -53.40 -46.28 -9.00
N ALA G 264 -52.87 -47.19 -9.84
CA ALA G 264 -51.92 -48.16 -9.35
C ALA G 264 -50.66 -47.50 -8.79
N THR G 265 -50.10 -46.53 -9.52
CA THR G 265 -48.86 -45.88 -9.10
CA THR G 265 -48.85 -45.94 -9.06
C THR G 265 -49.05 -45.05 -7.84
N LEU G 266 -50.22 -44.44 -7.69
CA LEU G 266 -50.44 -43.60 -6.52
C LEU G 266 -50.53 -44.41 -5.23
N HIS G 267 -51.01 -45.66 -5.32
CA HIS G 267 -51.07 -46.55 -4.16
C HIS G 267 -51.79 -45.88 -2.99
N SER G 268 -52.94 -45.28 -3.30
CA SER G 268 -53.84 -44.61 -2.37
CA SER G 268 -53.86 -44.58 -2.41
C SER G 268 -53.36 -43.21 -1.96
N ARG G 269 -52.24 -42.72 -2.48
CA ARG G 269 -51.89 -41.34 -2.19
C ARG G 269 -52.85 -40.41 -2.93
N LYS G 270 -53.07 -39.22 -2.38
CA LYS G 270 -53.88 -38.23 -3.07
C LYS G 270 -53.12 -37.61 -4.23
N LEU G 271 -53.86 -37.13 -5.23
CA LEU G 271 -53.29 -36.60 -6.47
C LEU G 271 -53.61 -35.11 -6.60
N ILE G 272 -52.56 -34.30 -6.74
CA ILE G 272 -52.65 -32.92 -7.21
C ILE G 272 -52.31 -32.95 -8.68
N MET G 273 -53.15 -32.37 -9.53
CA MET G 273 -52.91 -32.44 -10.96
C MET G 273 -52.90 -31.05 -11.59
N SER G 274 -51.95 -30.85 -12.50
CA SER G 274 -51.84 -29.65 -13.30
C SER G 274 -51.56 -30.04 -14.75
N VAL G 275 -52.12 -29.27 -15.68
CA VAL G 275 -51.84 -29.39 -17.10
C VAL G 275 -51.62 -27.99 -17.65
N ASP G 276 -50.46 -27.75 -18.24
CA ASP G 276 -50.10 -26.43 -18.77
C ASP G 276 -49.10 -26.59 -19.89
N ARG G 277 -49.31 -25.91 -21.01
CA ARG G 277 -48.16 -25.60 -21.86
C ARG G 277 -47.04 -25.04 -21.00
N LEU G 278 -45.80 -25.45 -21.29
CA LEU G 278 -44.69 -24.99 -20.46
C LEU G 278 -44.32 -23.56 -20.86
N ASP G 279 -45.17 -22.64 -20.45
CA ASP G 279 -45.11 -21.22 -20.77
C ASP G 279 -44.76 -20.44 -19.52
N TYR G 280 -43.95 -19.38 -19.66
CA TYR G 280 -43.64 -18.60 -18.48
C TYR G 280 -44.86 -17.88 -17.93
N SER G 281 -45.95 -17.78 -18.70
CA SER G 281 -47.18 -17.20 -18.19
C SER G 281 -47.85 -18.07 -17.12
N LYS G 282 -47.49 -19.36 -17.03
CA LYS G 282 -48.28 -20.29 -16.25
C LYS G 282 -47.86 -20.37 -14.78
N GLY G 283 -46.85 -19.62 -14.35
CA GLY G 283 -46.45 -19.60 -12.95
C GLY G 283 -45.98 -20.93 -12.41
N LEU G 284 -45.22 -21.68 -13.21
CA LEU G 284 -44.94 -23.08 -12.87
C LEU G 284 -43.86 -23.22 -11.81
N VAL G 285 -42.89 -22.30 -11.76
CA VAL G 285 -41.87 -22.33 -10.71
C VAL G 285 -42.51 -22.04 -9.36
N GLU G 286 -43.29 -20.95 -9.27
CA GLU G 286 -43.98 -20.63 -8.03
C GLU G 286 -44.87 -21.78 -7.60
N ARG G 287 -45.51 -22.42 -8.57
CA ARG G 287 -46.39 -23.55 -8.30
C ARG G 287 -45.64 -24.72 -7.70
N PHE G 288 -44.48 -25.06 -8.28
CA PHE G 288 -43.65 -26.12 -7.71
C PHE G 288 -43.16 -25.73 -6.32
N ARG G 289 -42.79 -24.45 -6.14
CA ARG G 289 -42.27 -23.99 -4.85
C ARG G 289 -43.29 -24.08 -3.74
N ALA G 290 -44.58 -23.88 -4.04
CA ALA G 290 -45.61 -24.00 -3.02
C ALA G 290 -45.89 -25.45 -2.64
N PHE G 291 -45.79 -26.38 -3.60
CA PHE G 291 -45.89 -27.79 -3.24
C PHE G 291 -44.70 -28.22 -2.37
N GLU G 292 -43.50 -27.75 -2.71
CA GLU G 292 -42.34 -27.95 -1.83
C GLU G 292 -42.59 -27.38 -0.44
N ARG G 293 -43.17 -26.17 -0.37
CA ARG G 293 -43.46 -25.54 0.91
C ARG G 293 -44.47 -26.35 1.70
N LEU G 294 -45.50 -26.88 1.02
CA LEU G 294 -46.45 -27.78 1.69
C LEU G 294 -45.72 -28.95 2.35
N LEU G 295 -44.83 -29.59 1.62
CA LEU G 295 -44.11 -30.74 2.16
C LEU G 295 -43.17 -30.34 3.29
N GLU G 296 -42.59 -29.13 3.23
CA GLU G 296 -41.73 -28.65 4.32
C GLU G 296 -42.51 -28.53 5.61
N HIS G 297 -43.69 -27.94 5.54
CA HIS G 297 -44.42 -27.57 6.75
C HIS G 297 -45.33 -28.67 7.25
N SER G 298 -45.65 -29.65 6.43
CA SER G 298 -46.57 -30.73 6.81
CA SER G 298 -46.57 -30.73 6.81
C SER G 298 -45.90 -32.07 6.57
N THR G 299 -45.21 -32.59 7.60
CA THR G 299 -44.65 -33.94 7.47
CA THR G 299 -44.66 -33.94 7.50
C THR G 299 -45.74 -34.95 7.13
N ALA G 300 -46.96 -34.74 7.61
CA ALA G 300 -48.04 -35.71 7.41
C ALA G 300 -48.36 -35.88 5.92
N GLN G 301 -48.09 -34.87 5.10
CA GLN G 301 -48.34 -35.00 3.67
C GLN G 301 -47.28 -35.83 2.94
N ARG G 302 -46.09 -35.99 3.52
CA ARG G 302 -45.03 -36.70 2.81
C ARG G 302 -45.40 -38.15 2.58
N ASN G 303 -45.15 -38.63 1.36
CA ASN G 303 -45.51 -39.97 0.92
C ASN G 303 -47.02 -40.21 0.93
N LYS G 304 -47.82 -39.15 1.11
CA LYS G 304 -49.27 -39.28 1.14
C LYS G 304 -49.95 -38.52 0.00
N VAL G 305 -49.18 -37.86 -0.85
CA VAL G 305 -49.69 -37.05 -1.94
C VAL G 305 -48.61 -37.04 -3.02
N SER G 306 -49.04 -36.97 -4.28
CA SER G 306 -48.11 -36.74 -5.38
C SER G 306 -48.67 -35.66 -6.28
N PHE G 307 -47.77 -34.99 -7.00
CA PHE G 307 -48.08 -33.84 -7.83
C PHE G 307 -47.72 -34.20 -9.27
N LEU G 308 -48.75 -34.37 -10.11
CA LEU G 308 -48.59 -34.64 -11.54
C LEU G 308 -48.66 -33.31 -12.30
N GLN G 309 -47.56 -32.96 -12.96
CA GLN G 309 -47.50 -31.78 -13.83
C GLN G 309 -47.28 -32.29 -15.25
N ILE G 310 -48.35 -32.27 -16.05
CA ILE G 310 -48.23 -32.48 -17.48
C ILE G 310 -47.96 -31.11 -18.09
N ALA G 311 -46.83 -30.98 -18.79
CA ALA G 311 -46.36 -29.69 -19.28
C ALA G 311 -45.85 -29.86 -20.70
N PRO G 312 -46.75 -29.87 -21.69
CA PRO G 312 -46.32 -30.16 -23.05
C PRO G 312 -45.39 -29.07 -23.58
N PRO G 313 -44.51 -29.43 -24.51
CA PRO G 313 -43.69 -28.40 -25.18
C PRO G 313 -44.56 -27.37 -25.89
N THR G 314 -44.06 -26.14 -25.92
CA THR G 314 -44.72 -25.05 -26.63
C THR G 314 -43.66 -24.08 -27.09
N ARG G 315 -43.75 -23.64 -28.35
CA ARG G 315 -42.87 -22.60 -28.89
C ARG G 315 -41.40 -22.91 -28.59
N ALA G 316 -41.05 -24.19 -28.75
CA ALA G 316 -39.80 -24.73 -28.25
C ALA G 316 -38.57 -24.13 -28.92
N ASP G 317 -38.73 -23.50 -30.08
CA ASP G 317 -37.59 -22.94 -30.81
C ASP G 317 -37.28 -21.51 -30.37
N MET G 318 -37.79 -21.10 -29.23
CA MET G 318 -37.59 -19.76 -28.69
C MET G 318 -36.80 -19.84 -27.40
N HIS G 319 -35.75 -19.03 -27.31
CA HIS G 319 -34.85 -19.07 -26.16
C HIS G 319 -35.60 -18.82 -24.85
N ALA G 320 -36.63 -17.97 -24.85
CA ALA G 320 -37.36 -17.72 -23.62
C ALA G 320 -38.10 -18.96 -23.14
N TYR G 321 -38.58 -19.79 -24.06
CA TYR G 321 -39.27 -21.02 -23.68
C TYR G 321 -38.30 -22.12 -23.27
N GLN G 322 -37.13 -22.16 -23.90
CA GLN G 322 -36.07 -23.04 -23.42
C GLN G 322 -35.63 -22.66 -22.01
N ASP G 323 -35.63 -21.36 -21.71
CA ASP G 323 -35.15 -20.90 -20.40
C ASP G 323 -36.12 -21.30 -19.29
N ILE G 324 -37.42 -21.10 -19.49
CA ILE G 324 -38.37 -21.45 -18.44
C ILE G 324 -38.45 -22.97 -18.27
N ARG G 325 -38.26 -23.73 -19.34
CA ARG G 325 -38.21 -25.19 -19.22
C ARG G 325 -37.03 -25.61 -18.34
N LEU G 326 -35.85 -25.05 -18.62
CA LEU G 326 -34.67 -25.32 -17.81
C LEU G 326 -34.90 -25.02 -16.34
N GLN G 327 -35.49 -23.86 -16.05
CA GLN G 327 -35.74 -23.48 -14.67
C GLN G 327 -36.69 -24.46 -13.99
N LEU G 328 -37.79 -24.82 -14.66
CA LEU G 328 -38.77 -25.73 -14.07
C LEU G 328 -38.17 -27.11 -13.85
N GLU G 329 -37.37 -27.58 -14.81
CA GLU G 329 -36.75 -28.90 -14.68
C GLU G 329 -35.79 -28.95 -13.50
N GLY G 330 -35.05 -27.85 -13.25
CA GLY G 330 -34.24 -27.78 -12.05
C GLY G 330 -35.06 -27.80 -10.77
N GLU G 331 -36.23 -27.14 -10.78
CA GLU G 331 -37.13 -27.17 -9.63
C GLU G 331 -37.59 -28.58 -9.31
N SER G 332 -37.98 -29.34 -10.34
CA SER G 332 -38.47 -30.69 -10.08
CA SER G 332 -38.44 -30.71 -10.15
C SER G 332 -37.34 -31.57 -9.55
N GLY G 333 -36.11 -31.39 -10.02
CA GLY G 333 -35.00 -32.17 -9.51
C GLY G 333 -34.68 -31.84 -8.07
N ARG G 334 -34.67 -30.54 -7.73
CA ARG G 334 -34.40 -30.17 -6.34
C ARG G 334 -35.47 -30.73 -5.40
N ILE G 335 -36.74 -30.52 -5.74
CA ILE G 335 -37.83 -30.92 -4.85
C ILE G 335 -37.90 -32.43 -4.74
N ASN G 336 -37.74 -33.14 -5.85
CA ASN G 336 -37.74 -34.59 -5.77
C ASN G 336 -36.54 -35.09 -4.96
N GLY G 337 -35.37 -34.49 -5.17
CA GLY G 337 -34.20 -34.95 -4.44
C GLY G 337 -34.33 -34.76 -2.93
N ARG G 338 -35.02 -33.70 -2.51
CA ARG G 338 -35.13 -33.35 -1.10
C ARG G 338 -36.10 -34.27 -0.36
N PHE G 339 -37.17 -34.70 -1.02
CA PHE G 339 -38.29 -35.35 -0.35
C PHE G 339 -38.57 -36.77 -0.80
N ALA G 340 -37.94 -37.24 -1.88
CA ALA G 340 -38.26 -38.57 -2.38
C ALA G 340 -37.89 -39.65 -1.36
N GLU G 341 -38.59 -40.78 -1.46
CA GLU G 341 -38.23 -42.00 -0.79
C GLU G 341 -38.13 -43.09 -1.84
N LEU G 342 -37.63 -44.27 -1.42
CA LEU G 342 -37.47 -45.36 -2.38
C LEU G 342 -38.76 -45.64 -3.13
N ASP G 343 -39.90 -45.40 -2.51
CA ASP G 343 -41.20 -45.73 -3.10
C ASP G 343 -42.03 -44.49 -3.41
N TRP G 344 -41.43 -43.30 -3.42
CA TRP G 344 -42.21 -42.09 -3.59
C TRP G 344 -41.44 -41.08 -4.43
N THR G 345 -42.05 -40.65 -5.53
CA THR G 345 -41.56 -39.52 -6.30
C THR G 345 -42.55 -38.37 -6.10
N PRO G 346 -42.19 -37.32 -5.35
CA PRO G 346 -43.16 -36.24 -5.08
C PRO G 346 -43.78 -35.60 -6.31
N ILE G 347 -42.97 -35.22 -7.30
CA ILE G 347 -43.47 -34.49 -8.48
C ILE G 347 -43.27 -35.39 -9.70
N LEU G 348 -44.37 -35.68 -10.38
CA LEU G 348 -44.38 -36.43 -11.64
C LEU G 348 -44.48 -35.41 -12.77
N TYR G 349 -43.33 -35.05 -13.33
CA TYR G 349 -43.22 -34.02 -14.35
C TYR G 349 -43.11 -34.69 -15.71
N ILE G 350 -44.01 -34.36 -16.62
CA ILE G 350 -44.08 -35.02 -17.92
C ILE G 350 -44.16 -33.95 -19.00
N HIS G 351 -43.12 -33.89 -19.84
CA HIS G 351 -42.98 -32.82 -20.83
C HIS G 351 -43.55 -33.28 -22.17
N LYS G 352 -44.82 -33.68 -22.16
CA LYS G 352 -45.43 -34.27 -23.34
C LYS G 352 -46.90 -33.88 -23.45
N GLN G 353 -47.40 -33.89 -24.67
CA GLN G 353 -48.80 -33.63 -24.98
C GLN G 353 -49.66 -34.87 -24.76
N TYR G 354 -50.88 -34.67 -24.28
CA TYR G 354 -51.86 -35.73 -24.10
C TYR G 354 -53.14 -35.40 -24.86
N GLU G 355 -53.88 -36.45 -25.24
CA GLU G 355 -55.21 -36.26 -25.80
C GLU G 355 -56.12 -35.66 -24.74
N ARG G 356 -57.00 -34.76 -25.19
CA ARG G 356 -57.86 -34.03 -24.26
C ARG G 356 -58.83 -34.96 -23.54
N SER G 357 -59.27 -36.04 -24.21
CA SER G 357 -60.14 -37.02 -23.57
C SER G 357 -59.43 -37.75 -22.44
N VAL G 358 -58.12 -37.98 -22.57
CA VAL G 358 -57.37 -38.62 -21.49
C VAL G 358 -57.21 -37.66 -20.31
N LEU G 359 -56.97 -36.37 -20.60
CA LEU G 359 -56.85 -35.38 -19.53
C LEU G 359 -58.15 -35.27 -18.74
N ALA G 360 -59.28 -35.25 -19.44
CA ALA G 360 -60.57 -35.22 -18.76
C ALA G 360 -60.70 -36.41 -17.81
N ALA G 361 -60.39 -37.61 -18.29
CA ALA G 361 -60.52 -38.79 -17.44
C ALA G 361 -59.61 -38.68 -16.22
N LEU G 362 -58.41 -38.12 -16.38
CA LEU G 362 -57.47 -38.04 -15.26
C LEU G 362 -57.86 -36.95 -14.27
N PHE G 363 -58.35 -35.80 -14.77
CA PHE G 363 -58.88 -34.75 -13.90
C PHE G 363 -59.86 -35.32 -12.87
N ARG G 364 -60.73 -36.24 -13.31
CA ARG G 364 -61.75 -36.79 -12.44
C ARG G 364 -61.16 -37.58 -11.27
N THR G 365 -59.92 -38.04 -11.40
CA THR G 365 -59.30 -38.81 -10.33
C THR G 365 -58.43 -37.95 -9.43
N ALA G 366 -58.26 -36.67 -9.75
CA ALA G 366 -57.34 -35.81 -9.01
C ALA G 366 -58.09 -35.09 -7.90
N HIS G 367 -57.59 -35.25 -6.67
CA HIS G 367 -58.20 -34.56 -5.53
C HIS G 367 -58.08 -33.04 -5.66
N VAL G 368 -57.04 -32.54 -6.30
CA VAL G 368 -56.82 -31.11 -6.41
C VAL G 368 -56.50 -30.75 -7.86
N GLY G 369 -57.21 -29.75 -8.39
CA GLY G 369 -56.86 -29.15 -9.64
C GLY G 369 -56.07 -27.88 -9.34
N TYR G 370 -54.84 -27.85 -9.81
CA TYR G 370 -53.85 -26.86 -9.38
C TYR G 370 -53.55 -25.95 -10.57
N VAL G 371 -54.17 -24.77 -10.62
CA VAL G 371 -54.16 -23.92 -11.82
C VAL G 371 -53.76 -22.51 -11.38
N THR G 372 -52.47 -22.17 -11.47
CA THR G 372 -51.98 -20.92 -10.89
C THR G 372 -51.18 -20.05 -11.87
N PRO G 373 -51.72 -19.77 -13.06
CA PRO G 373 -50.97 -18.90 -13.99
C PRO G 373 -50.70 -17.52 -13.40
N LEU G 374 -49.54 -16.95 -13.75
CA LEU G 374 -49.26 -15.57 -13.35
C LEU G 374 -50.19 -14.60 -14.05
N ARG G 375 -50.55 -14.90 -15.30
CA ARG G 375 -51.50 -14.16 -16.11
C ARG G 375 -52.08 -15.11 -17.15
N ASP G 376 -53.39 -15.07 -17.35
CA ASP G 376 -54.02 -15.97 -18.30
C ASP G 376 -55.33 -15.34 -18.74
N GLY G 377 -55.54 -15.25 -20.06
CA GLY G 377 -56.77 -14.68 -20.58
C GLY G 377 -58.03 -15.33 -20.00
N MET G 378 -58.02 -16.65 -19.86
CA MET G 378 -59.16 -17.34 -19.29
C MET G 378 -58.69 -18.55 -18.48
N ASN G 379 -58.12 -19.54 -19.18
CA ASN G 379 -57.62 -20.82 -18.71
C ASN G 379 -58.73 -21.86 -18.75
N LEU G 380 -58.82 -22.60 -19.86
CA LEU G 380 -59.85 -23.62 -19.99
C LEU G 380 -59.59 -24.82 -19.08
N VAL G 381 -58.32 -25.14 -18.80
CA VAL G 381 -58.00 -26.27 -17.94
C VAL G 381 -58.76 -26.15 -16.62
N ALA G 382 -58.79 -24.96 -16.03
CA ALA G 382 -59.56 -24.73 -14.80
C ALA G 382 -61.02 -25.15 -14.98
N LYS G 383 -61.64 -24.72 -16.09
CA LYS G 383 -63.03 -25.10 -16.32
C LYS G 383 -63.16 -26.58 -16.65
N GLU G 384 -62.18 -27.15 -17.35
CA GLU G 384 -62.24 -28.57 -17.68
C GLU G 384 -62.07 -29.42 -16.43
N TYR G 385 -61.19 -29.01 -15.51
CA TYR G 385 -60.97 -29.74 -14.27
C TYR G 385 -62.27 -29.85 -13.49
N VAL G 386 -62.96 -28.72 -13.30
CA VAL G 386 -64.22 -28.73 -12.55
C VAL G 386 -65.26 -29.61 -13.25
N SER G 387 -65.40 -29.43 -14.57
CA SER G 387 -66.42 -30.17 -15.32
C SER G 387 -66.21 -31.67 -15.23
N ALA G 388 -64.96 -32.12 -15.10
CA ALA G 388 -64.66 -33.54 -15.07
C ALA G 388 -65.04 -34.22 -13.76
N GLN G 389 -65.31 -33.45 -12.71
CA GLN G 389 -65.43 -34.04 -11.38
C GLN G 389 -66.67 -34.92 -11.25
N ASP G 390 -66.50 -35.98 -10.49
CA ASP G 390 -67.64 -36.81 -10.11
C ASP G 390 -68.43 -36.06 -9.04
N PRO G 391 -69.68 -35.67 -9.31
CA PRO G 391 -70.42 -34.87 -8.33
C PRO G 391 -70.60 -35.55 -6.98
N GLU G 392 -70.53 -36.88 -6.92
CA GLU G 392 -70.64 -37.59 -5.65
C GLU G 392 -69.36 -37.54 -4.83
N ASN G 393 -68.23 -37.17 -5.43
CA ASN G 393 -66.96 -37.07 -4.73
C ASN G 393 -66.03 -36.14 -5.50
N PRO G 394 -66.35 -34.85 -5.59
CA PRO G 394 -65.60 -33.95 -6.46
C PRO G 394 -64.34 -33.40 -5.80
N GLY G 395 -63.33 -33.15 -6.64
CA GLY G 395 -62.12 -32.51 -6.21
C GLY G 395 -62.29 -31.00 -6.04
N VAL G 396 -61.17 -30.35 -5.74
CA VAL G 396 -61.14 -28.92 -5.42
C VAL G 396 -60.20 -28.21 -6.38
N LEU G 397 -60.68 -27.12 -6.97
CA LEU G 397 -59.86 -26.29 -7.85
C LEU G 397 -59.15 -25.19 -7.05
N VAL G 398 -57.82 -25.17 -7.11
CA VAL G 398 -57.01 -24.05 -6.63
C VAL G 398 -56.63 -23.19 -7.84
N LEU G 399 -57.03 -21.92 -7.82
CA LEU G 399 -57.03 -21.08 -9.01
C LEU G 399 -56.38 -19.72 -8.73
N SER G 400 -55.45 -19.32 -9.60
CA SER G 400 -54.86 -17.99 -9.53
C SER G 400 -55.90 -16.90 -9.75
N ARG G 401 -55.83 -15.84 -8.93
CA ARG G 401 -56.72 -14.70 -9.13
CA ARG G 401 -56.71 -14.69 -9.13
C ARG G 401 -56.50 -14.04 -10.48
N PHE G 402 -55.40 -14.34 -11.16
CA PHE G 402 -55.06 -13.67 -12.41
C PHE G 402 -55.43 -14.47 -13.64
N ALA G 403 -56.03 -15.64 -13.47
CA ALA G 403 -56.65 -16.31 -14.59
C ALA G 403 -58.01 -15.66 -14.83
N GLY G 404 -58.33 -15.43 -16.10
CA GLY G 404 -59.64 -14.90 -16.43
C GLY G 404 -60.79 -15.69 -15.82
N ALA G 405 -60.60 -17.01 -15.67
CA ALA G 405 -61.69 -17.85 -15.17
C ALA G 405 -62.09 -17.49 -13.74
N ALA G 406 -61.20 -16.83 -12.99
CA ALA G 406 -61.49 -16.49 -11.60
C ALA G 406 -62.59 -15.45 -11.49
N GLN G 407 -62.78 -14.61 -12.51
CA GLN G 407 -63.92 -13.70 -12.52
C GLN G 407 -65.26 -14.43 -12.46
N GLU G 408 -65.33 -15.72 -12.78
CA GLU G 408 -66.61 -16.39 -12.72
CA GLU G 408 -66.55 -16.52 -12.87
C GLU G 408 -66.67 -17.61 -11.82
N LEU G 409 -65.54 -18.24 -11.45
CA LEU G 409 -65.55 -19.49 -10.68
C LEU G 409 -65.44 -19.20 -9.19
N ASP G 410 -66.58 -18.90 -8.59
CA ASP G 410 -66.62 -18.56 -7.17
C ASP G 410 -66.26 -19.73 -6.25
N GLY G 411 -66.43 -20.97 -6.71
CA GLY G 411 -66.17 -22.13 -5.88
C GLY G 411 -64.73 -22.57 -5.77
N ALA G 412 -63.81 -21.86 -6.40
CA ALA G 412 -62.40 -22.23 -6.31
C ALA G 412 -61.76 -21.61 -5.07
N LEU G 413 -60.67 -22.22 -4.63
CA LEU G 413 -59.77 -21.54 -3.70
C LEU G 413 -58.89 -20.60 -4.52
N ILE G 414 -59.15 -19.30 -4.39
CA ILE G 414 -58.40 -18.30 -5.15
C ILE G 414 -57.08 -17.99 -4.45
N VAL G 415 -56.01 -17.85 -5.22
CA VAL G 415 -54.68 -17.61 -4.67
C VAL G 415 -53.96 -16.54 -5.49
N ASN G 416 -52.95 -15.94 -4.89
CA ASN G 416 -52.01 -15.11 -5.60
C ASN G 416 -50.74 -15.92 -5.81
N PRO G 417 -50.35 -16.23 -7.04
CA PRO G 417 -49.19 -17.12 -7.25
C PRO G 417 -47.88 -16.61 -6.66
N VAL G 418 -47.75 -15.30 -6.41
CA VAL G 418 -46.52 -14.82 -5.78
C VAL G 418 -46.44 -15.23 -4.32
N ASP G 419 -47.56 -15.62 -3.72
CA ASP G 419 -47.64 -15.87 -2.28
C ASP G 419 -47.48 -17.38 -2.06
N ILE G 420 -46.22 -17.81 -1.88
CA ILE G 420 -45.91 -19.23 -1.77
C ILE G 420 -46.63 -19.85 -0.58
N ASP G 421 -46.61 -19.18 0.58
CA ASP G 421 -47.34 -19.70 1.74
C ASP G 421 -48.84 -19.78 1.44
N GLY G 422 -49.38 -18.74 0.82
CA GLY G 422 -50.80 -18.75 0.52
C GLY G 422 -51.18 -19.93 -0.36
N MET G 423 -50.35 -20.24 -1.34
CA MET G 423 -50.65 -21.36 -2.23
C MET G 423 -50.46 -22.70 -1.51
N ALA G 424 -49.44 -22.81 -0.65
CA ALA G 424 -49.29 -24.05 0.12
C ALA G 424 -50.47 -24.26 1.05
N GLU G 425 -50.99 -23.18 1.64
CA GLU G 425 -52.16 -23.27 2.50
C GLU G 425 -53.40 -23.66 1.72
N ALA G 426 -53.52 -23.21 0.47
CA ALA G 426 -54.67 -23.61 -0.34
C ALA G 426 -54.60 -25.08 -0.70
N LEU G 427 -53.41 -25.58 -1.05
CA LEU G 427 -53.23 -27.01 -1.29
C LEU G 427 -53.66 -27.82 -0.07
N ALA G 428 -53.23 -27.41 1.12
CA ALA G 428 -53.60 -28.16 2.33
C ALA G 428 -55.10 -28.12 2.54
N ARG G 429 -55.73 -26.96 2.35
CA ARG G 429 -57.17 -26.86 2.55
C ARG G 429 -57.91 -27.71 1.52
N ALA G 430 -57.44 -27.70 0.28
CA ALA G 430 -58.09 -28.49 -0.77
C ALA G 430 -58.01 -29.99 -0.47
N LEU G 431 -56.83 -30.47 -0.06
CA LEU G 431 -56.66 -31.89 0.20
C LEU G 431 -57.54 -32.39 1.34
N ASP G 432 -57.79 -31.57 2.36
CA ASP G 432 -58.54 -32.00 3.53
C ASP G 432 -60.00 -31.56 3.53
N MET G 433 -60.47 -30.91 2.46
CA MET G 433 -61.79 -30.30 2.51
C MET G 433 -62.88 -31.36 2.63
N PRO G 434 -63.87 -31.17 3.50
CA PRO G 434 -64.95 -32.15 3.64
C PRO G 434 -65.82 -32.23 2.39
N LEU G 435 -66.50 -33.36 2.26
CA LEU G 435 -67.28 -33.67 1.06
C LEU G 435 -68.36 -32.61 0.81
N ALA G 436 -69.09 -32.23 1.85
CA ALA G 436 -70.22 -31.31 1.66
C ALA G 436 -69.76 -30.00 1.04
N GLU G 437 -68.64 -29.46 1.53
CA GLU G 437 -68.10 -28.22 0.96
C GLU G 437 -67.57 -28.45 -0.45
N ARG G 438 -66.89 -29.59 -0.67
CA ARG G 438 -66.40 -29.87 -2.01
C ARG G 438 -67.54 -29.94 -3.00
N GLN G 439 -68.65 -30.57 -2.60
CA GLN G 439 -69.82 -30.68 -3.45
C GLN G 439 -70.50 -29.33 -3.64
N ALA G 440 -70.59 -28.53 -2.58
CA ALA G 440 -71.24 -27.23 -2.72
C ALA G 440 -70.45 -26.34 -3.69
N ARG G 441 -69.12 -26.40 -3.63
CA ARG G 441 -68.30 -25.62 -4.55
C ARG G 441 -68.44 -26.13 -5.97
N HIS G 442 -68.39 -27.45 -6.17
CA HIS G 442 -68.54 -28.01 -7.50
C HIS G 442 -69.90 -27.68 -8.08
N ARG G 443 -70.97 -27.86 -7.29
CA ARG G 443 -72.32 -27.57 -7.75
CA ARG G 443 -72.32 -27.57 -7.75
C ARG G 443 -72.44 -26.14 -8.26
N ASP G 444 -72.01 -25.17 -7.45
CA ASP G 444 -72.07 -23.77 -7.83
C ASP G 444 -71.35 -23.52 -9.15
N MET G 445 -70.16 -24.10 -9.31
CA MET G 445 -69.36 -23.80 -10.49
C MET G 445 -69.95 -24.45 -11.74
N MET G 446 -70.57 -25.63 -11.62
CA MET G 446 -71.15 -26.27 -12.79
C MET G 446 -72.32 -25.45 -13.34
N VAL G 447 -73.09 -24.80 -12.47
CA VAL G 447 -74.19 -23.97 -12.95
C VAL G 447 -73.64 -22.78 -13.74
N GLN G 448 -72.55 -22.18 -13.25
CA GLN G 448 -71.91 -21.07 -13.97
C GLN G 448 -71.34 -21.54 -15.32
N LEU G 449 -70.70 -22.71 -15.33
CA LEU G 449 -70.14 -23.21 -16.58
C LEU G 449 -71.24 -23.50 -17.62
N ARG G 450 -72.41 -23.98 -17.17
CA ARG G 450 -73.51 -24.21 -18.10
C ARG G 450 -74.11 -22.90 -18.58
N GLU G 451 -74.35 -21.97 -17.66
CA GLU G 451 -74.96 -20.69 -18.05
C GLU G 451 -74.05 -19.87 -18.97
N ASN G 452 -72.75 -20.14 -18.99
CA ASN G 452 -71.82 -19.47 -19.89
C ASN G 452 -70.99 -20.50 -20.64
N ASN G 453 -71.64 -21.51 -21.20
CA ASN G 453 -70.89 -22.47 -21.99
C ASN G 453 -70.49 -21.81 -23.31
N VAL G 454 -69.68 -22.52 -24.10
CA VAL G 454 -69.07 -21.90 -25.26
C VAL G 454 -70.09 -21.49 -26.32
N SER G 455 -71.30 -22.06 -26.31
CA SER G 455 -72.32 -21.60 -27.25
CA SER G 455 -72.35 -21.62 -27.22
C SER G 455 -72.82 -20.21 -26.88
N VAL G 456 -72.91 -19.90 -25.58
CA VAL G 456 -73.24 -18.55 -25.15
C VAL G 456 -72.25 -17.55 -25.73
N TRP G 457 -70.96 -17.84 -25.55
CA TRP G 457 -69.89 -16.98 -26.06
C TRP G 457 -70.00 -16.78 -27.57
N ARG G 458 -70.20 -17.87 -28.32
CA ARG G 458 -70.32 -17.75 -29.77
C ARG G 458 -71.58 -16.97 -30.17
N ASP G 459 -72.73 -17.36 -29.63
CA ASP G 459 -73.98 -16.70 -29.99
C ASP G 459 -73.98 -15.23 -29.58
N ASN G 460 -73.46 -14.91 -28.40
CA ASN G 460 -73.43 -13.52 -27.96
C ASN G 460 -72.53 -12.68 -28.86
N PHE G 461 -71.34 -13.18 -29.19
CA PHE G 461 -70.44 -12.41 -30.04
C PHE G 461 -71.02 -12.25 -31.45
N MET G 462 -71.54 -13.34 -32.01
CA MET G 462 -72.10 -13.29 -33.36
C MET G 462 -73.34 -12.39 -33.40
N ARG G 463 -74.13 -12.37 -32.33
CA ARG G 463 -75.26 -11.47 -32.26
C ARG G 463 -74.80 -10.02 -32.40
N ASP G 464 -73.87 -9.60 -31.53
CA ASP G 464 -73.44 -8.20 -31.53
C ASP G 464 -72.70 -7.85 -32.80
N LEU G 465 -71.95 -8.79 -33.38
CA LEU G 465 -71.23 -8.53 -34.61
C LEU G 465 -72.19 -8.25 -35.76
N GLN G 466 -73.32 -8.97 -35.81
CA GLN G 466 -74.29 -8.74 -36.88
C GLN G 466 -75.25 -7.60 -36.57
N GLY G 467 -75.26 -7.10 -35.34
CA GLY G 467 -76.08 -5.96 -34.99
C GLY G 467 -75.32 -4.64 -35.05
N ARG H 11 46.75 24.88 -34.32
CA ARG H 11 46.20 25.73 -33.27
C ARG H 11 45.84 24.93 -32.02
N LEU H 12 46.18 25.46 -30.85
CA LEU H 12 45.92 24.78 -29.58
C LEU H 12 44.54 25.14 -29.06
N ILE H 13 43.75 24.12 -28.74
CA ILE H 13 42.43 24.28 -28.15
C ILE H 13 42.49 23.72 -26.74
N ILE H 14 42.50 24.60 -25.75
CA ILE H 14 42.45 24.22 -24.34
C ILE H 14 40.99 24.08 -23.94
N VAL H 15 40.63 22.94 -23.35
CA VAL H 15 39.28 22.67 -22.87
C VAL H 15 39.36 22.44 -21.36
N SER H 16 38.60 23.23 -20.61
CA SER H 16 38.54 23.09 -19.16
C SER H 16 37.20 23.62 -18.69
N ASN H 17 36.80 23.19 -17.50
CA ASN H 17 35.54 23.69 -16.94
C ASN H 17 35.68 25.15 -16.51
N ARG H 18 36.66 25.44 -15.67
CA ARG H 18 36.88 26.80 -15.22
C ARG H 18 37.70 27.58 -16.25
N VAL H 19 37.22 28.78 -16.61
CA VAL H 19 37.87 29.65 -17.58
C VAL H 19 38.22 30.96 -16.89
N ALA H 20 39.49 31.37 -16.98
CA ALA H 20 39.98 32.52 -16.22
C ALA H 20 39.27 33.81 -16.64
N PRO H 21 39.21 34.80 -15.73
CA PRO H 21 38.53 36.07 -16.06
C PRO H 21 39.50 37.21 -16.22
N ILE H 22 40.56 37.01 -17.00
CA ILE H 22 41.71 37.90 -17.02
C ILE H 22 42.24 38.06 -15.60
N ALA H 29 40.04 32.14 -7.55
CA ALA H 29 41.18 31.43 -6.98
C ALA H 29 41.21 30.01 -7.52
N GLY H 30 42.42 29.45 -7.67
CA GLY H 30 42.56 28.11 -8.21
C GLY H 30 43.72 28.00 -9.20
N GLY H 31 44.50 26.93 -9.10
CA GLY H 31 45.73 26.83 -9.87
C GLY H 31 45.55 26.50 -11.34
N LEU H 32 44.44 25.85 -11.71
CA LEU H 32 44.22 25.48 -13.11
C LEU H 32 44.15 26.72 -13.99
N ALA H 33 43.27 27.66 -13.65
CA ALA H 33 43.13 28.88 -14.45
C ALA H 33 44.44 29.65 -14.52
N VAL H 34 45.12 29.79 -13.39
CA VAL H 34 46.38 30.54 -13.34
C VAL H 34 47.42 29.88 -14.24
N GLY H 35 47.62 28.58 -14.08
CA GLY H 35 48.64 27.89 -14.86
C GLY H 35 48.29 27.77 -16.32
N VAL H 36 47.03 27.46 -16.64
CA VAL H 36 46.63 27.32 -18.03
C VAL H 36 46.79 28.65 -18.76
N TYR H 37 46.37 29.75 -18.13
CA TYR H 37 46.57 31.06 -18.74
C TYR H 37 48.05 31.34 -18.97
N ASP H 38 48.88 31.09 -17.95
CA ASP H 38 50.32 31.30 -18.08
C ASP H 38 50.89 30.55 -19.29
N ALA H 39 50.34 29.37 -19.57
CA ALA H 39 50.80 28.59 -20.72
C ALA H 39 50.22 29.10 -22.03
N LEU H 40 48.98 29.61 -22.01
CA LEU H 40 48.31 30.02 -23.23
C LEU H 40 48.68 31.43 -23.67
N LYS H 41 49.09 32.30 -22.73
CA LYS H 41 49.47 33.66 -23.08
C LYS H 41 50.73 33.72 -23.94
N GLU H 42 51.48 32.62 -24.02
CA GLU H 42 52.73 32.60 -24.77
C GLU H 42 52.48 32.72 -26.27
N THR H 43 52.01 31.63 -26.90
CA THR H 43 51.80 31.59 -28.34
C THR H 43 50.35 31.79 -28.73
N GLY H 44 49.44 31.87 -27.77
CA GLY H 44 48.03 31.99 -28.08
C GLY H 44 47.37 30.65 -28.29
N GLY H 45 46.13 30.72 -28.76
CA GLY H 45 45.29 29.57 -28.99
C GLY H 45 43.86 29.87 -28.58
N MET H 46 43.10 28.80 -28.35
CA MET H 46 41.70 28.91 -27.95
C MET H 46 41.49 28.29 -26.58
N TRP H 47 40.69 28.95 -25.75
CA TRP H 47 40.32 28.44 -24.43
C TRP H 47 38.80 28.32 -24.39
N PHE H 48 38.30 27.08 -24.37
CA PHE H 48 36.88 26.77 -24.39
C PHE H 48 36.46 26.20 -23.04
N GLY H 49 35.33 26.67 -22.53
CA GLY H 49 34.80 26.09 -21.30
C GLY H 49 33.56 26.79 -20.79
N TRP H 50 33.34 26.66 -19.48
CA TRP H 50 32.16 27.20 -18.81
C TRP H 50 32.40 28.64 -18.42
N SER H 51 31.39 29.48 -18.66
CA SER H 51 31.46 30.91 -18.36
C SER H 51 31.45 31.19 -16.86
N GLY H 52 31.09 30.21 -16.04
CA GLY H 52 30.91 30.45 -14.63
C GLY H 52 29.50 30.84 -14.24
N ASP H 53 28.60 30.98 -15.21
CA ASP H 53 27.24 31.44 -14.97
C ASP H 53 26.26 30.29 -15.07
N VAL H 54 25.25 30.31 -14.19
CA VAL H 54 24.21 29.29 -14.14
C VAL H 54 22.88 29.96 -14.46
N LEU H 55 22.23 29.51 -15.52
CA LEU H 55 20.95 30.05 -15.95
C LEU H 55 19.80 29.22 -15.40
N SER H 56 18.81 29.91 -14.85
CA SER H 56 17.50 29.30 -14.61
C SER H 56 16.48 29.78 -15.64
N SER H 57 16.95 30.21 -16.82
CA SER H 57 16.08 30.71 -17.87
C SER H 57 16.71 30.45 -19.23
N GLY H 58 15.92 29.90 -20.14
CA GLY H 58 16.32 29.88 -21.54
C GLY H 58 17.39 28.85 -21.82
N GLN H 59 18.25 29.17 -22.79
CA GLN H 59 19.29 28.29 -23.29
C GLN H 59 20.62 29.03 -23.31
N PRO H 60 21.73 28.32 -23.12
CA PRO H 60 23.04 28.94 -23.30
C PRO H 60 23.46 28.95 -24.75
N GLN H 61 24.30 29.93 -25.09
CA GLN H 61 24.91 30.03 -26.41
C GLN H 61 26.38 30.38 -26.25
N ILE H 62 27.21 29.89 -27.18
CA ILE H 62 28.63 30.15 -27.09
C ILE H 62 28.90 31.63 -27.26
N LYS H 63 29.78 32.16 -26.42
CA LYS H 63 30.23 33.54 -26.51
C LYS H 63 31.70 33.51 -26.88
N VAL H 64 32.03 33.97 -28.10
CA VAL H 64 33.39 34.06 -28.59
C VAL H 64 33.88 35.49 -28.41
N GLU H 65 35.06 35.65 -27.81
CA GLU H 65 35.63 36.97 -27.57
C GLU H 65 37.15 36.87 -27.60
N GLU H 66 37.79 37.70 -28.42
CA GLU H 66 39.23 37.69 -28.54
C GLU H 66 39.84 38.65 -27.53
N ARG H 67 40.84 38.18 -26.78
CA ARG H 67 41.61 39.00 -25.84
C ARG H 67 43.08 38.72 -26.12
N GLY H 68 43.66 39.51 -27.02
CA GLY H 68 45.03 39.30 -27.45
C GLY H 68 45.16 38.06 -28.31
N PRO H 69 46.19 37.24 -28.04
CA PRO H 69 46.39 36.00 -28.80
C PRO H 69 45.50 34.85 -28.35
N VAL H 70 44.69 35.02 -27.31
CA VAL H 70 43.87 33.96 -26.75
C VAL H 70 42.41 34.21 -27.12
N THR H 71 41.76 33.19 -27.69
CA THR H 71 40.34 33.25 -28.05
C THR H 71 39.53 32.51 -26.99
N PHE H 72 38.78 33.25 -26.18
CA PHE H 72 37.89 32.65 -25.20
C PHE H 72 36.56 32.29 -25.86
N ALA H 73 36.07 31.08 -25.58
CA ALA H 73 34.77 30.62 -26.08
C ALA H 73 34.07 29.94 -24.91
N THR H 74 33.25 30.69 -24.21
CA THR H 74 32.61 30.22 -22.99
C THR H 74 31.11 30.08 -23.19
N ILE H 75 30.50 29.28 -22.34
CA ILE H 75 29.06 29.05 -22.38
C ILE H 75 28.57 28.75 -20.98
N ALA H 76 27.34 29.16 -20.69
CA ALA H 76 26.75 28.95 -19.38
C ALA H 76 26.21 27.53 -19.27
N LEU H 77 25.82 27.16 -18.05
CA LEU H 77 25.21 25.87 -17.76
C LEU H 77 23.78 26.08 -17.28
N MET H 78 22.89 25.18 -17.70
CA MET H 78 21.56 25.09 -17.09
C MET H 78 21.68 24.61 -15.65
N ARG H 79 20.68 24.99 -14.84
CA ARG H 79 20.71 24.67 -13.41
C ARG H 79 20.80 23.16 -13.19
N ARG H 80 19.98 22.37 -13.88
CA ARG H 80 20.04 20.92 -13.74
C ARG H 80 21.40 20.39 -14.14
N ASP H 81 22.00 20.96 -15.19
CA ASP H 81 23.30 20.51 -15.65
C ASP H 81 24.40 20.89 -14.65
N TYR H 82 24.38 22.14 -14.17
CA TYR H 82 25.25 22.57 -13.08
C TYR H 82 25.09 21.66 -11.86
N ASP H 83 23.85 21.37 -11.49
CA ASP H 83 23.61 20.56 -10.29
C ASP H 83 24.14 19.14 -10.46
N GLN H 84 23.91 18.54 -11.63
CA GLN H 84 24.28 17.14 -11.82
C GLN H 84 25.76 16.96 -12.14
N TYR H 85 26.29 17.80 -13.03
CA TYR H 85 27.63 17.62 -13.56
C TYR H 85 28.70 18.28 -12.70
N TYR H 86 28.47 19.51 -12.23
CA TYR H 86 29.49 20.24 -11.46
C TYR H 86 29.34 20.01 -9.95
N ARG H 87 28.19 20.34 -9.38
CA ARG H 87 28.01 20.14 -7.94
C ARG H 87 27.91 18.66 -7.58
N GLY H 88 27.34 17.85 -8.46
CA GLY H 88 27.14 16.44 -8.18
C GLY H 88 28.36 15.60 -8.46
N PHE H 89 28.47 15.02 -9.67
CA PHE H 89 29.50 14.02 -9.85
C PHE H 89 30.90 14.59 -9.74
N SER H 90 31.17 15.76 -10.34
CA SER H 90 32.53 16.31 -10.31
C SER H 90 32.99 16.59 -8.88
N ASN H 91 32.24 17.41 -8.14
CA ASN H 91 32.73 17.87 -6.86
C ASN H 91 32.18 17.12 -5.66
N ALA H 92 31.12 16.33 -5.81
CA ALA H 92 30.65 15.51 -4.70
C ALA H 92 31.15 14.07 -4.77
N THR H 93 31.61 13.61 -5.93
CA THR H 93 32.16 12.26 -6.04
C THR H 93 33.65 12.28 -6.38
N LEU H 94 34.04 12.84 -7.52
CA LEU H 94 35.42 12.72 -7.97
C LEU H 94 36.37 13.52 -7.07
N TRP H 95 36.03 14.78 -6.78
CA TRP H 95 36.95 15.59 -5.97
C TRP H 95 37.25 14.94 -4.62
N PRO H 96 36.28 14.57 -3.79
CA PRO H 96 36.64 13.90 -2.53
C PRO H 96 37.33 12.57 -2.75
N ALA H 97 36.87 11.75 -3.71
CA ALA H 97 37.47 10.44 -3.91
C ALA H 97 38.93 10.56 -4.34
N PHE H 98 39.22 11.46 -5.29
CA PHE H 98 40.60 11.60 -5.76
C PHE H 98 41.48 12.26 -4.72
N HIS H 99 40.91 12.99 -3.75
CA HIS H 99 41.68 13.52 -2.64
C HIS H 99 41.62 12.63 -1.41
N TYR H 100 41.37 11.34 -1.60
CA TYR H 100 41.45 10.35 -0.53
C TYR H 100 40.48 10.65 0.61
N ARG H 101 39.29 11.14 0.28
CA ARG H 101 38.24 11.40 1.27
C ARG H 101 36.99 10.60 0.90
N ALA H 102 37.09 9.27 0.97
CA ALA H 102 35.93 8.43 0.70
C ALA H 102 34.78 8.72 1.67
N ASP H 103 35.08 9.25 2.85
CA ASP H 103 34.03 9.57 3.82
C ASP H 103 33.15 10.71 3.35
N LEU H 104 33.69 11.62 2.55
CA LEU H 104 32.92 12.73 2.01
C LEU H 104 32.34 12.42 0.65
N LEU H 105 32.74 11.31 0.04
CA LEU H 105 32.22 10.93 -1.26
C LEU H 105 30.72 10.72 -1.16
N GLN H 106 29.98 11.37 -2.03
CA GLN H 106 28.59 11.01 -2.26
C GLN H 106 28.45 10.58 -3.70
N TYR H 107 27.50 9.71 -3.96
CA TYR H 107 27.32 9.19 -5.30
C TYR H 107 25.83 9.12 -5.59
N ASP H 108 25.44 9.64 -6.75
CA ASP H 108 24.07 9.50 -7.23
CA ASP H 108 24.06 9.51 -7.23
C ASP H 108 24.14 9.16 -8.71
N ARG H 109 23.55 8.03 -9.08
CA ARG H 109 23.66 7.54 -10.44
C ARG H 109 23.07 8.55 -11.44
N HIS H 110 21.97 9.20 -11.06
CA HIS H 110 21.35 10.21 -11.90
C HIS H 110 22.30 11.37 -12.17
N ASP H 111 23.09 11.74 -11.16
CA ASP H 111 24.06 12.82 -11.34
C ASP H 111 25.22 12.37 -12.23
N PHE H 112 25.66 11.12 -12.06
CA PHE H 112 26.71 10.58 -12.93
C PHE H 112 26.26 10.54 -14.38
N GLU H 113 25.00 10.15 -14.62
CA GLU H 113 24.49 10.16 -15.99
C GLU H 113 24.40 11.59 -16.52
N GLY H 114 24.04 12.54 -15.65
CA GLY H 114 24.08 13.94 -16.06
C GLY H 114 25.49 14.42 -16.36
N TYR H 115 26.45 14.00 -15.54
CA TYR H 115 27.86 14.30 -15.82
C TYR H 115 28.30 13.77 -17.19
N TRP H 116 27.87 12.55 -17.54
CA TRP H 116 28.17 12.02 -18.87
C TRP H 116 27.47 12.82 -19.95
N ARG H 117 26.19 13.16 -19.74
CA ARG H 117 25.43 13.91 -20.73
C ARG H 117 26.03 15.30 -20.96
N VAL H 118 26.40 16.00 -19.89
CA VAL H 118 26.93 17.35 -20.03
C VAL H 118 28.25 17.34 -20.77
N ASN H 119 29.09 16.32 -20.53
CA ASN H 119 30.32 16.19 -21.29
C ASN H 119 30.04 16.06 -22.79
N ALA H 120 29.04 15.25 -23.16
CA ALA H 120 28.71 15.11 -24.58
C ALA H 120 28.15 16.40 -25.15
N TRP H 121 27.35 17.13 -24.36
CA TRP H 121 26.77 18.38 -24.83
C TRP H 121 27.86 19.45 -25.03
N LEU H 122 28.76 19.58 -24.06
CA LEU H 122 29.90 20.50 -24.20
C LEU H 122 30.71 20.18 -25.45
N ALA H 123 30.92 18.90 -25.72
CA ALA H 123 31.64 18.51 -26.92
C ALA H 123 30.92 19.03 -28.17
N GLN H 124 29.59 18.88 -28.21
CA GLN H 124 28.83 19.31 -29.39
C GLN H 124 28.94 20.82 -29.59
N GLN H 125 29.11 21.59 -28.51
CA GLN H 125 29.30 23.03 -28.65
C GLN H 125 30.67 23.37 -29.23
N LEU H 126 31.65 22.48 -29.09
CA LEU H 126 32.99 22.73 -29.59
C LEU H 126 33.20 22.19 -30.99
N VAL H 127 32.39 21.23 -31.44
CA VAL H 127 32.52 20.70 -32.78
C VAL H 127 32.57 21.79 -33.85
N PRO H 128 31.63 22.75 -33.92
CA PRO H 128 31.66 23.71 -35.03
C PRO H 128 32.86 24.64 -35.04
N LEU H 129 33.68 24.65 -33.99
CA LEU H 129 34.77 25.60 -33.86
C LEU H 129 36.14 25.01 -34.17
N LEU H 130 36.22 23.70 -34.39
CA LEU H 130 37.51 23.05 -34.59
C LEU H 130 37.92 23.08 -36.06
N ARG H 131 39.24 23.13 -36.28
CA ARG H 131 39.84 22.91 -37.58
C ARG H 131 40.57 21.58 -37.59
N GLU H 132 40.71 20.98 -38.77
CA GLU H 132 41.20 19.60 -38.88
C GLU H 132 42.55 19.41 -38.23
N ASP H 133 43.40 20.44 -38.23
CA ASP H 133 44.75 20.37 -37.70
C ASP H 133 44.85 20.92 -36.28
N ASP H 134 43.74 21.34 -35.68
CA ASP H 134 43.77 21.78 -34.29
C ASP H 134 44.24 20.64 -33.39
N VAL H 135 44.86 21.02 -32.28
CA VAL H 135 45.26 20.09 -31.23
C VAL H 135 44.44 20.43 -29.99
N ILE H 136 43.76 19.42 -29.45
CA ILE H 136 42.83 19.60 -28.33
C ILE H 136 43.49 19.10 -27.06
N TRP H 137 43.55 19.96 -26.05
CA TRP H 137 44.12 19.62 -24.75
C TRP H 137 43.05 19.82 -23.69
N VAL H 138 42.59 18.73 -23.11
CA VAL H 138 41.50 18.73 -22.14
C VAL H 138 42.09 18.73 -20.74
N HIS H 139 41.51 19.51 -19.83
CA HIS H 139 42.06 19.70 -18.50
C HIS H 139 41.08 19.31 -17.41
N ASP H 140 41.46 18.31 -16.62
CA ASP H 140 40.98 18.01 -15.26
C ASP H 140 39.69 17.20 -15.20
N TYR H 141 39.28 16.89 -13.96
CA TYR H 141 38.43 15.74 -13.68
C TYR H 141 36.99 15.92 -14.17
N HIS H 142 36.54 17.16 -14.37
CA HIS H 142 35.20 17.38 -14.89
C HIS H 142 35.01 16.74 -16.25
N LEU H 143 36.08 16.58 -17.00
CA LEU H 143 36.01 16.32 -18.44
C LEU H 143 36.68 15.00 -18.80
N ILE H 144 36.69 14.04 -17.87
CA ILE H 144 37.17 12.69 -18.16
C ILE H 144 36.47 12.10 -19.39
N PRO H 145 35.14 12.20 -19.54
CA PRO H 145 34.50 11.64 -20.75
C PRO H 145 34.67 12.44 -22.03
N PHE H 146 35.51 13.48 -22.07
CA PHE H 146 35.45 14.41 -23.20
C PHE H 146 35.99 13.80 -24.48
N ALA H 147 37.14 13.12 -24.42
CA ALA H 147 37.71 12.54 -25.63
C ALA H 147 36.77 11.53 -26.24
N GLN H 148 36.20 10.66 -25.40
CA GLN H 148 35.22 9.67 -25.84
C GLN H 148 34.07 10.33 -26.58
N ALA H 149 33.55 11.44 -26.03
CA ALA H 149 32.43 12.13 -26.66
C ALA H 149 32.84 12.76 -27.99
N LEU H 150 34.02 13.39 -28.04
CA LEU H 150 34.48 13.99 -29.29
C LEU H 150 34.55 12.95 -30.41
N ARG H 151 35.15 11.79 -30.12
CA ARG H 151 35.31 10.75 -31.13
C ARG H 151 33.96 10.30 -31.70
N ALA H 152 33.01 10.01 -30.81
CA ALA H 152 31.67 9.64 -31.27
C ALA H 152 31.05 10.72 -32.17
N ALA H 153 31.52 11.96 -32.06
CA ALA H 153 31.06 13.07 -32.89
C ALA H 153 31.90 13.27 -34.14
N GLY H 154 32.77 12.32 -34.48
CA GLY H 154 33.55 12.37 -35.70
C GLY H 154 34.85 13.15 -35.61
N VAL H 155 35.22 13.64 -34.43
CA VAL H 155 36.46 14.39 -34.28
C VAL H 155 37.64 13.43 -34.42
N LYS H 156 38.58 13.77 -35.30
CA LYS H 156 39.77 12.97 -35.52
C LYS H 156 41.05 13.66 -35.08
N ASN H 157 40.95 14.88 -34.56
CA ASN H 157 42.11 15.59 -34.06
C ASN H 157 42.80 14.81 -32.94
N ARG H 158 44.06 15.16 -32.71
CA ARG H 158 44.79 14.64 -31.56
C ARG H 158 44.21 15.23 -30.27
N ILE H 159 43.92 14.38 -29.29
CA ILE H 159 43.29 14.79 -28.04
C ILE H 159 44.18 14.36 -26.88
N GLY H 160 44.52 15.30 -26.02
CA GLY H 160 45.26 15.01 -24.81
C GLY H 160 44.48 15.39 -23.56
N PHE H 161 44.81 14.77 -22.43
CA PHE H 161 44.19 15.04 -21.14
C PHE H 161 45.27 15.22 -20.09
N PHE H 162 45.09 16.24 -19.25
CA PHE H 162 45.96 16.43 -18.10
C PHE H 162 45.11 16.52 -16.85
N LEU H 163 45.43 15.70 -15.86
CA LEU H 163 44.72 15.70 -14.58
C LEU H 163 45.48 16.59 -13.59
N HIS H 164 44.82 17.64 -13.09
CA HIS H 164 45.46 18.55 -12.17
C HIS H 164 45.44 18.06 -10.74
N ILE H 165 44.42 17.29 -10.36
CA ILE H 165 44.30 16.75 -9.02
C ILE H 165 45.00 15.39 -8.98
N PRO H 166 45.23 14.80 -7.81
CA PRO H 166 45.93 13.51 -7.79
C PRO H 166 45.10 12.41 -8.44
N PHE H 167 45.80 11.40 -8.96
CA PHE H 167 45.14 10.18 -9.34
C PHE H 167 45.22 9.20 -8.18
N PRO H 168 44.09 8.80 -7.59
CA PRO H 168 44.17 8.02 -6.35
C PRO H 168 44.64 6.60 -6.60
N ALA H 169 45.22 6.01 -5.56
CA ALA H 169 45.50 4.58 -5.55
C ALA H 169 44.30 3.80 -6.05
N SER H 170 44.56 2.75 -6.83
CA SER H 170 43.47 2.00 -7.45
C SER H 170 42.50 1.42 -6.42
N GLN H 171 42.99 1.02 -5.24
CA GLN H 171 42.09 0.54 -4.21
C GLN H 171 41.15 1.63 -3.75
N VAL H 172 41.61 2.88 -3.80
CA VAL H 172 40.78 4.03 -3.43
C VAL H 172 39.81 4.37 -4.55
N LEU H 173 40.27 4.27 -5.80
CA LEU H 173 39.41 4.58 -6.94
C LEU H 173 38.23 3.62 -7.01
N LEU H 174 38.38 2.41 -6.49
CA LEU H 174 37.28 1.45 -6.51
C LEU H 174 36.07 1.92 -5.71
N ALA H 175 36.24 2.90 -4.80
CA ALA H 175 35.08 3.42 -4.07
C ALA H 175 34.13 4.19 -4.97
N VAL H 176 34.64 4.74 -6.07
CA VAL H 176 33.82 5.40 -7.10
C VAL H 176 33.12 4.32 -7.92
N PRO H 177 31.81 4.16 -7.80
CA PRO H 177 31.15 3.01 -8.43
C PRO H 177 31.41 2.91 -9.92
N PRO H 178 31.34 4.02 -10.69
CA PRO H 178 31.63 3.88 -12.13
C PRO H 178 33.10 4.01 -12.50
N HIS H 179 34.00 3.49 -11.64
CA HIS H 179 35.43 3.61 -11.89
C HIS H 179 35.84 3.02 -13.24
N ARG H 180 35.25 1.88 -13.64
CA ARG H 180 35.65 1.27 -14.90
CA ARG H 180 35.66 1.27 -14.91
C ARG H 180 35.27 2.15 -16.09
N GLU H 181 34.05 2.70 -16.08
CA GLU H 181 33.63 3.57 -17.17
C GLU H 181 34.52 4.81 -17.26
N LEU H 182 34.96 5.32 -16.11
CA LEU H 182 35.84 6.49 -16.10
C LEU H 182 37.19 6.16 -16.72
N VAL H 183 37.83 5.09 -16.26
CA VAL H 183 39.13 4.75 -16.80
C VAL H 183 39.03 4.36 -18.26
N GLU H 184 37.93 3.74 -18.67
CA GLU H 184 37.76 3.43 -20.09
C GLU H 184 37.69 4.72 -20.91
N ALA H 185 36.94 5.70 -20.42
CA ALA H 185 36.86 6.99 -21.10
C ALA H 185 38.22 7.66 -21.21
N LEU H 186 39.04 7.55 -20.15
CA LEU H 186 40.39 8.08 -20.19
C LEU H 186 41.20 7.46 -21.31
N CYS H 187 40.92 6.21 -21.65
CA CYS H 187 41.71 5.56 -22.68
C CYS H 187 41.31 5.96 -24.08
N SER H 188 40.31 6.84 -24.25
CA SER H 188 40.03 7.42 -25.55
C SER H 188 40.98 8.56 -25.89
N PHE H 189 41.67 9.13 -24.91
CA PHE H 189 42.68 10.15 -25.20
C PHE H 189 43.90 9.52 -25.86
N ASP H 190 44.63 10.33 -26.65
CA ASP H 190 45.87 9.83 -27.22
C ASP H 190 47.02 9.93 -26.23
N LEU H 191 46.95 10.88 -25.30
CA LEU H 191 47.94 11.03 -24.26
C LEU H 191 47.27 11.46 -22.97
N LEU H 192 47.67 10.83 -21.87
CA LEU H 192 47.24 11.20 -20.53
C LEU H 192 48.42 11.79 -19.77
N GLY H 193 48.20 12.91 -19.12
CA GLY H 193 49.21 13.54 -18.29
C GLY H 193 48.75 13.59 -16.84
N PHE H 194 49.65 13.24 -15.93
CA PHE H 194 49.41 13.35 -14.51
C PHE H 194 50.46 14.27 -13.91
N GLN H 195 50.21 14.70 -12.67
CA GLN H 195 51.10 15.68 -12.05
C GLN H 195 52.44 15.05 -11.68
N THR H 196 52.42 13.90 -11.01
CA THR H 196 53.62 13.34 -10.42
C THR H 196 53.73 11.85 -10.74
N ALA H 197 54.92 11.30 -10.45
CA ALA H 197 55.13 9.89 -10.69
C ALA H 197 54.21 8.99 -9.88
N PRO H 198 53.92 9.24 -8.60
CA PRO H 198 52.93 8.39 -7.91
C PRO H 198 51.55 8.45 -8.56
N ASP H 199 51.18 9.56 -9.20
CA ASP H 199 49.88 9.62 -9.86
C ASP H 199 49.85 8.67 -11.05
N LEU H 200 50.91 8.71 -11.87
CA LEU H 200 51.05 7.81 -13.01
C LEU H 200 51.07 6.35 -12.55
N ARG H 201 51.81 6.05 -11.47
CA ARG H 201 51.88 4.68 -10.98
CA ARG H 201 51.88 4.68 -10.98
C ARG H 201 50.51 4.19 -10.53
N ALA H 202 49.71 5.06 -9.90
CA ALA H 202 48.40 4.65 -9.45
C ALA H 202 47.48 4.33 -10.63
N PHE H 203 47.56 5.13 -11.69
CA PHE H 203 46.82 4.83 -12.92
C PHE H 203 47.25 3.49 -13.51
N CYS H 204 48.56 3.28 -13.65
CA CYS H 204 49.04 2.01 -14.21
C CYS H 204 48.61 0.85 -13.32
N ASP H 205 48.58 1.08 -12.01
CA ASP H 205 48.13 0.06 -11.07
C ASP H 205 46.69 -0.36 -11.35
N TYR H 206 45.81 0.60 -11.62
CA TYR H 206 44.44 0.26 -11.98
C TYR H 206 44.41 -0.53 -13.29
N ILE H 207 45.11 -0.02 -14.31
CA ILE H 207 45.11 -0.67 -15.63
C ILE H 207 45.50 -2.13 -15.50
N VAL H 208 46.58 -2.41 -14.78
CA VAL H 208 47.12 -3.76 -14.74
C VAL H 208 46.26 -4.66 -13.86
N ASN H 209 45.95 -4.23 -12.65
CA ASN H 209 45.32 -5.12 -11.67
C ASN H 209 43.80 -5.03 -11.64
N GLU H 210 43.19 -4.01 -12.26
CA GLU H 210 41.75 -3.90 -12.27
C GLU H 210 41.12 -3.91 -13.66
N ALA H 211 41.87 -3.56 -14.70
CA ALA H 211 41.33 -3.48 -16.05
C ALA H 211 41.92 -4.54 -16.98
N ASN H 212 42.81 -5.39 -16.49
CA ASN H 212 43.45 -6.44 -17.28
C ASN H 212 44.22 -5.88 -18.47
N GLY H 213 44.73 -4.65 -18.33
CA GLY H 213 45.56 -4.04 -19.35
C GLY H 213 47.04 -4.18 -19.04
N THR H 214 47.85 -3.49 -19.83
CA THR H 214 49.29 -3.47 -19.63
C THR H 214 49.80 -2.04 -19.70
N ALA H 215 50.98 -1.83 -19.13
CA ALA H 215 51.70 -0.56 -19.21
C ALA H 215 53.17 -0.89 -19.37
N ASP H 216 53.82 -0.27 -20.36
CA ASP H 216 55.20 -0.60 -20.65
C ASP H 216 56.01 0.69 -20.80
N PRO H 217 57.24 0.70 -20.28
CA PRO H 217 58.14 1.82 -20.56
C PRO H 217 58.41 1.92 -22.06
N SER H 218 58.58 3.15 -22.54
CA SER H 218 58.89 3.40 -23.94
C SER H 218 60.07 4.35 -24.02
N ALA H 219 60.98 4.08 -24.96
CA ALA H 219 62.25 4.79 -25.04
C ALA H 219 62.07 6.30 -25.17
N SER H 220 60.94 6.74 -25.73
CA SER H 220 60.71 8.18 -25.88
C SER H 220 60.57 8.84 -24.51
N GLY H 221 59.80 8.25 -23.61
CA GLY H 221 59.51 8.84 -22.34
C GLY H 221 58.20 8.34 -21.75
N PRO H 222 57.08 8.66 -22.38
CA PRO H 222 55.80 8.18 -21.87
C PRO H 222 55.72 6.66 -21.97
N LEU H 223 54.85 6.09 -21.14
CA LEU H 223 54.56 4.67 -21.22
C LEU H 223 53.54 4.40 -22.30
N THR H 224 53.51 3.17 -22.77
CA THR H 224 52.47 2.72 -23.69
C THR H 224 51.42 1.97 -22.90
N ILE H 225 50.18 2.42 -22.99
CA ILE H 225 49.05 1.79 -22.30
C ILE H 225 48.24 0.99 -23.31
N HIS H 226 47.96 -0.26 -22.98
CA HIS H 226 47.07 -1.12 -23.76
C HIS H 226 45.94 -1.55 -22.84
N ALA H 227 44.72 -1.11 -23.14
CA ALA H 227 43.59 -1.43 -22.28
C ALA H 227 42.29 -1.08 -23.00
N PHE H 228 41.25 -1.86 -22.71
CA PHE H 228 39.91 -1.65 -23.26
C PHE H 228 39.92 -1.65 -24.79
N GLY H 229 40.88 -2.37 -25.38
CA GLY H 229 41.04 -2.42 -26.82
C GLY H 229 41.70 -1.19 -27.43
N ARG H 230 41.94 -0.14 -26.66
CA ARG H 230 42.59 1.06 -27.15
C ARG H 230 44.09 0.99 -26.87
N THR H 231 44.85 1.87 -27.55
CA THR H 231 46.27 2.06 -27.32
C THR H 231 46.54 3.55 -27.17
N LEU H 232 47.29 3.92 -26.13
CA LEU H 232 47.61 5.33 -25.87
C LEU H 232 48.88 5.40 -25.05
N ARG H 233 49.27 6.63 -24.70
CA ARG H 233 50.46 6.83 -23.88
C ARG H 233 50.12 7.67 -22.66
N ALA H 234 50.93 7.52 -21.62
CA ALA H 234 50.69 8.25 -20.37
C ALA H 234 52.03 8.61 -19.74
N ALA H 235 52.06 9.75 -19.04
CA ALA H 235 53.28 10.21 -18.39
C ALA H 235 52.93 11.30 -17.39
N ALA H 236 53.93 11.70 -16.62
CA ALA H 236 53.79 12.72 -15.58
C ALA H 236 54.45 14.01 -16.04
N TYR H 237 53.73 15.12 -15.91
CA TYR H 237 54.21 16.45 -16.28
C TYR H 237 53.86 17.40 -15.15
N PRO H 238 54.78 17.66 -14.21
CA PRO H 238 54.44 18.50 -13.06
C PRO H 238 54.28 19.95 -13.48
N ILE H 239 53.12 20.53 -13.18
CA ILE H 239 52.85 21.89 -13.59
C ILE H 239 53.68 22.84 -12.75
N GLY H 240 54.20 23.88 -13.38
CA GLY H 240 55.06 24.81 -12.69
C GLY H 240 54.57 26.24 -12.74
N VAL H 241 55.48 27.18 -12.50
CA VAL H 241 55.18 28.60 -12.48
C VAL H 241 56.26 29.33 -13.27
N TYR H 242 56.14 30.65 -13.34
CA TYR H 242 57.20 31.50 -13.88
C TYR H 242 57.89 32.17 -12.70
N PRO H 243 58.95 31.55 -12.18
CA PRO H 243 59.44 31.94 -10.84
C PRO H 243 60.09 33.31 -10.79
N ASP H 244 60.86 33.69 -11.81
CA ASP H 244 61.46 35.02 -11.77
C ASP H 244 60.44 36.10 -12.08
N GLU H 245 59.39 35.77 -12.83
CA GLU H 245 58.30 36.72 -13.00
C GLU H 245 57.59 36.98 -11.68
N ILE H 246 57.40 35.92 -10.87
CA ILE H 246 56.77 36.11 -9.57
C ILE H 246 57.69 36.88 -8.64
N ALA H 247 58.99 36.57 -8.65
CA ALA H 247 59.94 37.31 -7.83
C ALA H 247 59.89 38.81 -8.13
N GLU H 248 59.86 39.18 -9.41
CA GLU H 248 59.79 40.58 -9.78
C GLU H 248 58.47 41.20 -9.34
N LEU H 249 57.37 40.46 -9.50
CA LEU H 249 56.06 40.96 -9.09
C LEU H 249 56.01 41.19 -7.58
N ALA H 250 56.55 40.25 -6.80
CA ALA H 250 56.58 40.42 -5.35
C ALA H 250 57.41 41.63 -4.96
N LYS H 251 58.57 41.79 -5.61
CA LYS H 251 59.42 42.94 -5.34
C LYS H 251 58.73 44.24 -5.76
N ALA H 252 57.97 44.21 -6.85
CA ALA H 252 57.28 45.42 -7.30
C ALA H 252 56.26 45.90 -6.27
N GLY H 253 55.78 45.01 -5.39
CA GLY H 253 54.85 45.40 -4.36
C GLY H 253 55.46 45.69 -2.99
N GLU H 254 56.79 45.78 -2.89
CA GLU H 254 57.41 45.87 -1.57
C GLU H 254 57.10 47.18 -0.84
N ARG H 255 56.70 48.22 -1.55
CA ARG H 255 56.30 49.47 -0.92
C ARG H 255 54.82 49.78 -1.11
N GLY H 256 54.02 48.80 -1.55
CA GLY H 256 52.60 49.01 -1.75
C GLY H 256 51.81 48.97 -0.46
N LYS H 257 50.55 49.39 -0.56
CA LYS H 257 49.71 49.55 0.63
C LYS H 257 49.44 48.24 1.37
N PRO H 258 49.16 47.11 0.67
CA PRO H 258 48.96 45.86 1.45
C PRO H 258 50.17 45.47 2.28
N VAL H 259 51.37 45.48 1.68
CA VAL H 259 52.58 45.14 2.43
C VAL H 259 52.81 46.16 3.55
N ARG H 260 52.63 47.45 3.25
CA ARG H 260 52.84 48.48 4.27
C ARG H 260 51.86 48.32 5.43
N THR H 261 50.57 48.07 5.14
CA THR H 261 49.63 47.93 6.25
C THR H 261 49.90 46.65 7.04
N MET H 262 50.30 45.58 6.36
CA MET H 262 50.61 44.33 7.05
C MET H 262 51.82 44.50 7.96
N LYS H 263 52.88 45.13 7.45
CA LYS H 263 54.04 45.44 8.29
C LYS H 263 53.63 46.24 9.52
N ALA H 264 52.77 47.25 9.33
CA ALA H 264 52.32 48.08 10.45
C ALA H 264 51.63 47.25 11.52
N THR H 265 50.70 46.38 11.13
CA THR H 265 49.92 45.60 12.08
CA THR H 265 49.95 45.65 12.14
C THR H 265 50.78 44.59 12.83
N LEU H 266 51.79 44.04 12.15
CA LEU H 266 52.63 43.03 12.79
C LEU H 266 53.46 43.61 13.92
N HIS H 267 53.90 44.86 13.79
CA HIS H 267 54.69 45.56 14.81
C HIS H 267 55.87 44.70 15.26
N SER H 268 56.67 44.29 14.27
CA SER H 268 57.90 43.49 14.39
C SER H 268 57.65 41.99 14.63
N ARG H 269 56.41 41.54 14.87
CA ARG H 269 56.18 40.11 15.02
C ARG H 269 56.45 39.40 13.69
N LYS H 270 56.95 38.17 13.78
CA LYS H 270 57.13 37.35 12.58
C LYS H 270 55.80 36.88 12.02
N LEU H 271 55.77 36.66 10.71
CA LEU H 271 54.55 36.35 9.97
C LEU H 271 54.61 34.95 9.38
N ILE H 272 53.67 34.10 9.80
CA ILE H 272 53.35 32.84 9.12
C ILE H 272 52.19 33.12 8.17
N MET H 273 52.33 32.73 6.91
CA MET H 273 51.29 33.04 5.95
C MET H 273 50.84 31.79 5.22
N SER H 274 49.53 31.67 5.05
CA SER H 274 48.90 30.63 4.26
C SER H 274 47.88 31.25 3.32
N VAL H 275 47.73 30.64 2.14
CA VAL H 275 46.71 31.04 1.17
C VAL H 275 46.10 29.76 0.58
N ASP H 276 44.82 29.52 0.84
CA ASP H 276 44.13 28.32 0.38
C ASP H 276 42.67 28.62 0.14
N ARG H 277 42.13 28.19 -0.99
CA ARG H 277 40.69 27.95 -1.05
C ARG H 277 40.27 27.18 0.20
N LEU H 278 39.14 27.57 0.79
CA LEU H 278 38.70 26.92 2.02
C LEU H 278 38.07 25.57 1.65
N ASP H 279 38.95 24.63 1.31
CA ASP H 279 38.60 23.31 0.80
C ASP H 279 39.06 22.28 1.82
N TYR H 280 38.28 21.20 2.00
CA TYR H 280 38.69 20.20 2.97
C TYR H 280 39.98 19.51 2.57
N SER H 281 40.35 19.55 1.29
CA SER H 281 41.61 18.98 0.85
C SER H 281 42.83 19.69 1.45
N LYS H 282 42.67 20.92 1.96
CA LYS H 282 43.82 21.75 2.28
C LYS H 282 44.32 21.58 3.72
N GLY H 283 43.74 20.67 4.50
CA GLY H 283 44.20 20.41 5.87
C GLY H 283 44.24 21.61 6.79
N LEU H 284 43.23 22.47 6.71
CA LEU H 284 43.26 23.74 7.45
C LEU H 284 43.00 23.57 8.94
N VAL H 285 42.19 22.60 9.35
CA VAL H 285 42.01 22.35 10.79
C VAL H 285 43.31 21.87 11.41
N GLU H 286 43.96 20.87 10.79
CA GLU H 286 45.24 20.37 11.30
C GLU H 286 46.27 21.49 11.35
N ARG H 287 46.25 22.36 10.34
CA ARG H 287 47.18 23.46 10.25
C ARG H 287 47.00 24.45 11.39
N PHE H 288 45.74 24.81 11.69
CA PHE H 288 45.48 25.68 12.83
C PHE H 288 45.87 24.99 14.14
N ARG H 289 45.58 23.69 14.27
CA ARG H 289 45.90 23.00 15.53
C ARG H 289 47.40 22.93 15.79
N ALA H 290 48.22 22.87 14.75
CA ALA H 290 49.67 22.84 14.97
C ALA H 290 50.20 24.23 15.35
N PHE H 291 49.64 25.29 14.80
CA PHE H 291 49.99 26.63 15.28
C PHE H 291 49.60 26.81 16.74
N GLU H 292 48.40 26.35 17.10
CA GLU H 292 47.99 26.32 18.51
C GLU H 292 48.97 25.51 19.37
N ARG H 293 49.41 24.35 18.85
CA ARG H 293 50.38 23.53 19.55
C ARG H 293 51.72 24.25 19.71
N LEU H 294 52.14 25.00 18.68
CA LEU H 294 53.34 25.81 18.81
C LEU H 294 53.23 26.79 19.96
N LEU H 295 52.09 27.48 20.07
CA LEU H 295 51.92 28.44 21.14
C LEU H 295 51.83 27.77 22.50
N GLU H 296 51.28 26.56 22.57
CA GLU H 296 51.17 25.84 23.83
C GLU H 296 52.53 25.52 24.39
N HIS H 297 53.46 25.11 23.54
CA HIS H 297 54.72 24.56 23.99
C HIS H 297 55.85 25.57 24.01
N SER H 298 55.69 26.73 23.38
CA SER H 298 56.73 27.76 23.35
CA SER H 298 56.73 27.76 23.35
C SER H 298 56.10 29.07 23.81
N THR H 299 56.19 29.37 25.11
CA THR H 299 55.68 30.67 25.57
CA THR H 299 55.71 30.66 25.60
C THR H 299 56.39 31.81 24.86
N ALA H 300 57.65 31.62 24.48
CA ALA H 300 58.42 32.69 23.85
C ALA H 300 57.88 33.08 22.48
N GLN H 301 57.10 32.21 21.84
CA GLN H 301 56.48 32.63 20.59
C GLN H 301 55.25 33.49 20.80
N ARG H 302 54.65 33.47 21.99
CA ARG H 302 53.39 34.20 22.18
C ARG H 302 53.65 35.69 22.06
N ASN H 303 52.77 36.36 21.31
CA ASN H 303 52.86 37.79 21.00
C ASN H 303 54.11 38.12 20.19
N LYS H 304 54.84 37.12 19.67
CA LYS H 304 56.00 37.32 18.82
C LYS H 304 55.78 36.84 17.40
N VAL H 305 54.63 36.26 17.11
CA VAL H 305 54.33 35.71 15.79
C VAL H 305 52.83 35.84 15.57
N SER H 306 52.45 36.02 14.30
CA SER H 306 51.04 35.99 13.90
C SER H 306 50.90 35.13 12.65
N PHE H 307 49.72 34.54 12.51
CA PHE H 307 49.43 33.58 11.45
C PHE H 307 48.32 34.17 10.58
N LEU H 308 48.67 34.51 9.35
CA LEU H 308 47.72 35.01 8.37
C LEU H 308 47.22 33.85 7.51
N GLN H 309 45.94 33.57 7.59
CA GLN H 309 45.30 32.56 6.73
C GLN H 309 44.31 33.28 5.84
N ILE H 310 44.69 33.50 4.59
CA ILE H 310 43.74 33.91 3.56
C ILE H 310 43.08 32.66 3.00
N ALA H 311 41.76 32.58 3.14
CA ALA H 311 41.02 31.37 2.79
C ALA H 311 39.77 31.77 2.02
N PRO H 312 39.88 32.00 0.71
CA PRO H 312 38.75 32.53 -0.04
C PRO H 312 37.62 31.52 -0.15
N PRO H 313 36.37 31.99 -0.26
CA PRO H 313 35.25 31.07 -0.48
C PRO H 313 35.45 30.23 -1.73
N THR H 314 35.05 28.96 -1.64
CA THR H 314 35.11 28.08 -2.80
C THR H 314 33.91 27.14 -2.74
N ARG H 315 33.25 26.96 -3.88
CA ARG H 315 32.16 25.99 -4.03
C ARG H 315 31.13 26.14 -2.90
N ALA H 316 30.76 27.38 -2.62
CA ALA H 316 30.09 27.70 -1.35
C ALA H 316 28.66 27.19 -1.28
N ASP H 317 28.06 26.78 -2.39
CA ASP H 317 26.70 26.24 -2.40
C ASP H 317 26.67 24.74 -2.08
N MET H 318 27.76 24.20 -1.56
CA MET H 318 27.86 22.77 -1.26
C MET H 318 27.93 22.57 0.25
N HIS H 319 27.10 21.67 0.76
CA HIS H 319 27.06 21.45 2.20
C HIS H 319 28.42 21.05 2.76
N ALA H 320 29.19 20.28 1.99
CA ALA H 320 30.51 19.83 2.49
C ALA H 320 31.47 21.01 2.64
N TYR H 321 31.35 22.02 1.79
CA TYR H 321 32.23 23.17 1.91
C TYR H 321 31.75 24.12 2.99
N GLN H 322 30.44 24.21 3.19
CA GLN H 322 30.00 25.00 4.33
CA GLN H 322 29.89 24.94 4.33
C GLN H 322 30.36 24.31 5.65
N ASP H 323 30.47 22.98 5.67
CA ASP H 323 30.85 22.29 6.90
C ASP H 323 32.31 22.56 7.27
N ILE H 324 33.23 22.46 6.31
CA ILE H 324 34.62 22.68 6.65
C ILE H 324 34.83 24.15 7.03
N ARG H 325 34.08 25.06 6.41
CA ARG H 325 34.19 26.47 6.81
C ARG H 325 33.81 26.65 8.28
N LEU H 326 32.68 26.05 8.68
CA LEU H 326 32.23 26.15 10.06
C LEU H 326 33.26 25.58 11.03
N GLN H 327 33.84 24.42 10.69
CA GLN H 327 34.83 23.83 11.57
CA GLN H 327 34.87 23.81 11.54
C GLN H 327 36.05 24.76 11.71
N LEU H 328 36.56 25.28 10.59
CA LEU H 328 37.74 26.13 10.62
C LEU H 328 37.49 27.40 11.42
N GLU H 329 36.30 27.97 11.26
CA GLU H 329 35.96 29.21 11.94
C GLU H 329 35.87 29.00 13.45
N GLY H 330 35.36 27.85 13.87
CA GLY H 330 35.39 27.49 15.28
C GLY H 330 36.81 27.28 15.80
N GLU H 331 37.70 26.72 14.96
CA GLU H 331 39.09 26.58 15.38
C GLU H 331 39.73 27.95 15.60
N SER H 332 39.50 28.88 14.69
CA SER H 332 40.11 30.20 14.84
CA SER H 332 40.07 30.22 14.80
C SER H 332 39.61 30.90 16.09
N GLY H 333 38.32 30.75 16.41
CA GLY H 333 37.80 31.38 17.61
C GLY H 333 38.38 30.77 18.88
N ARG H 334 38.53 29.44 18.92
CA ARG H 334 39.08 28.82 20.12
C ARG H 334 40.52 29.25 20.33
N ILE H 335 41.33 29.17 19.26
CA ILE H 335 42.76 29.47 19.37
C ILE H 335 42.97 30.94 19.71
N ASN H 336 42.23 31.83 19.04
CA ASN H 336 42.38 33.24 19.37
C ASN H 336 41.92 33.50 20.81
N GLY H 337 40.81 32.89 21.21
CA GLY H 337 40.33 33.13 22.56
C GLY H 337 41.30 32.67 23.63
N ARG H 338 42.03 31.59 23.36
CA ARG H 338 42.96 31.03 24.35
C ARG H 338 44.21 31.87 24.53
N PHE H 339 44.72 32.44 23.43
CA PHE H 339 46.05 33.05 23.44
C PHE H 339 46.06 34.54 23.18
N ALA H 340 44.95 35.14 22.73
CA ALA H 340 44.95 36.57 22.44
C ALA H 340 45.34 37.42 23.65
N GLU H 341 45.90 38.58 23.37
CA GLU H 341 46.08 39.64 24.33
C GLU H 341 45.42 40.89 23.77
N LEU H 342 45.35 41.94 24.60
CA LEU H 342 44.72 43.17 24.15
C LEU H 342 45.33 43.69 22.85
N ASP H 343 46.61 43.43 22.61
CA ASP H 343 47.29 43.92 21.42
C ASP H 343 47.70 42.80 20.45
N TRP H 344 47.12 41.61 20.55
CA TRP H 344 47.61 40.49 19.75
C TRP H 344 46.46 39.57 19.37
N THR H 345 46.21 39.43 18.07
CA THR H 345 45.32 38.38 17.55
C THR H 345 46.17 37.29 16.95
N PRO H 346 46.29 36.11 17.57
CA PRO H 346 47.19 35.08 17.02
C PRO H 346 46.91 34.68 15.58
N ILE H 347 45.63 34.46 15.20
CA ILE H 347 45.29 34.01 13.86
C ILE H 347 44.46 35.08 13.15
N LEU H 348 44.96 35.55 12.01
CA LEU H 348 44.28 36.52 11.14
C LEU H 348 43.64 35.74 10.00
N TYR H 349 42.37 35.36 10.20
CA TYR H 349 41.62 34.54 9.25
C TYR H 349 40.77 35.47 8.40
N ILE H 350 40.95 35.40 7.09
CA ILE H 350 40.25 36.29 6.15
C ILE H 350 39.63 35.42 5.07
N HIS H 351 38.30 35.43 5.01
CA HIS H 351 37.54 34.54 4.12
C HIS H 351 37.21 35.28 2.83
N LYS H 352 38.26 35.71 2.13
CA LYS H 352 38.05 36.54 0.95
C LYS H 352 39.16 36.31 -0.06
N GLN H 353 38.84 36.64 -1.30
CA GLN H 353 39.74 36.46 -2.43
C GLN H 353 40.62 37.70 -2.60
N TYR H 354 41.87 37.48 -2.98
CA TYR H 354 42.85 38.54 -3.22
C TYR H 354 43.43 38.44 -4.64
N GLU H 355 43.88 39.59 -5.16
CA GLU H 355 44.65 39.58 -6.40
C GLU H 355 45.93 38.79 -6.22
N ARG H 356 46.31 38.05 -7.25
CA ARG H 356 47.51 37.23 -7.16
C ARG H 356 48.77 38.09 -7.04
N SER H 357 48.75 39.31 -7.61
CA SER H 357 49.89 40.20 -7.48
C SER H 357 50.07 40.68 -6.04
N VAL H 358 48.95 40.90 -5.33
CA VAL H 358 49.03 41.24 -3.92
C VAL H 358 49.59 40.09 -3.10
N LEU H 359 49.12 38.86 -3.37
CA LEU H 359 49.61 37.69 -2.63
C LEU H 359 51.12 37.55 -2.79
N ALA H 360 51.63 37.76 -4.00
CA ALA H 360 53.06 37.65 -4.23
C ALA H 360 53.82 38.63 -3.35
N ALA H 361 53.37 39.89 -3.33
CA ALA H 361 54.03 40.89 -2.50
C ALA H 361 54.01 40.49 -1.03
N LEU H 362 52.91 39.90 -0.56
CA LEU H 362 52.80 39.56 0.86
C LEU H 362 53.65 38.34 1.20
N PHE H 363 53.68 37.34 0.32
CA PHE H 363 54.58 36.19 0.50
C PHE H 363 56.01 36.64 0.80
N ARG H 364 56.48 37.66 0.08
CA ARG H 364 57.85 38.12 0.25
C ARG H 364 58.11 38.64 1.66
N THR H 365 57.07 39.03 2.39
CA THR H 365 57.25 39.55 3.74
C THR H 365 57.03 38.50 4.81
N ALA H 366 56.61 37.29 4.45
CA ALA H 366 56.28 36.25 5.42
C ALA H 366 57.51 35.40 5.72
N HIS H 367 57.82 35.26 7.01
CA HIS H 367 58.93 34.41 7.44
C HIS H 367 58.66 32.94 7.17
N VAL H 368 57.40 32.53 7.15
CA VAL H 368 57.05 31.14 6.96
C VAL H 368 55.92 31.06 5.95
N GLY H 369 56.14 30.26 4.91
CA GLY H 369 55.06 29.85 4.02
C GLY H 369 54.53 28.52 4.48
N TYR H 370 53.26 28.48 4.87
CA TYR H 370 52.68 27.37 5.61
C TYR H 370 51.69 26.66 4.68
N VAL H 371 52.11 25.55 4.07
CA VAL H 371 51.34 24.90 3.00
C VAL H 371 51.23 23.42 3.31
N THR H 372 50.12 23.00 3.94
CA THR H 372 50.02 21.62 4.44
C THR H 372 48.73 20.91 4.01
N PRO H 373 48.45 20.84 2.71
CA PRO H 373 47.25 20.12 2.27
C PRO H 373 47.32 18.64 2.63
N LEU H 374 46.15 18.08 2.97
CA LEU H 374 46.06 16.63 3.17
C LEU H 374 46.36 15.89 1.88
N ARG H 375 45.92 16.44 0.74
CA ARG H 375 46.19 15.91 -0.59
C ARG H 375 46.11 17.07 -1.56
N ASP H 376 47.04 17.14 -2.50
CA ASP H 376 47.01 18.22 -3.48
C ASP H 376 47.74 17.76 -4.73
N GLY H 377 47.13 17.95 -5.90
CA GLY H 377 47.75 17.54 -7.14
C GLY H 377 49.13 18.13 -7.33
N MET H 378 49.31 19.40 -6.95
CA MET H 378 50.61 20.04 -7.07
C MET H 378 50.80 21.08 -5.96
N ASN H 379 49.97 22.13 -6.00
CA ASN H 379 49.93 23.31 -5.11
C ASN H 379 50.84 24.40 -5.64
N LEU H 380 50.28 25.35 -6.40
CA LEU H 380 51.06 26.46 -6.91
C LEU H 380 51.46 27.44 -5.82
N VAL H 381 50.65 27.57 -4.76
CA VAL H 381 50.97 28.50 -3.68
C VAL H 381 52.36 28.20 -3.10
N ALA H 382 52.66 26.91 -2.88
CA ALA H 382 53.99 26.50 -2.44
C ALA H 382 55.07 27.05 -3.36
N LYS H 383 54.87 26.91 -4.68
CA LYS H 383 55.86 27.40 -5.62
C LYS H 383 55.87 28.93 -5.68
N GLU H 384 54.68 29.54 -5.59
CA GLU H 384 54.61 31.00 -5.61
C GLU H 384 55.29 31.60 -4.39
N TYR H 385 55.11 30.97 -3.22
CA TYR H 385 55.74 31.46 -2.00
C TYR H 385 57.26 31.50 -2.13
N VAL H 386 57.85 30.41 -2.58
CA VAL H 386 59.31 30.36 -2.72
C VAL H 386 59.77 31.42 -3.71
N SER H 387 59.12 31.46 -4.89
CA SER H 387 59.52 32.37 -5.95
C SER H 387 59.48 33.82 -5.51
N ALA H 388 58.58 34.16 -4.60
CA ALA H 388 58.42 35.53 -4.14
C ALA H 388 59.53 36.00 -3.22
N GLN H 389 60.35 35.10 -2.68
CA GLN H 389 61.26 35.47 -1.60
C GLN H 389 62.38 36.37 -2.09
N ASP H 390 62.77 37.29 -1.23
CA ASP H 390 63.97 38.10 -1.45
C ASP H 390 65.20 37.23 -1.23
N PRO H 391 66.00 36.94 -2.27
CA PRO H 391 67.19 36.10 -2.07
C PRO H 391 68.08 36.55 -0.91
N GLU H 392 68.09 37.84 -0.57
CA GLU H 392 68.94 38.33 0.50
C GLU H 392 68.45 37.94 1.88
N ASN H 393 67.17 37.61 2.02
CA ASN H 393 66.59 37.30 3.31
C ASN H 393 65.33 36.48 3.09
N PRO H 394 65.46 35.23 2.63
CA PRO H 394 64.28 34.44 2.27
C PRO H 394 63.66 33.69 3.44
N GLY H 395 62.34 33.55 3.35
CA GLY H 395 61.59 32.77 4.33
C GLY H 395 61.69 31.27 4.07
N VAL H 396 60.98 30.51 4.90
CA VAL H 396 61.07 29.06 4.87
C VAL H 396 59.70 28.49 4.50
N LEU H 397 59.69 27.53 3.58
CA LEU H 397 58.47 26.83 3.19
C LEU H 397 58.28 25.58 4.05
N VAL H 398 57.16 25.50 4.75
CA VAL H 398 56.70 24.28 5.41
C VAL H 398 55.64 23.62 4.51
N LEU H 399 55.90 22.41 4.06
CA LEU H 399 55.15 21.79 2.98
C LEU H 399 54.72 20.37 3.34
N SER H 400 53.45 20.06 3.10
CA SER H 400 52.95 18.71 3.29
C SER H 400 53.59 17.74 2.32
N ARG H 401 53.94 16.55 2.81
CA ARG H 401 54.48 15.53 1.91
C ARG H 401 53.48 15.11 0.85
N PHE H 402 52.19 15.43 1.02
CA PHE H 402 51.17 15.01 0.08
C PHE H 402 50.79 16.08 -0.92
N ALA H 403 51.45 17.24 -0.88
CA ALA H 403 51.39 18.14 -2.00
C ALA H 403 52.27 17.58 -3.10
N GLY H 404 51.75 17.57 -4.33
CA GLY H 404 52.56 17.14 -5.45
C GLY H 404 53.87 17.89 -5.56
N ALA H 405 53.89 19.14 -5.11
CA ALA H 405 55.10 19.96 -5.22
C ALA H 405 56.25 19.40 -4.39
N ALA H 406 55.96 18.60 -3.35
CA ALA H 406 57.02 18.07 -2.52
C ALA H 406 57.87 17.05 -3.25
N GLN H 407 57.39 16.49 -4.36
CA GLN H 407 58.24 15.64 -5.19
C GLN H 407 59.44 16.40 -5.75
N GLU H 408 59.35 17.73 -5.88
CA GLU H 408 60.46 18.45 -6.47
CA GLU H 408 60.37 18.57 -6.52
C GLU H 408 61.12 19.49 -5.57
N LEU H 409 60.45 19.97 -4.52
CA LEU H 409 61.00 21.06 -3.68
C LEU H 409 61.73 20.50 -2.47
N ASP H 410 63.02 20.19 -2.66
CA ASP H 410 63.84 19.63 -1.59
C ASP H 410 64.16 20.62 -0.49
N GLY H 411 64.09 21.92 -0.77
CA GLY H 411 64.44 22.91 0.23
C GLY H 411 63.39 23.17 1.28
N ALA H 412 62.19 22.58 1.15
CA ALA H 412 61.13 22.81 2.11
C ALA H 412 61.33 21.93 3.35
N LEU H 413 60.72 22.37 4.46
CA LEU H 413 60.55 21.51 5.62
C LEU H 413 59.32 20.64 5.37
N ILE H 414 59.53 19.36 5.11
CA ILE H 414 58.44 18.46 4.75
C ILE H 414 57.77 17.95 6.02
N VAL H 415 56.44 17.88 5.99
CA VAL H 415 55.67 17.47 7.15
C VAL H 415 54.54 16.54 6.72
N ASN H 416 54.07 15.74 7.68
CA ASN H 416 52.83 14.99 7.54
C ASN H 416 51.77 15.75 8.31
N PRO H 417 50.75 16.30 7.64
CA PRO H 417 49.76 17.13 8.36
C PRO H 417 49.03 16.40 9.49
N VAL H 418 48.99 15.07 9.47
CA VAL H 418 48.36 14.34 10.55
C VAL H 418 49.14 14.50 11.86
N ASP H 419 50.45 14.78 11.75
CA ASP H 419 51.35 14.83 12.90
C ASP H 419 51.41 16.28 13.38
N ILE H 420 50.54 16.60 14.35
CA ILE H 420 50.43 17.95 14.87
C ILE H 420 51.75 18.42 15.50
N ASP H 421 52.38 17.55 16.29
CA ASP H 421 53.65 17.90 16.89
C ASP H 421 54.71 18.12 15.82
N GLY H 422 54.75 17.25 14.82
CA GLY H 422 55.70 17.44 13.73
C GLY H 422 55.52 18.77 13.03
N MET H 423 54.28 19.17 12.82
CA MET H 423 54.05 20.44 12.13
C MET H 423 54.42 21.62 13.03
N ALA H 424 54.10 21.55 14.32
CA ALA H 424 54.54 22.61 15.24
C ALA H 424 56.06 22.71 15.31
N GLU H 425 56.76 21.56 15.36
CA GLU H 425 58.22 21.57 15.36
C GLU H 425 58.77 22.16 14.08
N ALA H 426 58.12 21.92 12.96
CA ALA H 426 58.54 22.52 11.71
C ALA H 426 58.36 24.04 11.74
N LEU H 427 57.22 24.53 12.25
CA LEU H 427 57.03 25.97 12.40
C LEU H 427 58.13 26.57 13.25
N ALA H 428 58.45 25.95 14.39
CA ALA H 428 59.53 26.48 15.23
C ALA H 428 60.84 26.52 14.48
N ARG H 429 61.17 25.45 13.74
CA ARG H 429 62.44 25.43 13.02
C ARG H 429 62.45 26.47 11.91
N ALA H 430 61.32 26.64 11.21
CA ALA H 430 61.26 27.65 10.15
C ALA H 430 61.46 29.05 10.71
N LEU H 431 60.81 29.36 11.83
CA LEU H 431 60.88 30.71 12.37
C LEU H 431 62.29 31.07 12.84
N ASP H 432 63.06 30.09 13.34
CA ASP H 432 64.38 30.36 13.90
C ASP H 432 65.54 30.01 12.96
N MET H 433 65.26 29.60 11.73
CA MET H 433 66.31 29.07 10.86
C MET H 433 67.34 30.14 10.54
N PRO H 434 68.63 29.82 10.61
CA PRO H 434 69.66 30.82 10.28
C PRO H 434 69.62 31.21 8.81
N LEU H 435 70.10 32.43 8.54
CA LEU H 435 70.04 32.99 7.18
C LEU H 435 70.71 32.09 6.15
N ALA H 436 71.88 31.54 6.49
CA ALA H 436 72.62 30.72 5.54
C ALA H 436 71.78 29.54 5.06
N GLU H 437 71.12 28.85 6.00
CA GLU H 437 70.32 27.68 5.62
C GLU H 437 69.07 28.09 4.85
N ARG H 438 68.42 29.19 5.25
CA ARG H 438 67.28 29.68 4.50
C ARG H 438 67.65 29.99 3.07
N GLN H 439 68.80 30.64 2.86
CA GLN H 439 69.27 30.97 1.52
C GLN H 439 69.63 29.71 0.72
N ALA H 440 70.28 28.74 1.36
CA ALA H 440 70.64 27.52 0.63
C ALA H 440 69.38 26.78 0.18
N ARG H 441 68.36 26.74 1.05
CA ARG H 441 67.11 26.10 0.66
C ARG H 441 66.43 26.87 -0.46
N HIS H 442 66.35 28.20 -0.34
CA HIS H 442 65.70 28.99 -1.39
C HIS H 442 66.47 28.86 -2.70
N ARG H 443 67.80 28.88 -2.64
CA ARG H 443 68.62 28.71 -3.84
C ARG H 443 68.30 27.40 -4.55
N ASP H 444 68.32 26.30 -3.81
CA ASP H 444 68.06 24.98 -4.40
C ASP H 444 66.72 24.95 -5.10
N MET H 445 65.67 25.42 -4.42
CA MET H 445 64.33 25.35 -4.98
C MET H 445 64.18 26.26 -6.20
N MET H 446 64.80 27.44 -6.16
CA MET H 446 64.66 28.34 -7.30
C MET H 446 65.24 27.73 -8.57
N VAL H 447 66.34 26.97 -8.46
CA VAL H 447 66.87 26.29 -9.65
C VAL H 447 65.87 25.26 -10.16
N GLN H 448 65.22 24.55 -9.24
CA GLN H 448 64.19 23.58 -9.63
C GLN H 448 63.01 24.27 -10.31
N LEU H 449 62.54 25.38 -9.74
CA LEU H 449 61.41 26.11 -10.34
C LEU H 449 61.76 26.63 -11.73
N ARG H 450 63.02 27.04 -11.95
CA ARG H 450 63.41 27.56 -13.27
C ARG H 450 63.51 26.44 -14.30
N GLU H 451 64.15 25.33 -13.92
CA GLU H 451 64.34 24.23 -14.87
C GLU H 451 63.02 23.60 -15.29
N ASN H 452 62.00 23.67 -14.45
CA ASN H 452 60.70 23.09 -14.74
C ASN H 452 59.61 24.15 -14.61
N ASN H 453 59.85 25.30 -15.24
CA ASN H 453 58.82 26.32 -15.23
C ASN H 453 57.67 25.89 -16.15
N VAL H 454 56.61 26.68 -16.15
CA VAL H 454 55.39 26.26 -16.83
C VAL H 454 55.57 26.13 -18.34
N SER H 455 56.61 26.75 -18.91
CA SER H 455 56.90 26.54 -20.33
C SER H 455 57.41 25.13 -20.60
N VAL H 456 58.28 24.62 -19.73
CA VAL H 456 58.75 23.23 -19.86
C VAL H 456 57.55 22.28 -19.81
N TRP H 457 56.62 22.55 -18.92
CA TRP H 457 55.43 21.71 -18.77
C TRP H 457 54.59 21.72 -20.04
N ARG H 458 54.29 22.91 -20.58
CA ARG H 458 53.49 23.00 -21.80
C ARG H 458 54.21 22.36 -22.98
N ASP H 459 55.50 22.67 -23.14
CA ASP H 459 56.27 22.18 -24.27
C ASP H 459 56.41 20.66 -24.24
N ASN H 460 56.67 20.09 -23.06
CA ASN H 460 56.82 18.64 -22.98
C ASN H 460 55.51 17.93 -23.33
N PHE H 461 54.39 18.43 -22.81
CA PHE H 461 53.10 17.77 -23.08
C PHE H 461 52.73 17.88 -24.56
N MET H 462 52.75 19.09 -25.10
CA MET H 462 52.43 19.28 -26.52
C MET H 462 53.33 18.46 -27.41
N ARG H 463 54.63 18.40 -27.09
CA ARG H 463 55.55 17.56 -27.85
C ARG H 463 55.06 16.11 -27.92
N ASP H 464 54.85 15.48 -26.76
CA ASP H 464 54.41 14.10 -26.73
C ASP H 464 53.03 13.93 -27.35
N LEU H 465 52.15 14.93 -27.17
CA LEU H 465 50.81 14.82 -27.75
C LEU H 465 50.85 14.77 -29.26
N GLN H 466 51.76 15.54 -29.87
CA GLN H 466 51.92 15.55 -31.31
C GLN H 466 52.77 14.40 -31.81
N GLY H 467 53.47 13.71 -30.92
CA GLY H 467 54.32 12.60 -31.31
C GLY H 467 53.62 11.26 -31.31
#